data_7TR8
#
_entry.id   7TR8
#
_cell.length_a   1.00
_cell.length_b   1.00
_cell.length_c   1.00
_cell.angle_alpha   90.00
_cell.angle_beta   90.00
_cell.angle_gamma   90.00
#
_symmetry.space_group_name_H-M   'P 1'
#
loop_
_entity.id
_entity.type
_entity.pdbx_description
1 polymer 'CRISPR-associated helicase Cas3'
2 polymer Cas8
3 polymer Cas11a
4 polymer Cas7a
5 polymer Cas5a
6 polymer 'CRISPR-associated endonuclease Cas3-HD'
7 polymer 'crRNA (45-MER)'
8 non-polymer 'NICKEL (II) ION'
#
loop_
_entity_poly.entity_id
_entity_poly.type
_entity_poly.pdbx_seq_one_letter_code
_entity_poly.pdbx_strand_id
1 'polypeptide(L)'
;ELTGFEPYDYQLRAWEKIREIMNNGGKVIIEVPTAGGKTETAVMPFFAGIYNNNWPVARLVYVLPTRSLVEKQAERLRNL
VYKLLQLKGKSKEEAEKLARELVVVEYGLEKTHAFLGWVVVTTWDAFLYGLAAHRTVGNRFTFPAGAIAQSLVIFDEVQM
YQDESMYMPRLLSLVVGILEEANVPLVIMSATIPSKLREMIAGDTEVITVDKNDKNKPSKGNVKVRLVEGDITDVLNDIK
KILKNGKKVLVVRNTVRKAVETYQVLKKKLNDTLANPSDALLIHSRFTIGDRREKERALDSARLIVATQVVEAGLDLPNV
GLVVTDIAPLDALIQRIGRCARRPGEEGEGIILIPAAAAAAAAAAAAAAAAAAAAAAAAAAAAVVTSTNEYDRVVEIHYG
EGKKNFVYVGDIDTARRVLEKKRSKKLPKDLYIIPYSVSPYPDPLVLLTTYDELSKIGEYLADTTKARKALDRVYKFHYE
NNIVPKEFASYIYFKELKLFSAPPEYEKAAAAAAAAAAAAAAAAAAAAAAAAAAAAAAAAAAAIDAKYYNSELAAAAAAA
AAAAAAAAAAAA
;
A
2 'polypeptide(L)'
;FNEFKTPQIDPIFDLYVAYGYVVSLIRGGAKEATLIPHGASYLIQTDVSNEEFRHGLVDALSSMLSLHIALARHSPREGG
KLVSDADFSAGANINNVYWDSVPRNLEKLMKDLEKKRSVKGTATIPITLMPSAGKYMLKHFGVQGGNPIKVDLLNYALAW
VGFHYYTPYIKYAKGDTTWIHIYQIAPVEEVDMISILSLKDLKMHLPHYYESNLDFLINRRLALLYHLLHSEALELFTEK
EFVIHSYTLERSGNNQAIRSFEEEEIGKLMDFLWKLKRRDFYHAIKFIDDLLKKATEGALALIDAIMNERLEGFYTALKL
GKKAGVVSSREIVAALEDIIC
;
C
3 'polypeptide(L)'
;GGWIRNIGRYLSYLVDDTFEEYAYDVVDGIAKARTQEELLEGVYKALRLAPKLKKKAESKGCPPPRIPSPEDIEALEEKV
EQLSNPKDLRKLAVSLALWAFASWNNCP
;
D,E,F,G,H
4 'polypeptide(L)'
;MYVRISGRIRLNAHSLNAQGGGGTNYIEITKTKVTVRTENGWTVVEVPAITGNMLKHWHFVGFVDYFKTTPYGVNLTERA
LRYNGTRFGQGETTATKANGATVQLNDEATIIKELADADVHGFLAPKTGRRRVSLVKASFILPTEDFIKEVEGERLITAI
KHNRVDVDEKGAIGSSKEGTAQMLFSREYATGLYGFSIVLDLGLVGIPQGLPVKFEENQPRPNIVIDPNERKARIESALK
ALIPMLSGYIGANLARSFPVFKVEELVAIASEGPIPALVHGFYEDYIEANRSIIKNARALGFNIEVFTYNVDLGEDIEAT
KVSSVEELVANLVKMV
;
I,J,K,L,M,N,O
5 'polypeptide(L)'
;MDILLVCLRFPFFSVAKRSYQVRTSFLLPPPSALKGALAKGLILLKPEKYASSSLDEAALKAIKEIESKLVDIKAVSVAP
LSPLIRNAFLLKRLRNLESGSNAEKSDAMRREYTFTRELLVAYIFKNLTQEEKNLYLKAAMLIDVIGDTESLATPVWASF
VKPEDKKAPLAFSAPYTEIYSLLSSKIQAKGKIRMYIEKMRVSPEYSKTKGPQEEIFYLPIEERRYKRIVYYARIYPPEV
EKALTVDGEVLGIWIP
;
P
6 'polypeptide(L)'
;SCKAFQGQTLREHIEAMLAAWEIVKNKYIPSIIRVMKTVGVKFTEEDADKFMKTLIILHDVGKCSEVYQKHLSNNEPLRG
FRHELVSAYYAYNILKDMFKDETIAFIGALVVMMHHEPILMGQIRSLDKEELTPEVVLDKLRTFNGVMEGTESFIKSMIK
EKLGVIPKVPSPTQEDVLREVIRLSVLARHRPDSGKLRMVVGALLIPLVCDYKGAAAAAAAAAAAAAAAAAAAAAAA
;
Q
7 'polyribonucleotide' AUUGAAAGAGUGCUUCCCCAAACCCUUAACUGGUUGUAACAGUUG R
#
# COMPACT_ATOMS: atom_id res chain seq x y z
N GLU A 1 21.45 80.97 -35.26
CA GLU A 1 22.56 81.65 -34.60
C GLU A 1 22.31 81.79 -33.10
N LEU A 2 23.39 81.85 -32.33
CA LEU A 2 23.25 81.96 -30.87
C LEU A 2 22.79 83.36 -30.48
N THR A 3 23.14 84.37 -31.27
CA THR A 3 22.75 85.74 -30.95
C THR A 3 21.23 85.89 -30.94
N GLY A 4 20.55 85.27 -31.91
CA GLY A 4 19.11 85.31 -31.95
C GLY A 4 18.47 84.70 -30.73
N PHE A 5 17.79 85.52 -29.94
CA PHE A 5 17.14 85.08 -28.71
C PHE A 5 15.63 85.14 -28.93
N GLU A 6 15.03 83.95 -29.11
CA GLU A 6 13.57 83.89 -29.25
C GLU A 6 12.84 84.39 -28.02
N PRO A 7 13.18 84.01 -26.79
CA PRO A 7 12.49 84.59 -25.63
C PRO A 7 12.79 86.08 -25.49
N TYR A 8 11.84 86.78 -24.87
CA TYR A 8 11.93 88.22 -24.66
C TYR A 8 12.71 88.57 -23.40
N ASP A 9 13.49 87.64 -22.86
CA ASP A 9 14.26 87.86 -21.63
C ASP A 9 15.59 88.54 -21.90
N TYR A 10 15.80 89.02 -23.13
CA TYR A 10 17.06 89.67 -23.53
C TYR A 10 18.19 88.66 -23.37
N GLN A 11 19.39 89.14 -23.02
CA GLN A 11 20.56 88.29 -22.86
C GLN A 11 21.08 88.40 -21.44
N LEU A 12 21.51 87.28 -20.88
CA LEU A 12 22.06 87.27 -19.54
C LEU A 12 23.58 87.41 -19.59
N ARG A 13 24.17 87.54 -18.40
CA ARG A 13 25.62 87.68 -18.30
C ARG A 13 26.37 86.43 -18.73
N ALA A 14 25.74 85.26 -18.64
CA ALA A 14 26.41 83.98 -18.85
C ALA A 14 26.27 83.47 -20.28
N TRP A 15 25.90 84.34 -21.22
CA TRP A 15 25.72 83.89 -22.59
C TRP A 15 27.05 83.43 -23.21
N GLU A 16 28.14 84.15 -22.92
CA GLU A 16 29.44 83.73 -23.44
C GLU A 16 29.81 82.35 -22.92
N LYS A 17 29.43 82.03 -21.68
CA LYS A 17 29.69 80.72 -21.13
C LYS A 17 28.98 79.61 -21.89
N ILE A 18 28.00 79.96 -22.72
CA ILE A 18 27.41 78.98 -23.62
C ILE A 18 28.47 78.39 -24.55
N ARG A 19 29.36 79.25 -25.06
CA ARG A 19 30.46 78.74 -25.88
C ARG A 19 31.41 77.89 -25.06
N GLU A 20 31.40 78.07 -23.73
CA GLU A 20 32.21 77.20 -22.87
C GLU A 20 31.66 75.77 -22.89
N ILE A 21 30.41 75.60 -23.31
CA ILE A 21 29.82 74.27 -23.32
C ILE A 21 30.37 73.45 -24.48
N MET A 22 30.12 73.91 -25.71
CA MET A 22 30.54 73.22 -26.93
C MET A 22 30.03 71.78 -26.97
N ASN A 23 30.59 70.99 -27.88
CA ASN A 23 30.24 69.57 -27.99
C ASN A 23 31.34 68.65 -27.51
N ASN A 24 32.59 68.91 -27.88
CA ASN A 24 33.72 68.13 -27.41
C ASN A 24 34.14 68.65 -26.03
N GLY A 25 34.17 67.77 -25.05
CA GLY A 25 34.52 68.11 -23.70
C GLY A 25 33.57 67.49 -22.71
N GLY A 26 33.86 67.69 -21.42
CA GLY A 26 33.08 67.07 -20.38
C GLY A 26 32.36 68.05 -19.46
N LYS A 27 32.86 68.15 -18.23
CA LYS A 27 32.15 68.84 -17.17
C LYS A 27 32.09 70.35 -17.41
N VAL A 28 30.92 70.93 -17.20
CA VAL A 28 30.73 72.38 -17.15
C VAL A 28 29.90 72.70 -15.92
N ILE A 29 30.37 73.65 -15.12
CA ILE A 29 29.76 73.96 -13.83
C ILE A 29 29.12 75.34 -13.91
N ILE A 30 27.84 75.42 -13.55
CA ILE A 30 27.09 76.67 -13.53
C ILE A 30 26.57 76.88 -12.11
N GLU A 31 26.84 78.06 -11.55
CA GLU A 31 26.40 78.41 -10.20
C GLU A 31 25.79 79.81 -10.24
N VAL A 32 24.48 79.85 -10.46
CA VAL A 32 23.72 81.10 -10.50
C VAL A 32 22.73 81.05 -9.34
N PRO A 33 22.44 82.16 -8.66
CA PRO A 33 21.49 82.11 -7.53
C PRO A 33 20.12 81.55 -7.91
N THR A 34 19.84 80.35 -7.40
CA THR A 34 18.60 79.59 -7.60
C THR A 34 18.29 79.31 -9.07
N ALA A 35 17.89 78.07 -9.37
CA ALA A 35 17.37 77.76 -10.69
C ALA A 35 16.04 78.46 -10.93
N GLY A 36 15.33 78.81 -9.86
CA GLY A 36 14.02 79.42 -10.02
C GLY A 36 14.09 80.80 -10.66
N GLY A 37 15.12 81.58 -10.34
CA GLY A 37 15.20 82.92 -10.88
C GLY A 37 15.30 82.94 -12.39
N LYS A 38 16.46 82.53 -12.92
CA LYS A 38 16.71 82.52 -14.37
C LYS A 38 17.15 81.14 -14.82
N THR A 39 16.20 80.32 -15.25
CA THR A 39 16.49 79.02 -15.84
C THR A 39 16.65 79.22 -17.35
N GLU A 40 16.59 78.13 -18.11
CA GLU A 40 16.62 78.10 -19.58
C GLU A 40 17.80 78.89 -20.14
N THR A 41 18.77 79.20 -19.30
CA THR A 41 20.01 79.82 -19.76
C THR A 41 21.02 78.80 -20.23
N ALA A 42 20.83 77.53 -19.91
CA ALA A 42 21.78 76.49 -20.31
C ALA A 42 21.18 75.56 -21.36
N VAL A 43 19.85 75.58 -21.54
CA VAL A 43 19.21 74.81 -22.59
C VAL A 43 19.30 75.50 -23.94
N MET A 44 19.60 76.79 -23.97
CA MET A 44 19.67 77.53 -25.23
C MET A 44 20.69 76.98 -26.23
N PRO A 45 21.90 76.58 -25.85
CA PRO A 45 22.86 76.08 -26.86
C PRO A 45 22.32 74.95 -27.71
N PHE A 46 21.62 73.97 -27.12
CA PHE A 46 21.12 72.86 -27.89
C PHE A 46 20.04 73.32 -28.88
N PHE A 47 19.14 74.20 -28.42
CA PHE A 47 18.09 74.71 -29.30
C PHE A 47 18.69 75.51 -30.45
N ALA A 48 19.68 76.36 -30.16
CA ALA A 48 20.31 77.16 -31.20
C ALA A 48 21.17 76.30 -32.12
N GLY A 49 21.59 75.13 -31.67
CA GLY A 49 22.29 74.20 -32.54
C GLY A 49 21.38 73.52 -33.54
N ILE A 50 20.06 73.67 -33.38
CA ILE A 50 19.10 73.05 -34.28
C ILE A 50 18.50 74.16 -35.13
N TYR A 51 19.19 75.30 -35.19
CA TYR A 51 18.69 76.43 -35.96
C TYR A 51 18.56 76.06 -37.44
N ASN A 52 19.61 75.54 -38.04
CA ASN A 52 19.57 74.96 -39.38
C ASN A 52 20.35 73.65 -39.38
N ASN A 53 19.67 72.56 -39.01
CA ASN A 53 20.24 71.21 -38.96
C ASN A 53 21.56 71.26 -38.19
N ASN A 54 22.67 70.75 -38.74
CA ASN A 54 24.00 70.77 -38.13
C ASN A 54 23.97 70.31 -36.67
N TRP A 55 23.19 69.26 -36.39
CA TRP A 55 23.00 68.69 -35.06
C TRP A 55 24.33 68.46 -34.37
N PRO A 56 24.67 69.25 -33.34
CA PRO A 56 25.93 69.01 -32.62
C PRO A 56 25.84 67.81 -31.70
N VAL A 57 24.74 67.65 -30.97
CA VAL A 57 24.54 66.54 -30.07
C VAL A 57 23.17 65.95 -30.35
N ALA A 58 23.01 64.67 -30.00
CA ALA A 58 21.81 63.94 -30.39
C ALA A 58 20.56 64.52 -29.76
N ARG A 59 20.56 64.68 -28.44
CA ARG A 59 19.36 65.09 -27.72
C ARG A 59 19.76 66.02 -26.58
N LEU A 60 18.79 66.31 -25.72
CA LEU A 60 19.02 67.03 -24.46
C LEU A 60 18.32 66.29 -23.34
N VAL A 61 19.00 66.16 -22.20
CA VAL A 61 18.50 65.42 -21.06
C VAL A 61 18.55 66.35 -19.86
N TYR A 62 17.45 67.02 -19.57
CA TYR A 62 17.30 67.80 -18.35
C TYR A 62 16.99 66.84 -17.21
N VAL A 63 17.68 67.01 -16.09
CA VAL A 63 17.54 66.11 -14.95
C VAL A 63 17.15 66.94 -13.74
N LEU A 64 15.90 66.79 -13.29
CA LEU A 64 15.40 67.43 -12.08
C LEU A 64 16.03 66.77 -10.86
N PRO A 65 15.98 67.44 -9.70
CA PRO A 65 16.68 66.90 -8.52
C PRO A 65 16.27 65.47 -8.17
N THR A 66 14.99 65.14 -8.29
CA THR A 66 14.41 63.81 -8.09
C THR A 66 12.91 63.94 -8.02
N ARG A 67 12.44 64.58 -6.96
CA ARG A 67 11.02 64.89 -6.78
C ARG A 67 10.85 66.40 -6.99
N SER A 68 10.40 66.78 -8.18
CA SER A 68 10.28 68.19 -8.52
C SER A 68 9.17 68.36 -9.55
N LEU A 69 8.89 69.63 -9.87
CA LEU A 69 7.88 69.97 -10.88
C LEU A 69 8.43 69.61 -12.25
N VAL A 70 8.42 68.30 -12.53
CA VAL A 70 8.93 67.80 -13.80
C VAL A 70 8.07 68.33 -14.96
N GLU A 71 6.76 68.35 -14.78
CA GLU A 71 5.90 68.78 -15.88
C GLU A 71 5.96 70.29 -16.08
N LYS A 72 6.30 71.06 -15.05
CA LYS A 72 6.48 72.49 -15.24
C LYS A 72 7.67 72.76 -16.16
N GLN A 73 8.80 72.10 -15.89
CA GLN A 73 9.94 72.23 -16.79
C GLN A 73 9.61 71.68 -18.17
N ALA A 74 8.84 70.60 -18.23
CA ALA A 74 8.42 70.05 -19.51
C ALA A 74 7.60 71.05 -20.30
N GLU A 75 6.68 71.75 -19.62
CA GLU A 75 5.84 72.74 -20.29
C GLU A 75 6.66 73.93 -20.75
N ARG A 76 7.61 74.38 -19.92
CA ARG A 76 8.45 75.51 -20.32
C ARG A 76 9.29 75.14 -21.55
N LEU A 77 9.89 73.95 -21.54
CA LEU A 77 10.69 73.53 -22.69
C LEU A 77 9.80 73.28 -23.91
N ARG A 78 8.56 72.85 -23.69
CA ARG A 78 7.63 72.70 -24.80
C ARG A 78 7.30 74.05 -25.43
N ASN A 79 7.10 75.07 -24.59
CA ASN A 79 6.87 76.42 -25.10
C ASN A 79 8.10 76.91 -25.87
N LEU A 80 9.29 76.64 -25.34
CA LEU A 80 10.51 77.02 -26.04
C LEU A 80 10.62 76.33 -27.39
N VAL A 81 10.30 75.03 -27.45
CA VAL A 81 10.35 74.29 -28.70
C VAL A 81 9.31 74.83 -29.68
N TYR A 82 8.13 75.17 -29.17
CA TYR A 82 7.09 75.75 -30.01
C TYR A 82 7.55 77.08 -30.61
N LYS A 83 8.17 77.94 -29.80
CA LYS A 83 8.67 79.20 -30.33
C LYS A 83 9.80 78.96 -31.33
N LEU A 84 10.62 77.94 -31.08
CA LEU A 84 11.68 77.58 -32.03
C LEU A 84 11.09 77.15 -33.37
N LEU A 85 9.99 76.39 -33.34
CA LEU A 85 9.31 76.03 -34.58
C LEU A 85 8.80 77.26 -35.30
N GLN A 86 8.37 78.27 -34.54
CA GLN A 86 8.06 79.56 -35.13
C GLN A 86 9.33 80.23 -35.61
N LEU A 87 9.17 81.18 -36.53
CA LEU A 87 10.21 81.76 -37.38
C LEU A 87 10.69 80.73 -38.41
N LYS A 88 10.18 79.51 -38.38
CA LYS A 88 10.44 78.51 -39.39
C LYS A 88 9.17 78.03 -40.07
N GLY A 89 8.01 78.56 -39.70
CA GLY A 89 6.75 78.16 -40.31
C GLY A 89 6.07 77.03 -39.58
N LYS A 90 5.48 76.11 -40.35
CA LYS A 90 4.90 74.86 -39.84
C LYS A 90 3.63 75.12 -39.04
N SER A 91 3.08 76.33 -39.15
CA SER A 91 1.77 76.67 -38.61
C SER A 91 1.72 76.69 -37.09
N LYS A 92 0.86 77.54 -36.52
CA LYS A 92 0.77 77.65 -35.06
C LYS A 92 0.30 76.34 -34.44
N GLU A 93 -0.83 75.82 -34.91
CA GLU A 93 -1.42 74.65 -34.28
C GLU A 93 -0.59 73.40 -34.53
N GLU A 94 -0.04 73.28 -35.74
CA GLU A 94 0.79 72.13 -36.05
C GLU A 94 2.08 72.17 -35.24
N ALA A 95 2.65 73.36 -35.06
CA ALA A 95 3.82 73.49 -34.20
C ALA A 95 3.49 73.11 -32.76
N GLU A 96 2.30 73.52 -32.28
CA GLU A 96 1.88 73.13 -30.94
C GLU A 96 1.79 71.61 -30.82
N LYS A 97 1.18 70.96 -31.81
CA LYS A 97 1.03 69.51 -31.77
C LYS A 97 2.39 68.82 -31.78
N LEU A 98 3.30 69.28 -32.65
CA LEU A 98 4.63 68.68 -32.72
C LEU A 98 5.39 68.88 -31.41
N ALA A 99 5.30 70.07 -30.82
CA ALA A 99 5.97 70.33 -29.55
C ALA A 99 5.43 69.42 -28.45
N ARG A 100 4.10 69.24 -28.44
CA ARG A 100 3.51 68.32 -27.46
C ARG A 100 4.01 66.90 -27.69
N GLU A 101 4.13 66.49 -28.95
CA GLU A 101 4.50 65.11 -29.24
C GLU A 101 5.96 64.83 -28.90
N LEU A 102 6.87 65.72 -29.31
CA LEU A 102 8.29 65.39 -29.25
C LEU A 102 8.82 65.42 -27.81
N VAL A 103 8.33 66.34 -26.98
CA VAL A 103 8.82 66.43 -25.61
C VAL A 103 8.36 65.21 -24.83
N VAL A 104 9.31 64.50 -24.25
CA VAL A 104 9.05 63.27 -23.51
C VAL A 104 9.50 63.47 -22.06
N VAL A 105 8.57 63.23 -21.13
CA VAL A 105 8.93 63.31 -19.71
C VAL A 105 9.84 62.16 -19.31
N GLU A 106 9.57 60.96 -19.82
CA GLU A 106 10.36 59.77 -19.56
C GLU A 106 10.45 59.48 -18.06
N TYR A 107 9.28 59.12 -17.51
CA TYR A 107 9.20 58.72 -16.11
C TYR A 107 9.82 57.36 -15.85
N GLY A 108 10.12 56.59 -16.89
CA GLY A 108 10.62 55.24 -16.73
C GLY A 108 9.66 54.16 -17.21
N LEU A 109 8.46 54.51 -17.65
CA LEU A 109 7.49 53.55 -18.17
C LEU A 109 7.66 53.40 -19.68
N GLU A 110 6.66 52.81 -20.34
CA GLU A 110 6.68 52.61 -21.78
C GLU A 110 7.87 51.76 -22.19
N LYS A 111 7.84 50.48 -21.80
CA LYS A 111 8.98 49.59 -22.00
C LYS A 111 9.30 49.40 -23.48
N THR A 112 8.36 49.74 -24.38
CA THR A 112 8.60 49.57 -25.81
C THR A 112 9.86 50.31 -26.24
N HIS A 113 9.86 51.64 -26.17
CA HIS A 113 11.08 52.40 -26.36
C HIS A 113 11.76 52.56 -25.01
N ALA A 114 12.90 53.24 -24.96
CA ALA A 114 13.60 53.36 -23.69
C ALA A 114 13.71 54.79 -23.20
N PHE A 115 14.42 55.63 -23.97
CA PHE A 115 14.76 56.97 -23.52
C PHE A 115 14.66 57.99 -24.64
N LEU A 116 14.17 57.59 -25.81
CA LEU A 116 14.23 58.43 -27.01
C LEU A 116 13.38 59.68 -26.86
N GLY A 117 13.83 60.75 -27.53
CA GLY A 117 13.14 62.03 -27.56
C GLY A 117 14.11 63.17 -27.75
N TRP A 118 13.72 64.20 -28.52
CA TRP A 118 14.62 65.33 -28.75
C TRP A 118 15.06 65.96 -27.44
N VAL A 119 14.09 66.31 -26.59
CA VAL A 119 14.36 66.88 -25.28
C VAL A 119 13.58 66.05 -24.26
N VAL A 120 14.29 65.49 -23.28
CA VAL A 120 13.68 64.69 -22.25
C VAL A 120 13.97 65.32 -20.89
N VAL A 121 12.96 65.38 -20.04
CA VAL A 121 13.07 65.97 -18.71
C VAL A 121 12.78 64.89 -17.69
N THR A 122 13.82 64.22 -17.22
CA THR A 122 13.72 63.10 -16.32
C THR A 122 14.16 63.54 -14.92
N THR A 123 14.19 62.62 -13.97
CA THR A 123 14.62 62.89 -12.61
C THR A 123 15.95 62.22 -12.36
N TRP A 124 16.61 62.62 -11.27
CA TRP A 124 17.85 61.97 -10.89
C TRP A 124 17.63 60.49 -10.60
N ASP A 125 16.49 60.16 -9.99
CA ASP A 125 16.10 58.76 -9.86
C ASP A 125 15.90 58.12 -11.23
N ALA A 126 15.19 58.82 -12.12
CA ALA A 126 14.98 58.31 -13.47
C ALA A 126 16.31 58.27 -14.23
N PHE A 127 17.18 59.25 -14.01
CA PHE A 127 18.48 59.22 -14.67
C PHE A 127 19.31 58.02 -14.22
N LEU A 128 19.32 57.74 -12.92
CA LEU A 128 20.03 56.58 -12.40
C LEU A 128 19.44 55.26 -12.86
N TYR A 129 18.13 55.18 -12.99
CA TYR A 129 17.50 53.96 -13.53
C TYR A 129 17.77 53.77 -15.00
N GLY A 130 17.68 54.83 -15.81
CA GLY A 130 17.92 54.69 -17.23
C GLY A 130 19.39 54.50 -17.56
N LEU A 131 20.27 54.91 -16.65
CA LEU A 131 21.70 54.73 -16.89
C LEU A 131 22.07 53.25 -16.94
N ALA A 132 21.25 52.39 -16.33
CA ALA A 132 21.42 50.94 -16.39
C ALA A 132 20.03 50.32 -16.44
N ALA A 133 19.53 50.07 -17.66
CA ALA A 133 18.22 49.49 -17.84
C ALA A 133 18.19 48.70 -19.14
N HIS A 134 17.29 47.71 -19.20
CA HIS A 134 17.08 46.90 -20.39
C HIS A 134 15.67 47.16 -20.89
N ARG A 135 15.56 47.81 -22.04
CA ARG A 135 14.26 48.11 -22.64
C ARG A 135 14.30 47.70 -24.10
N THR A 136 13.68 46.55 -24.41
CA THR A 136 13.68 46.01 -25.75
C THR A 136 12.24 45.81 -26.22
N VAL A 137 12.02 46.04 -27.52
CA VAL A 137 10.72 45.85 -28.14
C VAL A 137 10.92 45.01 -29.40
N GLY A 138 10.11 43.96 -29.52
CA GLY A 138 10.15 43.12 -30.72
C GLY A 138 11.51 42.52 -31.00
N ASN A 139 12.22 42.07 -29.97
CA ASN A 139 13.56 41.51 -30.10
C ASN A 139 14.54 42.51 -30.71
N ARG A 140 14.36 43.79 -30.38
CA ARG A 140 15.32 44.83 -30.73
C ARG A 140 15.69 45.59 -29.46
N PHE A 141 16.98 45.64 -29.16
CA PHE A 141 17.46 46.20 -27.89
C PHE A 141 17.60 47.71 -28.01
N THR A 142 16.63 48.44 -27.48
CA THR A 142 16.73 49.90 -27.38
C THR A 142 17.44 50.27 -26.08
N PHE A 143 18.76 50.25 -26.13
CA PHE A 143 19.59 50.47 -24.96
C PHE A 143 19.52 51.93 -24.53
N PRO A 144 19.07 52.21 -23.30
CA PRO A 144 18.90 53.61 -22.89
C PRO A 144 20.21 54.34 -22.67
N ALA A 145 21.13 53.76 -21.90
CA ALA A 145 22.35 54.46 -21.52
C ALA A 145 23.13 54.91 -22.75
N GLY A 146 23.00 54.20 -23.86
CA GLY A 146 23.56 54.70 -25.10
C GLY A 146 22.89 55.97 -25.57
N ALA A 147 21.57 56.05 -25.42
CA ALA A 147 20.87 57.28 -25.76
C ALA A 147 21.31 58.44 -24.87
N ILE A 148 21.50 58.17 -23.58
CA ILE A 148 22.04 59.21 -22.70
C ILE A 148 23.44 59.62 -23.14
N ALA A 149 24.30 58.64 -23.44
CA ALA A 149 25.68 58.95 -23.80
C ALA A 149 25.76 59.78 -25.08
N GLN A 150 24.96 59.42 -26.08
CA GLN A 150 24.95 60.18 -27.33
C GLN A 150 24.34 61.56 -27.15
N SER A 151 23.62 61.79 -26.05
CA SER A 151 22.91 63.03 -25.80
C SER A 151 23.66 63.89 -24.80
N LEU A 152 23.40 65.20 -24.86
CA LEU A 152 23.89 66.12 -23.86
C LEU A 152 23.04 66.01 -22.60
N VAL A 153 23.70 66.06 -21.44
CA VAL A 153 23.04 65.86 -20.16
C VAL A 153 23.27 67.09 -19.30
N ILE A 154 22.19 67.61 -18.71
CA ILE A 154 22.25 68.75 -17.80
C ILE A 154 21.53 68.36 -16.51
N PHE A 155 22.18 68.62 -15.37
CA PHE A 155 21.60 68.40 -14.06
C PHE A 155 21.10 69.73 -13.51
N ASP A 156 20.05 69.68 -12.69
CA ASP A 156 19.51 70.88 -12.06
C ASP A 156 19.25 70.56 -10.58
N GLU A 157 20.07 71.16 -9.70
CA GLU A 157 19.89 71.08 -8.25
C GLU A 157 19.85 69.65 -7.74
N VAL A 158 20.65 68.75 -8.32
CA VAL A 158 20.59 67.34 -7.98
C VAL A 158 21.31 67.07 -6.66
N GLN A 159 21.93 68.11 -6.10
CA GLN A 159 22.74 67.95 -4.89
C GLN A 159 21.95 68.16 -3.61
N MET A 160 20.67 68.50 -3.69
CA MET A 160 19.91 68.82 -2.48
C MET A 160 19.66 67.57 -1.63
N TYR A 161 19.63 67.77 -0.32
CA TYR A 161 19.32 66.72 0.65
C TYR A 161 17.81 66.56 0.75
N GLN A 162 17.29 65.60 -0.02
CA GLN A 162 15.84 65.43 -0.06
C GLN A 162 15.34 64.53 1.05
N ASP A 163 15.71 63.24 1.03
CA ASP A 163 15.07 62.29 1.94
C ASP A 163 16.05 61.29 2.55
N GLU A 164 17.35 61.60 2.57
CA GLU A 164 18.38 60.75 3.17
C GLU A 164 18.62 59.50 2.33
N SER A 165 17.77 59.29 1.31
CA SER A 165 17.93 58.11 0.46
C SER A 165 18.57 58.47 -0.87
N MET A 166 18.20 59.63 -1.41
CA MET A 166 18.80 60.12 -2.65
C MET A 166 20.05 60.95 -2.40
N TYR A 167 20.38 61.26 -1.14
CA TYR A 167 21.58 62.02 -0.83
C TYR A 167 22.78 61.10 -0.92
N MET A 168 23.35 60.98 -2.11
CA MET A 168 24.53 60.13 -2.36
C MET A 168 25.56 60.99 -3.08
N PRO A 169 26.21 61.90 -2.36
CA PRO A 169 27.17 62.81 -3.05
C PRO A 169 28.30 62.08 -3.75
N ARG A 170 28.82 61.01 -3.16
CA ARG A 170 29.88 60.25 -3.82
C ARG A 170 29.34 59.50 -5.03
N LEU A 171 28.11 59.03 -4.98
CA LEU A 171 27.50 58.44 -6.17
C LEU A 171 27.34 59.48 -7.27
N LEU A 172 26.97 60.71 -6.89
CA LEU A 172 26.90 61.78 -7.87
C LEU A 172 28.26 62.04 -8.50
N SER A 173 29.31 62.07 -7.68
CA SER A 173 30.66 62.27 -8.22
C SER A 173 31.05 61.13 -9.14
N LEU A 174 30.71 59.89 -8.78
CA LEU A 174 31.02 58.75 -9.62
C LEU A 174 30.29 58.83 -10.96
N VAL A 175 29.02 59.22 -10.94
CA VAL A 175 28.26 59.35 -12.17
C VAL A 175 28.85 60.45 -13.04
N VAL A 176 29.23 61.57 -12.42
CA VAL A 176 29.85 62.66 -13.17
C VAL A 176 31.15 62.20 -13.81
N GLY A 177 31.97 61.45 -13.07
CA GLY A 177 33.20 60.94 -13.63
C GLY A 177 32.97 59.94 -14.75
N ILE A 178 31.94 59.09 -14.61
CA ILE A 178 31.60 58.14 -15.65
C ILE A 178 31.21 58.87 -16.93
N LEU A 179 30.39 59.91 -16.80
CA LEU A 179 30.01 60.70 -17.96
C LEU A 179 31.21 61.41 -18.55
N GLU A 180 32.10 61.94 -17.72
CA GLU A 180 33.27 62.66 -18.21
C GLU A 180 34.21 61.74 -18.99
N GLU A 181 34.47 60.54 -18.46
CA GLU A 181 35.35 59.61 -19.16
C GLU A 181 34.72 59.09 -20.45
N ALA A 182 33.38 59.15 -20.55
CA ALA A 182 32.72 58.85 -21.81
C ALA A 182 32.78 60.02 -22.79
N ASN A 183 33.34 61.16 -22.36
CA ASN A 183 33.50 62.36 -23.18
C ASN A 183 32.18 62.98 -23.59
N VAL A 184 31.09 62.64 -22.92
CA VAL A 184 29.78 63.22 -23.21
C VAL A 184 29.77 64.65 -22.68
N PRO A 185 29.00 65.56 -23.26
CA PRO A 185 28.93 66.91 -22.72
C PRO A 185 27.95 67.00 -21.55
N LEU A 186 28.46 67.24 -20.35
CA LEU A 186 27.65 67.31 -19.15
C LEU A 186 27.81 68.68 -18.51
N VAL A 187 26.68 69.34 -18.22
CA VAL A 187 26.66 70.65 -17.59
C VAL A 187 25.83 70.54 -16.32
N ILE A 188 26.38 71.02 -15.21
CA ILE A 188 25.68 70.98 -13.92
C ILE A 188 25.33 72.40 -13.53
N MET A 189 24.05 72.63 -13.26
CA MET A 189 23.54 73.93 -12.85
C MET A 189 22.97 73.80 -11.44
N SER A 190 23.45 74.63 -10.52
CA SER A 190 23.00 74.57 -9.14
C SER A 190 23.14 75.95 -8.51
N ALA A 191 22.28 76.23 -7.52
CA ALA A 191 22.35 77.51 -6.82
C ALA A 191 23.65 77.65 -6.06
N THR A 192 23.99 76.66 -5.24
CA THR A 192 25.21 76.67 -4.46
C THR A 192 25.74 75.25 -4.38
N ILE A 193 27.05 75.10 -4.55
CA ILE A 193 27.72 73.81 -4.51
C ILE A 193 28.69 73.82 -3.34
N PRO A 194 28.65 72.82 -2.46
CA PRO A 194 29.64 72.76 -1.37
C PRO A 194 31.06 72.67 -1.92
N SER A 195 32.00 73.28 -1.21
CA SER A 195 33.38 73.34 -1.69
C SER A 195 33.96 71.95 -1.84
N LYS A 196 33.76 71.07 -0.85
CA LYS A 196 34.21 69.70 -0.99
C LYS A 196 33.47 69.00 -2.12
N LEU A 197 32.17 69.21 -2.23
CA LEU A 197 31.42 68.66 -3.36
C LEU A 197 31.92 69.24 -4.68
N ARG A 198 32.21 70.54 -4.70
CA ARG A 198 32.74 71.16 -5.92
C ARG A 198 34.06 70.53 -6.32
N GLU A 199 34.94 70.27 -5.35
CA GLU A 199 36.20 69.60 -5.65
C GLU A 199 35.97 68.18 -6.15
N MET A 200 35.04 67.45 -5.53
CA MET A 200 34.80 66.07 -5.91
C MET A 200 34.25 65.98 -7.34
N ILE A 201 33.31 66.86 -7.69
CA ILE A 201 32.71 66.80 -9.01
C ILE A 201 33.74 67.19 -10.08
N ALA A 202 34.45 68.30 -9.86
CA ALA A 202 35.40 68.78 -10.85
C ALA A 202 36.39 69.73 -10.18
N GLY A 203 37.67 69.39 -10.24
CA GLY A 203 38.70 70.23 -9.68
C GLY A 203 39.25 71.23 -10.67
N ASP A 204 39.62 70.75 -11.85
CA ASP A 204 40.20 71.63 -12.86
C ASP A 204 39.15 72.57 -13.45
N THR A 205 37.93 72.07 -13.65
CA THR A 205 36.87 72.88 -14.21
C THR A 205 36.55 74.06 -13.29
N GLU A 206 36.43 75.25 -13.87
CA GLU A 206 36.18 76.47 -13.11
C GLU A 206 34.69 76.81 -13.17
N VAL A 207 34.16 77.28 -12.05
CA VAL A 207 32.76 77.65 -11.99
C VAL A 207 32.54 78.96 -12.71
N ILE A 208 31.46 79.05 -13.49
CA ILE A 208 31.17 80.28 -14.22
C ILE A 208 30.78 81.40 -13.25
N THR A 209 30.05 81.04 -12.17
CA THR A 209 29.66 81.90 -11.06
C THR A 209 29.07 83.23 -11.51
N VAL A 210 28.93 84.18 -10.58
CA VAL A 210 28.44 85.51 -10.87
C VAL A 210 29.59 86.49 -10.69
N ASP A 211 29.80 87.35 -11.69
CA ASP A 211 30.92 88.27 -11.71
C ASP A 211 30.43 89.69 -11.46
N LYS A 212 31.20 90.45 -10.69
CA LYS A 212 30.83 91.84 -10.41
C LYS A 212 30.80 92.65 -11.69
N ASN A 213 31.78 92.46 -12.57
CA ASN A 213 31.72 93.03 -13.90
C ASN A 213 30.56 92.42 -14.67
N ASP A 214 30.07 93.16 -15.66
CA ASP A 214 28.85 92.81 -16.39
C ASP A 214 27.68 92.67 -15.43
N LYS A 215 27.33 93.80 -14.82
CA LYS A 215 26.33 93.84 -13.74
C LYS A 215 24.94 93.44 -14.20
N ASN A 216 24.69 93.37 -15.50
CA ASN A 216 23.37 92.95 -16.02
C ASN A 216 23.20 91.46 -15.77
N LYS A 217 23.03 91.14 -14.49
CA LYS A 217 22.97 89.79 -13.96
C LYS A 217 21.63 89.57 -13.25
N PRO A 218 21.21 88.31 -13.07
CA PRO A 218 19.96 88.06 -12.35
C PRO A 218 19.97 88.66 -10.95
N SER A 219 18.82 89.23 -10.57
CA SER A 219 18.66 89.87 -9.27
C SER A 219 17.45 89.28 -8.59
N LYS A 220 17.64 88.74 -7.38
CA LYS A 220 16.53 88.12 -6.67
C LYS A 220 15.53 89.15 -6.16
N GLY A 221 16.03 90.21 -5.54
CA GLY A 221 15.14 91.22 -4.97
C GLY A 221 15.25 91.33 -3.46
N ASN A 222 14.12 91.47 -2.79
CA ASN A 222 14.08 91.61 -1.34
C ASN A 222 13.44 90.37 -0.72
N VAL A 223 14.14 89.78 0.24
CA VAL A 223 13.64 88.64 1.00
C VAL A 223 13.88 88.91 2.48
N LYS A 224 12.81 88.88 3.27
CA LYS A 224 12.89 89.06 4.72
C LYS A 224 12.48 87.75 5.38
N VAL A 225 13.34 87.25 6.26
CA VAL A 225 13.15 85.95 6.91
C VAL A 225 12.85 86.19 8.38
N ARG A 226 11.89 85.42 8.91
CA ARG A 226 11.52 85.49 10.32
C ARG A 226 11.29 84.07 10.81
N LEU A 227 12.27 83.51 11.50
CA LEU A 227 12.10 82.18 12.09
C LEU A 227 11.06 82.25 13.20
N VAL A 228 9.88 81.73 12.93
CA VAL A 228 8.74 81.82 13.84
C VAL A 228 8.43 80.42 14.36
N GLU A 229 8.06 80.34 15.63
CA GLU A 229 7.74 79.05 16.25
C GLU A 229 6.65 78.34 15.47
N GLY A 230 6.84 77.05 15.26
CA GLY A 230 5.94 76.30 14.39
C GLY A 230 4.53 76.21 14.97
N ASP A 231 3.59 76.80 14.24
CA ASP A 231 2.17 76.72 14.58
C ASP A 231 1.32 77.01 13.36
N ILE A 232 0.59 76.02 12.87
CA ILE A 232 -0.23 76.21 11.68
C ILE A 232 -1.33 77.23 11.96
N THR A 233 -1.86 77.23 13.17
CA THR A 233 -2.91 78.19 13.52
C THR A 233 -2.37 79.62 13.52
N ASP A 234 -1.12 79.81 13.95
CA ASP A 234 -0.57 81.15 14.07
C ASP A 234 -0.39 81.82 12.71
N VAL A 235 0.07 81.05 11.72
CA VAL A 235 0.41 81.60 10.42
C VAL A 235 -0.85 82.02 9.67
N LEU A 236 -2.01 81.64 10.20
CA LEU A 236 -3.28 81.95 9.55
C LEU A 236 -3.50 83.44 9.39
N ASN A 237 -3.12 84.23 10.41
CA ASN A 237 -3.31 85.68 10.32
C ASN A 237 -2.48 86.27 9.19
N ASP A 238 -1.22 85.84 9.07
CA ASP A 238 -0.37 86.33 8.00
C ASP A 238 -0.90 85.89 6.63
N ILE A 239 -1.39 84.65 6.54
CA ILE A 239 -1.97 84.18 5.28
C ILE A 239 -3.18 85.02 4.91
N LYS A 240 -4.04 85.31 5.88
CA LYS A 240 -5.20 86.15 5.61
C LYS A 240 -4.77 87.54 5.14
N LYS A 241 -3.75 88.10 5.78
CA LYS A 241 -3.26 89.42 5.39
C LYS A 241 -2.77 89.41 3.94
N ILE A 242 -1.99 88.39 3.56
CA ILE A 242 -1.37 88.41 2.25
C ILE A 242 -2.37 88.01 1.16
N LEU A 243 -3.40 87.25 1.52
CA LEU A 243 -4.48 87.00 0.58
C LEU A 243 -5.38 88.21 0.44
N LYS A 244 -5.51 89.01 1.50
CA LYS A 244 -6.12 90.33 1.34
C LYS A 244 -5.31 91.18 0.37
N ASN A 245 -3.98 91.10 0.48
CA ASN A 245 -3.13 91.70 -0.54
C ASN A 245 -3.34 91.03 -1.90
N GLY A 246 -3.57 89.71 -1.90
CA GLY A 246 -3.77 88.95 -3.11
C GLY A 246 -2.58 88.16 -3.57
N LYS A 247 -1.46 88.25 -2.87
CA LYS A 247 -0.27 87.52 -3.25
C LYS A 247 -0.41 86.04 -2.91
N LYS A 248 -0.10 85.18 -3.88
CA LYS A 248 -0.32 83.74 -3.75
C LYS A 248 0.78 83.13 -2.90
N VAL A 249 0.40 82.59 -1.75
CA VAL A 249 1.37 82.05 -0.81
C VAL A 249 1.74 80.61 -1.17
N LEU A 250 2.99 80.24 -0.86
CA LEU A 250 3.49 78.88 -1.04
C LEU A 250 3.83 78.31 0.33
N VAL A 251 3.05 77.35 0.79
CA VAL A 251 3.30 76.65 2.06
C VAL A 251 3.81 75.24 1.75
N VAL A 252 4.87 74.83 2.45
CA VAL A 252 5.53 73.57 2.20
C VAL A 252 5.61 72.77 3.49
N ARG A 253 5.36 71.48 3.40
CA ARG A 253 5.47 70.56 4.53
C ARG A 253 6.52 69.50 4.22
N ASN A 254 7.16 68.97 5.27
CA ASN A 254 8.24 68.00 5.07
C ASN A 254 7.71 66.60 4.74
N THR A 255 6.46 66.31 5.06
CA THR A 255 5.91 64.97 4.90
C THR A 255 4.60 65.06 4.11
N VAL A 256 4.32 64.00 3.35
CA VAL A 256 3.07 63.95 2.59
C VAL A 256 1.86 63.98 3.51
N ARG A 257 1.90 63.17 4.58
CA ARG A 257 0.79 63.15 5.53
C ARG A 257 0.58 64.51 6.18
N LYS A 258 1.67 65.11 6.67
CA LYS A 258 1.56 66.44 7.23
C LYS A 258 1.12 67.46 6.19
N ALA A 259 1.57 67.30 4.95
CA ALA A 259 1.17 68.25 3.90
C ALA A 259 -0.33 68.19 3.66
N VAL A 260 -0.90 67.00 3.53
CA VAL A 260 -2.32 66.88 3.25
C VAL A 260 -3.14 67.33 4.46
N GLU A 261 -2.68 66.99 5.67
CA GLU A 261 -3.39 67.44 6.86
C GLU A 261 -3.39 68.96 6.98
N THR A 262 -2.23 69.58 6.74
CA THR A 262 -2.13 71.03 6.79
C THR A 262 -3.03 71.67 5.75
N TYR A 263 -3.05 71.12 4.53
CA TYR A 263 -3.91 71.69 3.51
C TYR A 263 -5.38 71.56 3.88
N GLN A 264 -5.77 70.42 4.44
CA GLN A 264 -7.16 70.27 4.86
C GLN A 264 -7.53 71.31 5.90
N VAL A 265 -6.66 71.50 6.90
CA VAL A 265 -6.95 72.50 7.93
C VAL A 265 -7.03 73.89 7.33
N LEU A 266 -6.08 74.25 6.46
CA LEU A 266 -6.06 75.59 5.87
C LEU A 266 -7.31 75.84 5.03
N LYS A 267 -7.70 74.85 4.22
CA LYS A 267 -8.86 75.02 3.36
C LYS A 267 -10.14 75.11 4.18
N LYS A 268 -10.26 74.30 5.24
CA LYS A 268 -11.50 74.33 6.02
C LYS A 268 -11.56 75.58 6.90
N LYS A 269 -10.41 76.20 7.18
CA LYS A 269 -10.43 77.36 8.05
C LYS A 269 -10.55 78.67 7.26
N LEU A 270 -9.88 78.78 6.12
CA LEU A 270 -9.89 80.04 5.39
C LEU A 270 -11.26 80.32 4.78
N ASN A 271 -11.70 79.47 3.85
CA ASN A 271 -13.05 79.53 3.29
C ASN A 271 -13.35 80.86 2.62
N ASP A 272 -12.33 81.69 2.42
CA ASP A 272 -12.54 83.00 1.82
C ASP A 272 -12.10 83.00 0.36
N THR A 273 -11.87 81.80 -0.19
CA THR A 273 -11.40 81.65 -1.55
C THR A 273 -12.29 80.67 -2.29
N LEU A 274 -12.06 80.55 -3.60
CA LEU A 274 -12.76 79.56 -4.41
C LEU A 274 -12.36 78.16 -3.97
N ALA A 275 -13.36 77.29 -3.83
CA ALA A 275 -13.10 75.99 -3.24
C ALA A 275 -12.40 75.05 -4.21
N ASN A 276 -13.07 74.68 -5.30
CA ASN A 276 -12.51 73.72 -6.23
C ASN A 276 -11.53 74.35 -7.22
N PRO A 277 -11.89 75.42 -7.95
CA PRO A 277 -11.01 75.91 -9.02
C PRO A 277 -9.68 76.45 -8.52
N SER A 278 -9.73 77.44 -7.65
CA SER A 278 -8.51 78.13 -7.23
C SER A 278 -7.70 77.29 -6.25
N ASP A 279 -8.38 76.61 -5.34
CA ASP A 279 -7.74 75.76 -4.35
C ASP A 279 -7.67 74.33 -4.89
N ALA A 280 -7.39 73.37 -4.01
CA ALA A 280 -7.19 71.95 -4.31
C ALA A 280 -5.91 71.70 -5.10
N LEU A 281 -5.04 72.69 -5.25
CA LEU A 281 -3.77 72.51 -5.93
C LEU A 281 -2.69 72.24 -4.89
N LEU A 282 -2.57 70.97 -4.50
CA LEU A 282 -1.45 70.51 -3.70
C LEU A 282 -0.52 69.72 -4.59
N ILE A 283 0.76 70.09 -4.59
CA ILE A 283 1.71 69.58 -5.54
C ILE A 283 1.91 68.08 -5.30
N HIS A 284 2.50 67.40 -6.29
CA HIS A 284 2.68 65.97 -6.26
C HIS A 284 3.24 65.49 -4.93
N SER A 285 2.44 64.71 -4.20
CA SER A 285 2.91 64.01 -3.02
C SER A 285 2.51 62.55 -3.10
N ARG A 286 3.32 61.80 -3.87
CA ARG A 286 3.05 60.40 -4.22
C ARG A 286 1.56 60.17 -4.56
N PHE A 287 0.99 61.09 -5.33
CA PHE A 287 -0.38 60.96 -5.82
C PHE A 287 -0.48 61.56 -7.21
N THR A 288 -1.69 61.98 -7.60
CA THR A 288 -2.12 62.50 -8.90
C THR A 288 -2.45 61.38 -9.86
N ILE A 289 -2.53 60.13 -9.41
CA ILE A 289 -3.03 59.02 -10.20
C ILE A 289 -2.15 58.89 -11.43
N GLY A 290 -0.93 59.41 -11.35
CA GLY A 290 -0.05 59.53 -12.48
C GLY A 290 -0.39 60.66 -13.44
N ASP A 291 -1.62 61.16 -13.39
CA ASP A 291 -2.04 62.31 -14.21
C ASP A 291 -1.75 63.59 -13.43
N ARG A 292 -0.46 63.92 -13.36
CA ARG A 292 -0.01 65.10 -12.64
C ARG A 292 -0.49 66.40 -13.25
N ARG A 293 -0.91 66.39 -14.53
CA ARG A 293 -1.36 67.62 -15.17
C ARG A 293 -2.60 68.19 -14.51
N GLU A 294 -3.34 67.35 -13.77
CA GLU A 294 -4.45 67.85 -12.97
C GLU A 294 -3.98 68.77 -11.85
N LYS A 295 -2.85 68.44 -11.22
CA LYS A 295 -2.30 69.26 -10.14
C LYS A 295 -1.13 70.11 -10.59
N GLU A 296 -0.78 70.08 -11.87
CA GLU A 296 0.35 70.86 -12.35
C GLU A 296 -0.08 71.90 -13.37
N ARG A 297 -0.83 71.47 -14.39
CA ARG A 297 -1.27 72.40 -15.43
C ARG A 297 -2.27 73.40 -14.88
N ALA A 298 -3.12 72.96 -13.96
CA ALA A 298 -4.11 73.86 -13.37
C ALA A 298 -3.52 74.63 -12.19
N LEU A 299 -2.24 74.38 -11.88
CA LEU A 299 -1.59 74.99 -10.73
C LEU A 299 -1.60 76.52 -10.80
N ASP A 300 -1.58 77.08 -12.02
CA ASP A 300 -1.45 78.51 -12.18
C ASP A 300 -2.71 79.22 -11.71
N SER A 301 -2.67 79.75 -10.49
CA SER A 301 -3.73 80.59 -9.95
C SER A 301 -3.15 81.39 -8.80
N ALA A 302 -3.81 82.50 -8.47
CA ALA A 302 -3.30 83.43 -7.45
C ALA A 302 -3.85 83.05 -6.07
N ARG A 303 -3.62 81.80 -5.70
CA ARG A 303 -4.05 81.30 -4.39
C ARG A 303 -2.96 80.41 -3.81
N LEU A 304 -3.24 79.91 -2.61
CA LEU A 304 -2.23 79.19 -1.84
C LEU A 304 -1.79 77.92 -2.57
N ILE A 305 -0.50 77.63 -2.52
CA ILE A 305 0.08 76.44 -3.12
C ILE A 305 0.74 75.61 -2.04
N VAL A 306 0.01 74.63 -1.49
CA VAL A 306 0.59 73.74 -0.50
C VAL A 306 1.37 72.63 -1.21
N ALA A 307 2.49 72.22 -0.61
CA ALA A 307 3.35 71.26 -1.28
C ALA A 307 4.21 70.53 -0.26
N THR A 308 4.70 69.35 -0.64
CA THR A 308 5.76 68.68 0.09
C THR A 308 7.10 69.14 -0.50
N GLN A 309 8.19 68.44 -0.18
CA GLN A 309 9.48 68.84 -0.73
C GLN A 309 9.59 68.44 -2.19
N VAL A 310 8.65 68.93 -3.01
CA VAL A 310 8.67 68.73 -4.45
C VAL A 310 8.67 70.06 -5.21
N VAL A 311 8.22 71.15 -4.60
CA VAL A 311 8.22 72.47 -5.21
C VAL A 311 9.65 73.00 -5.20
N GLU A 312 10.59 72.16 -4.78
CA GLU A 312 11.99 72.57 -4.63
C GLU A 312 12.55 73.17 -5.91
N ALA A 313 12.19 72.63 -7.08
CA ALA A 313 12.77 73.10 -8.33
C ALA A 313 11.71 73.15 -9.42
N GLY A 314 11.91 74.04 -10.37
CA GLY A 314 11.07 74.16 -11.55
C GLY A 314 9.98 75.21 -11.46
N LEU A 315 9.57 75.58 -10.25
CA LEU A 315 8.47 76.54 -10.11
C LEU A 315 8.93 77.95 -10.41
N ASP A 316 8.21 78.64 -11.31
CA ASP A 316 8.44 80.04 -11.61
C ASP A 316 7.10 80.77 -11.58
N LEU A 317 6.70 81.22 -10.40
CA LEU A 317 5.47 81.96 -10.27
C LEU A 317 5.72 83.45 -10.50
N PRO A 318 4.93 84.11 -11.35
CA PRO A 318 5.10 85.57 -11.49
C PRO A 318 4.88 86.31 -10.18
N ASN A 319 3.99 85.81 -9.33
CA ASN A 319 3.77 86.37 -8.00
C ASN A 319 3.99 85.27 -6.97
N VAL A 320 4.79 85.56 -5.95
CA VAL A 320 5.12 84.58 -4.92
C VAL A 320 4.86 85.18 -3.55
N GLY A 321 3.91 84.61 -2.83
CA GLY A 321 3.59 85.07 -1.49
C GLY A 321 4.65 84.66 -0.48
N LEU A 322 4.34 84.93 0.79
CA LEU A 322 5.30 84.65 1.86
C LEU A 322 5.49 83.15 2.03
N VAL A 323 6.59 82.63 1.51
CA VAL A 323 6.83 81.18 1.50
C VAL A 323 7.09 80.73 2.93
N VAL A 324 6.14 80.00 3.50
CA VAL A 324 6.28 79.43 4.83
C VAL A 324 6.57 77.95 4.69
N THR A 325 7.41 77.43 5.58
CA THR A 325 7.83 76.03 5.50
C THR A 325 8.38 75.60 6.86
N ASP A 326 8.56 74.29 7.00
CA ASP A 326 9.19 73.72 8.17
C ASP A 326 10.71 73.78 8.03
N ILE A 327 11.39 73.25 9.04
CA ILE A 327 12.85 73.18 8.99
C ILE A 327 13.26 72.24 7.87
N ALA A 328 14.48 72.45 7.35
CA ALA A 328 14.97 71.70 6.21
C ALA A 328 16.46 71.52 6.36
N PRO A 329 17.08 70.63 5.58
CA PRO A 329 18.54 70.47 5.62
C PRO A 329 19.35 71.74 5.41
N LEU A 330 18.67 72.85 5.14
CA LEU A 330 19.23 74.19 4.91
C LEU A 330 19.77 74.33 3.49
N ASP A 331 19.75 73.26 2.70
CA ASP A 331 20.02 73.35 1.27
C ASP A 331 18.72 73.51 0.49
N ALA A 332 17.70 72.69 0.81
CA ALA A 332 16.39 72.89 0.22
C ALA A 332 15.69 74.11 0.83
N LEU A 333 16.04 74.45 2.07
CA LEU A 333 15.42 75.60 2.72
C LEU A 333 15.75 76.90 2.00
N ILE A 334 17.03 77.08 1.63
CA ILE A 334 17.43 78.29 0.92
C ILE A 334 16.73 78.37 -0.43
N GLN A 335 16.67 77.25 -1.15
CA GLN A 335 16.00 77.23 -2.45
C GLN A 335 14.52 77.56 -2.32
N ARG A 336 13.86 77.03 -1.29
CA ARG A 336 12.45 77.30 -1.11
C ARG A 336 12.19 78.75 -0.71
N ILE A 337 13.05 79.30 0.16
CA ILE A 337 12.85 80.68 0.60
C ILE A 337 13.12 81.64 -0.56
N GLY A 338 14.10 81.34 -1.40
CA GLY A 338 14.43 82.24 -2.49
C GLY A 338 13.50 82.08 -3.69
N ARG A 339 12.43 81.30 -3.52
CA ARG A 339 11.50 81.01 -4.60
C ARG A 339 10.87 82.28 -5.16
N CYS A 340 10.73 83.32 -4.34
CA CYS A 340 10.28 84.61 -4.82
C CYS A 340 11.16 85.06 -5.97
N ALA A 341 10.57 85.52 -7.07
CA ALA A 341 11.30 85.67 -8.31
C ALA A 341 10.73 86.86 -9.07
N ARG A 342 10.97 86.87 -10.39
CA ARG A 342 10.52 87.92 -11.30
C ARG A 342 11.36 89.17 -11.01
N ARG A 343 10.83 90.37 -11.24
CA ARG A 343 11.63 91.57 -11.12
C ARG A 343 12.08 91.76 -9.67
N PRO A 344 13.28 92.33 -9.47
CA PRO A 344 13.76 92.52 -8.10
C PRO A 344 12.83 93.42 -7.29
N GLY A 345 12.67 93.09 -6.01
CA GLY A 345 11.75 93.78 -5.14
C GLY A 345 10.60 92.86 -4.74
N GLU A 346 9.37 93.38 -4.88
CA GLU A 346 8.15 92.61 -4.70
C GLU A 346 7.92 92.29 -3.22
N GLU A 347 8.91 92.60 -2.38
CA GLU A 347 8.80 92.50 -0.92
C GLU A 347 8.33 91.12 -0.47
N GLY A 348 8.82 90.07 -1.13
CA GLY A 348 8.55 88.72 -0.67
C GLY A 348 9.23 88.45 0.66
N GLU A 349 8.48 88.04 1.67
CA GLU A 349 9.00 87.87 3.03
C GLU A 349 8.55 86.52 3.57
N GLY A 350 9.33 85.47 3.29
CA GLY A 350 9.00 84.15 3.79
C GLY A 350 9.50 83.93 5.21
N ILE A 351 8.90 82.92 5.86
CA ILE A 351 9.24 82.56 7.23
C ILE A 351 9.39 81.05 7.32
N ILE A 352 9.98 80.59 8.42
CA ILE A 352 10.17 79.16 8.68
C ILE A 352 9.54 78.84 10.02
N LEU A 353 8.70 77.80 10.06
CA LEU A 353 7.96 77.39 11.24
C LEU A 353 8.50 76.05 11.72
N ILE A 354 9.07 76.03 12.91
CA ILE A 354 9.51 74.81 13.56
C ILE A 354 8.96 74.78 14.98
N PRO A 355 8.03 73.88 15.30
CA PRO A 355 7.56 73.76 16.69
C PRO A 355 8.66 73.19 17.58
N ALA A 356 9.25 72.10 17.13
CA ALA A 356 10.37 71.45 17.77
C ALA A 356 11.09 70.58 16.74
N ALA A 357 12.15 69.90 17.18
CA ALA A 357 12.87 69.02 16.28
C ALA A 357 12.14 67.69 16.14
N ALA A 358 10.86 67.74 15.76
CA ALA A 358 10.06 66.51 15.71
C ALA A 358 10.14 65.84 14.35
N ALA A 359 9.85 66.58 13.27
CA ALA A 359 9.83 65.96 11.96
C ALA A 359 11.23 65.83 11.38
N ALA A 360 12.14 65.25 12.16
CA ALA A 360 13.50 65.02 11.68
C ALA A 360 13.54 63.85 10.70
N ALA A 361 12.81 62.77 11.00
CA ALA A 361 12.84 61.58 10.16
C ALA A 361 12.20 61.80 8.80
N ALA A 362 11.47 62.89 8.61
CA ALA A 362 10.84 63.19 7.33
C ALA A 362 11.89 63.40 6.24
N ALA A 363 12.68 64.46 6.39
CA ALA A 363 13.69 64.78 5.39
C ALA A 363 15.06 64.98 6.03
N ALA A 364 15.08 65.58 7.22
CA ALA A 364 16.35 65.97 7.84
C ALA A 364 17.13 64.77 8.36
N ALA A 365 16.44 63.73 8.82
CA ALA A 365 17.08 62.59 9.48
C ALA A 365 17.88 63.04 10.70
N ALA A 366 17.38 64.09 11.37
CA ALA A 366 18.08 64.71 12.49
C ALA A 366 19.52 65.04 12.11
N ALA A 367 20.45 64.75 13.01
CA ALA A 367 21.88 64.83 12.71
C ALA A 367 22.33 66.23 12.33
N ALA A 368 23.46 66.31 11.64
CA ALA A 368 24.14 67.60 11.42
C ALA A 368 23.29 68.56 10.59
N ALA A 369 22.62 68.07 9.56
CA ALA A 369 21.81 68.95 8.72
C ALA A 369 20.77 69.69 9.54
N ALA A 370 19.98 68.93 10.30
CA ALA A 370 18.96 69.56 11.14
C ALA A 370 19.58 70.43 12.23
N ALA A 371 20.67 69.96 12.84
CA ALA A 371 21.26 70.69 13.95
C ALA A 371 21.79 72.05 13.51
N ALA A 372 22.59 72.07 12.44
CA ALA A 372 23.18 73.31 11.96
C ALA A 372 22.21 74.14 11.14
N ALA A 373 21.09 73.55 10.70
CA ALA A 373 20.13 74.31 9.92
C ALA A 373 19.51 75.44 10.73
N ALA A 374 19.26 75.21 12.01
CA ALA A 374 18.63 76.24 12.84
C ALA A 374 19.54 77.46 13.00
N ALA A 375 20.84 77.30 12.77
CA ALA A 375 21.79 78.39 12.94
C ALA A 375 21.99 79.07 11.58
N ALA A 376 20.92 79.69 11.09
CA ALA A 376 20.99 80.46 9.85
C ALA A 376 19.86 81.49 9.88
N ALA A 377 20.20 82.73 10.21
CA ALA A 377 19.22 83.80 10.33
C ALA A 377 19.36 84.88 9.26
N ALA A 378 20.44 84.85 8.47
CA ALA A 378 20.63 85.86 7.44
C ALA A 378 19.76 85.57 6.23
N ALA A 379 19.74 86.52 5.29
CA ALA A 379 18.93 86.36 4.09
C ALA A 379 19.37 85.15 3.28
N ALA A 380 20.66 84.80 3.34
CA ALA A 380 21.22 83.63 2.68
C ALA A 380 21.05 83.66 1.17
N ALA A 381 20.79 84.84 0.59
CA ALA A 381 20.65 84.99 -0.85
C ALA A 381 21.89 85.60 -1.48
N ALA A 382 22.96 85.81 -0.73
CA ALA A 382 24.18 86.41 -1.23
C ALA A 382 25.10 85.35 -1.83
N ALA A 383 26.24 85.80 -2.35
CA ALA A 383 27.23 84.90 -2.93
C ALA A 383 28.23 84.38 -1.91
N VAL A 384 28.21 84.88 -0.68
CA VAL A 384 29.11 84.40 0.37
C VAL A 384 28.47 83.30 1.21
N VAL A 385 27.30 82.81 0.81
CA VAL A 385 26.59 81.78 1.56
C VAL A 385 27.26 80.44 1.35
N THR A 386 28.26 80.40 0.47
CA THR A 386 29.02 79.18 0.28
C THR A 386 29.69 78.76 1.59
N SER A 387 30.33 79.70 2.27
CA SER A 387 30.92 79.40 3.57
C SER A 387 29.87 79.01 4.60
N THR A 388 28.68 79.59 4.50
CA THR A 388 27.59 79.21 5.39
C THR A 388 27.25 77.74 5.21
N ASN A 389 27.11 77.29 3.96
CA ASN A 389 26.86 75.88 3.71
C ASN A 389 28.03 75.03 4.16
N GLU A 390 29.26 75.54 3.98
CA GLU A 390 30.44 74.79 4.42
C GLU A 390 30.40 74.49 5.90
N TYR A 391 30.20 75.52 6.72
CA TYR A 391 30.12 75.23 8.15
C TYR A 391 28.77 74.66 8.55
N ASP A 392 27.82 74.57 7.63
CA ASP A 392 26.57 73.87 7.90
C ASP A 392 26.72 72.36 7.80
N ARG A 393 27.28 71.87 6.69
CA ARG A 393 27.33 70.43 6.46
C ARG A 393 28.72 69.84 6.42
N VAL A 394 29.70 70.58 5.89
CA VAL A 394 31.04 70.01 5.70
C VAL A 394 31.69 69.66 7.03
N VAL A 395 31.52 70.52 8.04
CA VAL A 395 32.22 70.33 9.30
C VAL A 395 31.83 69.03 9.99
N GLU A 396 30.69 68.44 9.62
CA GLU A 396 30.25 67.21 10.24
C GLU A 396 30.06 66.06 9.27
N ILE A 397 29.39 66.30 8.14
CA ILE A 397 28.96 65.18 7.29
C ILE A 397 30.07 64.76 6.34
N HIS A 398 30.63 65.72 5.58
CA HIS A 398 31.51 65.36 4.48
C HIS A 398 32.77 64.64 4.95
N TYR A 399 33.44 65.16 5.98
CA TYR A 399 34.68 64.53 6.42
C TYR A 399 34.42 63.13 6.95
N GLY A 400 33.33 62.97 7.72
CA GLY A 400 32.92 61.68 8.24
C GLY A 400 32.18 60.82 7.25
N GLU A 401 31.88 61.36 6.07
CA GLU A 401 31.25 60.62 4.99
C GLU A 401 29.90 60.04 5.44
N GLY A 402 28.99 60.95 5.77
CA GLY A 402 27.63 60.58 6.13
C GLY A 402 26.92 59.86 5.01
N LYS A 403 26.28 58.73 5.31
CA LYS A 403 25.65 57.93 4.28
C LYS A 403 24.58 57.06 4.94
N LYS A 404 23.71 56.49 4.09
CA LYS A 404 22.73 55.52 4.54
C LYS A 404 22.40 54.61 3.37
N ASN A 405 22.67 53.31 3.53
CA ASN A 405 22.44 52.32 2.48
C ASN A 405 23.15 52.72 1.18
N PHE A 406 24.42 53.11 1.31
CA PHE A 406 25.22 53.58 0.19
C PHE A 406 25.82 52.41 -0.60
N VAL A 407 24.93 51.59 -1.14
CA VAL A 407 25.36 50.47 -2.01
C VAL A 407 25.36 51.02 -3.43
N TYR A 408 26.46 51.69 -3.78
CA TYR A 408 26.65 52.20 -5.12
C TYR A 408 27.66 51.38 -5.92
N VAL A 409 28.15 50.29 -5.34
CA VAL A 409 29.16 49.47 -6.00
C VAL A 409 28.65 48.94 -7.33
N GLY A 410 27.34 48.70 -7.43
CA GLY A 410 26.78 48.21 -8.68
C GLY A 410 27.03 49.16 -9.83
N ASP A 411 27.00 50.47 -9.56
CA ASP A 411 27.19 51.45 -10.62
C ASP A 411 28.59 51.35 -11.23
N ILE A 412 29.60 51.12 -10.39
CA ILE A 412 30.97 51.17 -10.89
C ILE A 412 31.37 49.86 -11.56
N ASP A 413 30.75 48.75 -11.18
CA ASP A 413 31.20 47.45 -11.69
C ASP A 413 30.18 46.73 -12.55
N THR A 414 28.89 46.75 -12.18
CA THR A 414 27.90 46.05 -13.00
C THR A 414 27.68 46.74 -14.35
N ALA A 415 27.88 48.05 -14.43
CA ALA A 415 27.67 48.78 -15.67
C ALA A 415 28.90 48.65 -16.54
N ARG A 416 29.21 47.41 -16.95
CA ARG A 416 30.39 47.19 -17.78
C ARG A 416 30.01 46.62 -19.14
N ARG A 417 29.25 45.53 -19.15
CA ARG A 417 28.83 44.89 -20.39
C ARG A 417 27.33 44.99 -20.63
N VAL A 418 26.55 45.15 -19.56
CA VAL A 418 25.08 45.09 -19.44
C VAL A 418 24.73 44.18 -18.26
N LEU A 419 23.78 44.63 -17.44
CA LEU A 419 23.25 43.86 -16.33
C LEU A 419 22.00 44.55 -15.82
N GLU A 420 20.94 43.79 -15.63
CA GLU A 420 19.65 44.37 -15.25
C GLU A 420 19.59 44.65 -13.76
N LYS A 421 19.07 45.83 -13.41
CA LYS A 421 18.94 46.20 -12.01
C LYS A 421 17.89 45.33 -11.31
N LYS A 422 16.77 45.06 -11.98
CA LYS A 422 15.78 44.15 -11.40
C LYS A 422 16.37 42.75 -11.23
N ARG A 423 17.13 42.28 -12.21
CA ARG A 423 17.74 40.96 -12.17
C ARG A 423 19.17 41.09 -11.68
N SER A 424 19.32 41.27 -10.37
CA SER A 424 20.61 41.38 -9.73
C SER A 424 20.59 40.54 -8.45
N LYS A 425 21.77 40.34 -7.86
CA LYS A 425 21.86 39.48 -6.68
C LYS A 425 21.67 40.27 -5.39
N LYS A 426 22.56 41.21 -5.10
CA LYS A 426 22.54 41.89 -3.82
C LYS A 426 22.71 43.40 -3.93
N LEU A 427 23.00 43.93 -5.12
CA LEU A 427 23.23 45.36 -5.21
C LEU A 427 22.34 46.02 -6.26
N PRO A 428 21.03 46.03 -6.08
CA PRO A 428 20.18 46.83 -6.97
C PRO A 428 20.10 48.26 -6.48
N LYS A 429 19.60 49.14 -7.35
CA LYS A 429 19.38 50.52 -6.93
C LYS A 429 17.92 50.68 -6.49
N ASP A 430 17.75 51.13 -5.25
CA ASP A 430 16.41 51.30 -4.67
C ASP A 430 15.84 52.63 -5.15
N LEU A 431 15.05 52.58 -6.21
CA LEU A 431 14.64 53.81 -6.90
C LEU A 431 13.15 54.07 -6.86
N TYR A 432 12.31 53.15 -7.34
CA TYR A 432 10.92 53.51 -7.56
C TYR A 432 10.04 52.27 -7.56
N ILE A 433 8.73 52.49 -7.37
CA ILE A 433 7.71 51.46 -7.47
C ILE A 433 6.51 52.07 -8.17
N ILE A 434 5.87 51.27 -9.03
CA ILE A 434 4.75 51.75 -9.83
C ILE A 434 3.51 50.89 -9.60
N PRO A 435 2.60 51.31 -8.71
CA PRO A 435 1.36 50.54 -8.48
C PRO A 435 0.23 50.94 -9.42
N TYR A 436 -0.95 50.34 -9.23
CA TYR A 436 -2.10 50.56 -10.08
C TYR A 436 -3.33 50.76 -9.19
N SER A 437 -4.51 50.80 -9.82
CA SER A 437 -5.75 51.02 -9.09
C SER A 437 -6.90 50.27 -9.77
N VAL A 438 -7.73 49.62 -8.96
CA VAL A 438 -8.95 48.96 -9.38
C VAL A 438 -10.04 49.29 -8.36
N SER A 439 -11.22 48.69 -8.54
CA SER A 439 -12.27 48.91 -7.55
C SER A 439 -13.39 47.86 -7.60
N PRO A 440 -13.11 46.57 -7.38
CA PRO A 440 -14.20 45.61 -7.21
C PRO A 440 -14.76 45.63 -5.80
N TYR A 441 -15.93 46.25 -5.58
CA TYR A 441 -16.46 46.31 -4.23
C TYR A 441 -17.13 45.00 -3.82
N PRO A 442 -18.18 44.52 -4.54
CA PRO A 442 -18.84 43.30 -4.09
C PRO A 442 -18.30 42.06 -4.77
N ASP A 443 -17.44 42.26 -5.77
CA ASP A 443 -16.89 41.13 -6.53
C ASP A 443 -16.03 40.20 -5.70
N PRO A 444 -14.96 40.67 -4.99
CA PRO A 444 -13.86 39.78 -4.60
C PRO A 444 -13.80 38.43 -5.30
N LEU A 445 -13.75 38.45 -6.62
CA LEU A 445 -13.67 37.24 -7.42
C LEU A 445 -12.23 36.85 -7.73
N VAL A 446 -11.27 37.51 -7.08
CA VAL A 446 -9.82 37.32 -7.23
C VAL A 446 -9.47 37.28 -8.71
N LEU A 447 -8.27 36.79 -9.05
CA LEU A 447 -7.80 36.65 -10.42
C LEU A 447 -7.58 38.02 -11.06
N LEU A 448 -7.93 39.08 -10.32
CA LEU A 448 -7.83 40.47 -10.78
C LEU A 448 -8.57 40.69 -12.10
N THR A 449 -9.50 39.81 -12.43
CA THR A 449 -10.25 39.86 -13.70
C THR A 449 -9.31 40.02 -14.89
N THR A 450 -9.28 41.22 -15.46
CA THR A 450 -8.42 41.50 -16.61
C THR A 450 -6.99 41.71 -16.13
N TYR A 451 -6.15 42.25 -17.01
CA TYR A 451 -4.74 42.52 -16.73
C TYR A 451 -3.99 41.22 -16.41
N ASP A 452 -4.02 40.31 -17.38
CA ASP A 452 -3.43 38.99 -17.23
C ASP A 452 -2.32 38.82 -18.26
N GLU A 453 -1.55 37.74 -18.10
CA GLU A 453 -0.41 37.49 -18.99
C GLU A 453 -0.86 37.27 -20.42
N LEU A 454 -1.81 36.35 -20.63
CA LEU A 454 -2.31 35.99 -21.95
C LEU A 454 -1.16 35.64 -22.91
N SER A 455 -0.45 34.58 -22.54
CA SER A 455 0.74 34.17 -23.32
C SER A 455 0.34 33.75 -24.73
N LYS A 456 -0.45 32.70 -24.85
CA LYS A 456 -0.79 32.13 -26.15
C LYS A 456 -2.29 31.98 -26.38
N ILE A 457 -3.07 31.68 -25.34
CA ILE A 457 -4.49 31.44 -25.51
C ILE A 457 -5.19 32.76 -25.79
N GLY A 458 -6.01 32.79 -26.84
CA GLY A 458 -6.72 33.99 -27.22
C GLY A 458 -5.86 34.96 -27.98
N GLU A 459 -4.76 35.40 -27.38
CA GLU A 459 -3.84 36.35 -28.00
C GLU A 459 -2.42 35.89 -27.73
N TYR A 460 -1.60 35.85 -28.78
CA TYR A 460 -0.29 35.22 -28.74
C TYR A 460 0.86 36.19 -28.58
N LEU A 461 0.58 37.45 -28.22
CA LEU A 461 1.67 38.42 -28.06
C LEU A 461 2.62 38.03 -26.94
N ALA A 462 2.15 37.19 -26.00
CA ALA A 462 2.95 36.67 -24.89
C ALA A 462 3.31 37.77 -23.90
N ASP A 463 2.92 39.01 -24.20
CA ASP A 463 3.05 40.13 -23.29
C ASP A 463 1.77 40.96 -23.25
N THR A 464 0.66 40.39 -23.68
CA THR A 464 -0.60 41.13 -23.73
C THR A 464 -1.05 41.52 -22.34
N THR A 465 -1.46 42.78 -22.20
CA THR A 465 -2.05 43.29 -20.97
C THR A 465 -2.86 44.53 -21.31
N LYS A 466 -3.98 44.71 -20.62
CA LYS A 466 -4.83 45.86 -20.87
C LYS A 466 -4.27 47.07 -20.12
N ALA A 467 -2.99 47.36 -20.34
CA ALA A 467 -2.27 48.40 -19.63
C ALA A 467 -2.00 49.60 -20.52
N ARG A 468 -2.91 49.85 -21.47
CA ARG A 468 -2.77 50.99 -22.36
C ARG A 468 -2.82 52.30 -21.58
N LYS A 469 -3.76 52.40 -20.64
CA LYS A 469 -3.86 53.58 -19.80
C LYS A 469 -2.86 53.57 -18.66
N ALA A 470 -2.18 52.45 -18.42
CA ALA A 470 -1.21 52.37 -17.33
C ALA A 470 -0.07 53.36 -17.49
N LEU A 471 0.16 53.87 -18.70
CA LEU A 471 1.18 54.88 -18.90
C LEU A 471 0.86 56.16 -18.15
N ASP A 472 -0.40 56.37 -17.77
CA ASP A 472 -0.79 57.57 -17.06
C ASP A 472 -1.38 57.24 -15.69
N ARG A 473 -1.73 55.96 -15.47
CA ARG A 473 -2.42 55.58 -14.25
C ARG A 473 -1.47 55.30 -13.09
N VAL A 474 -0.25 54.81 -13.36
CA VAL A 474 0.61 54.32 -12.29
C VAL A 474 1.11 55.46 -11.41
N TYR A 475 1.64 55.10 -10.25
CA TYR A 475 2.18 56.06 -9.28
C TYR A 475 3.69 56.01 -9.31
N LYS A 476 4.31 57.00 -8.67
CA LYS A 476 5.76 57.06 -8.49
C LYS A 476 6.07 57.02 -6.99
N PHE A 477 6.22 55.81 -6.46
CA PHE A 477 6.56 55.63 -5.06
C PHE A 477 8.05 55.38 -4.88
N HIS A 478 8.51 55.53 -3.65
CA HIS A 478 9.84 55.12 -3.23
C HIS A 478 9.71 54.07 -2.13
N TYR A 479 10.76 53.28 -1.96
CA TYR A 479 10.74 52.16 -1.03
C TYR A 479 11.45 52.55 0.26
N GLU A 480 10.68 52.75 1.33
CA GLU A 480 11.23 52.89 2.66
C GLU A 480 10.80 51.76 3.58
N ASN A 481 9.50 51.57 3.79
CA ASN A 481 8.97 50.47 4.59
C ASN A 481 7.52 50.22 4.17
N ASN A 482 7.31 49.19 3.36
CA ASN A 482 5.94 48.79 3.05
C ASN A 482 5.31 48.02 4.20
N ILE A 483 6.11 47.18 4.88
CA ILE A 483 5.72 46.36 6.03
C ILE A 483 4.30 45.82 5.88
N VAL A 484 3.34 46.37 6.63
CA VAL A 484 1.97 45.89 6.61
C VAL A 484 1.35 46.19 5.25
N PRO A 485 0.85 45.19 4.52
CA PRO A 485 0.28 45.44 3.20
C PRO A 485 -1.21 45.68 3.22
N LYS A 486 -1.64 46.66 2.43
CA LYS A 486 -3.05 46.94 2.19
C LYS A 486 -3.45 46.75 0.74
N GLU A 487 -2.49 46.68 -0.18
CA GLU A 487 -2.75 46.66 -1.61
C GLU A 487 -2.38 45.30 -2.19
N PHE A 488 -3.15 44.87 -3.19
CA PHE A 488 -2.95 43.55 -3.79
C PHE A 488 -1.71 43.56 -4.68
N ALA A 489 -0.90 42.52 -4.55
CA ALA A 489 0.41 42.47 -5.20
C ALA A 489 0.29 41.97 -6.63
N SER A 490 1.38 42.17 -7.39
CA SER A 490 1.47 41.76 -8.78
C SER A 490 2.81 41.07 -9.00
N TYR A 491 2.78 39.90 -9.63
CA TYR A 491 4.01 39.16 -9.93
C TYR A 491 4.25 39.03 -11.43
N ILE A 492 3.29 38.48 -12.17
CA ILE A 492 3.47 38.23 -13.60
C ILE A 492 2.41 38.99 -14.39
N TYR A 493 2.75 40.20 -14.81
CA TYR A 493 1.84 41.10 -15.52
C TYR A 493 0.49 41.17 -14.81
N PHE A 494 0.56 41.63 -13.55
CA PHE A 494 -0.60 41.79 -12.69
C PHE A 494 -1.24 40.45 -12.36
N LYS A 495 -2.30 40.47 -11.55
CA LYS A 495 -3.01 39.28 -11.08
C LYS A 495 -2.07 38.31 -10.36
N GLU A 496 -2.61 37.17 -9.92
CA GLU A 496 -1.88 36.11 -9.22
C GLU A 496 -1.54 36.54 -7.80
N LEU A 497 -1.77 37.82 -7.47
CA LEU A 497 -1.59 38.40 -6.15
C LEU A 497 -0.29 37.90 -5.51
N LYS A 498 -0.40 37.02 -4.52
CA LYS A 498 0.73 36.43 -3.79
C LYS A 498 1.86 37.42 -3.54
N LEU A 499 3.09 36.96 -3.76
CA LEU A 499 4.30 37.78 -3.59
C LEU A 499 4.34 38.41 -2.20
N PHE A 500 4.19 37.56 -1.19
CA PHE A 500 4.13 38.01 0.20
C PHE A 500 5.50 38.21 0.82
N SER A 501 6.58 37.84 0.14
CA SER A 501 7.93 38.06 0.63
C SER A 501 8.34 39.53 0.41
N ALA A 502 7.56 40.42 1.04
CA ALA A 502 7.64 41.86 0.87
C ALA A 502 7.31 42.25 -0.56
N PRO A 503 7.00 43.51 -0.84
CA PRO A 503 6.85 43.95 -2.23
C PRO A 503 8.21 44.24 -2.85
N PRO A 504 8.68 43.40 -3.76
CA PRO A 504 9.94 43.69 -4.45
C PRO A 504 9.84 44.99 -5.24
N GLU A 505 10.92 45.76 -5.23
CA GLU A 505 10.88 47.07 -5.86
C GLU A 505 10.80 46.93 -7.38
N TYR A 506 10.29 47.98 -8.02
CA TYR A 506 10.08 48.06 -9.47
C TYR A 506 8.85 47.24 -9.85
N GLU A 507 7.98 47.82 -10.67
CA GLU A 507 6.76 47.16 -11.14
C GLU A 507 5.82 46.82 -10.00
N LYS A 508 4.94 45.83 -10.22
CA LYS A 508 4.06 45.23 -9.23
C LYS A 508 3.10 46.22 -8.57
N ALA A 509 2.32 45.74 -7.61
CA ALA A 509 1.50 46.53 -6.69
C ALA A 509 0.26 47.12 -7.37
N ALA A 510 -0.84 47.19 -6.62
CA ALA A 510 -2.08 47.81 -7.10
C ALA A 510 -2.97 48.07 -5.89
N ALA A 511 -3.33 49.33 -5.68
CA ALA A 511 -4.15 49.74 -4.54
C ALA A 511 -5.51 50.23 -5.05
N ALA A 512 -6.58 49.81 -4.38
CA ALA A 512 -7.93 50.01 -4.87
C ALA A 512 -8.66 51.13 -4.14
N ALA A 513 -8.76 51.05 -2.82
CA ALA A 513 -9.59 52.00 -2.08
C ALA A 513 -8.81 53.26 -1.69
N ALA A 514 -7.52 53.14 -1.40
CA ALA A 514 -6.75 54.26 -0.89
C ALA A 514 -6.60 55.39 -1.89
N ALA A 515 -6.78 55.12 -3.18
CA ALA A 515 -6.66 56.16 -4.20
C ALA A 515 -7.79 57.17 -4.05
N ALA A 516 -7.45 58.45 -4.17
CA ALA A 516 -8.43 59.52 -4.09
C ALA A 516 -7.97 60.69 -4.95
N ALA A 517 -8.93 61.53 -5.34
CA ALA A 517 -8.61 62.69 -6.16
C ALA A 517 -7.72 63.69 -5.41
N ALA A 518 -8.02 63.91 -4.12
CA ALA A 518 -7.24 64.86 -3.34
C ALA A 518 -5.80 64.39 -3.18
N ALA A 519 -5.60 63.16 -2.71
CA ALA A 519 -4.27 62.60 -2.50
C ALA A 519 -4.42 61.12 -2.20
N ALA A 520 -3.28 60.42 -2.17
CA ALA A 520 -3.22 59.01 -1.82
C ALA A 520 -2.45 58.86 -0.52
N ALA A 521 -3.07 58.21 0.46
CA ALA A 521 -2.46 58.06 1.78
C ALA A 521 -2.87 56.70 2.34
N ALA A 522 -2.57 56.49 3.62
CA ALA A 522 -2.91 55.23 4.29
C ALA A 522 -3.95 55.46 5.38
N ALA A 523 24.44 74.32 20.87
CA ALA A 523 23.97 73.18 21.67
C ALA A 523 24.72 73.09 22.99
N ALA A 524 24.23 73.83 23.98
CA ALA A 524 24.78 73.96 25.33
C ALA A 524 26.19 73.41 25.51
N ALA A 525 26.30 72.28 26.21
CA ALA A 525 27.62 71.70 26.48
C ALA A 525 28.29 71.20 25.21
N ALA A 526 27.51 70.64 24.27
CA ALA A 526 28.10 70.10 23.05
C ALA A 526 28.79 71.19 22.24
N ALA A 527 28.15 72.34 22.11
CA ALA A 527 28.82 73.47 21.46
C ALA A 527 29.88 74.08 22.37
N ALA A 528 29.71 73.93 23.68
CA ALA A 528 30.66 74.53 24.62
C ALA A 528 32.02 73.84 24.60
N ALA A 529 32.05 72.53 24.34
CA ALA A 529 33.29 71.78 24.55
C ALA A 529 34.08 71.57 23.27
N ALA A 530 33.53 70.79 22.33
CA ALA A 530 34.35 70.31 21.21
C ALA A 530 33.54 69.90 20.00
N ALA A 531 34.17 69.16 19.09
CA ALA A 531 33.61 68.85 17.77
C ALA A 531 34.05 67.47 17.30
N ALA A 532 33.97 67.23 16.00
CA ALA A 532 34.35 65.95 15.36
C ALA A 532 33.43 64.82 15.80
N ALA A 533 32.18 64.91 15.36
CA ALA A 533 31.12 63.95 15.64
C ALA A 533 30.87 63.05 14.42
N ALA A 534 29.80 62.26 14.49
CA ALA A 534 29.43 61.35 13.41
C ALA A 534 27.91 61.19 13.42
N ALA A 535 27.41 60.20 12.70
CA ALA A 535 25.99 59.92 12.59
C ALA A 535 25.73 58.43 12.79
N ALA A 536 24.44 58.08 12.83
CA ALA A 536 23.96 56.70 12.94
C ALA A 536 24.25 56.10 14.31
N ALA A 537 23.38 55.20 14.77
CA ALA A 537 23.52 54.57 16.08
C ALA A 537 22.87 53.20 16.04
N ALA A 538 22.91 52.51 17.18
CA ALA A 538 22.40 51.15 17.29
C ALA A 538 21.23 51.03 18.27
N ALA A 539 21.39 51.53 19.49
CA ALA A 539 20.32 51.44 20.48
C ALA A 539 19.08 52.20 20.01
N ALA A 540 19.27 53.38 19.44
CA ALA A 540 18.17 54.16 18.88
C ALA A 540 18.71 54.93 17.69
N ALA A 541 18.02 54.82 16.55
CA ALA A 541 18.46 55.49 15.34
C ALA A 541 18.50 57.00 15.54
N ALA A 542 19.70 57.56 15.60
CA ALA A 542 19.90 58.98 15.85
C ALA A 542 21.37 59.29 15.59
N ALA A 543 21.74 60.55 15.84
CA ALA A 543 23.11 61.01 15.66
C ALA A 543 23.87 60.95 16.98
N ILE A 544 25.20 61.01 16.87
CA ILE A 544 26.08 61.01 18.03
C ILE A 544 27.02 62.21 17.91
N ASP A 545 27.30 62.84 19.04
CA ASP A 545 28.21 64.00 19.07
C ASP A 545 28.87 64.01 20.45
N ALA A 546 30.11 63.54 20.49
CA ALA A 546 30.85 63.43 21.75
C ALA A 546 31.61 64.72 21.99
N LYS A 547 31.17 65.51 22.98
CA LYS A 547 31.97 66.64 23.44
C LYS A 547 33.34 66.15 23.89
N TYR A 548 33.36 65.14 24.76
CA TYR A 548 34.50 64.23 24.88
C TYR A 548 34.10 62.77 24.95
N TYR A 549 32.90 62.45 25.39
CA TYR A 549 32.37 61.09 25.43
C TYR A 549 30.93 61.08 24.95
N ASN A 550 30.61 60.09 24.10
CA ASN A 550 29.26 59.77 23.64
C ASN A 550 28.31 60.96 23.57
N SER A 551 27.40 61.06 24.53
CA SER A 551 26.45 62.17 24.63
C SER A 551 25.59 62.28 23.36
N GLU A 552 24.85 61.22 23.07
CA GLU A 552 23.96 61.22 21.92
C GLU A 552 22.78 62.16 22.17
N LEU A 553 21.86 62.20 21.19
CA LEU A 553 20.72 63.09 21.24
C LEU A 553 19.75 62.70 22.34
N ALA A 554 19.60 63.50 23.42
CA ALA A 554 18.43 63.42 24.32
C ALA A 554 17.37 64.45 23.93
N ALA A 555 16.91 64.34 22.68
CA ALA A 555 15.89 65.26 22.16
C ALA A 555 15.31 64.66 20.89
N ALA A 556 14.32 65.37 20.32
CA ALA A 556 13.71 65.08 19.02
C ALA A 556 12.71 63.94 19.08
N ALA A 557 11.96 63.75 18.00
CA ALA A 557 10.94 62.71 17.97
C ALA A 557 11.57 61.31 17.96
N ALA A 558 12.84 61.20 17.60
CA ALA A 558 13.52 59.92 17.75
C ALA A 558 13.59 59.52 19.22
N ALA A 559 14.02 60.44 20.09
CA ALA A 559 13.99 60.17 21.52
C ALA A 559 12.57 60.07 22.04
N ALA A 560 11.62 60.77 21.41
CA ALA A 560 10.23 60.63 21.82
C ALA A 560 9.73 59.21 21.58
N ALA A 561 10.05 58.64 20.41
CA ALA A 561 9.68 57.26 20.12
C ALA A 561 10.43 56.29 21.02
N ALA A 562 11.71 56.56 21.30
CA ALA A 562 12.46 55.71 22.22
C ALA A 562 11.86 55.77 23.62
N ALA A 563 11.22 56.88 23.98
CA ALA A 563 10.60 57.03 25.28
C ALA A 563 9.38 56.15 25.46
N ALA A 564 8.88 55.53 24.39
CA ALA A 564 7.80 54.56 24.53
C ALA A 564 8.19 53.44 25.48
N ALA A 565 9.48 53.09 25.50
CA ALA A 565 10.03 52.18 26.50
C ALA A 565 11.05 52.84 27.41
N ALA A 566 11.27 54.15 27.27
CA ALA A 566 12.26 54.85 28.07
C ALA A 566 11.76 56.22 28.52
N ALA A 567 10.46 56.35 28.77
CA ALA A 567 9.91 57.64 29.23
C ALA A 567 10.50 58.02 30.58
N ALA A 568 10.80 57.03 31.42
CA ALA A 568 11.38 57.30 32.72
C ALA A 568 12.86 57.66 32.59
N ALA A 569 13.54 57.73 33.73
CA ALA A 569 14.96 58.04 33.81
C ALA A 569 15.30 59.39 33.18
N ALA A 570 14.33 60.31 33.21
CA ALA A 570 14.52 61.68 32.72
C ALA A 570 15.02 61.70 31.27
N ALA A 571 14.46 60.83 30.45
CA ALA A 571 14.79 60.77 29.01
C ALA A 571 16.28 60.58 28.78
N ALA A 572 16.89 59.67 29.54
CA ALA A 572 18.30 59.34 29.42
C ALA A 572 19.20 60.57 29.58
N PHE B 1 60.36 39.26 -24.28
CA PHE B 1 59.52 38.74 -23.21
C PHE B 1 60.02 39.18 -21.85
N ASN B 2 59.24 40.02 -21.16
CA ASN B 2 59.64 40.50 -19.85
C ASN B 2 59.70 39.36 -18.84
N GLU B 3 58.76 38.40 -18.95
CA GLU B 3 58.72 37.17 -18.16
C GLU B 3 58.98 37.44 -16.67
N PHE B 4 58.03 38.18 -16.08
CA PHE B 4 58.14 38.54 -14.67
C PHE B 4 58.24 37.29 -13.79
N LYS B 5 59.21 37.30 -12.90
CA LYS B 5 59.34 36.26 -11.89
C LYS B 5 58.54 36.65 -10.65
N THR B 6 58.07 35.63 -9.94
CA THR B 6 57.21 35.85 -8.78
C THR B 6 57.88 35.22 -7.57
N PRO B 7 57.97 35.93 -6.45
CA PRO B 7 58.70 35.39 -5.28
C PRO B 7 58.12 34.08 -4.79
N GLN B 8 59.00 33.15 -4.42
CA GLN B 8 58.62 31.82 -3.96
C GLN B 8 58.59 31.83 -2.43
N ILE B 9 57.40 32.05 -1.86
CA ILE B 9 57.26 32.13 -0.42
C ILE B 9 56.18 31.17 0.07
N ASP B 10 54.99 31.25 -0.53
CA ASP B 10 53.84 30.45 -0.08
C ASP B 10 52.89 30.26 -1.25
N PRO B 11 52.65 29.01 -1.68
CA PRO B 11 51.90 28.78 -2.93
C PRO B 11 50.50 29.37 -2.95
N ILE B 12 50.04 29.93 -1.83
CA ILE B 12 48.79 30.66 -1.79
C ILE B 12 49.00 32.15 -1.97
N PHE B 13 49.87 32.74 -1.16
CA PHE B 13 50.25 34.14 -1.38
C PHE B 13 51.00 34.30 -2.69
N ASP B 14 51.86 33.32 -3.02
CA ASP B 14 52.51 33.31 -4.33
C ASP B 14 51.47 33.36 -5.44
N LEU B 15 50.41 32.55 -5.32
CA LEU B 15 49.34 32.59 -6.30
C LEU B 15 48.67 33.95 -6.34
N TYR B 16 48.41 34.55 -5.17
CA TYR B 16 47.75 35.85 -5.15
C TYR B 16 48.56 36.91 -5.88
N VAL B 17 49.85 36.99 -5.60
CA VAL B 17 50.66 38.03 -6.22
C VAL B 17 50.85 37.75 -7.70
N ALA B 18 51.15 36.50 -8.07
CA ALA B 18 51.29 36.15 -9.48
C ALA B 18 49.98 36.26 -10.24
N TYR B 19 48.86 36.26 -9.53
CA TYR B 19 47.54 36.25 -10.13
C TYR B 19 46.91 37.63 -10.14
N GLY B 20 47.51 38.57 -9.40
CA GLY B 20 47.20 39.99 -9.54
C GLY B 20 48.16 40.68 -10.49
N TYR B 21 49.30 40.04 -10.77
CA TYR B 21 50.17 40.52 -11.84
C TYR B 21 49.39 40.72 -13.14
N VAL B 22 48.47 39.81 -13.44
CA VAL B 22 47.76 39.87 -14.71
C VAL B 22 46.89 41.12 -14.78
N VAL B 23 46.16 41.44 -13.70
CA VAL B 23 45.33 42.64 -13.72
C VAL B 23 46.21 43.89 -13.72
N SER B 24 47.36 43.84 -13.06
CA SER B 24 48.28 44.97 -13.12
C SER B 24 48.75 45.21 -14.55
N LEU B 25 49.05 44.14 -15.28
CA LEU B 25 49.44 44.28 -16.68
C LEU B 25 48.28 44.79 -17.53
N ILE B 26 47.08 44.25 -17.31
CA ILE B 26 45.92 44.63 -18.12
C ILE B 26 45.62 46.10 -17.95
N ARG B 27 45.62 46.60 -16.72
CA ARG B 27 45.37 48.02 -16.49
C ARG B 27 46.45 48.90 -17.10
N GLY B 28 47.64 48.35 -17.35
CA GLY B 28 48.68 49.08 -18.04
C GLY B 28 48.73 48.76 -19.51
N GLY B 29 47.96 47.75 -19.93
CA GLY B 29 47.98 47.28 -21.30
C GLY B 29 48.51 45.87 -21.41
N ALA B 30 49.70 45.71 -21.99
CA ALA B 30 50.43 44.44 -22.00
C ALA B 30 49.61 43.33 -22.66
N LYS B 31 49.35 43.50 -23.96
CA LYS B 31 48.65 42.48 -24.71
C LYS B 31 49.49 41.20 -24.81
N GLU B 32 48.80 40.08 -24.96
CA GLU B 32 49.42 38.76 -25.09
C GLU B 32 50.29 38.44 -23.86
N ALA B 33 49.61 38.33 -22.72
CA ALA B 33 50.24 37.94 -21.46
C ALA B 33 49.72 36.58 -21.04
N THR B 34 50.62 35.70 -20.60
CA THR B 34 50.26 34.34 -20.23
C THR B 34 50.88 33.98 -18.89
N LEU B 35 50.34 32.94 -18.26
CA LEU B 35 50.80 32.47 -16.96
C LEU B 35 51.20 31.01 -17.06
N ILE B 36 52.46 30.72 -16.76
CA ILE B 36 52.98 29.36 -16.72
C ILE B 36 53.11 28.95 -15.25
N PRO B 37 52.42 27.91 -14.80
CA PRO B 37 52.58 27.45 -13.41
C PRO B 37 53.86 26.64 -13.26
N HIS B 38 54.63 26.97 -12.23
CA HIS B 38 55.87 26.25 -11.90
C HIS B 38 55.71 25.48 -10.60
N GLY B 39 54.53 24.90 -10.39
CA GLY B 39 54.24 24.22 -9.14
C GLY B 39 53.77 25.18 -8.07
N ALA B 40 54.66 26.12 -7.69
CA ALA B 40 54.30 27.17 -6.76
C ALA B 40 54.73 28.56 -7.19
N SER B 41 55.74 28.68 -8.05
CA SER B 41 56.23 30.01 -8.45
C SER B 41 55.18 30.76 -9.25
N TYR B 42 54.52 30.08 -10.18
CA TYR B 42 53.49 30.68 -11.04
C TYR B 42 54.05 31.88 -11.81
N LEU B 43 55.00 31.58 -12.69
CA LEU B 43 55.64 32.62 -13.47
C LEU B 43 54.68 33.18 -14.51
N ILE B 44 54.92 34.42 -14.92
CA ILE B 44 54.10 35.11 -15.92
C ILE B 44 55.01 35.60 -17.04
N GLN B 45 54.63 35.31 -18.27
CA GLN B 45 55.37 35.73 -19.46
C GLN B 45 54.58 36.80 -20.19
N THR B 46 55.25 37.91 -20.51
CA THR B 46 54.61 39.03 -21.19
C THR B 46 55.69 39.90 -21.82
N ASP B 47 55.24 40.84 -22.65
CA ASP B 47 56.12 41.76 -23.35
C ASP B 47 56.01 43.19 -22.83
N VAL B 48 55.67 43.37 -21.56
CA VAL B 48 55.45 44.70 -21.01
C VAL B 48 56.78 45.26 -20.49
N SER B 49 56.81 46.58 -20.33
CA SER B 49 57.95 47.25 -19.73
C SER B 49 57.70 47.45 -18.23
N ASN B 50 58.80 47.66 -17.49
CA ASN B 50 58.68 47.83 -16.05
C ASN B 50 57.90 49.09 -15.70
N GLU B 51 58.13 50.18 -16.43
CA GLU B 51 57.40 51.42 -16.17
C GLU B 51 55.92 51.25 -16.48
N GLU B 52 55.59 50.53 -17.56
CA GLU B 52 54.20 50.26 -17.88
C GLU B 52 53.54 49.39 -16.81
N PHE B 53 54.27 48.41 -16.30
CA PHE B 53 53.77 47.60 -15.19
C PHE B 53 53.50 48.45 -13.97
N ARG B 54 54.41 49.38 -13.67
CA ARG B 54 54.21 50.27 -12.53
C ARG B 54 52.99 51.17 -12.74
N HIS B 55 52.79 51.65 -13.97
CA HIS B 55 51.62 52.47 -14.26
C HIS B 55 50.34 51.67 -14.06
N GLY B 56 50.31 50.43 -14.53
CA GLY B 56 49.15 49.59 -14.29
C GLY B 56 48.91 49.35 -12.82
N LEU B 57 49.98 49.11 -12.06
CA LEU B 57 49.85 48.88 -10.64
C LEU B 57 49.31 50.11 -9.92
N VAL B 58 49.81 51.30 -10.28
CA VAL B 58 49.31 52.51 -9.61
C VAL B 58 47.87 52.78 -10.02
N ASP B 59 47.48 52.43 -11.25
CA ASP B 59 46.08 52.54 -11.62
C ASP B 59 45.21 51.63 -10.77
N ALA B 60 45.65 50.39 -10.56
CA ALA B 60 44.89 49.46 -9.72
C ALA B 60 44.79 49.96 -8.29
N LEU B 61 45.90 50.47 -7.76
CA LEU B 61 45.88 51.01 -6.39
C LEU B 61 44.99 52.23 -6.29
N SER B 62 44.99 53.10 -7.31
CA SER B 62 44.11 54.26 -7.31
C SER B 62 42.65 53.84 -7.29
N SER B 63 42.28 52.86 -8.12
CA SER B 63 40.91 52.38 -8.12
C SER B 63 40.54 51.78 -6.76
N MET B 64 41.44 50.99 -6.18
CA MET B 64 41.16 50.35 -4.89
C MET B 64 41.00 51.39 -3.79
N LEU B 65 41.87 52.39 -3.75
CA LEU B 65 41.75 53.42 -2.72
C LEU B 65 40.51 54.28 -2.93
N SER B 66 40.17 54.58 -4.18
CA SER B 66 38.94 55.32 -4.46
C SER B 66 37.73 54.55 -3.96
N LEU B 67 37.72 53.23 -4.16
CA LEU B 67 36.66 52.42 -3.59
C LEU B 67 36.68 52.45 -2.07
N HIS B 68 37.88 52.44 -1.47
CA HIS B 68 37.98 52.42 -0.02
C HIS B 68 37.43 53.70 0.60
N ILE B 69 37.72 54.85 -0.01
CA ILE B 69 37.26 56.12 0.54
C ILE B 69 35.73 56.21 0.56
N ALA B 70 35.06 55.37 -0.22
CA ALA B 70 33.59 55.41 -0.26
C ALA B 70 32.97 55.12 1.09
N LEU B 71 33.68 54.41 1.97
CA LEU B 71 33.17 54.08 3.30
C LEU B 71 34.18 54.53 4.35
N ALA B 72 33.65 54.90 5.51
CA ALA B 72 34.49 55.36 6.62
C ALA B 72 33.90 54.94 7.96
N LYS B 81 42.42 57.24 11.13
CA LYS B 81 41.91 55.87 11.16
C LYS B 81 40.64 55.74 10.34
N LEU B 82 40.75 55.20 9.14
CA LEU B 82 39.63 55.03 8.23
C LEU B 82 39.36 53.54 8.06
N VAL B 83 38.13 53.12 8.32
CA VAL B 83 37.70 51.73 8.19
C VAL B 83 36.56 51.68 7.19
N SER B 84 36.72 50.85 6.16
CA SER B 84 35.71 50.70 5.12
C SER B 84 35.22 49.26 5.08
N ASP B 85 33.95 49.10 4.69
CA ASP B 85 33.37 47.77 4.54
C ASP B 85 33.60 47.22 3.13
N ALA B 86 34.86 47.21 2.72
CA ALA B 86 35.25 46.72 1.40
C ALA B 86 35.96 45.38 1.53
N ASP B 87 36.34 44.81 0.38
CA ASP B 87 36.97 43.50 0.36
C ASP B 87 38.32 43.52 1.08
N PHE B 88 39.13 44.54 0.82
CA PHE B 88 40.50 44.61 1.32
C PHE B 88 40.64 45.48 2.56
N SER B 89 39.53 45.93 3.15
CA SER B 89 39.58 46.73 4.36
C SER B 89 38.98 45.99 5.56
N ALA B 90 37.70 45.61 5.49
CA ALA B 90 37.07 44.89 6.59
C ALA B 90 36.21 43.71 6.16
N GLY B 91 35.86 43.57 4.89
CA GLY B 91 35.01 42.46 4.49
C GLY B 91 35.68 41.12 4.62
N ALA B 92 36.97 41.04 4.28
CA ALA B 92 37.73 39.81 4.38
C ALA B 92 38.72 39.79 5.52
N ASN B 93 39.17 40.96 5.99
CA ASN B 93 40.14 41.03 7.07
C ASN B 93 39.43 40.79 8.40
N ILE B 94 39.69 39.63 9.01
CA ILE B 94 39.03 39.29 10.27
C ILE B 94 39.65 40.02 11.46
N ASN B 95 40.89 40.50 11.33
CA ASN B 95 41.55 41.21 12.41
C ASN B 95 41.27 42.71 12.30
N ASN B 96 40.99 43.34 13.45
CA ASN B 96 40.60 44.74 13.44
C ASN B 96 41.78 45.65 13.08
N VAL B 97 42.99 45.27 13.50
CA VAL B 97 44.15 46.14 13.25
C VAL B 97 44.43 46.24 11.76
N TYR B 98 44.24 45.15 11.02
CA TYR B 98 44.47 45.20 9.58
C TYR B 98 43.51 46.14 8.86
N TRP B 99 42.31 46.37 9.42
CA TRP B 99 41.36 47.27 8.80
C TRP B 99 41.96 48.65 8.57
N ASP B 100 42.84 49.09 9.47
CA ASP B 100 43.55 50.35 9.28
C ASP B 100 44.94 50.15 8.71
N SER B 101 45.57 49.00 8.97
CA SER B 101 46.93 48.78 8.48
C SER B 101 46.98 48.69 6.97
N VAL B 102 46.06 47.92 6.37
CA VAL B 102 46.11 47.70 4.93
C VAL B 102 45.93 48.98 4.13
N PRO B 103 44.93 49.84 4.41
CA PRO B 103 44.82 51.08 3.63
C PRO B 103 46.05 51.96 3.74
N ARG B 104 46.66 52.02 4.93
CA ARG B 104 47.88 52.81 5.09
C ARG B 104 49.00 52.26 4.23
N ASN B 105 49.16 50.94 4.20
CA ASN B 105 50.18 50.33 3.35
C ASN B 105 49.92 50.63 1.88
N LEU B 106 48.66 50.51 1.46
CA LEU B 106 48.33 50.74 0.05
C LEU B 106 48.58 52.19 -0.35
N GLU B 107 48.20 53.15 0.50
CA GLU B 107 48.45 54.55 0.16
C GLU B 107 49.93 54.87 0.22
N LYS B 108 50.69 54.21 1.10
CA LYS B 108 52.13 54.36 1.09
C LYS B 108 52.73 53.87 -0.21
N LEU B 109 52.24 52.72 -0.71
CA LEU B 109 52.68 52.22 -2.00
C LEU B 109 52.34 53.19 -3.11
N MET B 110 51.14 53.76 -3.08
CA MET B 110 50.75 54.75 -4.07
C MET B 110 51.69 55.94 -4.07
N LYS B 111 51.97 56.48 -2.87
CA LYS B 111 52.84 57.64 -2.76
C LYS B 111 54.25 57.32 -3.25
N ASP B 112 54.76 56.14 -2.90
CA ASP B 112 56.11 55.77 -3.31
C ASP B 112 56.20 55.59 -4.82
N LEU B 113 55.22 54.92 -5.42
CA LEU B 113 55.30 54.60 -6.84
C LEU B 113 55.03 55.83 -7.70
N GLU B 114 54.11 56.71 -7.26
CA GLU B 114 53.80 57.89 -8.05
C GLU B 114 54.98 58.85 -8.15
N LYS B 115 55.95 58.74 -7.24
CA LYS B 115 57.17 59.54 -7.30
C LYS B 115 58.32 58.78 -7.93
N LYS B 116 58.04 57.70 -8.65
CA LYS B 116 59.06 56.86 -9.29
C LYS B 116 60.09 56.38 -8.27
N ARG B 117 59.61 56.02 -7.09
CA ARG B 117 60.46 55.54 -5.99
C ARG B 117 60.07 54.13 -5.63
N SER B 118 61.01 53.20 -5.74
CA SER B 118 60.76 51.83 -5.33
C SER B 118 60.64 51.76 -3.81
N VAL B 119 59.72 50.90 -3.34
CA VAL B 119 59.51 50.78 -1.90
C VAL B 119 60.75 50.15 -1.28
N LYS B 120 61.09 50.60 -0.07
CA LYS B 120 62.29 50.16 0.63
C LYS B 120 61.98 49.59 2.01
N GLY B 121 60.75 49.10 2.23
CA GLY B 121 60.36 48.55 3.51
C GLY B 121 59.73 47.18 3.37
N THR B 122 59.53 46.52 4.51
CA THR B 122 58.84 45.24 4.59
C THR B 122 57.73 45.35 5.61
N ALA B 123 56.66 44.57 5.43
CA ALA B 123 55.49 44.65 6.28
C ALA B 123 54.97 43.27 6.60
N THR B 124 54.21 43.18 7.69
CA THR B 124 53.59 41.93 8.08
C THR B 124 52.55 41.50 7.05
N ILE B 125 52.43 40.20 6.85
CA ILE B 125 51.45 39.62 5.94
C ILE B 125 50.27 39.13 6.77
N PRO B 126 49.03 39.46 6.40
CA PRO B 126 47.88 38.97 7.15
C PRO B 126 47.56 37.51 6.81
N ILE B 127 46.77 36.89 7.67
CA ILE B 127 46.34 35.52 7.43
C ILE B 127 45.39 35.43 6.24
N THR B 128 44.75 36.55 5.87
CA THR B 128 43.83 36.53 4.74
C THR B 128 44.53 36.22 3.43
N LEU B 129 45.68 36.87 3.19
CA LEU B 129 46.39 36.63 1.93
C LEU B 129 47.06 35.27 1.90
N MET B 130 47.46 34.75 3.05
CA MET B 130 48.06 33.42 3.10
C MET B 130 47.72 32.75 4.43
N PRO B 131 46.80 31.79 4.42
CA PRO B 131 46.44 31.10 5.67
C PRO B 131 47.59 30.34 6.28
N SER B 132 48.61 29.98 5.49
CA SER B 132 49.78 29.31 6.03
C SER B 132 50.54 30.18 7.02
N ALA B 133 50.34 31.49 6.98
CA ALA B 133 50.97 32.41 7.91
C ALA B 133 50.19 32.44 9.23
N GLY B 134 50.51 33.40 10.08
CA GLY B 134 49.83 33.54 11.35
C GLY B 134 50.56 34.44 12.32
N LYS B 135 50.74 33.98 13.55
CA LYS B 135 51.44 34.75 14.57
C LYS B 135 52.72 34.10 15.06
N TYR B 136 52.84 32.78 14.99
CA TYR B 136 53.98 32.08 15.55
C TYR B 136 54.56 31.11 14.53
N MET B 137 55.88 30.96 14.56
CA MET B 137 56.59 30.02 13.71
C MET B 137 57.58 29.23 14.53
N LEU B 138 57.56 27.91 14.40
CA LEU B 138 58.45 27.04 15.17
C LEU B 138 59.86 27.11 14.60
N LYS B 139 60.79 27.72 15.34
CA LYS B 139 62.15 27.84 14.83
C LYS B 139 62.95 26.57 15.08
N HIS B 140 63.30 26.31 16.35
CA HIS B 140 63.94 25.06 16.72
C HIS B 140 63.21 24.38 17.87
N PHE B 141 62.97 25.15 18.94
CA PHE B 141 62.40 24.65 20.19
C PHE B 141 61.42 25.65 20.76
N GLY B 142 60.59 26.22 19.90
CA GLY B 142 59.61 27.20 20.30
C GLY B 142 59.26 28.10 19.14
N VAL B 143 58.55 29.17 19.46
CA VAL B 143 58.03 30.08 18.45
C VAL B 143 58.80 31.39 18.51
N GLN B 144 58.54 32.26 17.53
CA GLN B 144 59.16 33.57 17.45
C GLN B 144 58.14 34.64 17.81
N GLY B 145 58.57 35.61 18.63
CA GLY B 145 57.69 36.66 19.05
C GLY B 145 57.29 37.58 17.91
N GLY B 146 56.22 38.35 18.14
CA GLY B 146 55.68 39.17 17.07
C GLY B 146 55.13 38.31 15.95
N ASN B 147 55.25 38.80 14.73
CA ASN B 147 54.90 38.02 13.54
C ASN B 147 56.15 37.76 12.73
N PRO B 148 56.71 36.55 12.76
CA PRO B 148 58.01 36.30 12.12
C PRO B 148 58.00 36.56 10.62
N ILE B 149 56.90 36.27 9.95
CA ILE B 149 56.85 36.34 8.50
C ILE B 149 56.62 37.79 8.08
N LYS B 150 57.44 38.27 7.13
CA LYS B 150 57.29 39.59 6.56
C LYS B 150 57.46 39.51 5.05
N VAL B 151 56.83 40.44 4.34
CA VAL B 151 56.82 40.46 2.88
C VAL B 151 57.15 41.88 2.43
N ASP B 152 57.87 41.99 1.31
CA ASP B 152 58.12 43.28 0.71
C ASP B 152 56.79 43.93 0.32
N LEU B 153 56.73 45.25 0.47
CA LEU B 153 55.46 45.96 0.26
C LEU B 153 54.97 45.86 -1.17
N LEU B 154 55.87 45.75 -2.14
CA LEU B 154 55.44 45.68 -3.54
C LEU B 154 54.63 44.42 -3.81
N ASN B 155 55.18 43.25 -3.45
CA ASN B 155 54.45 42.01 -3.62
C ASN B 155 53.22 41.95 -2.73
N TYR B 156 53.30 42.54 -1.55
CA TYR B 156 52.14 42.63 -0.66
C TYR B 156 50.98 43.35 -1.33
N ALA B 157 51.27 44.52 -1.91
CA ALA B 157 50.24 45.29 -2.60
C ALA B 157 49.73 44.57 -3.83
N LEU B 158 50.63 43.91 -4.58
CA LEU B 158 50.21 43.18 -5.77
C LEU B 158 49.26 42.03 -5.42
N ALA B 159 49.60 41.29 -4.37
CA ALA B 159 48.73 40.21 -3.93
C ALA B 159 47.40 40.74 -3.43
N TRP B 160 47.42 41.88 -2.74
CA TRP B 160 46.16 42.49 -2.30
C TRP B 160 45.30 42.90 -3.49
N VAL B 161 45.92 43.45 -4.53
CA VAL B 161 45.18 43.82 -5.74
C VAL B 161 44.55 42.58 -6.35
N GLY B 162 45.33 41.50 -6.46
CA GLY B 162 44.78 40.27 -7.03
C GLY B 162 43.62 39.73 -6.21
N PHE B 163 43.78 39.70 -4.89
CA PHE B 163 42.72 39.19 -4.01
C PHE B 163 41.46 40.03 -4.13
N HIS B 164 41.61 41.36 -4.17
CA HIS B 164 40.43 42.22 -4.24
C HIS B 164 39.74 42.11 -5.59
N TYR B 165 40.51 41.99 -6.68
CA TYR B 165 39.93 42.04 -8.01
C TYR B 165 39.44 40.70 -8.51
N TYR B 166 40.00 39.59 -8.05
CA TYR B 166 39.77 38.30 -8.69
C TYR B 166 39.10 37.27 -7.79
N THR B 167 39.58 37.08 -6.57
CA THR B 167 39.14 35.96 -5.77
C THR B 167 37.78 36.27 -5.14
N PRO B 168 36.76 35.47 -5.40
CA PRO B 168 35.48 35.66 -4.71
C PRO B 168 35.55 35.21 -3.27
N TYR B 169 34.67 35.77 -2.44
CA TYR B 169 34.60 35.42 -1.03
C TYR B 169 33.21 35.75 -0.51
N ILE B 170 32.92 35.24 0.68
CA ILE B 170 31.59 35.38 1.29
C ILE B 170 31.78 35.66 2.77
N LYS B 171 31.02 36.61 3.30
CA LYS B 171 31.00 36.92 4.73
C LYS B 171 29.60 36.75 5.27
N TYR B 172 29.47 35.96 6.35
CA TYR B 172 28.21 35.76 7.03
C TYR B 172 28.40 36.13 8.50
N ALA B 173 27.57 37.05 8.99
CA ALA B 173 27.77 37.57 10.34
C ALA B 173 27.18 36.66 11.41
N LYS B 174 25.86 36.52 11.41
CA LYS B 174 25.13 35.76 12.44
C LYS B 174 25.55 36.22 13.84
N GLY B 175 25.23 37.48 14.13
CA GLY B 175 25.42 38.09 15.44
C GLY B 175 26.89 38.21 15.82
N ASP B 176 27.25 37.75 17.03
CA ASP B 176 28.57 38.00 17.58
C ASP B 176 29.67 37.37 16.73
N THR B 177 29.46 36.13 16.29
CA THR B 177 30.48 35.44 15.52
C THR B 177 30.57 36.02 14.11
N THR B 178 31.43 35.42 13.29
CA THR B 178 31.61 35.86 11.90
C THR B 178 32.34 34.77 11.14
N TRP B 179 31.80 34.40 9.98
CA TRP B 179 32.43 33.43 9.09
C TRP B 179 32.81 34.11 7.79
N ILE B 180 34.03 33.87 7.33
CA ILE B 180 34.52 34.41 6.07
C ILE B 180 35.08 33.25 5.26
N HIS B 181 34.37 32.88 4.19
CA HIS B 181 34.84 31.88 3.24
C HIS B 181 35.61 32.58 2.13
N ILE B 182 36.83 32.13 1.87
CA ILE B 182 37.67 32.70 0.84
C ILE B 182 38.03 31.61 -0.17
N TYR B 183 37.80 31.90 -1.44
CA TYR B 183 38.04 30.96 -2.53
C TYR B 183 39.01 31.58 -3.53
N GLN B 184 39.99 30.79 -3.96
CA GLN B 184 40.89 31.20 -5.03
C GLN B 184 40.96 30.09 -6.07
N ILE B 185 40.84 30.46 -7.33
CA ILE B 185 40.82 29.49 -8.42
C ILE B 185 42.22 29.43 -9.02
N ALA B 186 42.81 28.23 -9.01
CA ALA B 186 44.18 28.03 -9.46
C ALA B 186 44.20 27.27 -10.77
N PRO B 187 44.77 27.84 -11.83
CA PRO B 187 45.03 27.05 -13.04
C PRO B 187 46.13 26.03 -12.78
N VAL B 188 46.11 24.96 -13.57
CA VAL B 188 47.07 23.88 -13.38
C VAL B 188 47.94 23.62 -14.59
N GLU B 189 47.53 23.99 -15.81
CA GLU B 189 48.33 23.70 -16.99
C GLU B 189 48.84 24.97 -17.68
N GLU B 190 47.93 25.85 -18.11
CA GLU B 190 48.31 27.08 -18.78
C GLU B 190 47.07 27.96 -19.01
N VAL B 191 47.24 29.28 -18.94
CA VAL B 191 46.14 30.21 -19.15
C VAL B 191 46.67 31.43 -19.89
N ASP B 192 45.80 32.03 -20.70
CA ASP B 192 46.07 33.31 -21.33
C ASP B 192 45.29 34.40 -20.60
N MET B 193 45.44 35.64 -21.07
CA MET B 193 44.84 36.78 -20.37
C MET B 193 43.33 36.68 -20.33
N ILE B 194 42.71 36.23 -21.43
CA ILE B 194 41.25 36.17 -21.48
C ILE B 194 40.72 35.17 -20.46
N SER B 195 41.40 34.04 -20.30
CA SER B 195 40.97 33.05 -19.31
C SER B 195 41.00 33.64 -17.90
N ILE B 196 42.09 34.32 -17.57
CA ILE B 196 42.24 34.86 -16.23
C ILE B 196 41.21 35.97 -15.98
N LEU B 197 40.93 36.77 -17.01
CA LEU B 197 39.89 37.79 -16.88
C LEU B 197 38.51 37.18 -16.71
N SER B 198 38.25 36.07 -17.41
CA SER B 198 36.99 35.36 -17.23
C SER B 198 36.86 34.86 -15.79
N LEU B 199 37.95 34.35 -15.22
CA LEU B 199 37.92 34.00 -13.81
C LEU B 199 37.72 35.22 -12.93
N LYS B 200 38.32 36.35 -13.29
CA LYS B 200 38.12 37.59 -12.55
C LYS B 200 36.65 37.98 -12.51
N ASP B 201 35.89 37.64 -13.56
CA ASP B 201 34.47 37.99 -13.59
C ASP B 201 33.72 37.42 -12.39
N LEU B 202 34.22 36.32 -11.81
CA LEU B 202 33.52 35.68 -10.71
C LEU B 202 33.46 36.57 -9.47
N LYS B 203 34.47 37.42 -9.30
CA LYS B 203 34.56 38.26 -8.10
C LYS B 203 33.43 39.27 -8.06
N MET B 204 32.73 39.32 -6.92
CA MET B 204 31.68 40.31 -6.69
C MET B 204 31.94 40.99 -5.35
N HIS B 205 31.74 42.29 -5.31
CA HIS B 205 32.11 43.09 -4.15
C HIS B 205 31.00 43.11 -3.10
N LEU B 206 31.40 43.39 -1.86
CA LEU B 206 30.50 43.50 -0.73
C LEU B 206 29.57 42.29 -0.57
N PRO B 207 30.11 41.07 -0.39
CA PRO B 207 29.27 39.89 -0.13
C PRO B 207 28.96 39.70 1.35
N HIS B 208 28.57 40.78 2.02
CA HIS B 208 28.23 40.75 3.44
C HIS B 208 26.73 40.48 3.55
N TYR B 209 26.38 39.19 3.56
CA TYR B 209 24.97 38.81 3.47
C TYR B 209 24.26 39.03 4.81
N TYR B 210 24.76 38.40 5.87
CA TYR B 210 24.12 38.34 7.20
C TYR B 210 22.65 37.94 7.01
N GLU B 211 21.69 38.62 7.63
CA GLU B 211 20.31 38.18 7.76
C GLU B 211 20.23 36.87 8.54
N SER B 212 19.04 36.29 8.61
CA SER B 212 18.83 35.03 9.31
C SER B 212 18.26 33.94 8.42
N ASN B 213 17.49 34.29 7.39
CA ASN B 213 16.99 33.28 6.46
C ASN B 213 18.11 32.59 5.73
N LEU B 214 19.13 33.36 5.32
CA LEU B 214 20.29 32.80 4.63
C LEU B 214 21.31 32.26 5.64
N ASP B 215 20.86 31.29 6.42
CA ASP B 215 21.72 30.61 7.39
C ASP B 215 22.52 29.48 6.78
N PHE B 216 22.34 29.22 5.48
CA PHE B 216 23.04 28.15 4.79
C PHE B 216 24.42 28.58 4.30
N LEU B 217 24.89 29.77 4.68
CA LEU B 217 26.21 30.21 4.27
C LEU B 217 27.31 29.50 5.04
N ILE B 218 26.99 28.84 6.14
CA ILE B 218 27.86 27.86 6.77
C ILE B 218 27.87 26.63 5.87
N ASN B 219 28.73 25.66 6.15
CA ASN B 219 28.96 24.52 5.26
C ASN B 219 29.52 25.01 3.92
N ARG B 220 30.77 25.48 4.02
CA ARG B 220 31.56 26.14 2.99
C ARG B 220 31.31 25.63 1.57
N ARG B 221 31.24 24.31 1.39
CA ARG B 221 30.93 23.76 0.07
C ARG B 221 29.55 24.21 -0.41
N LEU B 222 28.57 24.19 0.49
CA LEU B 222 27.23 24.67 0.14
C LEU B 222 27.26 26.16 -0.19
N ALA B 223 28.05 26.94 0.55
CA ALA B 223 28.15 28.37 0.29
C ALA B 223 28.74 28.63 -1.09
N LEU B 224 29.80 27.91 -1.45
CA LEU B 224 30.39 28.11 -2.76
C LEU B 224 29.45 27.66 -3.88
N LEU B 225 28.68 26.58 -3.64
CA LEU B 225 27.67 26.20 -4.61
C LEU B 225 26.64 27.31 -4.80
N TYR B 226 26.17 27.90 -3.69
CA TYR B 226 25.19 28.98 -3.78
C TYR B 226 25.77 30.17 -4.55
N HIS B 227 27.02 30.52 -4.28
CA HIS B 227 27.63 31.64 -4.98
C HIS B 227 27.78 31.35 -6.47
N LEU B 228 28.21 30.14 -6.81
CA LEU B 228 28.41 29.80 -8.23
C LEU B 228 27.11 29.60 -8.98
N LEU B 229 25.99 29.38 -8.26
CA LEU B 229 24.73 29.17 -8.94
C LEU B 229 24.31 30.40 -9.74
N HIS B 230 24.48 31.59 -9.18
CA HIS B 230 24.05 32.82 -9.82
C HIS B 230 25.12 33.42 -10.72
N SER B 231 26.24 32.76 -10.90
CA SER B 231 27.32 33.24 -11.75
C SER B 231 27.26 32.54 -13.10
N GLU B 232 27.32 33.32 -14.17
CA GLU B 232 27.25 32.81 -15.54
C GLU B 232 28.33 33.46 -16.39
N ALA B 233 29.56 33.50 -15.86
CA ALA B 233 30.64 34.19 -16.55
C ALA B 233 31.06 33.45 -17.82
N LEU B 234 31.55 32.22 -17.67
CA LEU B 234 32.08 31.46 -18.80
C LEU B 234 32.24 30.01 -18.38
N GLU B 235 31.79 29.10 -19.23
CA GLU B 235 32.01 27.66 -19.02
C GLU B 235 33.41 27.26 -19.50
N LEU B 236 34.41 27.91 -18.91
CA LEU B 236 35.80 27.61 -19.23
C LEU B 236 36.27 26.32 -18.59
N PHE B 237 35.68 25.94 -17.45
CA PHE B 237 36.15 24.78 -16.70
C PHE B 237 35.93 23.47 -17.44
N THR B 238 35.06 23.43 -18.43
CA THR B 238 34.85 22.23 -19.22
C THR B 238 35.93 22.01 -20.27
N GLU B 239 36.68 23.06 -20.64
CA GLU B 239 37.74 22.95 -21.61
C GLU B 239 39.12 23.20 -21.02
N LYS B 240 39.20 23.70 -19.79
CA LYS B 240 40.47 23.88 -19.10
C LYS B 240 40.35 23.34 -17.68
N GLU B 241 41.47 22.84 -17.16
CA GLU B 241 41.49 22.21 -15.85
C GLU B 241 41.86 23.24 -14.79
N PHE B 242 40.99 23.41 -13.80
CA PHE B 242 41.20 24.37 -12.72
C PHE B 242 40.90 23.69 -11.39
N VAL B 243 41.58 24.13 -10.33
CA VAL B 243 41.31 23.67 -8.99
C VAL B 243 40.90 24.87 -8.15
N ILE B 244 40.40 24.59 -6.94
CA ILE B 244 39.98 25.63 -6.02
C ILE B 244 40.68 25.42 -4.69
N HIS B 245 41.28 26.48 -4.16
CA HIS B 245 41.86 26.49 -2.82
C HIS B 245 41.01 27.43 -1.99
N SER B 246 40.42 26.91 -0.91
CA SER B 246 39.48 27.68 -0.14
C SER B 246 39.70 27.46 1.35
N TYR B 247 39.30 28.44 2.15
CA TYR B 247 39.51 28.38 3.59
C TYR B 247 38.55 29.31 4.31
N THR B 248 38.31 29.00 5.58
CA THR B 248 37.34 29.71 6.40
C THR B 248 38.04 30.43 7.55
N LEU B 249 37.57 31.63 7.84
CA LEU B 249 38.00 32.42 8.98
C LEU B 249 36.83 32.60 9.94
N GLU B 250 37.06 32.31 11.22
CA GLU B 250 36.01 32.36 12.23
C GLU B 250 36.41 33.30 13.35
N ARG B 251 35.46 34.12 13.81
CA ARG B 251 35.70 35.05 14.89
C ARG B 251 34.75 34.77 16.06
N SER B 252 34.63 33.50 16.44
CA SER B 252 33.76 33.12 17.54
C SER B 252 34.33 33.64 18.85
N GLY B 253 33.73 34.71 19.37
CA GLY B 253 34.18 35.29 20.63
C GLY B 253 35.57 35.89 20.56
N ASN B 254 35.87 36.59 19.47
CA ASN B 254 37.19 37.21 19.27
C ASN B 254 38.32 36.18 19.37
N ASN B 255 38.07 34.98 18.84
CA ASN B 255 39.05 33.90 18.82
C ASN B 255 39.30 33.57 17.34
N GLN B 256 40.22 34.33 16.74
CA GLN B 256 40.42 34.26 15.29
C GLN B 256 41.21 33.01 14.93
N ALA B 257 40.59 32.12 14.16
CA ALA B 257 41.25 30.88 13.77
C ALA B 257 40.59 30.33 12.52
N ILE B 258 41.24 29.34 11.92
CA ILE B 258 40.78 28.69 10.71
C ILE B 258 40.43 27.24 11.04
N ARG B 259 39.25 26.80 10.59
CA ARG B 259 38.75 25.47 10.92
C ARG B 259 38.53 24.58 9.70
N SER B 260 38.72 25.08 8.49
CA SER B 260 38.52 24.27 7.29
C SER B 260 39.53 24.66 6.23
N PHE B 261 40.22 23.67 5.66
CA PHE B 261 41.19 23.91 4.61
C PHE B 261 41.12 22.83 3.53
N GLU B 262 39.94 22.28 3.29
CA GLU B 262 39.80 21.25 2.27
C GLU B 262 40.06 21.83 0.88
N GLU B 263 40.59 20.99 0.00
CA GLU B 263 40.95 21.37 -1.37
C GLU B 263 40.07 20.58 -2.33
N GLU B 264 38.97 21.18 -2.76
CA GLU B 264 38.06 20.56 -3.70
C GLU B 264 38.43 20.97 -5.12
N GLU B 265 37.53 20.68 -6.07
CA GLU B 265 37.74 21.02 -7.47
C GLU B 265 36.50 21.74 -7.99
N ILE B 266 36.71 22.56 -9.03
CA ILE B 266 35.65 23.41 -9.56
C ILE B 266 35.09 22.90 -10.89
N GLY B 267 35.79 22.01 -11.59
CA GLY B 267 35.31 21.57 -12.88
C GLY B 267 34.02 20.78 -12.80
N LYS B 268 33.93 19.85 -11.84
CA LYS B 268 32.74 19.01 -11.75
C LYS B 268 31.50 19.82 -11.42
N LEU B 269 31.61 20.74 -10.46
CA LEU B 269 30.45 21.52 -10.06
C LEU B 269 29.96 22.41 -11.19
N MET B 270 30.88 23.08 -11.89
CA MET B 270 30.47 23.93 -13.01
C MET B 270 29.87 23.11 -14.13
N ASP B 271 30.45 21.94 -14.41
CA ASP B 271 29.88 21.06 -15.43
C ASP B 271 28.47 20.63 -15.05
N PHE B 272 28.25 20.28 -13.78
CA PHE B 272 26.93 19.89 -13.32
C PHE B 272 25.94 21.05 -13.47
N LEU B 273 26.35 22.24 -13.06
CA LEU B 273 25.46 23.39 -13.15
C LEU B 273 25.11 23.71 -14.59
N TRP B 274 26.09 23.67 -15.48
CA TRP B 274 25.82 23.96 -16.89
C TRP B 274 24.91 22.89 -17.51
N LYS B 275 25.12 21.62 -17.14
CA LYS B 275 24.26 20.57 -17.66
C LYS B 275 22.84 20.69 -17.12
N LEU B 276 22.69 21.15 -15.88
CA LEU B 276 21.35 21.28 -15.30
C LEU B 276 20.61 22.47 -15.88
N LYS B 277 21.31 23.60 -16.06
CA LYS B 277 20.69 24.82 -16.53
C LYS B 277 20.58 24.91 -18.04
N ARG B 278 21.14 23.94 -18.77
CA ARG B 278 21.04 23.97 -20.22
C ARG B 278 19.62 23.72 -20.70
N ARG B 279 18.84 22.97 -19.93
CA ARG B 279 17.46 22.69 -20.33
C ARG B 279 16.53 23.83 -19.93
N ASP B 280 16.43 24.11 -18.63
CA ASP B 280 15.56 25.15 -18.11
C ASP B 280 16.36 26.05 -17.17
N PHE B 281 16.13 27.36 -17.29
CA PHE B 281 16.75 28.33 -16.40
C PHE B 281 15.80 28.86 -15.34
N TYR B 282 14.54 29.09 -15.70
CA TYR B 282 13.57 29.56 -14.71
C TYR B 282 13.37 28.53 -13.61
N HIS B 283 13.34 27.25 -13.96
CA HIS B 283 13.16 26.18 -13.00
C HIS B 283 14.48 25.66 -12.45
N ALA B 284 15.59 26.30 -12.77
CA ALA B 284 16.90 25.86 -12.26
C ALA B 284 17.28 26.64 -11.00
N ILE B 285 17.40 27.97 -11.12
CA ILE B 285 17.85 28.77 -9.98
C ILE B 285 16.82 28.75 -8.87
N LYS B 286 15.53 28.85 -9.22
CA LYS B 286 14.50 28.79 -8.20
C LYS B 286 14.52 27.45 -7.47
N PHE B 287 14.67 26.36 -8.23
CA PHE B 287 14.81 25.04 -7.64
C PHE B 287 15.97 24.99 -6.65
N ILE B 288 17.15 25.42 -7.09
CA ILE B 288 18.33 25.29 -6.25
C ILE B 288 18.21 26.17 -5.01
N ASP B 289 17.72 27.41 -5.18
CA ASP B 289 17.60 28.31 -4.04
C ASP B 289 16.59 27.78 -3.03
N ASP B 290 15.44 27.29 -3.51
CA ASP B 290 14.46 26.73 -2.59
C ASP B 290 15.02 25.52 -1.85
N LEU B 291 15.74 24.66 -2.56
CA LEU B 291 16.31 23.48 -1.93
C LEU B 291 17.35 23.88 -0.88
N LEU B 292 18.17 24.89 -1.18
CA LEU B 292 19.15 25.36 -0.21
C LEU B 292 18.49 25.94 1.01
N LYS B 293 17.43 26.73 0.81
CA LYS B 293 16.78 27.41 1.94
C LYS B 293 16.01 26.42 2.81
N LYS B 294 15.39 25.41 2.21
CA LYS B 294 14.57 24.47 2.97
C LYS B 294 15.36 23.22 3.37
N ALA B 295 15.89 22.50 2.40
CA ALA B 295 16.56 21.22 2.65
C ALA B 295 18.07 21.43 2.63
N THR B 296 18.60 21.87 3.77
CA THR B 296 20.04 22.01 3.90
C THR B 296 20.75 20.65 3.86
N GLU B 297 20.19 19.66 4.56
CA GLU B 297 20.75 18.32 4.51
C GLU B 297 20.66 17.74 3.10
N GLY B 298 19.54 17.97 2.42
CA GLY B 298 19.43 17.55 1.03
C GLY B 298 20.46 18.23 0.15
N ALA B 299 20.73 19.51 0.40
CA ALA B 299 21.76 20.22 -0.37
C ALA B 299 23.14 19.62 -0.11
N LEU B 300 23.44 19.28 1.14
CA LEU B 300 24.71 18.64 1.45
C LEU B 300 24.84 17.30 0.75
N ALA B 301 23.76 16.51 0.76
CA ALA B 301 23.79 15.23 0.05
C ALA B 301 23.99 15.45 -1.45
N LEU B 302 23.34 16.47 -2.01
CA LEU B 302 23.45 16.74 -3.43
C LEU B 302 24.87 17.15 -3.81
N ILE B 303 25.50 18.02 -3.01
CA ILE B 303 26.86 18.44 -3.34
C ILE B 303 27.84 17.28 -3.13
N ASP B 304 27.59 16.43 -2.14
CA ASP B 304 28.41 15.24 -1.97
C ASP B 304 28.29 14.32 -3.19
N ALA B 305 27.07 14.16 -3.71
CA ALA B 305 26.87 13.36 -4.91
C ALA B 305 27.60 13.97 -6.11
N ILE B 306 27.54 15.30 -6.24
CA ILE B 306 28.24 15.97 -7.35
C ILE B 306 29.74 15.72 -7.26
N MET B 307 30.31 15.90 -6.07
CA MET B 307 31.75 15.78 -5.91
C MET B 307 32.21 14.32 -5.90
N ASN B 308 31.31 13.37 -5.69
CA ASN B 308 31.68 11.96 -5.62
C ASN B 308 31.03 11.09 -6.69
N GLU B 309 30.19 11.66 -7.56
CA GLU B 309 29.49 10.92 -8.60
C GLU B 309 28.69 9.77 -7.99
N ARG B 310 27.74 10.14 -7.13
CA ARG B 310 26.96 9.17 -6.37
C ARG B 310 25.49 9.30 -6.75
N LEU B 311 24.84 8.17 -7.01
CA LEU B 311 23.45 8.17 -7.47
C LEU B 311 22.47 8.49 -6.35
N GLU B 312 22.70 7.93 -5.15
CA GLU B 312 21.74 8.06 -4.07
C GLU B 312 21.61 9.50 -3.58
N GLY B 313 22.66 10.31 -3.76
CA GLY B 313 22.62 11.68 -3.27
C GLY B 313 21.54 12.50 -3.95
N PHE B 314 21.39 12.36 -5.26
CA PHE B 314 20.36 13.11 -5.99
C PHE B 314 18.97 12.72 -5.52
N TYR B 315 18.73 11.41 -5.34
CA TYR B 315 17.42 10.96 -4.86
C TYR B 315 17.14 11.48 -3.47
N THR B 316 18.12 11.43 -2.57
CA THR B 316 17.92 11.93 -1.21
C THR B 316 17.63 13.42 -1.22
N ALA B 317 18.38 14.17 -2.03
CA ALA B 317 18.17 15.61 -2.10
C ALA B 317 16.77 15.94 -2.62
N LEU B 318 16.34 15.24 -3.68
CA LEU B 318 15.01 15.51 -4.23
C LEU B 318 13.92 15.13 -3.24
N LYS B 319 14.08 14.01 -2.53
CA LYS B 319 13.08 13.60 -1.55
C LYS B 319 12.98 14.62 -0.43
N LEU B 320 14.13 15.05 0.10
CA LEU B 320 14.11 16.04 1.19
C LEU B 320 13.52 17.37 0.73
N GLY B 321 13.86 17.80 -0.50
CA GLY B 321 13.28 19.03 -1.01
C GLY B 321 11.79 18.95 -1.20
N LYS B 322 11.31 17.86 -1.82
CA LYS B 322 9.89 17.67 -2.03
C LYS B 322 9.14 17.53 -0.72
N LYS B 323 9.82 17.09 0.34
CA LYS B 323 9.16 17.00 1.65
C LYS B 323 8.66 18.36 2.12
N ALA B 324 9.48 19.40 1.99
CA ALA B 324 9.08 20.69 2.53
C ALA B 324 8.44 21.62 1.50
N GLY B 325 9.19 22.05 0.49
CA GLY B 325 8.64 23.03 -0.42
C GLY B 325 9.12 23.03 -1.87
N VAL B 326 9.91 22.05 -2.27
CA VAL B 326 10.60 22.11 -3.56
C VAL B 326 9.72 21.51 -4.64
N VAL B 327 9.53 22.27 -5.74
CA VAL B 327 8.72 21.79 -6.84
C VAL B 327 9.44 20.67 -7.60
N SER B 328 10.73 20.86 -7.90
CA SER B 328 11.55 19.86 -8.58
C SER B 328 10.93 19.47 -9.92
N SER B 329 11.03 20.40 -10.88
CA SER B 329 10.35 20.27 -12.17
C SER B 329 10.84 19.07 -12.98
N ARG B 330 10.21 18.83 -14.13
CA ARG B 330 10.56 17.67 -14.95
C ARG B 330 11.85 17.88 -15.70
N GLU B 331 12.09 19.08 -16.22
CA GLU B 331 13.24 19.30 -17.09
C GLU B 331 14.56 19.12 -16.35
N ILE B 332 14.62 19.58 -15.10
CA ILE B 332 15.82 19.36 -14.32
C ILE B 332 16.01 17.87 -14.04
N VAL B 333 14.93 17.13 -13.85
CA VAL B 333 15.02 15.69 -13.65
C VAL B 333 15.60 15.02 -14.91
N ALA B 334 15.12 15.45 -16.08
CA ALA B 334 15.65 14.92 -17.33
C ALA B 334 17.13 15.26 -17.49
N ALA B 335 17.52 16.48 -17.12
CA ALA B 335 18.93 16.85 -17.17
C ALA B 335 19.77 15.99 -16.25
N LEU B 336 19.26 15.72 -15.04
CA LEU B 336 19.97 14.85 -14.12
C LEU B 336 20.10 13.43 -14.68
N GLU B 337 19.04 12.94 -15.31
CA GLU B 337 19.09 11.62 -15.94
C GLU B 337 20.15 11.58 -17.03
N ASP B 338 20.22 12.63 -17.84
CA ASP B 338 21.22 12.69 -18.90
C ASP B 338 22.63 12.74 -18.31
N ILE B 339 22.82 13.49 -17.23
CA ILE B 339 24.12 13.52 -16.56
C ILE B 339 24.48 12.14 -16.03
N ILE B 340 23.48 11.41 -15.54
CA ILE B 340 23.74 10.07 -15.01
C ILE B 340 24.28 9.15 -16.09
N CYS B 341 23.79 9.30 -17.32
CA CYS B 341 24.21 8.49 -18.46
C CYS B 341 23.94 7.01 -18.20
N GLY C 2 12.40 7.11 -23.75
CA GLY C 2 12.69 5.71 -23.52
C GLY C 2 11.84 5.10 -22.43
N TRP C 3 10.52 5.17 -22.60
CA TRP C 3 9.53 4.66 -21.65
C TRP C 3 9.86 5.03 -20.21
N ILE C 4 10.42 6.21 -20.00
CA ILE C 4 10.76 6.69 -18.67
C ILE C 4 9.80 7.78 -18.20
N ARG C 5 9.45 8.72 -19.08
CA ARG C 5 8.54 9.79 -18.71
C ARG C 5 7.16 9.23 -18.36
N ASN C 6 6.68 8.24 -19.12
CA ASN C 6 5.35 7.71 -18.89
C ASN C 6 5.23 7.06 -17.52
N ILE C 7 6.24 6.29 -17.11
CA ILE C 7 6.19 5.67 -15.79
C ILE C 7 6.55 6.69 -14.71
N GLY C 8 7.40 7.67 -15.02
CA GLY C 8 7.71 8.70 -14.04
C GLY C 8 6.49 9.53 -13.67
N ARG C 9 5.65 9.83 -14.66
CA ARG C 9 4.44 10.60 -14.37
C ARG C 9 3.45 9.79 -13.55
N TYR C 10 3.47 8.46 -13.69
CA TYR C 10 2.60 7.63 -12.87
C TYR C 10 3.11 7.56 -11.44
N LEU C 11 4.43 7.43 -11.26
CA LEU C 11 4.99 7.46 -9.92
C LEU C 11 4.83 8.83 -9.26
N SER C 12 4.79 9.90 -10.07
CA SER C 12 4.56 11.23 -9.51
C SER C 12 3.19 11.37 -8.87
N TYR C 13 2.24 10.50 -9.22
CA TYR C 13 0.90 10.55 -8.63
C TYR C 13 0.91 10.18 -7.16
N LEU C 14 1.98 9.54 -6.68
CA LEU C 14 2.05 9.09 -5.29
C LEU C 14 2.75 10.09 -4.37
N VAL C 15 3.26 11.19 -4.91
CA VAL C 15 4.04 12.13 -4.10
C VAL C 15 3.37 13.50 -4.12
N ASP C 16 2.64 13.80 -5.18
CA ASP C 16 2.02 15.12 -5.32
C ASP C 16 0.95 15.33 -4.26
N ASP C 17 0.81 16.58 -3.82
CA ASP C 17 -0.14 16.92 -2.77
C ASP C 17 -1.59 16.81 -3.23
N THR C 18 -1.84 16.84 -4.53
CA THR C 18 -3.20 16.70 -5.02
C THR C 18 -3.78 15.32 -4.72
N PHE C 19 -2.91 14.33 -4.49
CA PHE C 19 -3.33 13.01 -4.01
C PHE C 19 -2.88 12.91 -2.56
N GLU C 20 -3.80 13.18 -1.64
CA GLU C 20 -3.48 13.27 -0.21
C GLU C 20 -3.37 11.89 0.41
N GLU C 21 -2.43 11.10 -0.12
CA GLU C 21 -2.14 9.78 0.42
C GLU C 21 -0.64 9.63 0.70
N TYR C 22 0.18 10.30 -0.11
CA TYR C 22 1.61 10.43 0.13
C TYR C 22 2.30 9.06 0.26
N ALA C 23 2.27 8.31 -0.83
CA ALA C 23 2.93 7.00 -0.88
C ALA C 23 4.42 7.22 -1.06
N TYR C 24 5.14 7.33 0.06
CA TYR C 24 6.58 7.55 0.04
C TYR C 24 7.38 6.26 0.22
N ASP C 25 6.80 5.23 0.83
CA ASP C 25 7.52 3.98 1.05
C ASP C 25 7.88 3.30 -0.27
N VAL C 26 6.97 3.35 -1.25
CA VAL C 26 7.25 2.73 -2.54
C VAL C 26 8.38 3.45 -3.25
N VAL C 27 8.48 4.77 -3.09
CA VAL C 27 9.58 5.51 -3.70
C VAL C 27 10.92 5.07 -3.11
N ASP C 28 10.95 4.90 -1.78
CA ASP C 28 12.17 4.40 -1.15
C ASP C 28 12.50 2.99 -1.61
N GLY C 29 11.47 2.15 -1.75
CA GLY C 29 11.72 0.78 -2.19
C GLY C 29 12.28 0.72 -3.60
N ILE C 30 11.71 1.48 -4.51
CA ILE C 30 12.20 1.47 -5.90
C ILE C 30 13.57 2.13 -5.99
N ALA C 31 13.82 3.16 -5.20
CA ALA C 31 15.13 3.81 -5.25
C ALA C 31 16.21 2.94 -4.62
N LYS C 32 15.93 2.36 -3.45
CA LYS C 32 16.90 1.54 -2.75
C LYS C 32 16.70 0.08 -3.17
N ALA C 33 17.16 -0.24 -4.38
CA ALA C 33 17.09 -1.57 -4.93
C ALA C 33 18.49 -2.02 -5.33
N ARG C 34 18.95 -3.12 -4.74
CA ARG C 34 20.28 -3.64 -5.01
C ARG C 34 20.29 -4.73 -6.08
N THR C 35 19.27 -5.59 -6.11
CA THR C 35 19.19 -6.63 -7.11
C THR C 35 17.81 -6.68 -7.77
N GLN C 36 17.55 -7.73 -8.55
CA GLN C 36 16.39 -7.76 -9.42
C GLN C 36 15.07 -7.78 -8.65
N GLU C 37 14.99 -8.58 -7.58
CA GLU C 37 13.69 -8.95 -7.02
C GLU C 37 13.01 -7.76 -6.35
N GLU C 38 13.73 -7.03 -5.51
CA GLU C 38 13.09 -5.97 -4.73
C GLU C 38 12.69 -4.80 -5.59
N LEU C 39 13.39 -4.54 -6.70
CA LEU C 39 12.98 -3.48 -7.61
C LEU C 39 11.62 -3.81 -8.23
N LEU C 40 11.45 -5.05 -8.68
CA LEU C 40 10.17 -5.47 -9.23
C LEU C 40 9.09 -5.46 -8.15
N GLU C 41 9.44 -5.86 -6.93
CA GLU C 41 8.47 -5.82 -5.84
C GLU C 41 8.01 -4.39 -5.57
N GLY C 42 8.94 -3.45 -5.55
CA GLY C 42 8.58 -2.06 -5.32
C GLY C 42 7.74 -1.47 -6.43
N VAL C 43 8.09 -1.78 -7.68
CA VAL C 43 7.30 -1.25 -8.79
C VAL C 43 5.91 -1.87 -8.79
N TYR C 44 5.78 -3.14 -8.41
CA TYR C 44 4.46 -3.75 -8.27
C TYR C 44 3.66 -3.07 -7.17
N LYS C 45 4.30 -2.79 -6.03
CA LYS C 45 3.60 -2.12 -4.94
C LYS C 45 3.14 -0.73 -5.36
N ALA C 46 3.98 -0.02 -6.11
CA ALA C 46 3.58 1.30 -6.61
C ALA C 46 2.41 1.20 -7.58
N LEU C 47 2.45 0.23 -8.49
CA LEU C 47 1.37 0.09 -9.47
C LEU C 47 0.08 -0.40 -8.84
N ARG C 48 0.15 -1.11 -7.71
CA ARG C 48 -1.04 -1.67 -7.09
C ARG C 48 -2.00 -0.59 -6.61
N LEU C 49 -1.51 0.62 -6.32
CA LEU C 49 -2.35 1.71 -5.83
C LEU C 49 -3.01 2.49 -6.96
N ALA C 50 -3.12 1.90 -8.15
CA ALA C 50 -3.78 2.57 -9.26
C ALA C 50 -5.24 2.89 -8.98
N PRO C 51 -6.08 1.97 -8.46
CA PRO C 51 -7.46 2.36 -8.13
C PRO C 51 -7.54 3.47 -7.09
N LYS C 52 -6.60 3.50 -6.15
CA LYS C 52 -6.57 4.59 -5.18
C LYS C 52 -6.49 5.95 -5.87
N LEU C 53 -5.51 6.09 -6.77
CA LEU C 53 -5.35 7.35 -7.48
C LEU C 53 -6.54 7.63 -8.40
N LYS C 54 -7.06 6.59 -9.06
CA LYS C 54 -8.19 6.77 -9.95
C LYS C 54 -9.39 7.33 -9.21
N LYS C 55 -9.75 6.71 -8.07
CA LYS C 55 -10.90 7.17 -7.32
C LYS C 55 -10.63 8.47 -6.56
N LYS C 56 -9.36 8.78 -6.27
CA LYS C 56 -9.06 10.05 -5.63
C LYS C 56 -9.21 11.21 -6.60
N ALA C 57 -8.70 11.04 -7.83
CA ALA C 57 -8.87 12.10 -8.84
C ALA C 57 -10.30 12.18 -9.33
N GLU C 58 -10.99 11.04 -9.46
CA GLU C 58 -12.38 11.05 -9.90
C GLU C 58 -13.27 11.75 -8.88
N SER C 59 -13.05 11.49 -7.60
CA SER C 59 -13.88 12.09 -6.56
C SER C 59 -13.48 13.52 -6.22
N LYS C 60 -12.39 14.03 -6.80
CA LYS C 60 -11.95 15.39 -6.53
C LYS C 60 -12.28 16.37 -7.64
N GLY C 61 -12.34 15.90 -8.90
CA GLY C 61 -12.78 16.75 -9.98
C GLY C 61 -11.89 16.75 -11.21
N CYS C 62 -10.58 16.69 -11.00
CA CYS C 62 -9.64 16.71 -12.12
C CYS C 62 -9.64 15.33 -12.81
N PRO C 63 -9.21 15.28 -14.06
CA PRO C 63 -9.24 14.01 -14.82
C PRO C 63 -8.46 12.92 -14.10
N PRO C 64 -8.93 11.68 -14.17
CA PRO C 64 -8.25 10.60 -13.44
C PRO C 64 -6.86 10.35 -14.02
N PRO C 65 -5.94 9.84 -13.21
CA PRO C 65 -4.59 9.56 -13.72
C PRO C 65 -4.61 8.42 -14.73
N ARG C 66 -3.62 8.45 -15.63
CA ARG C 66 -3.49 7.42 -16.65
C ARG C 66 -2.50 6.37 -16.19
N ILE C 67 -2.87 5.10 -16.35
CA ILE C 67 -2.03 3.97 -15.98
C ILE C 67 -0.94 3.84 -17.04
N PRO C 68 0.28 3.42 -16.67
CA PRO C 68 1.30 3.17 -17.70
C PRO C 68 0.81 2.16 -18.72
N SER C 69 1.12 2.43 -19.98
CA SER C 69 0.61 1.62 -21.07
C SER C 69 1.18 0.20 -20.99
N PRO C 70 0.40 -0.80 -21.41
CA PRO C 70 0.92 -2.18 -21.46
C PRO C 70 2.02 -2.36 -22.49
N GLU C 71 2.19 -1.44 -23.43
CA GLU C 71 3.19 -1.59 -24.49
C GLU C 71 4.62 -1.54 -23.97
N ASP C 72 4.90 -0.76 -22.93
CA ASP C 72 6.24 -0.70 -22.37
C ASP C 72 6.36 -1.48 -21.06
N ILE C 73 5.31 -2.20 -20.65
CA ILE C 73 5.41 -3.05 -19.47
C ILE C 73 6.43 -4.16 -19.68
N GLU C 74 6.38 -4.81 -20.85
CA GLU C 74 7.39 -5.81 -21.16
C GLU C 74 8.75 -5.18 -21.45
N ALA C 75 8.75 -3.89 -21.84
CA ALA C 75 10.02 -3.20 -22.05
C ALA C 75 10.77 -3.03 -20.74
N LEU C 76 10.06 -2.92 -19.62
CA LEU C 76 10.73 -2.82 -18.33
C LEU C 76 11.50 -4.10 -18.00
N GLU C 77 10.88 -5.25 -18.25
CA GLU C 77 11.48 -6.54 -17.91
C GLU C 77 12.40 -7.08 -19.00
N GLU C 78 12.38 -6.51 -20.20
CA GLU C 78 13.27 -6.96 -21.26
C GLU C 78 14.68 -6.40 -21.12
N LYS C 79 14.88 -5.39 -20.27
CA LYS C 79 16.20 -4.84 -20.03
C LYS C 79 16.72 -5.15 -18.63
N VAL C 80 15.88 -5.02 -17.60
CA VAL C 80 16.33 -5.22 -16.23
C VAL C 80 16.78 -6.65 -15.99
N GLU C 81 16.35 -7.59 -16.84
CA GLU C 81 16.75 -8.98 -16.66
C GLU C 81 18.26 -9.16 -16.85
N GLN C 82 18.83 -8.47 -17.83
CA GLN C 82 20.25 -8.62 -18.16
C GLN C 82 21.15 -7.64 -17.40
N LEU C 83 20.59 -6.82 -16.51
CA LEU C 83 21.41 -5.98 -15.62
C LEU C 83 21.77 -6.79 -14.37
N SER C 84 22.61 -7.81 -14.59
CA SER C 84 23.06 -8.64 -13.48
C SER C 84 23.90 -7.83 -12.49
N ASN C 85 24.73 -6.94 -13.00
CA ASN C 85 25.56 -6.12 -12.12
C ASN C 85 24.75 -5.08 -11.38
N PRO C 86 24.86 -4.98 -10.05
CA PRO C 86 24.11 -3.93 -9.34
C PRO C 86 24.55 -2.52 -9.72
N LYS C 87 25.81 -2.33 -10.10
CA LYS C 87 26.31 -0.98 -10.38
C LYS C 87 25.55 -0.32 -11.52
N ASP C 88 25.35 -1.05 -12.62
CA ASP C 88 24.57 -0.51 -13.73
C ASP C 88 23.07 -0.64 -13.50
N LEU C 89 22.66 -1.50 -12.56
CA LEU C 89 21.24 -1.58 -12.20
C LEU C 89 20.80 -0.34 -11.44
N ARG C 90 21.70 0.24 -10.64
CA ARG C 90 21.36 1.45 -9.90
C ARG C 90 21.02 2.59 -10.83
N LYS C 91 21.65 2.66 -12.00
CA LYS C 91 21.41 3.76 -12.93
C LYS C 91 19.95 3.87 -13.31
N LEU C 92 19.22 2.75 -13.30
CA LEU C 92 17.78 2.75 -13.55
C LEU C 92 16.96 2.70 -12.27
N ALA C 93 17.43 1.98 -11.25
CA ALA C 93 16.68 1.89 -10.00
C ALA C 93 16.53 3.25 -9.34
N VAL C 94 17.62 4.03 -9.29
CA VAL C 94 17.55 5.37 -8.74
C VAL C 94 16.76 6.29 -9.66
N SER C 95 16.94 6.14 -10.97
CA SER C 95 16.26 7.03 -11.92
C SER C 95 14.74 6.86 -11.87
N LEU C 96 14.26 5.66 -11.54
CA LEU C 96 12.82 5.45 -11.43
C LEU C 96 12.20 6.36 -10.39
N ALA C 97 12.84 6.47 -9.21
CA ALA C 97 12.38 7.41 -8.20
C ALA C 97 12.77 8.84 -8.52
N LEU C 98 13.86 9.03 -9.28
CA LEU C 98 14.28 10.36 -9.68
C LEU C 98 13.21 11.04 -10.51
N TRP C 99 12.62 10.29 -11.44
CA TRP C 99 11.54 10.82 -12.26
C TRP C 99 10.20 10.85 -11.53
N ALA C 100 10.14 10.28 -10.33
CA ALA C 100 8.91 10.31 -9.53
C ALA C 100 8.68 11.63 -8.83
N PHE C 101 9.67 12.52 -8.79
CA PHE C 101 9.56 13.81 -8.13
C PHE C 101 9.46 14.97 -9.12
N ALA C 102 9.27 14.68 -10.42
CA ALA C 102 9.22 15.73 -11.43
C ALA C 102 7.95 16.56 -11.25
N SER C 103 7.85 17.62 -12.07
CA SER C 103 6.71 18.53 -11.97
C SER C 103 5.40 17.79 -12.26
N TRP C 104 5.23 17.32 -13.49
CA TRP C 104 4.10 16.46 -13.87
C TRP C 104 2.77 17.10 -13.48
N ASN C 105 2.48 18.22 -14.14
CA ASN C 105 1.19 18.88 -13.95
C ASN C 105 0.05 17.91 -14.21
N ASN C 106 -0.81 17.71 -13.22
CA ASN C 106 -1.88 16.71 -13.28
C ASN C 106 -3.26 17.34 -13.35
N CYS C 107 -3.60 18.19 -12.38
CA CYS C 107 -4.93 18.76 -12.33
C CYS C 107 -4.86 20.28 -12.39
N PRO C 108 -5.78 20.93 -13.12
CA PRO C 108 -5.81 22.38 -13.25
C PRO C 108 -6.39 23.07 -12.01
N GLY D 1 8.68 -15.95 -21.78
CA GLY D 1 8.78 -16.45 -23.14
C GLY D 1 7.63 -16.01 -24.02
N GLY D 2 7.05 -14.85 -23.70
CA GLY D 2 5.94 -14.30 -24.43
C GLY D 2 4.58 -14.63 -23.87
N TRP D 3 4.48 -15.65 -23.02
CA TRP D 3 3.21 -16.01 -22.40
C TRP D 3 2.88 -15.12 -21.21
N ILE D 4 3.84 -14.37 -20.68
CA ILE D 4 3.56 -13.47 -19.57
C ILE D 4 2.56 -12.40 -20.00
N ARG D 5 2.76 -11.81 -21.18
CA ARG D 5 1.80 -10.83 -21.68
C ARG D 5 0.44 -11.46 -21.92
N ASN D 6 0.42 -12.68 -22.45
CA ASN D 6 -0.84 -13.36 -22.72
C ASN D 6 -1.63 -13.61 -21.45
N ILE D 7 -0.96 -14.08 -20.39
CA ILE D 7 -1.67 -14.34 -19.14
C ILE D 7 -2.04 -13.02 -18.46
N GLY D 8 -1.19 -11.99 -18.58
CA GLY D 8 -1.52 -10.70 -18.00
C GLY D 8 -2.69 -10.03 -18.67
N ARG D 9 -2.91 -10.30 -19.95
CA ARG D 9 -4.09 -9.77 -20.62
C ARG D 9 -5.36 -10.29 -19.97
N TYR D 10 -5.40 -11.59 -19.64
CA TYR D 10 -6.55 -12.14 -18.95
C TYR D 10 -6.62 -11.65 -17.51
N LEU D 11 -5.46 -11.50 -16.87
CA LEU D 11 -5.45 -11.03 -15.48
C LEU D 11 -5.96 -9.61 -15.36
N SER D 12 -5.72 -8.77 -16.37
CA SER D 12 -6.17 -7.37 -16.32
C SER D 12 -7.68 -7.26 -16.31
N TYR D 13 -8.40 -8.24 -16.85
CA TYR D 13 -9.86 -8.20 -16.82
C TYR D 13 -10.43 -8.35 -15.42
N LEU D 14 -9.62 -8.80 -14.46
CA LEU D 14 -10.07 -8.99 -13.08
C LEU D 14 -10.09 -7.71 -12.28
N VAL D 15 -9.49 -6.63 -12.78
CA VAL D 15 -9.46 -5.36 -12.06
C VAL D 15 -9.86 -4.16 -12.91
N ASP D 16 -9.95 -4.30 -14.23
CA ASP D 16 -10.27 -3.15 -15.07
C ASP D 16 -11.76 -2.81 -14.95
N ASP D 17 -12.11 -1.61 -15.44
CA ASP D 17 -13.49 -1.16 -15.45
C ASP D 17 -14.23 -1.81 -16.62
N THR D 18 -15.46 -1.36 -16.86
CA THR D 18 -16.34 -1.89 -17.90
C THR D 18 -16.55 -3.40 -17.77
N PHE D 19 -16.34 -3.94 -16.57
CA PHE D 19 -16.55 -5.36 -16.32
C PHE D 19 -17.31 -5.65 -15.04
N GLU D 20 -17.39 -4.72 -14.09
CA GLU D 20 -18.09 -4.91 -12.83
C GLU D 20 -17.55 -6.11 -12.05
N GLU D 21 -16.28 -6.43 -12.24
CA GLU D 21 -15.61 -7.53 -11.56
C GLU D 21 -14.31 -6.98 -10.98
N TYR D 22 -14.36 -6.54 -9.72
CA TYR D 22 -13.20 -5.96 -9.05
C TYR D 22 -12.61 -7.01 -8.12
N ALA D 23 -11.79 -7.89 -8.68
CA ALA D 23 -11.16 -8.98 -7.94
C ALA D 23 -9.70 -8.61 -7.68
N TYR D 24 -9.47 -7.88 -6.59
CA TYR D 24 -8.12 -7.49 -6.20
C TYR D 24 -7.46 -8.51 -5.27
N ASP D 25 -8.25 -9.29 -4.54
CA ASP D 25 -7.67 -10.29 -3.64
C ASP D 25 -6.91 -11.36 -4.42
N VAL D 26 -7.44 -11.78 -5.57
CA VAL D 26 -6.75 -12.78 -6.38
C VAL D 26 -5.45 -12.22 -6.94
N VAL D 27 -5.45 -10.93 -7.32
CA VAL D 27 -4.23 -10.30 -7.80
C VAL D 27 -3.19 -10.22 -6.69
N ASP D 28 -3.63 -9.86 -5.47
CA ASP D 28 -2.71 -9.82 -4.34
C ASP D 28 -2.14 -11.20 -4.04
N GLY D 29 -2.99 -12.23 -4.11
CA GLY D 29 -2.51 -13.58 -3.86
C GLY D 29 -1.52 -14.06 -4.91
N ILE D 30 -1.80 -13.79 -6.18
CA ILE D 30 -0.91 -14.22 -7.25
C ILE D 30 0.36 -13.39 -7.28
N ALA D 31 0.35 -12.18 -6.71
CA ALA D 31 1.55 -11.35 -6.66
C ALA D 31 2.35 -11.55 -5.39
N LYS D 32 1.72 -11.97 -4.29
CA LYS D 32 2.41 -12.27 -3.04
C LYS D 32 2.76 -13.74 -2.92
N ALA D 33 2.99 -14.41 -4.04
CA ALA D 33 3.28 -15.84 -4.04
C ALA D 33 4.65 -16.09 -3.43
N ARG D 34 4.68 -16.67 -2.23
CA ARG D 34 5.92 -17.04 -1.58
C ARG D 34 6.41 -18.42 -1.97
N THR D 35 5.50 -19.31 -2.34
CA THR D 35 5.84 -20.68 -2.74
C THR D 35 5.05 -21.05 -3.98
N GLN D 36 5.50 -22.12 -4.64
CA GLN D 36 4.93 -22.50 -5.93
C GLN D 36 3.48 -22.96 -5.79
N GLU D 37 3.15 -23.68 -4.72
CA GLU D 37 1.80 -24.22 -4.58
C GLU D 37 0.77 -23.11 -4.45
N GLU D 38 1.06 -22.07 -3.65
CA GLU D 38 0.11 -20.97 -3.51
C GLU D 38 0.07 -20.11 -4.78
N LEU D 39 1.19 -20.03 -5.51
CA LEU D 39 1.16 -19.36 -6.80
C LEU D 39 0.22 -20.09 -7.77
N LEU D 40 0.30 -21.41 -7.81
CA LEU D 40 -0.60 -22.18 -8.67
C LEU D 40 -2.04 -22.05 -8.20
N GLU D 41 -2.26 -22.00 -6.88
CA GLU D 41 -3.60 -21.79 -6.36
C GLU D 41 -4.16 -20.44 -6.80
N GLY D 42 -3.34 -19.40 -6.73
CA GLY D 42 -3.79 -18.09 -7.21
C GLY D 42 -4.06 -18.07 -8.70
N VAL D 43 -3.22 -18.76 -9.47
CA VAL D 43 -3.47 -18.86 -10.91
C VAL D 43 -4.79 -19.56 -11.19
N TYR D 44 -5.07 -20.64 -10.46
CA TYR D 44 -6.35 -21.34 -10.64
C TYR D 44 -7.51 -20.45 -10.24
N LYS D 45 -7.37 -19.69 -9.15
CA LYS D 45 -8.43 -18.79 -8.73
C LYS D 45 -8.70 -17.72 -9.79
N ALA D 46 -7.64 -17.18 -10.38
CA ALA D 46 -7.80 -16.20 -11.45
C ALA D 46 -8.47 -16.82 -12.68
N LEU D 47 -8.07 -18.04 -13.04
CA LEU D 47 -8.62 -18.68 -14.23
C LEU D 47 -10.04 -19.18 -14.03
N ARG D 48 -10.46 -19.37 -12.77
CA ARG D 48 -11.83 -19.82 -12.51
C ARG D 48 -12.86 -18.78 -12.93
N LEU D 49 -12.47 -17.52 -13.06
CA LEU D 49 -13.36 -16.46 -13.48
C LEU D 49 -13.39 -16.28 -15.00
N ALA D 50 -12.77 -17.18 -15.75
CA ALA D 50 -12.79 -17.08 -17.21
C ALA D 50 -14.21 -17.17 -17.77
N PRO D 51 -15.05 -18.14 -17.39
CA PRO D 51 -16.46 -18.06 -17.81
C PRO D 51 -17.16 -16.83 -17.29
N LYS D 52 -16.84 -16.42 -16.04
CA LYS D 52 -17.47 -15.26 -15.43
C LYS D 52 -17.35 -14.02 -16.31
N LEU D 53 -16.18 -13.81 -16.90
CA LEU D 53 -15.95 -12.65 -17.74
C LEU D 53 -16.32 -12.90 -19.20
N LYS D 54 -16.11 -14.13 -19.68
CA LYS D 54 -16.39 -14.44 -21.08
C LYS D 54 -17.89 -14.36 -21.38
N LYS D 55 -18.73 -14.84 -20.46
CA LYS D 55 -20.18 -14.82 -20.70
C LYS D 55 -20.70 -13.39 -20.75
N LYS D 56 -20.20 -12.52 -19.85
CA LYS D 56 -20.72 -11.17 -19.77
C LYS D 56 -20.00 -10.18 -20.69
N ALA D 57 -18.89 -10.56 -21.31
CA ALA D 57 -18.23 -9.69 -22.26
C ALA D 57 -19.10 -9.42 -23.47
N GLU D 58 -19.74 -10.46 -24.00
CA GLU D 58 -20.64 -10.32 -25.14
C GLU D 58 -21.97 -9.68 -24.75
N SER D 59 -22.28 -9.59 -23.46
CA SER D 59 -23.51 -9.00 -22.99
C SER D 59 -23.41 -7.48 -22.80
N LYS D 60 -22.23 -6.90 -23.01
CA LYS D 60 -22.03 -5.47 -22.84
C LYS D 60 -21.34 -4.83 -24.04
N GLY D 61 -21.44 -5.47 -25.22
CA GLY D 61 -20.82 -4.92 -26.42
C GLY D 61 -19.31 -4.83 -26.35
N CYS D 62 -18.65 -5.87 -25.83
CA CYS D 62 -17.20 -5.90 -25.72
C CYS D 62 -16.67 -7.19 -26.31
N PRO D 63 -15.44 -7.17 -26.82
CA PRO D 63 -14.86 -8.40 -27.36
C PRO D 63 -14.65 -9.43 -26.26
N PRO D 64 -14.68 -10.71 -26.59
CA PRO D 64 -14.47 -11.72 -25.55
C PRO D 64 -13.07 -11.64 -24.99
N PRO D 65 -12.89 -11.99 -23.72
CA PRO D 65 -11.55 -11.92 -23.11
C PRO D 65 -10.58 -12.89 -23.77
N ARG D 66 -9.31 -12.51 -23.79
CA ARG D 66 -8.25 -13.32 -24.36
C ARG D 66 -7.83 -14.37 -23.33
N ILE D 67 -8.61 -15.44 -23.25
CA ILE D 67 -8.31 -16.53 -22.32
C ILE D 67 -7.00 -17.19 -22.71
N PRO D 68 -6.08 -17.42 -21.78
CA PRO D 68 -4.79 -18.02 -22.15
C PRO D 68 -4.96 -19.42 -22.75
N SER D 69 -4.12 -19.72 -23.73
CA SER D 69 -4.14 -21.01 -24.39
C SER D 69 -3.52 -22.07 -23.48
N PRO D 70 -3.81 -23.35 -23.73
CA PRO D 70 -3.16 -24.41 -22.95
C PRO D 70 -1.64 -24.42 -23.10
N GLU D 71 -1.10 -23.88 -24.19
CA GLU D 71 0.34 -23.75 -24.31
C GLU D 71 0.89 -22.80 -23.25
N ASP D 72 0.15 -21.74 -22.94
CA ASP D 72 0.53 -20.85 -21.85
C ASP D 72 0.54 -21.58 -20.52
N ILE D 73 -0.46 -22.44 -20.30
CA ILE D 73 -0.49 -23.24 -19.08
C ILE D 73 0.70 -24.18 -19.00
N GLU D 74 1.06 -24.79 -20.13
CA GLU D 74 2.22 -25.67 -20.17
C GLU D 74 3.51 -24.91 -19.86
N ALA D 75 3.65 -23.71 -20.43
CA ALA D 75 4.82 -22.89 -20.15
C ALA D 75 4.88 -22.49 -18.67
N LEU D 76 3.73 -22.13 -18.10
CA LEU D 76 3.69 -21.77 -16.69
C LEU D 76 4.07 -22.96 -15.81
N GLU D 77 3.56 -24.14 -16.13
CA GLU D 77 3.92 -25.34 -15.36
C GLU D 77 5.40 -25.64 -15.49
N GLU D 78 5.96 -25.50 -16.69
CA GLU D 78 7.39 -25.73 -16.88
C GLU D 78 8.22 -24.75 -16.06
N LYS D 79 7.82 -23.48 -16.05
CA LYS D 79 8.56 -22.49 -15.28
C LYS D 79 8.44 -22.74 -13.78
N VAL D 80 7.25 -23.14 -13.31
CA VAL D 80 7.05 -23.38 -11.89
C VAL D 80 7.84 -24.59 -11.43
N GLU D 81 7.80 -25.69 -12.19
CA GLU D 81 8.47 -26.92 -11.78
C GLU D 81 9.98 -26.78 -11.73
N GLN D 82 10.55 -25.82 -12.46
CA GLN D 82 12.00 -25.62 -12.47
C GLN D 82 12.47 -24.60 -11.44
N LEU D 83 11.56 -24.01 -10.67
CA LEU D 83 11.90 -22.99 -9.70
C LEU D 83 11.65 -23.52 -8.29
N SER D 84 12.70 -24.02 -7.65
CA SER D 84 12.65 -24.44 -6.26
C SER D 84 13.17 -23.36 -5.31
N ASN D 85 13.51 -22.19 -5.83
CA ASN D 85 14.05 -21.09 -5.05
C ASN D 85 13.05 -19.95 -4.97
N PRO D 86 12.68 -19.50 -3.78
CA PRO D 86 11.79 -18.33 -3.69
C PRO D 86 12.40 -17.06 -4.27
N LYS D 87 13.72 -17.00 -4.43
CA LYS D 87 14.37 -15.79 -4.93
C LYS D 87 13.81 -15.38 -6.29
N ASP D 88 14.03 -16.20 -7.32
CA ASP D 88 13.49 -15.90 -8.64
C ASP D 88 11.98 -16.16 -8.71
N LEU D 89 11.44 -16.97 -7.80
CA LEU D 89 10.00 -17.20 -7.77
C LEU D 89 9.25 -15.90 -7.47
N ARG D 90 9.80 -15.08 -6.57
CA ARG D 90 9.15 -13.80 -6.25
C ARG D 90 9.04 -12.91 -7.47
N LYS D 91 10.15 -12.75 -8.20
CA LYS D 91 10.10 -11.88 -9.39
C LYS D 91 9.26 -12.50 -10.50
N LEU D 92 9.27 -13.83 -10.64
CA LEU D 92 8.40 -14.45 -11.63
C LEU D 92 6.93 -14.21 -11.31
N ALA D 93 6.55 -14.33 -10.04
CA ALA D 93 5.16 -14.08 -9.65
C ALA D 93 4.80 -12.61 -9.81
N VAL D 94 5.75 -11.71 -9.57
CA VAL D 94 5.49 -10.29 -9.73
C VAL D 94 5.31 -9.95 -11.21
N SER D 95 6.06 -10.63 -12.09
CA SER D 95 6.09 -10.24 -13.51
C SER D 95 4.71 -10.30 -14.15
N LEU D 96 4.04 -11.45 -14.03
CA LEU D 96 2.74 -11.59 -14.69
C LEU D 96 1.65 -10.81 -13.96
N ALA D 97 1.74 -10.72 -12.63
CA ALA D 97 0.74 -9.98 -11.87
C ALA D 97 0.83 -8.48 -12.09
N LEU D 98 1.99 -7.98 -12.55
CA LEU D 98 2.11 -6.55 -12.82
C LEU D 98 1.26 -6.13 -14.01
N TRP D 99 1.02 -7.05 -14.97
CA TRP D 99 0.23 -6.72 -16.14
C TRP D 99 -1.25 -6.50 -15.82
N ALA D 100 -1.69 -6.84 -14.60
CA ALA D 100 -3.10 -6.68 -14.26
C ALA D 100 -3.53 -5.23 -14.31
N PHE D 101 -2.69 -4.33 -13.79
CA PHE D 101 -2.99 -2.90 -13.77
C PHE D 101 -2.31 -2.25 -14.96
N ALA D 102 -3.04 -2.15 -16.07
CA ALA D 102 -2.52 -1.52 -17.28
C ALA D 102 -3.68 -0.93 -18.06
N SER D 103 -3.35 0.00 -18.96
CA SER D 103 -4.36 0.72 -19.74
C SER D 103 -4.67 -0.09 -21.01
N TRP D 104 -5.30 -1.23 -20.79
CA TRP D 104 -5.71 -2.10 -21.89
C TRP D 104 -6.98 -1.55 -22.54
N ASN D 105 -6.97 -1.47 -23.88
CA ASN D 105 -8.15 -1.03 -24.64
C ASN D 105 -9.06 -2.22 -24.95
N ASN D 106 -9.63 -2.79 -23.89
CA ASN D 106 -10.46 -3.98 -24.04
C ASN D 106 -11.72 -3.67 -24.83
N CYS D 107 -12.45 -2.63 -24.44
CA CYS D 107 -13.70 -2.27 -25.11
C CYS D 107 -13.49 -0.99 -25.92
N PRO D 108 -13.55 -1.04 -27.25
CA PRO D 108 -13.36 0.14 -28.10
C PRO D 108 -14.53 1.12 -28.01
N GLY E 2 2.19 -34.51 -20.91
CA GLY E 2 2.94 -35.58 -20.26
C GLY E 2 2.38 -35.95 -18.90
N TRP E 3 1.36 -36.81 -18.90
CA TRP E 3 0.68 -37.36 -17.72
C TRP E 3 -0.13 -36.29 -16.98
N ILE E 4 -0.05 -35.03 -17.39
CA ILE E 4 -0.79 -33.95 -16.76
C ILE E 4 -1.78 -33.31 -17.72
N ARG E 5 -1.33 -33.05 -18.96
CA ARG E 5 -2.21 -32.44 -19.95
C ARG E 5 -3.32 -33.38 -20.38
N ASN E 6 -3.07 -34.69 -20.37
CA ASN E 6 -4.06 -35.65 -20.85
C ASN E 6 -5.31 -35.64 -19.97
N ILE E 7 -5.13 -35.66 -18.65
CA ILE E 7 -6.29 -35.64 -17.76
C ILE E 7 -6.98 -34.28 -17.80
N GLY E 8 -6.20 -33.20 -17.95
CA GLY E 8 -6.79 -31.88 -18.06
C GLY E 8 -7.63 -31.72 -19.32
N ARG E 9 -7.26 -32.43 -20.39
CA ARG E 9 -8.05 -32.37 -21.62
C ARG E 9 -9.47 -32.85 -21.37
N TYR E 10 -9.63 -33.94 -20.62
CA TYR E 10 -10.97 -34.42 -20.29
C TYR E 10 -11.63 -33.56 -19.20
N LEU E 11 -10.85 -33.07 -18.24
CA LEU E 11 -11.44 -32.26 -17.17
C LEU E 11 -12.01 -30.95 -17.71
N SER E 12 -11.39 -30.39 -18.74
CA SER E 12 -11.92 -29.16 -19.34
C SER E 12 -13.23 -29.38 -20.06
N TYR E 13 -13.54 -30.63 -20.45
CA TYR E 13 -14.78 -30.93 -21.13
C TYR E 13 -16.00 -30.83 -20.24
N LEU E 14 -15.82 -30.81 -18.91
CA LEU E 14 -16.92 -30.74 -17.98
C LEU E 14 -17.68 -29.42 -18.05
N VAL E 15 -16.97 -28.30 -18.19
CA VAL E 15 -17.58 -26.99 -18.35
C VAL E 15 -16.77 -26.23 -19.40
N ASP E 16 -17.41 -25.83 -20.49
CA ASP E 16 -16.76 -25.18 -21.61
C ASP E 16 -17.84 -24.75 -22.60
N ASP E 17 -17.40 -24.13 -23.70
CA ASP E 17 -18.33 -23.83 -24.79
C ASP E 17 -18.87 -25.13 -25.39
N THR E 18 -20.14 -25.07 -25.80
CA THR E 18 -20.91 -26.26 -26.18
C THR E 18 -20.92 -27.25 -25.02
N PHE E 19 -21.32 -28.50 -25.28
CA PHE E 19 -21.37 -29.54 -24.25
C PHE E 19 -22.15 -29.03 -23.03
N GLU E 20 -23.45 -28.83 -23.25
CA GLU E 20 -24.26 -28.01 -22.35
C GLU E 20 -24.48 -28.68 -21.01
N GLU E 21 -23.43 -28.74 -20.19
CA GLU E 21 -23.53 -29.16 -18.80
C GLU E 21 -22.53 -28.33 -18.00
N TYR E 22 -22.96 -27.87 -16.82
CA TYR E 22 -22.14 -27.02 -15.97
C TYR E 22 -22.00 -27.69 -14.61
N ALA E 23 -20.91 -28.42 -14.43
CA ALA E 23 -20.61 -29.12 -13.18
C ALA E 23 -19.33 -28.54 -12.61
N TYR E 24 -19.47 -27.47 -11.83
CA TYR E 24 -18.33 -26.88 -11.15
C TYR E 24 -17.96 -27.58 -9.85
N ASP E 25 -18.85 -28.43 -9.33
CA ASP E 25 -18.60 -29.09 -8.06
C ASP E 25 -17.41 -30.04 -8.17
N VAL E 26 -17.32 -30.78 -9.27
CA VAL E 26 -16.21 -31.72 -9.44
C VAL E 26 -14.88 -30.98 -9.53
N VAL E 27 -14.83 -29.88 -10.29
CA VAL E 27 -13.61 -29.10 -10.41
C VAL E 27 -13.22 -28.49 -9.07
N ASP E 28 -14.20 -27.96 -8.34
CA ASP E 28 -13.93 -27.37 -7.03
C ASP E 28 -13.40 -28.42 -6.06
N GLY E 29 -13.99 -29.62 -6.05
CA GLY E 29 -13.51 -30.67 -5.18
C GLY E 29 -12.12 -31.15 -5.54
N ILE E 30 -11.83 -31.24 -6.84
CA ILE E 30 -10.50 -31.64 -7.27
C ILE E 30 -9.47 -30.61 -6.86
N ALA E 31 -9.76 -29.33 -7.07
CA ALA E 31 -8.78 -28.27 -6.81
C ALA E 31 -8.58 -28.06 -5.32
N LYS E 32 -9.65 -28.01 -4.54
CA LYS E 32 -9.58 -27.66 -3.13
C LYS E 32 -9.35 -28.88 -2.23
N ALA E 33 -9.12 -30.06 -2.81
CA ALA E 33 -8.89 -31.24 -2.01
C ALA E 33 -7.61 -31.11 -1.20
N ARG E 34 -7.67 -31.50 0.07
CA ARG E 34 -6.52 -31.48 0.96
C ARG E 34 -5.85 -32.84 1.07
N THR E 35 -6.64 -33.91 1.16
CA THR E 35 -6.15 -35.27 1.27
C THR E 35 -6.38 -36.04 -0.03
N GLN E 36 -5.81 -37.24 -0.09
CA GLN E 36 -5.89 -38.03 -1.32
C GLN E 36 -7.28 -38.62 -1.52
N GLU E 37 -7.99 -38.92 -0.44
CA GLU E 37 -9.34 -39.48 -0.59
C GLU E 37 -10.28 -38.50 -1.29
N GLU E 38 -10.25 -37.23 -0.88
CA GLU E 38 -11.13 -36.24 -1.50
C GLU E 38 -10.75 -36.01 -2.96
N LEU E 39 -9.45 -35.95 -3.26
CA LEU E 39 -9.02 -35.77 -4.64
C LEU E 39 -9.46 -36.95 -5.51
N LEU E 40 -9.31 -38.17 -4.99
CA LEU E 40 -9.70 -39.34 -5.77
C LEU E 40 -11.21 -39.40 -5.97
N GLU E 41 -12.00 -39.05 -4.94
CA GLU E 41 -13.44 -39.08 -5.11
C GLU E 41 -13.90 -37.98 -6.07
N GLY E 42 -13.26 -36.81 -6.04
CA GLY E 42 -13.58 -35.79 -7.02
C GLY E 42 -13.22 -36.21 -8.44
N VAL E 43 -12.08 -36.89 -8.61
CA VAL E 43 -11.72 -37.40 -9.92
C VAL E 43 -12.73 -38.42 -10.40
N TYR E 44 -13.16 -39.32 -9.51
CA TYR E 44 -14.17 -40.30 -9.88
C TYR E 44 -15.48 -39.63 -10.28
N LYS E 45 -15.89 -38.59 -9.53
CA LYS E 45 -17.10 -37.86 -9.88
C LYS E 45 -16.96 -37.20 -11.25
N ALA E 46 -15.80 -36.62 -11.53
CA ALA E 46 -15.59 -35.97 -12.83
C ALA E 46 -15.64 -36.99 -13.96
N LEU E 47 -15.01 -38.14 -13.77
CA LEU E 47 -14.97 -39.16 -14.83
C LEU E 47 -16.26 -39.96 -14.93
N ARG E 48 -17.17 -39.85 -13.95
CA ARG E 48 -18.43 -40.56 -14.04
C ARG E 48 -19.27 -40.08 -15.22
N LEU E 49 -19.05 -38.84 -15.66
CA LEU E 49 -19.80 -38.27 -16.79
C LEU E 49 -19.16 -38.57 -18.14
N ALA E 50 -18.12 -39.41 -18.17
CA ALA E 50 -17.50 -39.77 -19.44
C ALA E 50 -18.48 -40.41 -20.43
N PRO E 51 -19.33 -41.37 -20.03
CA PRO E 51 -20.34 -41.85 -20.99
C PRO E 51 -21.30 -40.76 -21.46
N LYS E 52 -21.63 -39.83 -20.57
CA LYS E 52 -22.48 -38.71 -20.96
C LYS E 52 -21.80 -37.84 -22.01
N LEU E 53 -20.52 -37.55 -21.81
CA LEU E 53 -19.78 -36.77 -22.80
C LEU E 53 -19.67 -37.51 -24.12
N LYS E 54 -19.43 -38.83 -24.07
CA LYS E 54 -19.34 -39.61 -25.28
C LYS E 54 -20.66 -39.61 -26.04
N LYS E 55 -21.78 -39.75 -25.33
CA LYS E 55 -23.08 -39.71 -25.97
C LYS E 55 -23.39 -38.34 -26.56
N LYS E 56 -23.02 -37.27 -25.84
CA LYS E 56 -23.33 -35.92 -26.29
C LYS E 56 -22.37 -35.42 -27.37
N ALA E 57 -21.25 -36.12 -27.59
CA ALA E 57 -20.30 -35.70 -28.61
C ALA E 57 -20.94 -35.70 -29.99
N GLU E 58 -21.59 -36.81 -30.36
CA GLU E 58 -22.28 -36.89 -31.64
C GLU E 58 -23.63 -36.22 -31.63
N SER E 59 -24.14 -35.83 -30.45
CA SER E 59 -25.43 -35.15 -30.37
C SER E 59 -25.38 -33.75 -30.95
N LYS E 60 -24.18 -33.18 -31.12
CA LYS E 60 -24.03 -31.85 -31.67
C LYS E 60 -22.94 -31.78 -32.74
N GLY E 61 -22.48 -32.92 -33.25
CA GLY E 61 -21.44 -32.94 -34.25
C GLY E 61 -20.02 -32.80 -33.72
N CYS E 62 -19.85 -32.69 -32.41
CA CYS E 62 -18.53 -32.54 -31.84
C CYS E 62 -17.75 -33.86 -31.93
N PRO E 63 -16.41 -33.79 -31.99
CA PRO E 63 -15.63 -35.02 -32.00
C PRO E 63 -15.77 -35.75 -30.67
N PRO E 64 -15.55 -37.06 -30.65
CA PRO E 64 -15.67 -37.82 -29.40
C PRO E 64 -14.69 -37.31 -28.36
N PRO E 65 -15.10 -37.26 -27.09
CA PRO E 65 -14.22 -36.70 -26.06
C PRO E 65 -13.01 -37.59 -25.81
N ARG E 66 -11.93 -36.96 -25.36
CA ARG E 66 -10.69 -37.67 -25.05
C ARG E 66 -10.78 -38.17 -23.61
N ILE E 67 -11.46 -39.30 -23.45
CA ILE E 67 -11.53 -39.95 -22.14
C ILE E 67 -10.14 -40.42 -21.74
N PRO E 68 -9.69 -40.17 -20.51
CA PRO E 68 -8.33 -40.55 -20.13
C PRO E 68 -8.09 -42.04 -20.26
N SER E 69 -6.90 -42.39 -20.74
CA SER E 69 -6.53 -43.78 -20.92
C SER E 69 -6.28 -44.45 -19.57
N PRO E 70 -6.39 -45.77 -19.51
CA PRO E 70 -6.03 -46.47 -18.26
C PRO E 70 -4.58 -46.27 -17.85
N GLU E 71 -3.69 -46.05 -18.81
CA GLU E 71 -2.27 -45.88 -18.51
C GLU E 71 -2.04 -44.69 -17.59
N ASP E 72 -2.63 -43.54 -17.91
CA ASP E 72 -2.37 -42.34 -17.12
C ASP E 72 -2.91 -42.49 -15.70
N ILE E 73 -4.09 -43.08 -15.53
CA ILE E 73 -4.65 -43.21 -14.19
C ILE E 73 -3.88 -44.25 -13.37
N GLU E 74 -3.48 -45.35 -14.01
CA GLU E 74 -2.74 -46.36 -13.26
C GLU E 74 -1.30 -45.94 -12.98
N ALA E 75 -0.79 -44.94 -13.70
CA ALA E 75 0.47 -44.32 -13.33
C ALA E 75 0.29 -43.19 -12.32
N LEU E 76 -0.89 -42.58 -12.27
CA LEU E 76 -1.18 -41.53 -11.30
C LEU E 76 -1.44 -42.10 -9.91
N GLU E 77 -1.99 -43.31 -9.83
CA GLU E 77 -2.32 -43.87 -8.52
C GLU E 77 -1.10 -43.97 -7.61
N GLU E 78 -0.10 -44.75 -8.02
CA GLU E 78 1.08 -44.94 -7.18
C GLU E 78 1.89 -43.65 -7.04
N LYS E 79 1.75 -42.72 -7.98
CA LYS E 79 2.39 -41.42 -7.84
C LYS E 79 1.72 -40.61 -6.73
N VAL E 80 0.41 -40.76 -6.57
CA VAL E 80 -0.28 -40.08 -5.47
C VAL E 80 0.05 -40.73 -4.14
N GLU E 81 0.14 -42.06 -4.10
CA GLU E 81 0.17 -42.78 -2.83
C GLU E 81 1.55 -42.81 -2.19
N GLN E 82 2.20 -41.65 -2.05
CA GLN E 82 3.32 -41.51 -1.13
C GLN E 82 3.35 -40.14 -0.47
N LEU E 83 2.35 -39.29 -0.71
CA LEU E 83 2.35 -37.91 -0.21
C LEU E 83 1.61 -37.91 1.12
N SER E 84 2.36 -37.79 2.21
CA SER E 84 1.80 -37.81 3.55
C SER E 84 1.48 -36.41 4.09
N ASN E 85 1.69 -35.37 3.30
CA ASN E 85 1.41 -34.01 3.73
C ASN E 85 0.50 -33.31 2.72
N PRO E 86 -0.44 -32.51 3.21
CA PRO E 86 -1.33 -31.78 2.29
C PRO E 86 -0.61 -30.76 1.43
N LYS E 87 0.57 -30.28 1.86
CA LYS E 87 1.28 -29.26 1.11
C LYS E 87 1.69 -29.77 -0.27
N ASP E 88 2.24 -30.99 -0.33
CA ASP E 88 2.66 -31.55 -1.61
C ASP E 88 1.48 -32.00 -2.46
N LEU E 89 0.38 -32.40 -1.82
CA LEU E 89 -0.79 -32.85 -2.56
C LEU E 89 -1.56 -31.68 -3.15
N ARG E 90 -1.51 -30.51 -2.50
CA ARG E 90 -2.27 -29.36 -2.97
C ARG E 90 -1.78 -28.89 -4.33
N LYS E 91 -0.46 -28.86 -4.54
CA LYS E 91 0.07 -28.43 -5.82
C LYS E 91 -0.30 -29.43 -6.93
N LEU E 92 -0.26 -30.72 -6.63
CA LEU E 92 -0.69 -31.71 -7.62
C LEU E 92 -2.16 -31.55 -7.97
N ALA E 93 -3.01 -31.35 -6.96
CA ALA E 93 -4.44 -31.18 -7.22
C ALA E 93 -4.72 -29.93 -8.04
N VAL E 94 -4.08 -28.81 -7.69
CA VAL E 94 -4.31 -27.58 -8.42
C VAL E 94 -3.76 -27.67 -9.84
N SER E 95 -2.63 -28.35 -10.04
CA SER E 95 -2.13 -28.57 -11.38
C SER E 95 -3.08 -29.43 -12.20
N LEU E 96 -3.68 -30.45 -11.58
CA LEU E 96 -4.67 -31.27 -12.27
C LEU E 96 -5.90 -30.44 -12.66
N ALA E 97 -6.35 -29.57 -11.77
CA ALA E 97 -7.60 -28.83 -11.97
C ALA E 97 -7.41 -27.53 -12.75
N LEU E 98 -6.18 -27.11 -13.01
CA LEU E 98 -5.96 -25.84 -13.69
C LEU E 98 -6.47 -25.87 -15.13
N TRP E 99 -6.31 -27.00 -15.82
CA TRP E 99 -6.63 -27.07 -17.25
C TRP E 99 -8.12 -27.00 -17.53
N ALA E 100 -8.97 -27.05 -16.51
CA ALA E 100 -10.42 -26.99 -16.73
C ALA E 100 -10.89 -25.64 -17.23
N PHE E 101 -10.04 -24.62 -17.21
CA PHE E 101 -10.40 -23.27 -17.64
C PHE E 101 -9.40 -22.74 -18.66
N ALA E 102 -9.09 -23.56 -19.65
CA ALA E 102 -8.19 -23.18 -20.74
C ALA E 102 -8.91 -23.24 -22.07
N SER E 103 -8.33 -22.59 -23.07
CA SER E 103 -8.94 -22.46 -24.40
C SER E 103 -8.59 -23.69 -25.25
N TRP E 104 -9.30 -24.78 -24.97
CA TRP E 104 -9.13 -26.00 -25.74
C TRP E 104 -10.04 -26.00 -26.97
N ASN E 105 -9.63 -26.74 -27.99
CA ASN E 105 -10.43 -26.92 -29.20
C ASN E 105 -11.44 -28.05 -28.96
N ASN E 106 -12.45 -27.72 -28.14
CA ASN E 106 -13.41 -28.73 -27.71
C ASN E 106 -14.26 -29.22 -28.89
N CYS E 107 -14.83 -28.30 -29.66
CA CYS E 107 -15.70 -28.64 -30.79
C CYS E 107 -15.25 -27.84 -32.00
N PRO E 108 -14.20 -28.30 -32.70
CA PRO E 108 -13.68 -27.61 -33.89
C PRO E 108 -14.62 -27.71 -35.07
N GLY F 2 -1.84 -51.80 -11.39
CA GLY F 2 -1.21 -52.14 -10.13
C GLY F 2 -2.11 -52.93 -9.19
N TRP F 3 -2.42 -54.17 -9.60
CA TRP F 3 -3.19 -55.12 -8.81
C TRP F 3 -4.66 -54.72 -8.74
N ILE F 4 -4.99 -53.52 -9.24
CA ILE F 4 -6.36 -53.07 -9.29
C ILE F 4 -6.86 -52.91 -10.72
N ARG F 5 -5.97 -52.71 -11.70
CA ARG F 5 -6.40 -52.58 -13.08
C ARG F 5 -7.01 -53.88 -13.61
N ASN F 6 -6.56 -55.02 -13.08
CA ASN F 6 -7.12 -56.31 -13.50
C ASN F 6 -8.60 -56.41 -13.15
N ILE F 7 -8.98 -55.98 -11.95
CA ILE F 7 -10.39 -55.95 -11.59
C ILE F 7 -11.07 -54.67 -12.09
N GLY F 8 -10.30 -53.60 -12.29
CA GLY F 8 -10.89 -52.38 -12.83
C GLY F 8 -11.42 -52.57 -14.25
N ARG F 9 -10.69 -53.35 -15.06
CA ARG F 9 -11.16 -53.64 -16.41
C ARG F 9 -12.46 -54.42 -16.39
N TYR F 10 -12.56 -55.41 -15.50
CA TYR F 10 -13.80 -56.17 -15.37
C TYR F 10 -14.94 -55.29 -14.88
N LEU F 11 -14.66 -54.39 -13.95
CA LEU F 11 -15.68 -53.46 -13.46
C LEU F 11 -16.15 -52.54 -14.57
N SER F 12 -15.24 -52.06 -15.41
CA SER F 12 -15.61 -51.20 -16.53
C SER F 12 -16.34 -51.97 -17.62
N TYR F 13 -16.13 -53.28 -17.72
CA TYR F 13 -16.80 -54.09 -18.74
C TYR F 13 -18.31 -54.08 -18.62
N LEU F 14 -18.86 -53.72 -17.45
CA LEU F 14 -20.29 -53.74 -17.24
C LEU F 14 -20.92 -52.35 -17.21
N VAL F 15 -20.16 -51.30 -17.51
CA VAL F 15 -20.70 -49.95 -17.59
C VAL F 15 -20.24 -49.24 -18.85
N ASP F 16 -19.67 -49.99 -19.79
CA ASP F 16 -19.16 -49.44 -21.03
C ASP F 16 -20.08 -49.81 -22.18
N ASP F 17 -19.70 -49.37 -23.38
CA ASP F 17 -20.47 -49.69 -24.59
C ASP F 17 -20.10 -51.09 -25.08
N THR F 18 -20.77 -51.51 -26.15
CA THR F 18 -20.59 -52.83 -26.77
C THR F 18 -20.86 -53.97 -25.80
N PHE F 19 -21.53 -53.69 -24.68
CA PHE F 19 -21.90 -54.71 -23.71
C PHE F 19 -23.35 -54.62 -23.25
N GLU F 20 -23.99 -53.45 -23.37
CA GLU F 20 -25.42 -53.29 -23.05
C GLU F 20 -25.73 -53.73 -21.61
N GLU F 21 -24.88 -53.31 -20.68
CA GLU F 21 -25.10 -53.59 -19.27
C GLU F 21 -25.41 -52.32 -18.48
N TYR F 22 -24.50 -51.34 -18.50
CA TYR F 22 -24.73 -50.02 -17.89
C TYR F 22 -25.21 -50.14 -16.44
N ALA F 23 -24.55 -51.00 -15.68
CA ALA F 23 -24.91 -51.22 -14.28
C ALA F 23 -24.18 -50.20 -13.41
N TYR F 24 -24.72 -48.98 -13.39
CA TYR F 24 -24.13 -47.90 -12.62
C TYR F 24 -24.34 -48.06 -11.11
N ASP F 25 -25.38 -48.79 -10.71
CA ASP F 25 -25.69 -48.92 -9.29
C ASP F 25 -24.58 -49.62 -8.52
N VAL F 26 -24.04 -50.70 -9.07
CA VAL F 26 -22.99 -51.44 -8.38
C VAL F 26 -21.71 -50.61 -8.29
N VAL F 27 -21.39 -49.87 -9.36
CA VAL F 27 -20.20 -49.02 -9.33
C VAL F 27 -20.36 -47.91 -8.31
N ASP F 28 -21.56 -47.30 -8.25
CA ASP F 28 -21.81 -46.26 -7.25
C ASP F 28 -21.72 -46.82 -5.84
N GLY F 29 -22.25 -48.02 -5.62
CA GLY F 29 -22.14 -48.64 -4.30
C GLY F 29 -20.70 -48.94 -3.92
N ILE F 30 -19.89 -49.39 -4.89
CA ILE F 30 -18.49 -49.67 -4.61
C ILE F 30 -17.75 -48.38 -4.28
N ALA F 31 -17.95 -47.33 -5.08
CA ALA F 31 -17.22 -46.09 -4.87
C ALA F 31 -17.72 -45.34 -3.64
N LYS F 32 -19.04 -45.24 -3.48
CA LYS F 32 -19.64 -44.52 -2.35
C LYS F 32 -19.96 -45.51 -1.23
N ALA F 33 -18.89 -46.00 -0.59
CA ALA F 33 -19.00 -46.93 0.51
C ALA F 33 -18.50 -46.27 1.79
N ARG F 34 -19.33 -46.27 2.82
CA ARG F 34 -18.95 -45.70 4.12
C ARG F 34 -18.37 -46.76 5.03
N THR F 35 -19.05 -47.89 5.19
CA THR F 35 -18.58 -49.00 6.00
C THR F 35 -18.01 -50.10 5.11
N GLN F 36 -17.23 -50.99 5.73
CA GLN F 36 -16.61 -52.07 4.97
C GLN F 36 -17.65 -53.05 4.44
N GLU F 37 -18.79 -53.19 5.14
CA GLU F 37 -19.85 -54.07 4.66
C GLU F 37 -20.40 -53.59 3.33
N GLU F 38 -20.58 -52.28 3.17
CA GLU F 38 -21.09 -51.74 1.92
C GLU F 38 -20.12 -52.02 0.77
N LEU F 39 -18.82 -51.82 0.99
CA LEU F 39 -17.84 -52.08 -0.05
C LEU F 39 -17.79 -53.57 -0.39
N LEU F 40 -17.87 -54.44 0.63
CA LEU F 40 -17.88 -55.87 0.37
C LEU F 40 -19.10 -56.29 -0.43
N GLU F 41 -20.27 -55.74 -0.08
CA GLU F 41 -21.48 -56.05 -0.84
C GLU F 41 -21.37 -55.55 -2.27
N GLY F 42 -20.81 -54.36 -2.46
CA GLY F 42 -20.65 -53.84 -3.81
C GLY F 42 -19.72 -54.68 -4.67
N VAL F 43 -18.58 -55.08 -4.09
CA VAL F 43 -17.65 -55.91 -4.86
C VAL F 43 -18.23 -57.30 -5.11
N TYR F 44 -19.01 -57.83 -4.17
CA TYR F 44 -19.69 -59.10 -4.39
C TYR F 44 -20.70 -58.98 -5.53
N LYS F 45 -21.46 -57.89 -5.56
CA LYS F 45 -22.41 -57.68 -6.64
C LYS F 45 -21.70 -57.53 -7.98
N ALA F 46 -20.56 -56.83 -7.99
CA ALA F 46 -19.79 -56.68 -9.22
C ALA F 46 -19.28 -58.04 -9.71
N LEU F 47 -18.76 -58.87 -8.81
CA LEU F 47 -18.27 -60.18 -9.20
C LEU F 47 -19.39 -61.15 -9.54
N ARG F 48 -20.61 -60.88 -9.08
CA ARG F 48 -21.73 -61.79 -9.36
C ARG F 48 -22.03 -61.87 -10.85
N LEU F 49 -21.99 -60.73 -11.54
CA LEU F 49 -22.37 -60.70 -12.96
C LEU F 49 -21.19 -61.08 -13.85
N ALA F 50 -20.51 -62.17 -13.51
CA ALA F 50 -19.44 -62.68 -14.36
C ALA F 50 -19.99 -63.41 -15.58
N PRO F 51 -20.90 -64.38 -15.43
CA PRO F 51 -21.45 -65.04 -16.63
C PRO F 51 -22.21 -64.09 -17.54
N LYS F 52 -22.77 -63.00 -17.01
CA LYS F 52 -23.51 -62.06 -17.83
C LYS F 52 -22.63 -61.44 -18.90
N LEU F 53 -21.41 -61.05 -18.53
CA LEU F 53 -20.45 -60.54 -19.49
C LEU F 53 -19.61 -61.65 -20.12
N LYS F 54 -19.68 -62.87 -19.60
CA LYS F 54 -18.89 -63.97 -20.14
C LYS F 54 -19.59 -64.62 -21.33
N LYS F 55 -20.79 -65.16 -21.11
CA LYS F 55 -21.50 -65.87 -22.18
C LYS F 55 -21.97 -64.92 -23.28
N LYS F 56 -22.42 -63.72 -22.90
CA LYS F 56 -22.98 -62.79 -23.86
C LYS F 56 -21.93 -62.15 -24.76
N ALA F 57 -20.67 -62.07 -24.31
CA ALA F 57 -19.63 -61.43 -25.11
C ALA F 57 -19.41 -62.16 -26.43
N GLU F 58 -19.35 -63.49 -26.39
CA GLU F 58 -19.12 -64.26 -27.61
C GLU F 58 -20.25 -64.09 -28.62
N SER F 59 -21.43 -63.67 -28.17
CA SER F 59 -22.55 -63.43 -29.08
C SER F 59 -22.45 -62.07 -29.78
N LYS F 60 -21.49 -61.24 -29.40
CA LYS F 60 -21.32 -59.91 -30.01
C LYS F 60 -19.96 -59.74 -30.67
N GLY F 61 -19.26 -60.84 -30.93
CA GLY F 61 -17.97 -60.79 -31.59
C GLY F 61 -16.92 -60.02 -30.81
N CYS F 62 -16.84 -60.30 -29.50
CA CYS F 62 -15.92 -59.59 -28.62
C CYS F 62 -15.07 -60.59 -27.85
N PRO F 63 -13.85 -60.21 -27.48
CA PRO F 63 -13.01 -61.12 -26.70
C PRO F 63 -13.65 -61.39 -25.34
N PRO F 64 -13.40 -62.56 -24.75
CA PRO F 64 -13.97 -62.87 -23.43
C PRO F 64 -13.48 -61.88 -22.39
N PRO F 65 -14.32 -61.54 -21.42
CA PRO F 65 -13.91 -60.57 -20.39
C PRO F 65 -12.80 -61.13 -19.52
N ARG F 66 -11.95 -60.22 -19.04
CA ARG F 66 -10.84 -60.60 -18.15
C ARG F 66 -11.35 -60.62 -16.71
N ILE F 67 -11.88 -61.78 -16.32
CA ILE F 67 -12.33 -61.95 -14.94
C ILE F 67 -11.13 -61.84 -14.01
N PRO F 68 -11.22 -61.13 -12.88
CA PRO F 68 -10.05 -60.98 -12.01
C PRO F 68 -9.52 -62.33 -11.54
N SER F 69 -8.19 -62.43 -11.51
CA SER F 69 -7.56 -63.67 -11.09
C SER F 69 -7.77 -63.89 -9.58
N PRO F 70 -7.82 -65.15 -9.15
CA PRO F 70 -8.03 -65.42 -7.71
C PRO F 70 -6.92 -64.87 -6.82
N GLU F 71 -5.76 -64.53 -7.38
CA GLU F 71 -4.65 -64.05 -6.57
C GLU F 71 -4.91 -62.67 -5.98
N ASP F 72 -5.87 -61.91 -6.50
CA ASP F 72 -6.10 -60.56 -6.02
C ASP F 72 -7.25 -60.45 -5.03
N ILE F 73 -8.19 -61.40 -5.03
CA ILE F 73 -9.27 -61.37 -4.05
C ILE F 73 -8.71 -61.50 -2.64
N GLU F 74 -7.76 -62.43 -2.44
CA GLU F 74 -7.16 -62.61 -1.12
C GLU F 74 -6.40 -61.35 -0.69
N ALA F 75 -5.69 -60.72 -1.61
CA ALA F 75 -4.97 -59.48 -1.28
C ALA F 75 -5.94 -58.37 -0.91
N LEU F 76 -7.05 -58.24 -1.66
CA LEU F 76 -8.04 -57.22 -1.34
C LEU F 76 -8.66 -57.48 0.03
N GLU F 77 -8.95 -58.74 0.34
CA GLU F 77 -9.53 -59.07 1.64
C GLU F 77 -8.56 -58.77 2.77
N GLU F 78 -7.30 -59.17 2.61
CA GLU F 78 -6.31 -58.92 3.66
C GLU F 78 -6.02 -57.44 3.81
N LYS F 79 -6.20 -56.66 2.74
CA LYS F 79 -6.09 -55.21 2.87
C LYS F 79 -7.28 -54.64 3.63
N VAL F 80 -8.50 -54.95 3.19
CA VAL F 80 -9.69 -54.40 3.82
C VAL F 80 -9.84 -54.86 5.26
N GLU F 81 -9.16 -55.94 5.65
CA GLU F 81 -9.18 -56.36 7.05
C GLU F 81 -8.59 -55.29 7.96
N GLN F 82 -7.47 -54.70 7.55
CA GLN F 82 -6.74 -53.75 8.40
C GLN F 82 -7.03 -52.29 8.05
N LEU F 83 -8.02 -52.02 7.19
CA LEU F 83 -8.50 -50.66 6.96
C LEU F 83 -9.76 -50.45 7.80
N SER F 84 -9.55 -50.29 9.10
CA SER F 84 -10.64 -50.06 10.04
C SER F 84 -11.16 -48.62 9.98
N ASN F 85 -10.26 -47.65 9.81
CA ASN F 85 -10.67 -46.26 9.78
C ASN F 85 -11.48 -45.97 8.52
N PRO F 86 -12.51 -45.12 8.62
CA PRO F 86 -13.31 -44.81 7.42
C PRO F 86 -12.53 -44.12 6.32
N LYS F 87 -11.46 -43.40 6.66
CA LYS F 87 -10.72 -42.64 5.65
C LYS F 87 -10.03 -43.56 4.65
N ASP F 88 -9.18 -44.47 5.15
CA ASP F 88 -8.50 -45.39 4.25
C ASP F 88 -9.47 -46.35 3.57
N LEU F 89 -10.54 -46.73 4.27
CA LEU F 89 -11.56 -47.58 3.66
C LEU F 89 -12.22 -46.90 2.48
N ARG F 90 -12.57 -45.63 2.63
CA ARG F 90 -13.13 -44.86 1.52
C ARG F 90 -12.11 -44.68 0.42
N LYS F 91 -10.84 -44.51 0.78
CA LYS F 91 -9.77 -44.42 -0.21
C LYS F 91 -9.73 -45.68 -1.08
N LEU F 92 -9.75 -46.85 -0.44
CA LEU F 92 -9.75 -48.10 -1.18
C LEU F 92 -11.01 -48.24 -2.03
N ALA F 93 -12.16 -47.84 -1.47
CA ALA F 93 -13.41 -47.96 -2.21
C ALA F 93 -13.40 -47.11 -3.47
N VAL F 94 -12.92 -45.87 -3.38
CA VAL F 94 -12.89 -45.02 -4.56
C VAL F 94 -11.81 -45.49 -5.54
N SER F 95 -10.66 -45.93 -5.03
CA SER F 95 -9.60 -46.40 -5.92
C SER F 95 -10.00 -47.66 -6.66
N LEU F 96 -10.89 -48.47 -6.08
CA LEU F 96 -11.37 -49.66 -6.77
C LEU F 96 -12.21 -49.29 -7.98
N ALA F 97 -12.91 -48.15 -7.94
CA ALA F 97 -13.80 -47.73 -9.01
C ALA F 97 -13.42 -46.37 -9.58
N LEU F 98 -12.13 -46.03 -9.61
CA LEU F 98 -11.72 -44.75 -10.15
C LEU F 98 -11.99 -44.67 -11.65
N TRP F 99 -11.37 -45.57 -12.42
CA TRP F 99 -11.47 -45.58 -13.88
C TRP F 99 -12.53 -46.56 -14.37
N ALA F 100 -13.60 -46.77 -13.60
CA ALA F 100 -14.67 -47.65 -14.05
C ALA F 100 -15.34 -47.12 -15.30
N PHE F 101 -15.22 -45.82 -15.57
CA PHE F 101 -15.78 -45.19 -16.75
C PHE F 101 -14.67 -44.73 -17.70
N ALA F 102 -13.62 -45.53 -17.82
CA ALA F 102 -12.46 -45.18 -18.62
C ALA F 102 -12.74 -45.47 -20.10
N SER F 103 -11.68 -45.46 -20.91
CA SER F 103 -11.80 -45.64 -22.35
C SER F 103 -11.09 -46.92 -22.80
N TRP F 104 -11.29 -48.01 -22.08
CA TRP F 104 -10.67 -49.28 -22.44
C TRP F 104 -11.02 -49.67 -23.87
N ASN F 105 -10.00 -50.07 -24.64
CA ASN F 105 -10.19 -50.49 -26.03
C ASN F 105 -10.53 -51.98 -26.04
N ASN F 106 -11.82 -52.28 -26.08
CA ASN F 106 -12.30 -53.66 -26.06
C ASN F 106 -13.24 -53.87 -27.24
N CYS F 107 -13.27 -55.12 -27.74
CA CYS F 107 -14.08 -55.53 -28.86
C CYS F 107 -13.84 -54.63 -30.07
N PRO F 108 -12.67 -54.73 -30.73
CA PRO F 108 -12.35 -53.90 -31.89
C PRO F 108 -13.27 -54.17 -33.08
N GLY G 2 -7.44 -70.84 6.05
CA GLY G 2 -8.20 -71.12 7.26
C GLY G 2 -9.63 -71.56 6.97
N TRP G 3 -9.77 -72.80 6.49
CA TRP G 3 -11.05 -73.44 6.17
C TRP G 3 -12.00 -72.49 5.43
N ILE G 4 -11.45 -71.62 4.59
CA ILE G 4 -12.27 -70.65 3.85
C ILE G 4 -12.31 -70.94 2.36
N ARG G 5 -11.38 -71.73 1.82
CA ARG G 5 -11.33 -72.02 0.39
C ARG G 5 -12.04 -73.31 0.02
N ASN G 6 -11.86 -74.38 0.79
CA ASN G 6 -12.49 -75.66 0.45
C ASN G 6 -14.01 -75.54 0.47
N ILE G 7 -14.56 -74.89 1.50
CA ILE G 7 -15.99 -74.63 1.51
C ILE G 7 -16.36 -73.68 0.37
N GLY G 8 -15.50 -72.71 0.08
CA GLY G 8 -15.70 -71.87 -1.08
C GLY G 8 -15.66 -72.65 -2.38
N ARG G 9 -14.73 -73.61 -2.47
CA ARG G 9 -14.67 -74.47 -3.65
C ARG G 9 -15.97 -75.25 -3.82
N TYR G 10 -16.48 -75.82 -2.73
CA TYR G 10 -17.73 -76.58 -2.81
C TYR G 10 -18.90 -75.69 -3.20
N LEU G 11 -18.97 -74.48 -2.63
CA LEU G 11 -20.04 -73.56 -2.98
C LEU G 11 -19.97 -73.14 -4.44
N SER G 12 -18.75 -72.93 -4.96
CA SER G 12 -18.58 -72.56 -6.35
C SER G 12 -18.86 -73.73 -7.30
N TYR G 13 -18.71 -74.97 -6.82
CA TYR G 13 -18.93 -76.14 -7.66
C TYR G 13 -20.38 -76.27 -8.13
N LEU G 14 -21.31 -75.57 -7.51
CA LEU G 14 -22.72 -75.64 -7.91
C LEU G 14 -23.18 -74.40 -8.66
N VAL G 15 -22.28 -73.49 -9.02
CA VAL G 15 -22.63 -72.30 -9.79
C VAL G 15 -21.69 -72.15 -10.98
N ASP G 16 -20.64 -72.97 -11.02
CA ASP G 16 -19.65 -72.86 -12.07
C ASP G 16 -20.17 -73.48 -13.37
N ASP G 17 -19.36 -73.37 -14.42
CA ASP G 17 -19.73 -73.90 -15.73
C ASP G 17 -19.44 -75.40 -15.79
N THR G 18 -19.68 -75.98 -16.96
CA THR G 18 -19.45 -77.40 -17.25
C THR G 18 -20.25 -78.33 -16.34
N PHE G 19 -21.24 -77.81 -15.63
CA PHE G 19 -22.09 -78.60 -14.73
C PHE G 19 -23.54 -78.47 -15.17
N GLU G 20 -24.44 -79.07 -14.38
CA GLU G 20 -25.87 -79.01 -14.65
C GLU G 20 -26.72 -78.58 -13.47
N GLU G 21 -26.26 -78.80 -12.23
CA GLU G 21 -27.03 -78.42 -11.05
C GLU G 21 -26.79 -76.94 -10.77
N TYR G 22 -27.62 -76.10 -11.40
CA TYR G 22 -27.53 -74.65 -11.24
C TYR G 22 -28.56 -74.22 -10.20
N ALA G 23 -28.23 -74.47 -8.94
CA ALA G 23 -29.10 -74.13 -7.81
C ALA G 23 -28.54 -72.86 -7.16
N TYR G 24 -29.02 -71.71 -7.63
CA TYR G 24 -28.58 -70.42 -7.09
C TYR G 24 -29.26 -70.06 -5.78
N ASP G 25 -30.30 -70.79 -5.38
CA ASP G 25 -31.00 -70.47 -4.15
C ASP G 25 -30.09 -70.64 -2.93
N VAL G 26 -29.31 -71.72 -2.90
CA VAL G 26 -28.45 -71.97 -1.75
C VAL G 26 -27.35 -70.91 -1.64
N VAL G 27 -26.73 -70.54 -2.76
CA VAL G 27 -25.68 -69.53 -2.71
C VAL G 27 -26.27 -68.16 -2.41
N ASP G 28 -27.50 -67.90 -2.85
CA ASP G 28 -28.16 -66.64 -2.50
C ASP G 28 -28.46 -66.57 -1.01
N GLY G 29 -28.94 -67.69 -0.43
CA GLY G 29 -29.27 -67.71 0.99
C GLY G 29 -28.08 -67.78 1.91
N ILE G 30 -26.94 -68.28 1.44
CA ILE G 30 -25.75 -68.33 2.28
C ILE G 30 -25.29 -66.93 2.63
N ALA G 31 -25.23 -66.05 1.65
CA ALA G 31 -24.77 -64.68 1.90
C ALA G 31 -25.78 -63.89 2.72
N LYS G 32 -27.07 -64.06 2.43
CA LYS G 32 -28.13 -63.31 3.11
C LYS G 32 -28.62 -64.15 4.29
N ALA G 33 -27.85 -64.11 5.38
CA ALA G 33 -28.23 -64.81 6.61
C ALA G 33 -27.64 -64.04 7.78
N ARG G 34 -28.52 -63.44 8.59
CA ARG G 34 -28.10 -62.64 9.73
C ARG G 34 -28.52 -63.24 11.07
N THR G 35 -28.88 -64.52 11.08
CA THR G 35 -29.26 -65.21 12.30
C THR G 35 -28.46 -66.50 12.42
N GLN G 36 -28.33 -66.97 13.66
CA GLN G 36 -27.48 -68.13 13.94
C GLN G 36 -27.98 -69.38 13.24
N GLU G 37 -29.29 -69.64 13.30
CA GLU G 37 -29.83 -70.88 12.75
C GLU G 37 -29.91 -70.86 11.23
N GLU G 38 -30.16 -69.69 10.62
CA GLU G 38 -30.29 -69.62 9.17
C GLU G 38 -28.98 -69.95 8.48
N LEU G 39 -27.85 -69.51 9.05
CA LEU G 39 -26.56 -69.82 8.46
C LEU G 39 -26.31 -71.33 8.43
N LEU G 40 -26.58 -72.00 9.55
CA LEU G 40 -26.40 -73.45 9.60
C LEU G 40 -27.36 -74.16 8.66
N GLU G 41 -28.61 -73.69 8.59
CA GLU G 41 -29.57 -74.31 7.68
C GLU G 41 -29.12 -74.16 6.23
N GLY G 42 -28.63 -72.99 5.85
CA GLY G 42 -28.14 -72.79 4.50
C GLY G 42 -26.93 -73.64 4.20
N VAL G 43 -26.00 -73.74 5.16
CA VAL G 43 -24.81 -74.57 4.95
C VAL G 43 -25.21 -76.03 4.76
N TYR G 44 -26.13 -76.52 5.59
CA TYR G 44 -26.56 -77.91 5.48
C TYR G 44 -27.29 -78.16 4.16
N LYS G 45 -28.18 -77.24 3.76
CA LYS G 45 -28.91 -77.43 2.51
C LYS G 45 -28.02 -77.29 1.29
N ALA G 46 -26.91 -76.55 1.41
CA ALA G 46 -25.93 -76.51 0.32
C ALA G 46 -25.13 -77.80 0.28
N LEU G 47 -24.76 -78.34 1.44
CA LEU G 47 -24.01 -79.59 1.49
C LEU G 47 -24.85 -80.79 1.07
N ARG G 48 -26.18 -80.69 1.15
CA ARG G 48 -27.04 -81.78 0.71
C ARG G 48 -26.90 -82.07 -0.78
N LEU G 49 -26.38 -81.13 -1.56
CA LEU G 49 -26.26 -81.29 -3.01
C LEU G 49 -24.97 -81.99 -3.42
N ALA G 50 -24.13 -82.38 -2.47
CA ALA G 50 -22.87 -83.04 -2.80
C ALA G 50 -23.06 -84.35 -3.57
N PRO G 51 -23.95 -85.27 -3.18
CA PRO G 51 -24.06 -86.52 -3.95
C PRO G 51 -24.44 -86.31 -5.42
N LYS G 52 -25.30 -85.34 -5.71
CA LYS G 52 -25.68 -85.08 -7.09
C LYS G 52 -24.47 -84.62 -7.91
N LEU G 53 -23.67 -83.72 -7.35
CA LEU G 53 -22.48 -83.25 -8.06
C LEU G 53 -21.48 -84.39 -8.24
N LYS G 54 -21.32 -85.23 -7.21
CA LYS G 54 -20.41 -86.36 -7.33
C LYS G 54 -20.87 -87.33 -8.41
N LYS G 55 -22.18 -87.59 -8.49
CA LYS G 55 -22.71 -88.46 -9.53
C LYS G 55 -22.50 -87.85 -10.92
N LYS G 56 -22.72 -86.54 -11.06
CA LYS G 56 -22.54 -85.87 -12.33
C LYS G 56 -21.07 -85.65 -12.69
N ALA G 57 -20.15 -85.88 -11.75
CA ALA G 57 -18.74 -85.62 -12.01
C ALA G 57 -18.19 -86.53 -13.10
N GLU G 58 -18.42 -87.84 -13.00
CA GLU G 58 -17.85 -88.78 -13.95
C GLU G 58 -18.54 -88.76 -15.30
N SER G 59 -19.65 -88.03 -15.44
CA SER G 59 -20.33 -87.94 -16.73
C SER G 59 -19.48 -87.26 -17.79
N LYS G 60 -18.52 -86.42 -17.39
CA LYS G 60 -17.64 -85.74 -18.32
C LYS G 60 -16.20 -86.23 -18.25
N GLY G 61 -15.84 -87.02 -17.23
CA GLY G 61 -14.50 -87.56 -17.11
C GLY G 61 -13.55 -86.73 -16.29
N CYS G 62 -13.92 -85.51 -15.89
CA CYS G 62 -13.04 -84.69 -15.07
C CYS G 62 -13.00 -85.22 -13.64
N PRO G 63 -11.97 -84.88 -12.88
CA PRO G 63 -11.88 -85.39 -11.51
C PRO G 63 -13.06 -84.96 -10.69
N PRO G 64 -13.49 -85.77 -9.72
CA PRO G 64 -14.68 -85.45 -8.93
C PRO G 64 -14.44 -84.22 -8.05
N PRO G 65 -15.49 -83.52 -7.67
CA PRO G 65 -15.31 -82.32 -6.83
C PRO G 65 -14.75 -82.68 -5.46
N ARG G 66 -13.98 -81.74 -4.91
CA ARG G 66 -13.34 -81.94 -3.62
C ARG G 66 -14.38 -81.83 -2.52
N ILE G 67 -14.73 -82.95 -1.92
CA ILE G 67 -15.66 -82.94 -0.78
C ILE G 67 -14.98 -82.29 0.41
N PRO G 68 -15.62 -81.31 1.06
CA PRO G 68 -14.97 -80.63 2.19
C PRO G 68 -14.66 -81.61 3.31
N SER G 69 -13.50 -81.42 3.95
CA SER G 69 -13.08 -82.30 5.01
C SER G 69 -13.94 -82.12 6.25
N PRO G 70 -14.14 -83.17 7.04
CA PRO G 70 -14.93 -83.02 8.28
C PRO G 70 -14.33 -82.01 9.25
N GLU G 71 -13.00 -81.89 9.29
CA GLU G 71 -12.38 -80.92 10.17
C GLU G 71 -12.72 -79.47 9.78
N ASP G 72 -13.05 -79.24 8.51
CA ASP G 72 -13.40 -77.89 8.08
C ASP G 72 -14.86 -77.57 8.40
N ILE G 73 -15.77 -78.51 8.15
CA ILE G 73 -17.18 -78.27 8.43
C ILE G 73 -17.42 -78.24 9.94
N GLU G 74 -16.65 -79.02 10.71
CA GLU G 74 -16.79 -78.99 12.17
C GLU G 74 -16.30 -77.68 12.76
N ALA G 75 -15.25 -77.09 12.18
CA ALA G 75 -14.75 -75.81 12.66
C ALA G 75 -15.74 -74.68 12.45
N LEU G 76 -16.69 -74.84 11.52
CA LEU G 76 -17.67 -73.78 11.28
C LEU G 76 -18.55 -73.55 12.51
N GLU G 77 -19.02 -74.62 13.15
CA GLU G 77 -19.85 -74.46 14.34
C GLU G 77 -19.06 -73.81 15.48
N GLU G 78 -17.82 -74.24 15.67
CA GLU G 78 -16.98 -73.65 16.70
C GLU G 78 -16.71 -72.17 16.42
N LYS G 79 -16.56 -71.80 15.15
CA LYS G 79 -16.41 -70.40 14.82
C LYS G 79 -17.70 -69.62 15.09
N VAL G 80 -18.85 -70.15 14.70
CA VAL G 80 -20.09 -69.38 14.77
C VAL G 80 -20.69 -69.35 16.15
N GLU G 81 -20.26 -70.23 17.07
CA GLU G 81 -20.79 -70.20 18.43
C GLU G 81 -20.17 -69.12 19.29
N GLN G 82 -19.08 -68.49 18.85
CA GLN G 82 -18.38 -67.51 19.68
C GLN G 82 -18.47 -66.09 19.14
N LEU G 83 -19.43 -65.80 18.26
CA LEU G 83 -19.75 -64.45 17.84
C LEU G 83 -21.16 -64.08 18.26
N SER G 84 -21.32 -62.90 18.85
CA SER G 84 -22.61 -62.35 19.25
C SER G 84 -23.02 -61.12 18.46
N ASN G 85 -22.06 -60.30 18.02
CA ASN G 85 -22.41 -59.14 17.22
C ASN G 85 -22.94 -59.57 15.86
N PRO G 86 -23.91 -58.83 15.31
CA PRO G 86 -24.44 -59.19 13.98
C PRO G 86 -23.59 -58.67 12.82
N LYS G 87 -22.71 -57.70 13.05
CA LYS G 87 -21.88 -57.17 11.97
C LYS G 87 -20.79 -58.14 11.56
N ASP G 88 -20.46 -59.11 12.41
CA ASP G 88 -19.42 -60.09 12.09
C ASP G 88 -19.97 -61.48 11.81
N LEU G 89 -21.16 -61.80 12.30
CA LEU G 89 -21.75 -63.11 12.00
C LEU G 89 -22.05 -63.24 10.51
N ARG G 90 -22.55 -62.17 9.89
CA ARG G 90 -22.83 -62.18 8.46
C ARG G 90 -21.59 -61.98 7.61
N LYS G 91 -20.47 -61.57 8.20
CA LYS G 91 -19.24 -61.36 7.44
C LYS G 91 -18.75 -62.67 6.83
N LEU G 92 -18.68 -63.73 7.65
CA LEU G 92 -18.27 -65.03 7.12
C LEU G 92 -19.28 -65.55 6.10
N ALA G 93 -20.57 -65.32 6.36
CA ALA G 93 -21.60 -65.80 5.44
C ALA G 93 -21.47 -65.15 4.07
N VAL G 94 -21.24 -63.84 4.03
CA VAL G 94 -21.08 -63.16 2.75
C VAL G 94 -19.74 -63.50 2.11
N SER G 95 -18.69 -63.72 2.92
CA SER G 95 -17.40 -64.10 2.36
C SER G 95 -17.44 -65.48 1.71
N LEU G 96 -18.25 -66.39 2.26
CA LEU G 96 -18.38 -67.71 1.67
C LEU G 96 -18.91 -67.63 0.25
N ALA G 97 -19.91 -66.77 0.02
CA ALA G 97 -20.42 -66.58 -1.33
C ALA G 97 -19.46 -65.76 -2.20
N LEU G 98 -18.74 -64.81 -1.60
CA LEU G 98 -17.80 -64.00 -2.37
C LEU G 98 -16.66 -64.84 -2.92
N TRP G 99 -16.14 -65.77 -2.12
CA TRP G 99 -15.04 -66.62 -2.57
C TRP G 99 -15.45 -67.54 -3.72
N ALA G 100 -16.74 -67.85 -3.86
CA ALA G 100 -17.18 -68.77 -4.90
C ALA G 100 -16.97 -68.19 -6.30
N PHE G 101 -17.27 -66.90 -6.49
CA PHE G 101 -17.25 -66.30 -7.81
C PHE G 101 -15.84 -65.86 -8.18
N ALA G 102 -15.10 -66.79 -8.75
CA ALA G 102 -13.77 -66.54 -9.30
C ALA G 102 -13.67 -67.18 -10.69
N SER G 103 -12.45 -67.23 -11.22
CA SER G 103 -12.22 -67.68 -12.59
C SER G 103 -11.16 -68.78 -12.64
N TRP G 104 -11.30 -69.77 -11.76
CA TRP G 104 -10.46 -70.96 -11.84
C TRP G 104 -11.16 -72.03 -12.69
N ASN G 105 -10.61 -73.24 -12.68
CA ASN G 105 -11.17 -74.37 -13.42
C ASN G 105 -11.68 -75.40 -12.43
N ASN G 106 -12.95 -75.78 -12.56
CA ASN G 106 -13.55 -76.74 -11.65
C ASN G 106 -12.90 -78.13 -11.79
N CYS G 107 -12.82 -78.62 -13.03
CA CYS G 107 -12.23 -79.93 -13.30
C CYS G 107 -11.91 -80.05 -14.79
N PRO G 108 -10.70 -80.47 -15.15
CA PRO G 108 -10.29 -80.63 -16.56
C PRO G 108 -11.13 -81.68 -17.29
N MET H 1 59.41 -7.30 24.16
CA MET H 1 59.88 -5.93 24.25
C MET H 1 59.34 -5.10 23.10
N TYR H 2 60.17 -4.90 22.07
CA TYR H 2 59.74 -4.18 20.88
C TYR H 2 58.71 -5.00 20.14
N VAL H 3 57.51 -4.44 19.95
CA VAL H 3 56.41 -5.15 19.31
C VAL H 3 55.81 -4.25 18.23
N ARG H 4 55.29 -4.88 17.19
CA ARG H 4 54.67 -4.16 16.08
C ARG H 4 53.46 -4.96 15.62
N ILE H 5 52.28 -4.33 15.65
CA ILE H 5 51.02 -5.02 15.37
C ILE H 5 50.33 -4.31 14.22
N SER H 6 50.03 -5.04 13.15
CA SER H 6 49.36 -4.48 11.99
C SER H 6 48.24 -5.42 11.56
N GLY H 7 47.08 -4.86 11.26
CA GLY H 7 45.98 -5.72 10.88
C GLY H 7 44.80 -4.93 10.34
N ARG H 8 43.71 -5.65 10.12
CA ARG H 8 42.45 -5.09 9.65
C ARG H 8 41.36 -5.36 10.67
N ILE H 9 40.53 -4.34 10.90
CA ILE H 9 39.53 -4.35 11.95
C ILE H 9 38.17 -3.99 11.34
N ARG H 10 37.11 -4.44 12.00
CA ARG H 10 35.74 -4.22 11.53
C ARG H 10 35.01 -3.36 12.55
N LEU H 11 34.66 -2.13 12.17
CA LEU H 11 33.91 -1.24 13.04
C LEU H 11 32.92 -0.45 12.20
N ASN H 12 31.79 -0.08 12.81
CA ASN H 12 30.74 0.65 12.12
C ASN H 12 29.95 1.48 13.12
N ALA H 13 29.17 2.42 12.59
CA ALA H 13 28.34 3.32 13.39
C ALA H 13 29.18 4.09 14.40
N HIS H 14 30.12 4.87 13.88
CA HIS H 14 31.06 5.63 14.69
C HIS H 14 31.15 7.06 14.18
N SER H 15 31.40 7.98 15.11
CA SER H 15 31.59 9.40 14.82
C SER H 15 32.97 9.85 15.27
N LEU H 16 33.97 9.04 14.96
CA LEU H 16 35.32 9.28 15.42
C LEU H 16 35.99 10.41 14.63
N ASN H 17 36.70 11.27 15.35
CA ASN H 17 37.50 12.34 14.75
C ASN H 17 36.67 13.24 13.86
N ALA H 18 35.68 13.88 14.47
CA ALA H 18 34.85 14.83 13.75
C ALA H 18 35.52 16.21 13.74
N GLN H 19 35.00 17.10 12.89
CA GLN H 19 35.49 18.47 12.81
C GLN H 19 34.88 19.38 13.86
N GLY H 20 34.34 18.82 14.93
CA GLY H 20 33.88 19.62 16.06
C GLY H 20 32.58 20.36 15.83
N GLY H 21 32.57 21.25 14.83
CA GLY H 21 31.41 22.08 14.61
C GLY H 21 31.16 23.04 15.75
N GLY H 22 32.23 23.70 16.22
CA GLY H 22 32.11 24.62 17.35
C GLY H 22 31.22 25.81 17.08
N GLY H 23 31.19 26.30 15.85
CA GLY H 23 30.35 27.43 15.50
C GLY H 23 29.25 27.06 14.54
N THR H 24 29.46 25.97 13.79
CA THR H 24 28.48 25.48 12.84
C THR H 24 27.67 24.35 13.46
N ASN H 25 26.35 24.42 13.32
CA ASN H 25 25.47 23.43 13.93
C ASN H 25 25.62 22.05 13.30
N TYR H 26 26.28 21.94 12.16
CA TYR H 26 26.49 20.66 11.48
C TYR H 26 27.86 20.11 11.89
N ILE H 27 27.87 18.90 12.43
CA ILE H 27 29.10 18.25 12.86
C ILE H 27 29.54 17.29 11.77
N GLU H 28 30.72 17.53 11.21
CA GLU H 28 31.24 16.72 10.11
C GLU H 28 32.29 15.75 10.62
N ILE H 29 32.15 14.47 10.26
CA ILE H 29 33.18 13.47 10.52
C ILE H 29 34.33 13.74 9.55
N THR H 30 35.48 13.13 9.82
CA THR H 30 36.64 13.35 8.97
C THR H 30 36.37 12.90 7.54
N LYS H 31 36.83 13.71 6.58
CA LYS H 31 36.68 13.42 5.16
C LYS H 31 38.05 13.41 4.54
N THR H 32 38.45 12.28 3.96
CA THR H 32 39.79 12.11 3.43
C THR H 32 39.74 11.55 2.01
N LYS H 33 40.72 11.93 1.21
CA LYS H 33 40.86 11.42 -0.15
C LYS H 33 41.86 10.27 -0.16
N VAL H 34 41.48 9.16 -0.79
CA VAL H 34 42.32 7.98 -0.89
C VAL H 34 42.42 7.59 -2.35
N THR H 35 43.65 7.44 -2.85
CA THR H 35 43.89 7.01 -4.22
C THR H 35 43.84 5.48 -4.28
N VAL H 36 43.19 4.96 -5.33
CA VAL H 36 43.03 3.53 -5.50
C VAL H 36 42.95 3.20 -6.98
N ARG H 37 43.43 2.01 -7.33
CA ARG H 37 43.36 1.52 -8.69
C ARG H 37 41.97 0.96 -8.98
N THR H 38 41.48 1.22 -10.19
CA THR H 38 40.12 0.86 -10.60
C THR H 38 40.13 0.19 -11.97
N GLU H 39 40.96 -0.85 -12.12
CA GLU H 39 41.07 -1.61 -13.37
C GLU H 39 41.56 -0.72 -14.51
N ASN H 40 42.84 -0.36 -14.40
CA ASN H 40 43.52 0.58 -15.28
C ASN H 40 42.93 1.98 -15.11
N GLY H 41 43.04 2.50 -13.88
CA GLY H 41 42.63 3.85 -13.56
C GLY H 41 43.03 4.18 -12.14
N TRP H 42 43.52 5.40 -11.91
CA TRP H 42 43.96 5.83 -10.59
C TRP H 42 42.94 6.86 -10.09
N THR H 43 41.91 6.39 -9.41
CA THR H 43 40.83 7.26 -8.96
C THR H 43 41.02 7.63 -7.50
N VAL H 44 40.23 8.62 -7.05
CA VAL H 44 40.25 9.06 -5.67
C VAL H 44 38.85 8.85 -5.09
N VAL H 45 38.81 8.40 -3.83
CA VAL H 45 37.55 8.14 -3.14
C VAL H 45 37.56 8.92 -1.84
N GLU H 46 36.43 9.56 -1.52
CA GLU H 46 36.30 10.33 -0.30
C GLU H 46 35.74 9.41 0.79
N VAL H 47 36.63 8.97 1.68
CA VAL H 47 36.28 8.11 2.80
C VAL H 47 36.90 8.70 4.06
N PRO H 48 36.31 8.46 5.24
CA PRO H 48 36.95 8.93 6.48
C PRO H 48 38.21 8.13 6.79
N ALA H 49 39.16 8.82 7.42
CA ALA H 49 40.39 8.19 7.90
C ALA H 49 40.69 8.78 9.27
N ILE H 50 40.75 7.92 10.29
CA ILE H 50 40.88 8.36 11.66
C ILE H 50 42.34 8.67 11.96
N THR H 51 42.58 9.87 12.49
CA THR H 51 43.95 10.29 12.75
C THR H 51 44.56 9.48 13.88
N GLY H 52 45.88 9.25 13.78
CA GLY H 52 46.59 8.54 14.82
C GLY H 52 46.80 9.34 16.09
N ASN H 53 46.51 10.64 16.06
CA ASN H 53 46.58 11.44 17.27
C ASN H 53 45.61 10.91 18.32
N MET H 54 44.36 10.65 17.93
CA MET H 54 43.38 10.11 18.86
C MET H 54 43.76 8.71 19.30
N LEU H 55 44.33 7.91 18.40
CA LEU H 55 44.77 6.57 18.76
C LEU H 55 45.86 6.62 19.82
N LYS H 56 46.85 7.51 19.65
CA LYS H 56 47.91 7.66 20.65
C LYS H 56 47.35 8.19 21.96
N HIS H 57 46.41 9.14 21.88
CA HIS H 57 45.80 9.67 23.10
C HIS H 57 45.08 8.58 23.88
N TRP H 58 44.33 7.72 23.17
CA TRP H 58 43.61 6.66 23.84
C TRP H 58 44.54 5.56 24.35
N HIS H 59 45.63 5.30 23.63
CA HIS H 59 46.64 4.37 24.14
C HIS H 59 47.26 4.90 25.43
N PHE H 60 47.54 6.20 25.47
CA PHE H 60 48.06 6.81 26.69
C PHE H 60 47.03 6.76 27.82
N VAL H 61 45.75 6.95 27.48
CA VAL H 61 44.69 6.85 28.48
C VAL H 61 44.64 5.44 29.06
N GLY H 62 44.72 4.43 28.19
CA GLY H 62 44.73 3.06 28.67
C GLY H 62 45.95 2.76 29.52
N PHE H 63 47.11 3.29 29.13
CA PHE H 63 48.33 3.08 29.91
C PHE H 63 48.21 3.71 31.29
N VAL H 64 47.71 4.95 31.36
CA VAL H 64 47.58 5.61 32.65
C VAL H 64 46.50 4.94 33.50
N ASP H 65 45.49 4.34 32.86
CA ASP H 65 44.47 3.63 33.61
C ASP H 65 45.02 2.33 34.19
N TYR H 66 45.81 1.59 33.41
CA TYR H 66 46.35 0.33 33.88
C TYR H 66 47.55 0.51 34.81
N PHE H 67 48.19 1.69 34.79
CA PHE H 67 49.30 1.95 35.69
C PHE H 67 48.85 2.38 37.08
N LYS H 68 47.56 2.63 37.27
CA LYS H 68 47.05 2.97 38.60
C LYS H 68 46.93 1.74 39.48
N THR H 69 46.61 0.59 38.89
CA THR H 69 46.41 -0.63 39.68
C THR H 69 47.71 -1.09 40.34
N THR H 70 48.83 -1.00 39.62
CA THR H 70 50.09 -1.46 40.17
C THR H 70 50.52 -0.55 41.32
N PRO H 71 51.18 -1.12 42.34
CA PRO H 71 51.63 -0.29 43.47
C PRO H 71 52.66 0.76 43.08
N TYR H 72 53.34 0.59 41.94
CA TYR H 72 54.37 1.52 41.49
C TYR H 72 53.81 2.67 40.66
N GLY H 73 52.51 2.98 40.82
CA GLY H 73 51.89 4.07 40.10
C GLY H 73 52.12 5.44 40.69
N VAL H 74 52.87 5.53 41.78
CA VAL H 74 53.15 6.83 42.39
C VAL H 74 53.99 7.68 41.45
N ASN H 75 54.94 7.08 40.74
CA ASN H 75 55.78 7.81 39.80
C ASN H 75 55.00 8.17 38.55
N LEU H 76 54.08 9.12 38.68
CA LEU H 76 53.24 9.54 37.56
C LEU H 76 52.83 10.99 37.79
N THR H 77 52.83 11.77 36.72
CA THR H 77 52.47 13.17 36.81
C THR H 77 51.00 13.33 37.18
N GLU H 78 50.73 14.35 38.01
CA GLU H 78 49.34 14.65 38.35
C GLU H 78 48.55 15.09 37.12
N ARG H 79 49.24 15.61 36.10
CA ARG H 79 48.58 16.01 34.86
C ARG H 79 47.97 14.80 34.17
N ALA H 80 48.69 13.67 34.15
CA ALA H 80 48.21 12.49 33.44
C ALA H 80 46.94 11.91 34.06
N LEU H 81 46.65 12.26 35.32
CA LEU H 81 45.46 11.76 35.97
C LEU H 81 44.18 12.27 35.30
N ARG H 82 44.19 13.51 34.85
CA ARG H 82 43.02 14.14 34.23
C ARG H 82 42.95 13.90 32.73
N TYR H 83 43.60 12.86 32.22
CA TYR H 83 43.72 12.59 30.79
C TYR H 83 44.41 13.74 30.05
N ASN H 84 45.15 14.56 30.79
CA ASN H 84 46.03 15.59 30.24
C ASN H 84 47.33 14.94 29.79
N GLY H 85 48.40 15.70 29.64
CA GLY H 85 49.56 15.20 28.94
C GLY H 85 50.24 16.23 28.07
N THR H 86 49.93 17.50 28.32
CA THR H 86 50.68 18.58 27.68
C THR H 86 52.18 18.45 27.91
N ARG H 87 52.59 17.94 29.07
CA ARG H 87 54.00 17.75 29.41
C ARG H 87 54.78 19.07 29.27
N PHE H 88 54.44 19.98 30.18
CA PHE H 88 55.18 21.21 30.46
C PHE H 88 54.89 22.31 29.45
N GLY H 89 55.93 22.78 28.77
CA GLY H 89 55.85 23.94 27.90
C GLY H 89 57.03 24.86 28.11
N GLN H 90 56.98 26.00 27.42
CA GLN H 90 58.11 26.93 27.48
C GLN H 90 58.31 27.48 28.89
N GLY H 91 57.22 27.79 29.59
CA GLY H 91 57.29 28.38 30.90
C GLY H 91 57.32 27.43 32.06
N GLU H 92 57.40 26.12 31.81
CA GLU H 92 57.38 25.11 32.87
C GLU H 92 58.75 24.45 32.98
N THR H 93 59.32 24.47 34.18
CA THR H 93 60.58 23.80 34.45
C THR H 93 60.49 22.82 35.62
N THR H 94 59.28 22.61 36.17
CA THR H 94 59.08 21.74 37.32
C THR H 94 57.98 20.74 36.99
N ALA H 95 58.19 19.48 37.37
CA ALA H 95 57.20 18.43 37.15
C ALA H 95 56.52 18.10 38.48
N THR H 96 55.19 18.02 38.45
CA THR H 96 54.39 17.68 39.62
C THR H 96 53.83 16.28 39.45
N LYS H 97 54.16 15.39 40.37
CA LYS H 97 53.69 14.02 40.30
C LYS H 97 52.28 13.91 40.91
N ALA H 98 51.74 12.69 40.91
CA ALA H 98 50.40 12.49 41.44
C ALA H 98 50.33 12.83 42.92
N ASN H 99 51.33 12.43 43.69
CA ASN H 99 51.37 12.77 45.11
C ASN H 99 51.70 14.24 45.36
N GLY H 100 52.19 14.96 44.34
CA GLY H 100 52.55 16.35 44.51
C GLY H 100 54.01 16.54 44.88
N ALA H 101 54.89 15.86 44.14
CA ALA H 101 56.32 15.90 44.39
C ALA H 101 57.01 16.72 43.32
N THR H 102 57.86 17.65 43.74
CA THR H 102 58.60 18.48 42.80
C THR H 102 59.72 17.67 42.14
N VAL H 103 59.77 17.70 40.81
CA VAL H 103 60.79 17.00 40.04
C VAL H 103 61.47 18.01 39.12
N GLN H 104 62.79 18.04 39.16
CA GLN H 104 63.55 18.90 38.27
C GLN H 104 63.66 18.29 36.88
N LEU H 105 63.93 19.14 35.90
CA LEU H 105 64.06 18.73 34.51
C LEU H 105 65.51 18.86 34.03
N ASN H 106 66.47 18.59 34.92
CA ASN H 106 67.88 18.71 34.57
C ASN H 106 68.30 17.63 33.58
N ASP H 107 67.87 16.40 33.80
CA ASP H 107 68.28 15.28 32.96
C ASP H 107 67.09 14.36 32.73
N GLU H 108 67.17 13.60 31.62
CA GLU H 108 66.09 12.70 31.26
C GLU H 108 66.00 11.53 32.23
N ALA H 109 67.13 11.10 32.81
CA ALA H 109 67.15 9.94 33.68
C ALA H 109 66.27 10.16 34.90
N THR H 110 66.44 11.29 35.58
CA THR H 110 65.62 11.58 36.74
C THR H 110 64.14 11.75 36.36
N ILE H 111 63.87 12.36 35.21
CA ILE H 111 62.49 12.57 34.79
C ILE H 111 61.79 11.23 34.56
N ILE H 112 62.45 10.32 33.85
CA ILE H 112 61.84 9.01 33.59
C ILE H 112 61.83 8.14 34.85
N LYS H 113 62.73 8.40 35.80
CA LYS H 113 62.67 7.68 37.06
C LYS H 113 61.49 8.13 37.90
N GLU H 114 61.19 9.42 37.90
CA GLU H 114 60.10 9.97 38.69
C GLU H 114 58.78 10.03 37.94
N LEU H 115 58.80 10.02 36.61
CA LEU H 115 57.60 10.07 35.80
C LEU H 115 57.59 8.89 34.85
N ALA H 116 56.45 8.20 34.77
CA ALA H 116 56.29 7.05 33.89
C ALA H 116 55.68 7.42 32.55
N ASP H 117 54.73 8.36 32.53
CA ASP H 117 54.10 8.77 31.28
C ASP H 117 55.10 9.43 30.34
N ALA H 118 56.00 10.25 30.89
CA ALA H 118 57.01 10.89 30.06
C ALA H 118 58.02 9.88 29.53
N ASP H 119 58.23 8.77 30.25
CA ASP H 119 59.13 7.74 29.77
C ASP H 119 58.55 6.97 28.60
N VAL H 120 57.22 6.85 28.54
CA VAL H 120 56.56 6.06 27.51
C VAL H 120 56.23 6.93 26.30
N HIS H 121 55.41 7.97 26.53
CA HIS H 121 54.91 8.80 25.44
C HIS H 121 55.76 10.04 25.20
N GLY H 122 56.90 10.16 25.87
CA GLY H 122 57.82 11.24 25.61
C GLY H 122 57.42 12.55 26.24
N PHE H 123 58.30 13.54 26.07
CA PHE H 123 58.12 14.88 26.61
C PHE H 123 59.17 15.78 25.98
N LEU H 124 59.11 17.06 26.30
CA LEU H 124 60.13 18.00 25.85
C LEU H 124 60.17 19.19 26.80
N ALA H 125 61.32 19.84 26.86
CA ALA H 125 61.54 21.03 27.68
C ALA H 125 62.16 22.11 26.81
N PRO H 126 61.34 22.94 26.16
CA PRO H 126 61.90 23.99 25.29
C PRO H 126 62.81 24.95 26.04
N LYS H 127 62.67 25.08 27.35
CA LYS H 127 63.54 25.95 28.13
C LYS H 127 65.00 25.50 28.04
N THR H 128 65.23 24.19 28.12
CA THR H 128 66.58 23.65 28.10
C THR H 128 66.79 22.54 27.07
N GLY H 129 65.84 22.32 26.19
CA GLY H 129 65.96 21.26 25.19
C GLY H 129 65.58 19.91 25.79
N ARG H 130 66.52 18.97 25.80
CA ARG H 130 66.35 17.67 26.45
C ARG H 130 65.08 16.98 25.96
N ARG H 131 64.83 17.07 24.65
CA ARG H 131 63.64 16.45 24.08
C ARG H 131 63.72 14.93 24.15
N ARG H 132 62.58 14.30 24.41
CA ARG H 132 62.48 12.85 24.45
C ARG H 132 61.35 12.40 23.53
N VAL H 133 61.63 11.44 22.67
CA VAL H 133 60.67 10.97 21.68
C VAL H 133 59.71 9.99 22.34
N SER H 134 58.49 9.91 21.78
CA SER H 134 57.52 8.94 22.25
C SER H 134 57.91 7.54 21.81
N LEU H 135 57.80 6.59 22.73
CA LEU H 135 58.12 5.20 22.46
C LEU H 135 56.95 4.43 21.87
N VAL H 136 55.79 5.05 21.75
CA VAL H 136 54.59 4.43 21.21
C VAL H 136 54.12 5.27 20.04
N LYS H 137 53.92 4.64 18.88
CA LYS H 137 53.44 5.36 17.70
C LYS H 137 52.30 4.58 17.06
N ALA H 138 51.30 5.31 16.57
CA ALA H 138 50.12 4.72 15.96
C ALA H 138 49.87 5.39 14.61
N SER H 139 49.49 4.59 13.62
CA SER H 139 49.23 5.08 12.29
C SER H 139 47.76 5.51 12.17
N PHE H 140 47.39 5.97 10.98
CA PHE H 140 46.02 6.38 10.73
C PHE H 140 45.11 5.15 10.63
N ILE H 141 43.83 5.36 10.95
CA ILE H 141 42.83 4.32 10.82
C ILE H 141 41.96 4.62 9.61
N LEU H 142 42.24 3.96 8.49
CA LEU H 142 41.55 4.20 7.24
C LEU H 142 41.09 2.87 6.65
N PRO H 143 40.01 2.88 5.88
CA PRO H 143 39.53 1.64 5.27
C PRO H 143 40.55 1.09 4.29
N THR H 144 40.62 -0.24 4.22
CA THR H 144 41.57 -0.89 3.33
C THR H 144 41.18 -0.66 1.87
N GLU H 145 42.19 -0.69 1.00
CA GLU H 145 41.94 -0.46 -0.42
C GLU H 145 41.08 -1.56 -1.03
N ASP H 146 41.13 -2.77 -0.47
CA ASP H 146 40.27 -3.84 -0.95
C ASP H 146 38.80 -3.52 -0.70
N PHE H 147 38.49 -2.98 0.49
CA PHE H 147 37.12 -2.59 0.78
C PHE H 147 36.66 -1.47 -0.15
N ILE H 148 37.54 -0.50 -0.42
CA ILE H 148 37.20 0.59 -1.33
C ILE H 148 36.93 0.06 -2.73
N LYS H 149 37.76 -0.87 -3.20
CA LYS H 149 37.55 -1.48 -4.51
C LYS H 149 36.23 -2.24 -4.56
N GLU H 150 35.92 -2.99 -3.51
CA GLU H 150 34.69 -3.78 -3.50
C GLU H 150 33.46 -2.90 -3.44
N VAL H 151 33.50 -1.82 -2.67
CA VAL H 151 32.33 -0.97 -2.49
C VAL H 151 32.24 0.08 -3.59
N GLU H 152 33.38 0.65 -4.00
CA GLU H 152 33.43 1.69 -5.03
C GLU H 152 32.60 2.90 -4.60
N GLY H 153 31.35 2.95 -5.04
CA GLY H 153 30.48 4.06 -4.70
C GLY H 153 29.90 3.96 -3.30
N GLU H 154 28.61 4.28 -3.17
CA GLU H 154 27.86 4.22 -1.91
C GLU H 154 28.29 5.31 -0.94
N ARG H 155 27.32 5.88 -0.22
CA ARG H 155 27.61 6.99 0.67
C ARG H 155 28.44 6.55 1.88
N LEU H 156 28.04 5.44 2.51
CA LEU H 156 28.66 4.90 3.72
C LEU H 156 28.88 5.97 4.80
N ILE H 157 28.10 7.05 4.74
CA ILE H 157 28.16 8.13 5.72
C ILE H 157 26.74 8.56 6.03
N THR H 158 26.25 8.23 7.23
CA THR H 158 24.87 8.50 7.61
C THR H 158 24.82 9.78 8.44
N ALA H 159 24.07 10.78 7.95
CA ALA H 159 23.88 12.03 8.68
C ALA H 159 22.61 11.93 9.50
N ILE H 160 22.76 11.79 10.81
CA ILE H 160 21.63 11.62 11.73
C ILE H 160 21.50 12.88 12.55
N LYS H 161 20.28 13.43 12.61
CA LYS H 161 20.01 14.68 13.30
C LYS H 161 19.47 14.40 14.70
N HIS H 162 20.02 15.08 15.69
CA HIS H 162 19.56 14.99 17.07
C HIS H 162 19.26 16.39 17.60
N ASN H 163 18.14 16.49 18.33
CA ASN H 163 17.71 17.75 18.93
C ASN H 163 18.02 17.75 20.42
N ARG H 164 17.92 18.94 21.01
CA ARG H 164 18.11 19.15 22.45
C ARG H 164 16.92 19.94 22.96
N VAL H 165 15.86 19.24 23.36
CA VAL H 165 14.67 19.90 23.87
C VAL H 165 14.96 20.45 25.27
N ASP H 166 14.54 21.69 25.51
CA ASP H 166 14.72 22.33 26.81
C ASP H 166 13.52 23.23 27.05
N VAL H 167 12.53 22.70 27.76
CA VAL H 167 11.29 23.43 28.02
C VAL H 167 11.50 24.41 29.17
N ASP H 168 10.55 25.32 29.35
CA ASP H 168 10.60 26.26 30.47
C ASP H 168 10.15 25.59 31.75
N GLU H 169 9.81 26.38 32.76
CA GLU H 169 9.51 25.81 34.08
C GLU H 169 8.30 24.89 34.02
N LYS H 170 7.26 25.29 33.28
CA LYS H 170 6.09 24.42 33.18
C LYS H 170 6.15 23.53 31.94
N GLY H 171 6.00 24.13 30.76
CA GLY H 171 6.09 23.36 29.52
C GLY H 171 6.56 24.14 28.32
N ALA H 172 6.96 25.40 28.49
CA ALA H 172 7.17 26.29 27.35
C ALA H 172 8.52 26.04 26.70
N ILE H 173 8.51 25.86 25.38
CA ILE H 173 9.72 25.68 24.61
C ILE H 173 10.03 26.98 23.88
N GLY H 174 11.29 27.13 23.50
CA GLY H 174 11.72 28.33 22.82
C GLY H 174 12.76 28.02 21.76
N SER H 175 12.76 28.82 20.70
CA SER H 175 13.68 28.65 19.59
C SER H 175 14.91 29.54 19.71
N SER H 176 14.72 30.86 19.69
CA SER H 176 15.85 31.78 19.74
C SER H 176 15.62 33.04 20.57
N LYS H 177 14.47 33.18 21.23
CA LYS H 177 14.21 34.39 22.01
C LYS H 177 13.72 34.13 23.42
N GLU H 178 13.38 32.90 23.79
CA GLU H 178 12.94 32.58 25.14
C GLU H 178 14.10 32.36 26.11
N GLY H 179 15.35 32.41 25.62
CA GLY H 179 16.50 32.21 26.47
C GLY H 179 16.88 30.77 26.73
N THR H 180 16.12 29.82 26.22
CA THR H 180 16.43 28.41 26.40
C THR H 180 17.42 27.94 25.34
N ALA H 181 17.95 26.74 25.54
CA ALA H 181 18.93 26.14 24.64
C ALA H 181 18.25 25.00 23.88
N GLN H 182 17.92 25.24 22.62
CA GLN H 182 17.29 24.23 21.76
C GLN H 182 18.06 24.22 20.44
N MET H 183 18.88 23.20 20.24
CA MET H 183 19.67 23.06 19.03
C MET H 183 19.39 21.71 18.37
N LEU H 184 19.30 21.72 17.05
CA LEU H 184 19.11 20.52 16.25
C LEU H 184 20.36 20.32 15.40
N PHE H 185 21.30 19.53 15.91
CA PHE H 185 22.57 19.31 15.24
C PHE H 185 22.51 18.00 14.45
N SER H 186 23.56 17.76 13.68
CA SER H 186 23.66 16.55 12.86
C SER H 186 25.04 15.94 13.01
N ARG H 187 25.07 14.62 13.11
CA ARG H 187 26.31 13.86 13.27
C ARG H 187 26.47 12.90 12.11
N GLU H 188 27.69 12.80 11.59
CA GLU H 188 28.01 11.91 10.48
C GLU H 188 28.64 10.63 11.04
N TYR H 189 27.92 9.52 10.92
CA TYR H 189 28.41 8.22 11.36
C TYR H 189 28.95 7.45 10.16
N ALA H 190 30.14 6.88 10.31
CA ALA H 190 30.82 6.17 9.24
C ALA H 190 30.83 4.67 9.53
N THR H 191 31.16 3.91 8.49
CA THR H 191 31.22 2.45 8.56
C THR H 191 32.45 1.98 7.79
N GLY H 192 32.51 0.68 7.52
CA GLY H 192 33.57 0.13 6.69
C GLY H 192 34.60 -0.63 7.51
N LEU H 193 35.40 -1.43 6.79
CA LEU H 193 36.47 -2.20 7.41
C LEU H 193 37.76 -1.41 7.28
N TYR H 194 38.40 -1.13 8.42
CA TYR H 194 39.57 -0.26 8.47
C TYR H 194 40.85 -1.08 8.63
N GLY H 195 41.98 -0.40 8.44
CA GLY H 195 43.28 -1.01 8.64
C GLY H 195 44.16 -0.19 9.55
N PHE H 196 44.85 -0.84 10.49
CA PHE H 196 45.64 -0.14 11.48
C PHE H 196 47.01 -0.78 11.62
N SER H 197 47.96 0.00 12.14
CA SER H 197 49.32 -0.46 12.39
C SER H 197 49.92 0.39 13.51
N ILE H 198 50.44 -0.27 14.53
CA ILE H 198 51.00 0.39 15.71
C ILE H 198 52.35 -0.22 16.04
N VAL H 199 53.23 0.62 16.59
CA VAL H 199 54.58 0.21 16.99
C VAL H 199 54.78 0.61 18.44
N LEU H 200 55.20 -0.34 19.27
CA LEU H 200 55.43 -0.11 20.70
C LEU H 200 56.86 -0.53 21.02
N ASP H 201 57.71 0.43 21.36
CA ASP H 201 59.11 0.17 21.66
C ASP H 201 59.29 0.03 23.17
N LEU H 202 58.79 -1.08 23.71
CA LEU H 202 58.90 -1.34 25.14
C LEU H 202 60.33 -1.65 25.55
N GLY H 203 61.22 -1.98 24.62
CA GLY H 203 62.58 -2.31 24.96
C GLY H 203 63.39 -1.12 25.47
N LEU H 204 62.99 0.10 25.12
CA LEU H 204 63.67 1.30 25.58
C LEU H 204 63.01 1.91 26.80
N VAL H 205 61.98 1.26 27.36
CA VAL H 205 61.28 1.80 28.52
C VAL H 205 62.19 1.70 29.74
N GLY H 206 62.37 2.81 30.44
CA GLY H 206 63.21 2.85 31.62
C GLY H 206 64.69 3.06 31.35
N ILE H 207 65.08 3.26 30.10
CA ILE H 207 66.46 3.50 29.72
C ILE H 207 66.54 4.91 29.14
N PRO H 208 67.46 5.75 29.60
CA PRO H 208 67.58 7.09 29.02
C PRO H 208 67.87 7.05 27.53
N GLN H 209 67.29 7.99 26.80
CA GLN H 209 67.44 8.00 25.35
C GLN H 209 68.89 8.27 24.95
N GLY H 210 69.55 9.19 25.65
CA GLY H 210 70.93 9.52 25.34
C GLY H 210 71.96 8.51 25.80
N LEU H 211 71.58 7.61 26.71
CA LEU H 211 72.48 6.57 27.23
C LEU H 211 71.78 5.22 27.11
N PRO H 212 71.72 4.65 25.91
CA PRO H 212 71.08 3.34 25.75
C PRO H 212 71.75 2.24 26.57
N VAL H 213 73.06 2.29 26.74
CA VAL H 213 73.80 1.28 27.48
C VAL H 213 74.75 1.96 28.45
N LYS H 214 75.15 1.20 29.47
CA LYS H 214 76.10 1.71 30.45
C LYS H 214 77.54 1.60 29.94
N PHE H 215 77.97 0.37 29.65
CA PHE H 215 79.30 0.09 29.13
C PHE H 215 80.39 0.62 30.06
N GLU H 216 80.40 0.08 31.27
CA GLU H 216 81.40 0.42 32.28
C GLU H 216 82.31 -0.75 32.64
N GLU H 217 81.79 -1.96 32.66
CA GLU H 217 82.58 -3.16 32.93
C GLU H 217 82.94 -3.92 31.66
N ASN H 218 83.18 -3.21 30.56
CA ASN H 218 83.51 -3.77 29.24
C ASN H 218 82.36 -4.59 28.65
N GLN H 219 81.17 -4.54 29.25
CA GLN H 219 79.99 -5.19 28.70
C GLN H 219 78.93 -4.12 28.52
N PRO H 220 78.47 -3.87 27.29
CA PRO H 220 77.47 -2.80 27.07
C PRO H 220 76.07 -3.22 27.49
N ARG H 221 75.89 -3.43 28.79
CA ARG H 221 74.59 -3.76 29.32
C ARG H 221 73.66 -2.55 29.24
N PRO H 222 72.35 -2.78 29.06
CA PRO H 222 71.42 -1.65 28.97
C PRO H 222 71.43 -0.81 30.23
N ASN H 223 71.30 0.50 30.04
CA ASN H 223 71.34 1.46 31.16
C ASN H 223 69.94 1.58 31.75
N ILE H 224 69.59 0.60 32.58
CA ILE H 224 68.31 0.60 33.27
C ILE H 224 68.44 1.45 34.53
N VAL H 225 68.20 2.75 34.41
CA VAL H 225 68.32 3.66 35.54
C VAL H 225 67.20 3.48 36.56
N ILE H 226 66.14 2.77 36.20
CA ILE H 226 64.99 2.59 37.08
C ILE H 226 64.99 1.16 37.60
N ASP H 227 64.14 0.92 38.60
CA ASP H 227 64.09 -0.40 39.23
C ASP H 227 63.55 -1.43 38.27
N PRO H 228 64.19 -2.59 38.14
CA PRO H 228 63.71 -3.60 37.18
C PRO H 228 62.30 -4.10 37.45
N ASN H 229 61.89 -4.22 38.71
CA ASN H 229 60.56 -4.72 39.01
C ASN H 229 59.48 -3.76 38.53
N GLU H 230 59.60 -2.48 38.88
CA GLU H 230 58.63 -1.52 38.39
C GLU H 230 58.83 -1.21 36.92
N ARG H 231 60.02 -1.48 36.37
CA ARG H 231 60.19 -1.43 34.92
C ARG H 231 59.33 -2.48 34.24
N LYS H 232 59.36 -3.71 34.74
CA LYS H 232 58.51 -4.76 34.20
C LYS H 232 57.04 -4.45 34.43
N ALA H 233 56.72 -3.81 35.56
CA ALA H 233 55.35 -3.36 35.79
C ALA H 233 54.92 -2.35 34.73
N ARG H 234 55.82 -1.42 34.38
CA ARG H 234 55.54 -0.47 33.31
C ARG H 234 55.33 -1.18 31.98
N ILE H 235 56.16 -2.19 31.69
CA ILE H 235 56.01 -2.95 30.45
C ILE H 235 54.64 -3.61 30.42
N GLU H 236 54.24 -4.24 31.53
CA GLU H 236 52.95 -4.92 31.59
C GLU H 236 51.80 -3.92 31.45
N SER H 237 51.91 -2.76 32.09
CA SER H 237 50.86 -1.75 31.98
C SER H 237 50.73 -1.24 30.55
N ALA H 238 51.86 -0.99 29.88
CA ALA H 238 51.81 -0.55 28.49
C ALA H 238 51.23 -1.63 27.58
N LEU H 239 51.57 -2.90 27.84
CA LEU H 239 51.00 -3.99 27.06
C LEU H 239 49.50 -4.10 27.27
N LYS H 240 49.04 -3.97 28.50
CA LYS H 240 47.61 -4.05 28.80
C LYS H 240 46.87 -2.79 28.34
N ALA H 241 47.59 -1.70 28.06
CA ALA H 241 46.95 -0.53 27.49
C ALA H 241 46.27 -0.82 26.16
N LEU H 242 46.74 -1.83 25.43
CA LEU H 242 46.10 -2.22 24.19
C LEU H 242 44.75 -2.88 24.42
N ILE H 243 44.45 -3.30 25.65
CA ILE H 243 43.14 -3.89 25.94
C ILE H 243 42.02 -2.89 25.72
N PRO H 244 42.08 -1.65 26.24
CA PRO H 244 41.07 -0.66 25.82
C PRO H 244 41.43 0.01 24.52
N MET H 245 41.94 -0.75 23.55
CA MET H 245 42.24 -0.23 22.22
C MET H 245 41.49 -0.99 21.14
N LEU H 246 41.63 -2.31 21.10
CA LEU H 246 40.86 -3.14 20.17
C LEU H 246 39.58 -3.65 20.82
N SER H 247 38.83 -2.73 21.42
CA SER H 247 37.58 -3.07 22.09
C SER H 247 36.45 -2.10 21.82
N GLY H 248 36.72 -0.93 21.25
CA GLY H 248 35.68 0.06 21.02
C GLY H 248 35.89 1.33 21.82
N TYR H 249 37.06 1.44 22.46
CA TYR H 249 37.41 2.59 23.28
C TYR H 249 38.31 3.59 22.53
N ILE H 250 38.12 3.72 21.22
CA ILE H 250 38.92 4.60 20.39
C ILE H 250 38.04 5.71 19.85
N GLY H 251 38.50 6.94 19.98
CA GLY H 251 37.79 8.09 19.43
C GLY H 251 37.00 8.86 20.46
N ALA H 252 36.00 9.57 19.95
CA ALA H 252 35.11 10.38 20.78
C ALA H 252 33.67 9.88 20.61
N ASN H 253 32.73 10.63 21.18
CA ASN H 253 31.30 10.31 21.12
C ASN H 253 31.02 8.94 21.72
N LEU H 254 31.84 8.52 22.69
CA LEU H 254 31.67 7.20 23.28
C LEU H 254 30.36 7.08 24.03
N ALA H 255 29.93 8.14 24.72
CA ALA H 255 28.68 8.10 25.46
C ALA H 255 27.48 7.92 24.53
N ARG H 256 27.51 8.56 23.36
CA ARG H 256 26.37 8.53 22.45
C ARG H 256 26.52 7.53 21.31
N SER H 257 27.75 7.11 20.97
CA SER H 257 27.95 6.17 19.89
C SER H 257 28.50 4.82 20.38
N PHE H 258 29.65 4.82 21.06
CA PHE H 258 30.31 3.59 21.50
C PHE H 258 30.40 2.60 20.36
N PRO H 259 31.31 2.81 19.40
CA PRO H 259 31.25 2.07 18.14
C PRO H 259 31.34 0.56 18.33
N VAL H 260 30.60 -0.16 17.50
CA VAL H 260 30.62 -1.61 17.47
C VAL H 260 31.93 -2.07 16.86
N PHE H 261 32.83 -2.60 17.68
CA PHE H 261 34.19 -2.91 17.26
C PHE H 261 34.44 -4.42 17.30
N LYS H 262 35.19 -4.91 16.32
CA LYS H 262 35.66 -6.29 16.31
C LYS H 262 36.83 -6.38 15.34
N VAL H 263 38.00 -6.79 15.86
CA VAL H 263 39.16 -6.95 15.00
C VAL H 263 38.96 -8.17 14.10
N GLU H 264 39.21 -7.99 12.80
CA GLU H 264 39.06 -9.08 11.86
C GLU H 264 40.31 -9.96 11.83
N GLU H 265 41.46 -9.39 11.52
CA GLU H 265 42.69 -10.18 11.45
C GLU H 265 43.86 -9.28 11.80
N LEU H 266 44.96 -9.91 12.22
CA LEU H 266 46.13 -9.14 12.61
C LEU H 266 47.38 -10.02 12.58
N VAL H 267 48.53 -9.37 12.41
CA VAL H 267 49.84 -9.98 12.54
C VAL H 267 50.68 -9.10 13.45
N ALA H 268 51.35 -9.72 14.42
CA ALA H 268 52.20 -8.99 15.35
C ALA H 268 53.55 -9.67 15.43
N ILE H 269 54.61 -8.86 15.51
CA ILE H 269 55.96 -9.37 15.69
C ILE H 269 56.53 -8.77 16.96
N ALA H 270 57.11 -9.61 17.81
CA ALA H 270 57.69 -9.20 19.08
C ALA H 270 59.11 -9.72 19.17
N SER H 271 60.02 -8.86 19.65
CA SER H 271 61.41 -9.25 19.79
C SER H 271 62.05 -8.35 20.85
N GLU H 272 63.19 -8.81 21.38
CA GLU H 272 63.93 -8.05 22.37
C GLU H 272 64.84 -7.01 21.75
N GLY H 273 65.01 -7.00 20.43
CA GLY H 273 65.84 -6.03 19.77
C GLY H 273 65.06 -5.21 18.76
N PRO H 274 65.72 -4.21 18.16
CA PRO H 274 65.03 -3.38 17.16
C PRO H 274 64.56 -4.21 15.98
N ILE H 275 63.34 -3.93 15.53
CA ILE H 275 62.71 -4.68 14.44
C ILE H 275 61.95 -3.72 13.54
N PRO H 276 61.90 -4.01 12.25
CA PRO H 276 61.23 -3.12 11.32
C PRO H 276 59.71 -3.20 11.43
N ALA H 277 59.06 -2.08 11.07
CA ALA H 277 57.60 -2.07 10.96
C ALA H 277 57.18 -2.84 9.71
N LEU H 278 56.07 -3.56 9.82
CA LEU H 278 55.73 -4.52 8.78
C LEU H 278 55.05 -3.84 7.60
N VAL H 279 53.83 -3.35 7.82
CA VAL H 279 53.03 -2.73 6.76
C VAL H 279 51.83 -2.07 7.41
N HIS H 280 51.28 -1.05 6.76
CA HIS H 280 50.00 -0.53 7.19
C HIS H 280 48.88 -1.41 6.66
N GLY H 281 47.83 -1.59 7.46
CA GLY H 281 46.74 -2.48 7.11
C GLY H 281 45.86 -2.01 5.99
N PHE H 282 46.08 -0.79 5.48
CA PHE H 282 45.27 -0.27 4.39
C PHE H 282 45.48 -1.06 3.10
N TYR H 283 46.69 -1.55 2.87
CA TYR H 283 46.98 -2.26 1.63
C TYR H 283 46.32 -3.64 1.62
N GLU H 284 45.77 -4.00 0.45
CA GLU H 284 45.06 -5.27 0.34
C GLU H 284 46.03 -6.46 0.31
N ASP H 285 47.20 -6.28 -0.32
CA ASP H 285 48.21 -7.32 -0.39
C ASP H 285 49.18 -7.27 0.77
N TYR H 286 48.75 -6.72 1.91
CA TYR H 286 49.64 -6.51 3.04
C TYR H 286 50.09 -7.81 3.68
N ILE H 287 49.36 -8.91 3.48
CA ILE H 287 49.78 -10.19 4.03
C ILE H 287 51.06 -10.67 3.35
N GLU H 288 51.14 -10.54 2.03
CA GLU H 288 52.36 -10.93 1.31
C GLU H 288 53.54 -10.06 1.73
N ALA H 289 53.31 -8.76 1.90
CA ALA H 289 54.37 -7.88 2.38
C ALA H 289 54.82 -8.27 3.78
N ASN H 290 53.86 -8.62 4.65
CA ASN H 290 54.19 -9.10 5.98
C ASN H 290 55.09 -10.32 5.92
N ARG H 291 54.70 -11.31 5.12
CA ARG H 291 55.49 -12.54 5.00
C ARG H 291 56.88 -12.24 4.47
N SER H 292 56.97 -11.40 3.43
CA SER H 292 58.26 -11.09 2.83
C SER H 292 59.18 -10.37 3.81
N ILE H 293 58.64 -9.39 4.53
CA ILE H 293 59.47 -8.62 5.45
C ILE H 293 59.88 -9.48 6.64
N ILE H 294 58.99 -10.36 7.10
CA ILE H 294 59.35 -11.25 8.21
C ILE H 294 60.45 -12.21 7.77
N LYS H 295 60.33 -12.78 6.57
CA LYS H 295 61.36 -13.68 6.07
C LYS H 295 62.69 -12.97 5.91
N ASN H 296 62.67 -11.75 5.38
CA ASN H 296 63.92 -11.00 5.21
C ASN H 296 64.56 -10.68 6.56
N ALA H 297 63.75 -10.24 7.53
CA ALA H 297 64.28 -9.91 8.85
C ALA H 297 64.85 -11.14 9.54
N ARG H 298 64.17 -12.28 9.43
CA ARG H 298 64.69 -13.51 10.02
C ARG H 298 65.95 -13.99 9.31
N ALA H 299 66.05 -13.76 8.00
CA ALA H 299 67.26 -14.11 7.28
C ALA H 299 68.42 -13.18 7.61
N LEU H 300 68.12 -11.96 8.06
CA LEU H 300 69.15 -11.02 8.50
C LEU H 300 69.57 -11.22 9.95
N GLY H 301 68.98 -12.21 10.64
CA GLY H 301 69.38 -12.53 11.99
C GLY H 301 68.58 -11.82 13.07
N PHE H 302 67.25 -11.91 12.99
CA PHE H 302 66.36 -11.29 13.97
C PHE H 302 65.54 -12.38 14.64
N ASN H 303 65.57 -12.41 15.97
CA ASN H 303 64.80 -13.36 16.76
C ASN H 303 63.39 -12.82 16.94
N ILE H 304 62.54 -13.06 15.95
CA ILE H 304 61.21 -12.47 15.87
C ILE H 304 60.18 -13.54 16.18
N GLU H 305 59.29 -13.24 17.12
CA GLU H 305 58.13 -14.08 17.42
C GLU H 305 56.91 -13.50 16.73
N VAL H 306 56.25 -14.32 15.92
CA VAL H 306 55.15 -13.88 15.07
C VAL H 306 53.86 -14.49 15.60
N PHE H 307 52.89 -13.62 15.94
CA PHE H 307 51.57 -14.04 16.38
C PHE H 307 50.56 -13.61 15.33
N THR H 308 49.78 -14.55 14.82
CA THR H 308 48.81 -14.28 13.76
C THR H 308 47.41 -14.61 14.26
N TYR H 309 46.47 -13.70 14.04
CA TYR H 309 45.08 -13.89 14.38
C TYR H 309 44.24 -13.80 13.12
N ASN H 310 43.50 -14.86 12.81
CA ASN H 310 42.59 -14.92 11.67
C ASN H 310 43.31 -14.62 10.36
N VAL H 311 44.53 -15.13 10.22
CA VAL H 311 45.31 -14.95 9.01
C VAL H 311 46.33 -16.08 8.94
N ASP H 312 46.61 -16.56 7.73
CA ASP H 312 47.51 -17.69 7.57
C ASP H 312 48.97 -17.25 7.58
N LEU H 313 49.33 -16.28 6.72
CA LEU H 313 50.70 -15.78 6.61
C LEU H 313 51.67 -16.89 6.26
N GLY H 314 51.20 -17.91 5.55
CA GLY H 314 52.04 -19.03 5.16
C GLY H 314 52.32 -19.99 6.29
N GLU H 315 52.43 -21.28 5.97
CA GLU H 315 52.72 -22.30 6.97
C GLU H 315 54.21 -22.45 7.25
N ASP H 316 55.07 -22.04 6.32
CA ASP H 316 56.51 -22.18 6.52
C ASP H 316 56.99 -21.36 7.70
N ILE H 317 56.48 -20.14 7.85
CA ILE H 317 56.90 -19.28 8.95
C ILE H 317 56.35 -19.83 10.27
N GLU H 318 57.07 -19.57 11.36
CA GLU H 318 56.67 -20.02 12.69
C GLU H 318 55.70 -19.00 13.27
N ALA H 319 54.44 -19.13 12.88
CA ALA H 319 53.37 -18.25 13.34
C ALA H 319 52.56 -18.94 14.41
N THR H 320 52.22 -18.19 15.47
CA THR H 320 51.44 -18.71 16.58
C THR H 320 50.00 -18.24 16.45
N LYS H 321 49.06 -19.20 16.49
CA LYS H 321 47.65 -18.87 16.37
C LYS H 321 47.19 -18.03 17.55
N VAL H 322 46.39 -17.00 17.27
CA VAL H 322 45.88 -16.09 18.28
C VAL H 322 44.37 -16.09 18.18
N SER H 323 43.69 -16.44 19.28
CA SER H 323 42.24 -16.48 19.27
C SER H 323 41.64 -15.07 19.31
N SER H 324 42.20 -14.18 20.13
CA SER H 324 41.65 -12.85 20.31
C SER H 324 42.74 -11.95 20.89
N VAL H 325 42.38 -10.68 21.10
CA VAL H 325 43.35 -9.71 21.60
C VAL H 325 43.86 -10.09 22.98
N GLU H 326 42.99 -10.66 23.82
CA GLU H 326 43.44 -11.12 25.13
C GLU H 326 44.44 -12.26 25.02
N GLU H 327 44.27 -13.12 24.02
CA GLU H 327 45.26 -14.17 23.78
C GLU H 327 46.62 -13.57 23.43
N LEU H 328 46.63 -12.55 22.58
CA LEU H 328 47.89 -11.88 22.24
C LEU H 328 48.51 -11.21 23.45
N VAL H 329 47.69 -10.58 24.29
CA VAL H 329 48.20 -9.94 25.50
C VAL H 329 48.81 -10.99 26.43
N ALA H 330 48.13 -12.12 26.61
CA ALA H 330 48.66 -13.18 27.46
C ALA H 330 49.96 -13.74 26.89
N ASN H 331 50.04 -13.88 25.57
CA ASN H 331 51.27 -14.37 24.95
C ASN H 331 52.40 -13.35 25.00
N LEU H 332 52.08 -12.06 25.13
CA LEU H 332 53.11 -11.03 25.14
C LEU H 332 53.68 -10.75 26.51
N VAL H 333 52.90 -10.95 27.58
CA VAL H 333 53.38 -10.64 28.93
C VAL H 333 54.44 -11.61 29.42
N LYS H 334 54.68 -12.71 28.69
CA LYS H 334 55.72 -13.63 29.08
C LYS H 334 57.10 -12.99 29.00
N MET H 335 57.36 -12.21 27.96
CA MET H 335 58.64 -11.54 27.79
C MET H 335 58.60 -10.12 28.34
N MET I 1 31.82 -0.42 40.89
CA MET I 1 32.52 -1.48 40.18
C MET I 1 32.43 -1.29 38.67
N TYR I 2 33.16 -2.13 37.93
CA TYR I 2 33.13 -2.12 36.47
C TYR I 2 32.45 -3.40 36.00
N VAL I 3 31.36 -3.25 35.25
CA VAL I 3 30.58 -4.38 34.76
C VAL I 3 30.28 -4.14 33.29
N ARG I 4 30.38 -5.20 32.49
CA ARG I 4 30.15 -5.14 31.06
C ARG I 4 29.16 -6.24 30.66
N ILE I 5 28.20 -5.86 29.81
CA ILE I 5 27.09 -6.72 29.43
C ILE I 5 27.00 -6.75 27.90
N SER I 6 26.83 -7.94 27.34
CA SER I 6 26.66 -8.07 25.89
C SER I 6 25.78 -9.28 25.59
N GLY I 7 24.83 -9.09 24.67
CA GLY I 7 23.94 -10.17 24.32
C GLY I 7 23.04 -9.81 23.16
N ARG I 8 22.01 -10.64 22.97
CA ARG I 8 21.04 -10.47 21.90
C ARG I 8 19.65 -10.22 22.48
N ILE I 9 18.84 -9.47 21.74
CA ILE I 9 17.45 -9.20 22.11
C ILE I 9 16.59 -9.37 20.86
N ARG I 10 15.45 -10.02 21.02
CA ARG I 10 14.50 -10.19 19.92
C ARG I 10 13.49 -9.05 19.98
N LEU I 11 13.59 -8.11 19.05
CA LEU I 11 12.75 -6.92 19.03
C LEU I 11 12.05 -6.81 17.69
N ASN I 12 10.75 -6.54 17.74
CA ASN I 12 9.95 -6.41 16.53
C ASN I 12 8.90 -5.33 16.73
N ALA I 13 8.49 -4.72 15.61
CA ALA I 13 7.46 -3.69 15.58
C ALA I 13 7.82 -2.52 16.51
N HIS I 14 8.93 -1.85 16.18
CA HIS I 14 9.43 -0.74 16.98
C HIS I 14 9.73 0.45 16.07
N SER I 15 9.16 1.61 16.42
CA SER I 15 9.49 2.88 15.78
C SER I 15 10.39 3.70 16.69
N LEU I 16 11.61 3.19 16.90
CA LEU I 16 12.55 3.78 17.84
C LEU I 16 13.53 4.68 17.09
N ASN I 17 13.72 5.89 17.60
CA ASN I 17 14.59 6.91 17.00
C ASN I 17 14.13 7.21 15.57
N ALA I 18 12.94 7.78 15.49
CA ALA I 18 12.41 8.24 14.21
C ALA I 18 13.06 9.57 13.82
N GLN I 19 13.06 9.86 12.53
CA GLN I 19 13.68 11.06 12.00
C GLN I 19 12.67 12.18 11.76
N GLY I 20 11.60 11.89 11.00
CA GLY I 20 10.63 12.92 10.71
C GLY I 20 9.91 13.41 11.96
N GLY I 21 9.48 14.67 11.91
CA GLY I 21 8.81 15.26 13.03
C GLY I 21 7.38 14.79 13.19
N GLY I 22 6.75 15.21 14.29
CA GLY I 22 5.37 14.84 14.53
C GLY I 22 4.43 15.36 13.46
N GLY I 23 4.62 16.62 13.06
CA GLY I 23 3.82 17.19 11.99
C GLY I 23 4.27 16.83 10.58
N THR I 24 5.44 16.20 10.45
CA THR I 24 5.94 15.81 9.14
C THR I 24 5.34 14.47 8.73
N ASN I 25 4.81 14.41 7.51
CA ASN I 25 4.24 13.17 7.00
C ASN I 25 5.33 12.14 6.76
N TYR I 26 4.94 10.86 6.88
CA TYR I 26 5.84 9.72 6.67
C TYR I 26 7.06 9.81 7.60
N ILE I 27 6.76 9.70 8.89
CA ILE I 27 7.79 9.73 9.91
C ILE I 27 8.76 8.57 9.67
N GLU I 28 10.03 8.90 9.42
CA GLU I 28 11.03 7.94 8.98
C GLU I 28 11.91 7.52 10.15
N ILE I 29 12.26 6.24 10.19
CA ILE I 29 13.14 5.72 11.24
C ILE I 29 14.59 5.80 10.77
N THR I 30 15.50 5.84 11.73
CA THR I 30 16.92 5.91 11.42
C THR I 30 17.44 4.57 10.91
N LYS I 31 18.41 4.63 10.00
CA LYS I 31 19.08 3.46 9.48
C LYS I 31 20.59 3.67 9.54
N THR I 32 21.32 2.56 9.71
CA THR I 32 22.77 2.56 9.76
C THR I 32 23.28 1.44 8.86
N LYS I 33 24.44 1.66 8.26
CA LYS I 33 25.06 0.65 7.42
C LYS I 33 25.88 -0.31 8.27
N VAL I 34 25.88 -1.58 7.87
CA VAL I 34 26.66 -2.62 8.52
C VAL I 34 27.43 -3.39 7.47
N THR I 35 28.65 -3.79 7.81
CA THR I 35 29.52 -4.55 6.92
C THR I 35 29.48 -6.02 7.32
N VAL I 36 29.14 -6.87 6.36
CA VAL I 36 28.97 -8.30 6.60
C VAL I 36 29.74 -9.09 5.56
N ARG I 37 29.92 -10.37 5.85
CA ARG I 37 30.71 -11.28 5.01
C ARG I 37 29.92 -11.75 3.80
N THR I 38 28.81 -12.45 4.03
CA THR I 38 27.98 -13.04 2.97
C THR I 38 28.82 -13.93 2.05
N GLU I 39 29.71 -14.73 2.66
CA GLU I 39 30.59 -15.68 2.00
C GLU I 39 31.28 -15.09 0.77
N ASN I 40 31.49 -13.78 0.76
CA ASN I 40 32.22 -13.10 -0.30
C ASN I 40 32.88 -11.87 0.31
N GLY I 41 33.26 -10.92 -0.53
CA GLY I 41 33.86 -9.69 -0.03
C GLY I 41 32.94 -8.94 0.91
N TRP I 42 33.55 -8.12 1.75
CA TRP I 42 32.83 -7.36 2.78
C TRP I 42 31.82 -6.44 2.10
N THR I 43 30.54 -6.71 2.29
CA THR I 43 29.48 -5.94 1.67
C THR I 43 28.74 -5.12 2.72
N VAL I 44 28.32 -3.92 2.32
CA VAL I 44 27.65 -2.97 3.20
C VAL I 44 26.15 -3.01 2.92
N VAL I 45 25.35 -3.14 3.97
CA VAL I 45 23.90 -3.18 3.86
C VAL I 45 23.33 -2.20 4.86
N GLU I 46 22.38 -1.37 4.41
CA GLU I 46 21.74 -0.39 5.28
C GLU I 46 20.54 -1.04 5.96
N VAL I 47 20.53 -1.02 7.29
CA VAL I 47 19.50 -1.70 8.08
C VAL I 47 19.02 -0.74 9.16
N PRO I 48 17.76 -0.82 9.59
CA PRO I 48 17.32 -0.01 10.73
C PRO I 48 18.15 -0.31 11.97
N ALA I 49 18.39 0.73 12.76
CA ALA I 49 19.22 0.61 13.95
C ALA I 49 18.73 1.60 15.01
N ILE I 50 19.21 1.39 16.23
CA ILE I 50 18.87 2.25 17.36
C ILE I 50 20.16 2.91 17.85
N THR I 51 20.13 4.24 17.92
CA THR I 51 21.31 4.99 18.33
C THR I 51 21.57 4.81 19.82
N GLY I 52 22.82 5.04 20.20
CA GLY I 52 23.22 4.95 21.60
C GLY I 52 22.75 6.11 22.45
N ASN I 53 22.38 7.24 21.82
CA ASN I 53 21.87 8.37 22.58
C ASN I 53 20.58 8.00 23.30
N MET I 54 19.69 7.29 22.61
CA MET I 54 18.45 6.84 23.24
C MET I 54 18.74 5.90 24.40
N LEU I 55 19.69 4.97 24.24
CA LEU I 55 20.03 4.05 25.30
C LEU I 55 20.60 4.78 26.50
N LYS I 56 21.48 5.76 26.27
CA LYS I 56 22.03 6.55 27.38
C LYS I 56 20.94 7.35 28.08
N HIS I 57 20.04 7.96 27.32
CA HIS I 57 18.96 8.74 27.92
C HIS I 57 18.05 7.85 28.78
N TRP I 58 17.74 6.64 28.28
CA TRP I 58 16.88 5.76 29.04
C TRP I 58 17.59 5.16 30.25
N HIS I 59 18.90 4.93 30.15
CA HIS I 59 19.66 4.54 31.33
C HIS I 59 19.64 5.64 32.38
N PHE I 60 19.76 6.89 31.95
CA PHE I 60 19.66 8.03 32.87
C PHE I 60 18.28 8.08 33.51
N VAL I 61 17.23 7.84 32.72
CA VAL I 61 15.87 7.87 33.24
C VAL I 61 15.67 6.77 34.29
N GLY I 62 16.15 5.56 33.98
CA GLY I 62 16.06 4.48 34.95
C GLY I 62 16.86 4.75 36.21
N PHE I 63 18.04 5.37 36.04
CA PHE I 63 18.89 5.68 37.19
C PHE I 63 18.19 6.67 38.12
N VAL I 64 17.62 7.74 37.57
CA VAL I 64 16.93 8.69 38.43
C VAL I 64 15.67 8.08 39.02
N ASP I 65 14.98 7.22 38.26
CA ASP I 65 13.79 6.56 38.79
C ASP I 65 14.12 5.69 39.99
N TYR I 66 15.21 4.92 39.91
CA TYR I 66 15.59 4.05 41.02
C TYR I 66 16.35 4.78 42.12
N PHE I 67 16.83 6.00 41.85
CA PHE I 67 17.51 6.79 42.86
C PHE I 67 16.58 7.72 43.62
N LYS I 68 15.44 8.07 43.05
CA LYS I 68 14.47 8.90 43.78
C LYS I 68 13.94 8.16 45.01
N THR I 69 13.68 6.86 44.88
CA THR I 69 13.22 6.08 46.03
C THR I 69 14.28 5.95 47.10
N THR I 70 15.57 6.09 46.76
CA THR I 70 16.61 6.02 47.75
C THR I 70 16.56 7.25 48.67
N PRO I 71 17.00 7.11 49.92
CA PRO I 71 16.98 8.27 50.83
C PRO I 71 17.86 9.42 50.37
N TYR I 72 18.89 9.15 49.56
CA TYR I 72 19.77 10.18 49.05
C TYR I 72 19.27 10.80 47.75
N GLY I 73 17.97 10.67 47.45
CA GLY I 73 17.43 11.19 46.21
C GLY I 73 17.33 12.70 46.17
N VAL I 74 17.42 13.36 47.33
CA VAL I 74 17.37 14.82 47.36
C VAL I 74 18.58 15.41 46.65
N ASN I 75 19.72 14.72 46.68
CA ASN I 75 20.93 15.18 46.00
C ASN I 75 20.82 14.85 44.50
N LEU I 76 20.01 15.65 43.82
CA LEU I 76 19.76 15.46 42.40
C LEU I 76 19.43 16.80 41.76
N THR I 77 19.64 16.88 40.45
CA THR I 77 19.34 18.07 39.69
C THR I 77 17.84 18.17 39.43
N GLU I 78 17.33 19.40 39.39
CA GLU I 78 15.92 19.61 39.09
C GLU I 78 15.56 19.10 37.69
N ARG I 79 16.45 19.29 36.73
CA ARG I 79 16.20 18.79 35.38
C ARG I 79 16.14 17.27 35.34
N ALA I 80 16.86 16.60 36.25
CA ALA I 80 16.82 15.14 36.29
C ALA I 80 15.43 14.63 36.63
N LEU I 81 14.73 15.30 37.54
CA LEU I 81 13.37 14.92 37.87
C LEU I 81 12.42 15.10 36.68
N ARG I 82 12.78 15.93 35.72
CA ARG I 82 11.98 16.15 34.51
C ARG I 82 12.37 15.22 33.38
N TYR I 83 13.29 14.28 33.61
CA TYR I 83 13.79 13.37 32.58
C TYR I 83 14.37 14.13 31.40
N ASN I 84 15.05 15.25 31.69
CA ASN I 84 15.66 16.09 30.68
C ASN I 84 17.17 15.89 30.70
N GLY I 85 17.74 15.62 29.54
CA GLY I 85 19.17 15.38 29.43
C GLY I 85 20.03 16.63 29.33
N THR I 86 19.43 17.81 29.37
CA THR I 86 20.19 19.05 29.28
C THR I 86 20.91 19.32 30.60
N ARG I 87 22.11 18.74 30.75
CA ARG I 87 22.89 18.88 31.98
C ARG I 87 23.87 20.04 31.78
N PHE I 88 23.53 21.20 32.36
CA PHE I 88 24.40 22.38 32.35
C PHE I 88 24.74 22.80 30.93
N GLY I 89 23.71 23.20 30.20
CA GLY I 89 23.88 23.64 28.82
C GLY I 89 24.68 24.92 28.67
N GLN I 90 24.62 25.51 27.48
CA GLN I 90 25.39 26.71 27.19
C GLN I 90 24.65 27.95 27.65
N GLY I 91 25.31 28.78 28.45
CA GLY I 91 24.77 30.04 28.88
C GLY I 91 24.30 30.11 30.32
N GLU I 92 24.86 29.28 31.21
CA GLU I 92 24.49 29.36 32.62
C GLU I 92 25.68 28.89 33.45
N THR I 93 25.66 29.29 34.73
CA THR I 93 26.72 28.95 35.67
C THR I 93 26.22 28.23 36.92
N THR I 94 25.07 28.62 37.45
CA THR I 94 24.50 27.99 38.63
C THR I 94 23.32 27.12 38.23
N ALA I 95 23.19 25.97 38.88
CA ALA I 95 22.12 25.02 38.59
C ALA I 95 21.22 24.87 39.81
N THR I 96 20.11 24.17 39.61
CA THR I 96 19.10 23.99 40.64
C THR I 96 19.04 22.54 41.09
N LYS I 97 18.98 22.34 42.40
CA LYS I 97 18.88 21.01 42.98
C LYS I 97 17.46 20.48 42.84
N ALA I 98 17.25 19.24 43.29
CA ALA I 98 15.92 18.65 43.26
C ALA I 98 14.96 19.40 44.18
N ASN I 99 15.44 19.82 45.35
CA ASN I 99 14.62 20.55 46.31
C ASN I 99 14.57 22.04 46.03
N GLY I 100 15.27 22.52 45.00
CA GLY I 100 15.28 23.92 44.67
C GLY I 100 16.53 24.67 45.08
N ALA I 101 17.41 24.05 45.87
CA ALA I 101 18.63 24.72 46.29
C ALA I 101 19.56 24.95 45.10
N THR I 102 20.31 26.04 45.17
CA THR I 102 21.26 26.38 44.12
C THR I 102 22.59 25.66 44.33
N VAL I 103 23.24 25.33 43.21
CA VAL I 103 24.53 24.66 43.23
C VAL I 103 25.45 25.37 42.25
N GLN I 104 26.71 25.53 42.64
CA GLN I 104 27.70 26.23 41.84
C GLN I 104 28.50 25.23 41.00
N LEU I 105 28.65 25.53 39.72
CA LEU I 105 29.38 24.67 38.78
C LEU I 105 30.84 25.11 38.69
N ASN I 106 31.53 25.09 39.83
CA ASN I 106 32.92 25.50 39.91
C ASN I 106 33.85 24.36 40.30
N ASP I 107 33.55 23.64 41.38
CA ASP I 107 34.38 22.54 41.84
C ASP I 107 33.71 21.22 41.51
N GLU I 108 34.45 20.33 40.86
CA GLU I 108 33.88 19.07 40.40
C GLU I 108 33.40 18.20 41.56
N ALA I 109 34.14 18.21 42.68
CA ALA I 109 33.73 17.42 43.83
C ALA I 109 32.38 17.87 44.37
N THR I 110 32.16 19.18 44.47
CA THR I 110 30.88 19.69 44.92
C THR I 110 29.76 19.32 43.96
N ILE I 111 30.04 19.38 42.65
CA ILE I 111 29.03 19.03 41.65
C ILE I 111 28.64 17.57 41.78
N ILE I 112 29.63 16.68 41.92
CA ILE I 112 29.33 15.25 42.00
C ILE I 112 28.80 14.86 43.37
N LYS I 113 28.98 15.69 44.39
CA LYS I 113 28.43 15.38 45.70
C LYS I 113 26.98 15.84 45.83
N GLU I 114 26.72 17.12 45.52
CA GLU I 114 25.36 17.64 45.64
C GLU I 114 24.45 17.13 44.53
N LEU I 115 25.01 16.69 43.40
CA LEU I 115 24.23 16.17 42.30
C LEU I 115 24.74 14.79 41.93
N ALA I 116 23.81 13.87 41.67
CA ALA I 116 24.16 12.49 41.37
C ALA I 116 24.09 12.15 39.88
N ASP I 117 23.19 12.80 39.13
CA ASP I 117 23.10 12.54 37.70
C ASP I 117 24.38 12.96 36.97
N ALA I 118 24.93 14.12 37.35
CA ALA I 118 26.18 14.58 36.75
C ALA I 118 27.37 13.72 37.16
N ASP I 119 27.22 12.89 38.19
CA ASP I 119 28.31 12.02 38.63
C ASP I 119 28.32 10.72 37.84
N VAL I 120 27.19 10.04 37.78
CA VAL I 120 27.13 8.75 37.10
C VAL I 120 27.25 8.93 35.59
N HIS I 121 26.52 9.89 35.03
CA HIS I 121 26.46 10.08 33.58
C HIS I 121 27.37 11.18 33.08
N GLY I 122 28.18 11.78 33.95
CA GLY I 122 29.05 12.85 33.54
C GLY I 122 28.30 14.14 33.28
N PHE I 123 29.01 15.20 32.92
CA PHE I 123 28.39 16.49 32.66
C PHE I 123 29.37 17.38 31.93
N LEU I 124 28.88 18.53 31.48
CA LEU I 124 29.71 19.54 30.84
C LEU I 124 29.25 20.91 31.31
N ALA I 125 30.20 21.77 31.66
CA ALA I 125 29.93 23.14 32.10
C ALA I 125 30.68 24.08 31.17
N PRO I 126 30.11 24.42 30.01
CA PRO I 126 30.85 25.24 29.04
C PRO I 126 31.26 26.60 29.56
N LYS I 127 30.43 27.23 30.40
CA LYS I 127 30.76 28.54 30.93
C LYS I 127 32.00 28.48 31.83
N THR I 128 32.09 27.46 32.68
CA THR I 128 33.21 27.31 33.59
C THR I 128 34.33 26.47 32.98
N GLY I 129 33.98 25.46 32.18
CA GLY I 129 34.96 24.53 31.63
C GLY I 129 35.02 23.20 32.34
N ARG I 130 34.27 23.03 33.43
CA ARG I 130 34.27 21.75 34.14
C ARG I 130 33.60 20.67 33.29
N ARG I 131 34.17 19.47 33.32
CA ARG I 131 33.66 18.34 32.56
C ARG I 131 33.89 17.07 33.35
N ARG I 132 33.11 16.04 33.00
CA ARG I 132 33.26 14.73 33.63
C ARG I 132 32.91 13.66 32.61
N VAL I 133 33.83 12.73 32.38
CA VAL I 133 33.59 11.65 31.43
C VAL I 133 32.50 10.74 31.98
N SER I 134 31.52 10.41 31.13
CA SER I 134 30.42 9.56 31.56
C SER I 134 30.93 8.17 31.92
N LEU I 135 30.48 7.67 33.08
CA LEU I 135 30.84 6.34 33.52
C LEU I 135 29.98 5.26 32.89
N VAL I 136 28.92 5.63 32.17
CA VAL I 136 28.03 4.70 31.50
C VAL I 136 28.13 4.96 30.00
N LYS I 137 28.53 3.95 29.24
CA LYS I 137 28.67 4.07 27.79
C LYS I 137 27.80 3.01 27.13
N ALA I 138 26.92 3.46 26.22
CA ALA I 138 25.96 2.59 25.56
C ALA I 138 26.29 2.53 24.07
N SER I 139 26.35 1.31 23.53
CA SER I 139 26.64 1.12 22.12
C SER I 139 25.35 1.22 21.30
N PHE I 140 25.49 1.10 19.99
CA PHE I 140 24.34 1.08 19.12
C PHE I 140 23.63 -0.27 19.22
N ILE I 141 22.42 -0.32 18.68
CA ILE I 141 21.64 -1.56 18.68
C ILE I 141 21.49 -2.04 17.25
N LEU I 142 22.35 -2.98 16.84
CA LEU I 142 22.40 -3.46 15.47
C LEU I 142 21.89 -4.90 15.38
N PRO I 143 21.17 -5.24 14.31
CA PRO I 143 20.80 -6.64 14.10
C PRO I 143 22.03 -7.49 13.86
N THR I 144 21.94 -8.75 14.28
CA THR I 144 23.08 -9.65 14.20
C THR I 144 23.46 -9.92 12.74
N GLU I 145 24.75 -10.14 12.51
CA GLU I 145 25.25 -10.35 11.16
C GLU I 145 24.62 -11.58 10.51
N ASP I 146 24.46 -12.66 11.28
CA ASP I 146 23.87 -13.87 10.71
C ASP I 146 22.42 -13.64 10.30
N PHE I 147 21.68 -12.89 11.11
CA PHE I 147 20.27 -12.62 10.79
C PHE I 147 20.14 -11.80 9.51
N ILE I 148 20.94 -10.73 9.39
CA ILE I 148 20.85 -9.90 8.19
C ILE I 148 21.38 -10.65 6.98
N LYS I 149 22.33 -11.58 7.17
CA LYS I 149 22.77 -12.44 6.08
C LYS I 149 21.65 -13.37 5.64
N GLU I 150 20.89 -13.91 6.59
CA GLU I 150 19.83 -14.85 6.26
C GLU I 150 18.66 -14.15 5.57
N VAL I 151 18.28 -12.96 6.03
CA VAL I 151 17.13 -12.28 5.42
C VAL I 151 17.43 -11.86 3.99
N GLU I 152 18.70 -11.66 3.65
CA GLU I 152 19.11 -11.35 2.28
C GLU I 152 18.44 -10.09 1.76
N GLY I 153 18.32 -9.08 2.62
CA GLY I 153 17.76 -7.81 2.21
C GLY I 153 16.27 -7.84 1.91
N GLU I 154 15.47 -8.02 2.96
CA GLU I 154 14.01 -8.07 2.84
C GLU I 154 13.35 -6.89 3.53
N ARG I 155 13.91 -5.69 3.35
CA ARG I 155 13.35 -4.44 3.85
C ARG I 155 13.30 -4.40 5.37
N LEU I 156 12.50 -5.28 5.98
CA LEU I 156 12.29 -5.34 7.42
C LEU I 156 11.70 -4.05 7.97
N ILE I 157 11.04 -3.25 7.13
CA ILE I 157 10.42 -2.00 7.52
C ILE I 157 8.96 -2.03 7.12
N THR I 158 8.08 -1.73 8.07
CA THR I 158 6.64 -1.59 7.80
C THR I 158 6.26 -0.13 7.96
N ALA I 159 5.81 0.49 6.88
CA ALA I 159 5.41 1.89 6.87
C ALA I 159 3.88 1.92 7.02
N ILE I 160 3.42 1.96 8.27
CA ILE I 160 2.00 1.95 8.56
C ILE I 160 1.50 3.39 8.60
N LYS I 161 0.51 3.70 7.77
CA LYS I 161 -0.04 5.04 7.70
C LYS I 161 -1.30 5.12 8.57
N HIS I 162 -1.41 6.20 9.34
CA HIS I 162 -2.58 6.42 10.17
C HIS I 162 -2.78 7.91 10.35
N ASN I 163 -4.01 8.30 10.69
CA ASN I 163 -4.37 9.70 10.83
C ASN I 163 -5.25 9.84 12.07
N ARG I 164 -5.79 11.05 12.25
CA ARG I 164 -6.70 11.36 13.35
C ARG I 164 -8.07 11.69 12.78
N VAL I 165 -9.02 11.94 13.69
CA VAL I 165 -10.39 12.27 13.30
C VAL I 165 -10.74 13.65 13.86
N ASP I 166 -9.76 14.54 13.91
CA ASP I 166 -9.98 15.91 14.38
C ASP I 166 -11.13 16.54 13.61
N VAL I 167 -12.21 16.84 14.31
CA VAL I 167 -13.45 17.29 13.69
C VAL I 167 -13.94 18.54 14.43
N ASP I 168 -14.63 19.41 13.69
CA ASP I 168 -15.21 20.60 14.28
C ASP I 168 -16.28 20.23 15.30
N GLU I 169 -16.54 21.13 16.23
CA GLU I 169 -17.52 20.86 17.28
C GLU I 169 -18.91 20.63 16.70
N LYS I 170 -19.20 21.20 15.52
CA LYS I 170 -20.49 20.98 14.87
C LYS I 170 -20.59 19.60 14.23
N GLY I 171 -19.49 18.85 14.16
CA GLY I 171 -19.51 17.53 13.57
C GLY I 171 -19.07 17.45 12.13
N ALA I 172 -18.51 18.53 11.58
CA ALA I 172 -18.06 18.56 10.19
C ALA I 172 -16.54 18.47 10.15
N ILE I 173 -16.02 17.54 9.34
CA ILE I 173 -14.58 17.38 9.19
C ILE I 173 -14.07 18.52 8.31
N GLY I 174 -13.51 19.54 8.94
CA GLY I 174 -13.07 20.71 8.20
C GLY I 174 -11.74 20.50 7.50
N SER I 175 -11.47 21.40 6.56
CA SER I 175 -10.21 21.40 5.83
C SER I 175 -9.21 22.30 6.55
N SER I 176 -8.10 22.62 5.90
CA SER I 176 -7.08 23.49 6.49
C SER I 176 -7.60 24.90 6.74
N LYS I 177 -8.68 25.30 6.07
CA LYS I 177 -9.26 26.63 6.24
C LYS I 177 -10.33 26.66 7.32
N GLU I 178 -10.58 25.55 8.01
CA GLU I 178 -11.60 25.47 9.06
C GLU I 178 -11.00 25.53 10.46
N GLY I 179 -9.93 24.78 10.71
CA GLY I 179 -9.30 24.77 12.00
C GLY I 179 -8.98 23.39 12.53
N THR I 180 -9.21 22.37 11.70
CA THR I 180 -8.90 21.00 12.06
C THR I 180 -7.52 20.61 11.53
N ALA I 181 -6.99 19.51 12.05
CA ALA I 181 -5.66 19.02 11.69
C ALA I 181 -5.75 17.57 11.24
N GLN I 182 -6.74 17.26 10.39
CA GLN I 182 -6.92 15.92 9.85
C GLN I 182 -5.90 15.72 8.73
N MET I 183 -4.70 15.33 9.13
CA MET I 183 -3.58 15.13 8.20
C MET I 183 -3.19 13.65 8.19
N LEU I 184 -2.63 13.23 7.07
CA LEU I 184 -2.21 11.85 6.85
C LEU I 184 -0.70 11.75 7.02
N PHE I 185 -0.26 10.79 7.81
CA PHE I 185 1.16 10.54 8.04
C PHE I 185 1.37 9.06 8.27
N SER I 186 2.64 8.66 8.26
CA SER I 186 3.03 7.26 8.38
C SER I 186 4.15 7.12 9.40
N ARG I 187 4.25 5.91 9.97
CA ARG I 187 5.29 5.56 10.92
C ARG I 187 5.97 4.27 10.49
N GLU I 188 7.28 4.22 10.67
CA GLU I 188 8.08 3.08 10.25
C GLU I 188 8.41 2.21 11.46
N TYR I 189 8.05 0.93 11.38
CA TYR I 189 8.34 -0.04 12.43
C TYR I 189 9.30 -1.09 11.89
N ALA I 190 10.30 -1.44 12.70
CA ALA I 190 11.33 -2.39 12.29
C ALA I 190 11.21 -3.67 13.10
N THR I 191 11.98 -4.68 12.71
CA THR I 191 11.97 -5.97 13.37
C THR I 191 13.31 -6.67 13.13
N GLY I 192 13.62 -7.62 14.01
CA GLY I 192 14.83 -8.40 13.87
C GLY I 192 15.48 -8.79 15.19
N LEU I 193 16.55 -9.57 15.11
CA LEU I 193 17.32 -9.98 16.29
C LEU I 193 18.50 -9.04 16.43
N TYR I 194 18.44 -8.15 17.41
CA TYR I 194 19.45 -7.12 17.59
C TYR I 194 20.48 -7.55 18.64
N GLY I 195 21.62 -6.89 18.59
CA GLY I 195 22.68 -7.08 19.58
C GLY I 195 22.90 -5.79 20.36
N PHE I 196 23.14 -5.93 21.66
CA PHE I 196 23.31 -4.80 22.55
C PHE I 196 24.55 -4.97 23.40
N SER I 197 25.15 -3.85 23.78
CA SER I 197 26.31 -3.85 24.66
C SER I 197 26.39 -2.51 25.37
N ILE I 198 26.48 -2.56 26.71
CA ILE I 198 26.58 -1.37 27.54
C ILE I 198 27.63 -1.63 28.61
N VAL I 199 28.44 -0.62 28.91
CA VAL I 199 29.51 -0.72 29.90
C VAL I 199 29.28 0.31 30.98
N LEU I 200 29.54 -0.07 32.23
CA LEU I 200 29.37 0.80 33.38
C LEU I 200 30.69 0.92 34.13
N ASP I 201 31.01 2.15 34.54
CA ASP I 201 32.24 2.43 35.27
C ASP I 201 31.93 2.93 36.67
N LEU I 202 31.02 2.24 37.36
CA LEU I 202 30.57 2.67 38.68
C LEU I 202 31.68 2.63 39.73
N GLY I 203 32.83 2.03 39.43
CA GLY I 203 33.94 2.04 40.36
C GLY I 203 34.54 3.41 40.59
N LEU I 204 34.26 4.36 39.70
CA LEU I 204 34.76 5.72 39.81
C LEU I 204 33.69 6.73 40.22
N VAL I 205 32.52 6.26 40.64
CA VAL I 205 31.47 7.18 41.06
C VAL I 205 31.87 7.85 42.37
N GLY I 206 31.50 9.12 42.52
CA GLY I 206 31.90 9.87 43.68
C GLY I 206 33.35 10.27 43.69
N ILE I 207 34.05 10.10 42.57
CA ILE I 207 35.47 10.41 42.47
C ILE I 207 35.67 11.53 41.46
N PRO I 208 36.12 12.71 41.88
CA PRO I 208 36.43 13.77 40.92
C PRO I 208 37.56 13.34 39.99
N GLN I 209 37.45 13.74 38.72
CA GLN I 209 38.47 13.38 37.75
C GLN I 209 39.75 14.20 37.95
N GLY I 210 39.64 15.40 38.51
CA GLY I 210 40.83 16.20 38.76
C GLY I 210 41.75 15.57 39.79
N LEU I 211 41.19 15.07 40.88
CA LEU I 211 41.96 14.46 41.98
C LEU I 211 41.37 13.10 42.30
N PRO I 212 41.71 12.07 41.52
CA PRO I 212 41.18 10.73 41.79
C PRO I 212 41.61 10.15 43.14
N VAL I 213 42.76 10.57 43.68
CA VAL I 213 43.27 10.04 44.93
C VAL I 213 43.67 11.20 45.83
N LYS I 214 43.79 10.90 47.12
CA LYS I 214 44.14 11.89 48.14
C LYS I 214 45.52 11.69 48.73
N PHE I 215 45.93 10.43 48.93
CA PHE I 215 47.26 10.10 49.45
C PHE I 215 47.50 10.74 50.82
N GLU I 216 46.68 10.34 51.79
CA GLU I 216 46.82 10.85 53.16
C GLU I 216 47.87 10.05 53.92
N GLU I 217 47.77 8.73 53.89
CA GLU I 217 48.70 7.85 54.60
C GLU I 217 49.65 7.14 53.64
N ASN I 218 50.03 7.82 52.54
CA ASN I 218 50.90 7.25 51.51
C ASN I 218 50.33 5.94 50.96
N GLN I 219 49.02 5.88 50.82
CA GLN I 219 48.33 4.72 50.28
C GLN I 219 47.33 5.16 49.21
N PRO I 220 47.05 4.29 48.23
CA PRO I 220 46.12 4.69 47.17
C PRO I 220 44.68 4.75 47.64
N ARG I 221 44.38 5.67 48.56
CA ARG I 221 43.01 5.85 49.03
C ARG I 221 42.23 6.68 48.03
N PRO I 222 41.11 6.19 47.51
CA PRO I 222 40.33 6.98 46.55
C PRO I 222 39.77 8.23 47.21
N ASN I 223 39.65 9.29 46.41
CA ASN I 223 39.10 10.56 46.87
C ASN I 223 37.59 10.53 46.77
N ILE I 224 36.97 9.76 47.67
CA ILE I 224 35.52 9.62 47.72
C ILE I 224 34.99 10.83 48.47
N VAL I 225 34.55 11.85 47.72
CA VAL I 225 34.08 13.09 48.34
C VAL I 225 32.74 12.90 49.04
N ILE I 226 32.01 11.84 48.72
CA ILE I 226 30.71 11.60 49.31
C ILE I 226 30.83 10.49 50.34
N ASP I 227 29.75 10.27 51.09
CA ASP I 227 29.74 9.19 52.06
C ASP I 227 29.78 7.84 51.35
N PRO I 228 30.46 6.84 51.92
CA PRO I 228 30.47 5.52 51.30
C PRO I 228 29.08 4.90 51.18
N ASN I 229 28.19 5.18 52.13
CA ASN I 229 26.82 4.71 52.00
C ASN I 229 26.13 5.36 50.80
N GLU I 230 26.38 6.65 50.58
CA GLU I 230 25.82 7.33 49.41
C GLU I 230 26.36 6.73 48.12
N ARG I 231 27.66 6.43 48.09
CA ARG I 231 28.24 5.81 46.90
C ARG I 231 27.65 4.43 46.65
N LYS I 232 27.47 3.64 47.71
CA LYS I 232 26.85 2.32 47.56
C LYS I 232 25.41 2.44 47.07
N ALA I 233 24.67 3.40 47.60
CA ALA I 233 23.29 3.60 47.16
C ALA I 233 23.24 4.02 45.69
N ARG I 234 24.14 4.90 45.28
CA ARG I 234 24.19 5.32 43.87
C ARG I 234 24.54 4.15 42.97
N ILE I 235 25.50 3.32 43.38
CA ILE I 235 25.87 2.15 42.59
C ILE I 235 24.69 1.19 42.47
N GLU I 236 23.99 0.96 43.59
CA GLU I 236 22.84 0.07 43.57
C GLU I 236 21.73 0.61 42.67
N SER I 237 21.49 1.92 42.72
CA SER I 237 20.48 2.52 41.85
C SER I 237 20.88 2.40 40.38
N ALA I 238 22.15 2.62 40.07
CA ALA I 238 22.61 2.48 38.70
C ALA I 238 22.46 1.04 38.21
N LEU I 239 22.77 0.07 39.06
CA LEU I 239 22.63 -1.34 38.68
C LEU I 239 21.16 -1.71 38.53
N LYS I 240 20.29 -1.21 39.39
CA LYS I 240 18.86 -1.48 39.28
C LYS I 240 18.23 -0.77 38.10
N ALA I 241 18.88 0.27 37.57
CA ALA I 241 18.40 0.92 36.37
C ALA I 241 18.39 -0.01 35.16
N LEU I 242 19.10 -1.14 35.25
CA LEU I 242 19.08 -2.12 34.18
C LEU I 242 17.80 -2.95 34.16
N ILE I 243 17.01 -2.91 35.23
CA ILE I 243 15.74 -3.66 35.24
C ILE I 243 14.78 -3.17 34.17
N PRO I 244 14.52 -1.86 34.02
CA PRO I 244 13.69 -1.42 32.89
C PRO I 244 14.45 -1.32 31.57
N MET I 245 15.76 -1.55 31.57
CA MET I 245 16.53 -1.53 30.33
C MET I 245 16.04 -2.60 29.37
N LEU I 246 16.17 -3.86 29.76
CA LEU I 246 15.74 -4.98 28.92
C LEU I 246 14.31 -5.40 29.25
N SER I 247 13.41 -4.43 29.28
CA SER I 247 11.99 -4.69 29.57
C SER I 247 11.03 -3.98 28.63
N GLY I 248 11.48 -3.01 27.84
CA GLY I 248 10.58 -2.31 26.93
C GLY I 248 10.54 -0.82 27.17
N TYR I 249 11.59 -0.27 27.76
CA TYR I 249 11.67 1.15 28.09
C TYR I 249 12.99 1.74 27.61
N ILE I 250 13.36 1.42 26.38
CA ILE I 250 14.60 1.92 25.79
C ILE I 250 14.34 2.56 24.44
N GLY I 251 13.13 3.11 24.28
CA GLY I 251 12.78 3.78 23.04
C GLY I 251 11.68 4.81 23.19
N ALA I 252 11.33 5.47 22.10
CA ALA I 252 10.29 6.48 22.08
C ALA I 252 8.99 5.88 21.54
N ASN I 253 7.94 6.70 21.52
CA ASN I 253 6.63 6.31 21.04
C ASN I 253 6.08 5.11 21.80
N LEU I 254 6.39 5.02 23.09
CA LEU I 254 5.92 3.90 23.90
C LEU I 254 4.40 3.91 24.06
N ALA I 255 3.79 5.09 24.02
CA ALA I 255 2.34 5.18 24.19
C ALA I 255 1.60 4.51 23.04
N ARG I 256 2.07 4.69 21.81
CA ARG I 256 1.38 4.17 20.64
C ARG I 256 2.02 2.91 20.06
N SER I 257 3.28 2.61 20.41
CA SER I 257 3.96 1.43 19.90
C SER I 257 4.24 0.41 20.99
N PHE I 258 4.95 0.82 22.06
CA PHE I 258 5.35 -0.07 23.15
C PHE I 258 6.04 -1.30 22.57
N PRO I 259 7.27 -1.18 22.11
CA PRO I 259 7.90 -2.27 21.35
C PRO I 259 7.99 -3.56 22.15
N VAL I 260 7.84 -4.68 21.45
CA VAL I 260 7.83 -6.00 22.06
C VAL I 260 9.28 -6.45 22.22
N PHE I 261 9.69 -6.70 23.47
CA PHE I 261 11.06 -7.04 23.79
C PHE I 261 11.16 -8.41 24.44
N LYS I 262 12.26 -9.10 24.16
CA LYS I 262 12.55 -10.38 24.80
C LYS I 262 14.04 -10.64 24.68
N VAL I 263 14.73 -10.78 25.81
CA VAL I 263 16.15 -11.11 25.77
C VAL I 263 16.30 -12.59 25.46
N GLU I 264 17.06 -12.90 24.40
CA GLU I 264 17.29 -14.30 24.05
C GLU I 264 18.41 -14.90 24.89
N GLU I 265 19.61 -14.31 24.79
CA GLU I 265 20.74 -14.75 25.59
C GLU I 265 21.66 -13.56 25.82
N LEU I 266 22.49 -13.65 26.86
CA LEU I 266 23.46 -12.60 27.11
C LEU I 266 24.50 -13.07 28.12
N VAL I 267 25.57 -12.29 28.24
CA VAL I 267 26.63 -12.51 29.21
C VAL I 267 26.96 -11.18 29.88
N ALA I 268 27.46 -11.27 31.11
CA ALA I 268 27.88 -10.09 31.86
C ALA I 268 29.04 -10.47 32.75
N ILE I 269 30.07 -9.62 32.80
CA ILE I 269 31.23 -9.86 33.64
C ILE I 269 31.54 -8.61 34.46
N ALA I 270 31.92 -8.83 35.72
CA ALA I 270 32.25 -7.74 36.64
C ALA I 270 33.31 -8.22 37.60
N SER I 271 34.33 -7.39 37.84
CA SER I 271 35.44 -7.78 38.71
C SER I 271 35.91 -6.64 39.61
N GLU I 272 35.17 -5.53 39.69
CA GLU I 272 35.55 -4.37 40.50
C GLU I 272 36.93 -3.85 40.13
N GLY I 273 37.22 -3.84 38.83
CA GLY I 273 38.50 -3.38 38.33
C GLY I 273 38.49 -3.23 36.83
N PRO I 274 39.64 -2.89 36.25
CA PRO I 274 39.72 -2.76 34.79
C PRO I 274 39.32 -4.07 34.11
N ILE I 275 38.53 -3.94 33.04
CA ILE I 275 37.95 -5.10 32.36
C ILE I 275 37.88 -4.83 30.87
N PRO I 276 38.30 -5.77 30.03
CA PRO I 276 38.14 -5.60 28.58
C PRO I 276 36.67 -5.53 28.20
N ALA I 277 36.38 -4.70 27.19
CA ALA I 277 35.01 -4.55 26.72
C ALA I 277 34.52 -5.82 26.03
N LEU I 278 33.29 -6.20 26.32
CA LEU I 278 32.69 -7.38 25.70
C LEU I 278 32.39 -7.12 24.23
N VAL I 279 32.49 -8.19 23.43
CA VAL I 279 32.20 -8.09 22.00
C VAL I 279 30.71 -7.91 21.80
N HIS I 280 30.34 -6.99 20.91
CA HIS I 280 28.95 -6.68 20.65
C HIS I 280 28.24 -7.87 20.01
N GLY I 281 26.92 -7.92 20.19
CA GLY I 281 26.11 -8.99 19.66
C GLY I 281 25.82 -8.91 18.17
N PHE I 282 26.26 -7.83 17.51
CA PHE I 282 26.06 -7.70 16.07
C PHE I 282 26.81 -8.79 15.30
N TYR I 283 27.90 -9.28 15.86
CA TYR I 283 28.69 -10.32 15.22
C TYR I 283 28.19 -11.71 15.62
N GLU I 284 28.11 -12.61 14.65
CA GLU I 284 27.51 -13.91 14.91
C GLU I 284 28.39 -14.78 15.81
N ASP I 285 29.72 -14.61 15.73
CA ASP I 285 30.66 -15.44 16.50
C ASP I 285 31.13 -14.74 17.77
N TYR I 286 30.27 -13.93 18.39
CA TYR I 286 30.68 -13.18 19.56
C TYR I 286 30.80 -14.07 20.80
N ILE I 287 30.11 -15.21 20.83
CA ILE I 287 30.13 -16.07 22.01
C ILE I 287 31.52 -16.62 22.26
N GLU I 288 32.13 -17.20 21.23
CA GLU I 288 33.46 -17.79 21.39
C GLU I 288 34.50 -16.71 21.66
N ALA I 289 34.39 -15.56 20.99
CA ALA I 289 35.32 -14.47 21.22
C ALA I 289 35.24 -13.99 22.67
N ASN I 290 34.03 -13.80 23.19
CA ASN I 290 33.88 -13.36 24.58
C ASN I 290 34.35 -14.43 25.56
N ARG I 291 34.11 -15.70 25.23
CA ARG I 291 34.63 -16.78 26.06
C ARG I 291 36.14 -16.72 26.15
N SER I 292 36.81 -16.52 25.00
CA SER I 292 38.26 -16.38 25.00
C SER I 292 38.71 -15.17 25.80
N ILE I 293 38.01 -14.04 25.63
CA ILE I 293 38.38 -12.82 26.35
C ILE I 293 38.31 -13.04 27.85
N ILE I 294 37.18 -13.56 28.33
CA ILE I 294 36.99 -13.72 29.77
C ILE I 294 37.75 -14.91 30.34
N LYS I 295 38.22 -15.82 29.50
CA LYS I 295 39.10 -16.88 29.99
C LYS I 295 40.53 -16.39 30.11
N ASN I 296 41.01 -15.64 29.12
CA ASN I 296 42.36 -15.06 29.20
C ASN I 296 42.45 -14.04 30.32
N ALA I 297 41.41 -13.21 30.50
CA ALA I 297 41.44 -12.23 31.59
C ALA I 297 41.48 -12.92 32.94
N ARG I 298 40.69 -13.98 33.12
CA ARG I 298 40.73 -14.73 34.37
C ARG I 298 42.09 -15.39 34.57
N ALA I 299 42.66 -15.93 33.49
CA ALA I 299 43.98 -16.54 33.58
C ALA I 299 45.09 -15.51 33.82
N LEU I 300 44.84 -14.24 33.52
CA LEU I 300 45.82 -13.19 33.73
C LEU I 300 45.86 -12.70 35.18
N GLY I 301 44.95 -13.18 36.03
CA GLY I 301 44.94 -12.78 37.42
C GLY I 301 43.84 -11.80 37.76
N PHE I 302 42.67 -11.97 37.14
CA PHE I 302 41.53 -11.10 37.36
C PHE I 302 40.41 -11.90 38.00
N ASN I 303 39.81 -11.35 39.06
CA ASN I 303 38.70 -11.99 39.75
C ASN I 303 37.38 -11.70 39.03
N ILE I 304 37.30 -12.19 37.80
CA ILE I 304 36.15 -11.90 36.94
C ILE I 304 34.97 -12.75 37.37
N GLU I 305 33.85 -12.10 37.67
CA GLU I 305 32.60 -12.78 37.98
C GLU I 305 31.70 -12.72 36.75
N VAL I 306 31.27 -13.89 36.26
CA VAL I 306 30.55 -14.00 35.00
C VAL I 306 29.17 -14.57 35.27
N PHE I 307 28.14 -13.88 34.77
CA PHE I 307 26.76 -14.35 34.80
C PHE I 307 26.27 -14.44 33.36
N THR I 308 25.83 -15.64 32.97
CA THR I 308 25.39 -15.91 31.60
C THR I 308 23.96 -16.41 31.61
N TYR I 309 23.14 -15.89 30.70
CA TYR I 309 21.77 -16.33 30.54
C TYR I 309 21.60 -16.92 29.14
N ASN I 310 21.12 -18.16 29.10
CA ASN I 310 20.74 -18.85 27.85
C ASN I 310 21.94 -19.02 26.91
N VAL I 311 23.10 -19.30 27.48
CA VAL I 311 24.28 -19.60 26.68
C VAL I 311 25.19 -20.53 27.48
N ASP I 312 25.77 -21.52 26.80
CA ASP I 312 26.69 -22.45 27.45
C ASP I 312 28.05 -21.83 27.71
N LEU I 313 28.38 -20.74 26.99
CA LEU I 313 29.65 -20.04 27.15
C LEU I 313 30.83 -20.99 26.91
N GLY I 314 31.42 -21.50 27.99
CA GLY I 314 32.52 -22.45 27.88
C GLY I 314 32.32 -23.68 28.73
N GLU I 315 31.29 -23.64 29.58
CA GLU I 315 30.88 -24.74 30.47
C GLU I 315 32.04 -25.33 31.26
N ASP I 316 33.14 -24.58 31.39
CA ASP I 316 34.26 -24.99 32.22
C ASP I 316 34.80 -23.89 33.11
N ILE I 317 34.60 -22.61 32.77
CA ILE I 317 35.04 -21.49 33.59
C ILE I 317 33.93 -21.12 34.56
N GLU I 318 34.26 -20.30 35.55
CA GLU I 318 33.31 -19.92 36.59
C GLU I 318 32.24 -18.99 36.05
N ALA I 319 31.10 -19.55 35.64
CA ALA I 319 29.97 -18.78 35.14
C ALA I 319 28.69 -19.22 35.86
N THR I 320 27.86 -18.25 36.20
CA THR I 320 26.60 -18.51 36.90
C THR I 320 25.45 -18.39 35.91
N LYS I 321 24.62 -19.42 35.84
CA LYS I 321 23.50 -19.46 34.91
C LYS I 321 22.38 -18.57 35.45
N VAL I 322 22.44 -17.28 35.10
CA VAL I 322 21.42 -16.34 35.52
C VAL I 322 20.16 -16.54 34.67
N SER I 323 19.00 -16.34 35.28
CA SER I 323 17.73 -16.62 34.63
C SER I 323 17.08 -15.38 34.03
N SER I 324 17.31 -14.21 34.60
CA SER I 324 16.66 -13.00 34.12
C SER I 324 17.54 -11.80 34.46
N VAL I 325 17.10 -10.62 34.01
CA VAL I 325 17.85 -9.38 34.26
C VAL I 325 17.81 -9.03 35.74
N GLU I 326 16.67 -9.27 36.39
CA GLU I 326 16.54 -8.95 37.81
C GLU I 326 17.51 -9.78 38.65
N GLU I 327 17.64 -11.07 38.34
CA GLU I 327 18.61 -11.90 39.04
C GLU I 327 20.04 -11.42 38.77
N LEU I 328 20.30 -10.98 37.54
CA LEU I 328 21.64 -10.48 37.21
C LEU I 328 21.98 -9.24 38.01
N VAL I 329 21.04 -8.29 38.11
CA VAL I 329 21.32 -7.07 38.87
C VAL I 329 21.37 -7.38 40.37
N ALA I 330 20.61 -8.38 40.84
CA ALA I 330 20.73 -8.80 42.23
C ALA I 330 22.11 -9.36 42.51
N ASN I 331 22.64 -10.18 41.60
CA ASN I 331 24.00 -10.68 41.76
C ASN I 331 25.01 -9.55 41.71
N LEU I 332 24.78 -8.56 40.83
CA LEU I 332 25.69 -7.43 40.72
C LEU I 332 25.72 -6.61 42.00
N VAL I 333 24.56 -6.36 42.60
CA VAL I 333 24.51 -5.58 43.84
C VAL I 333 24.88 -6.41 45.07
N LYS I 334 24.90 -7.74 44.96
CA LYS I 334 25.32 -8.56 46.08
C LYS I 334 26.81 -8.47 46.36
N MET I 335 27.61 -8.09 45.36
CA MET I 335 29.07 -8.04 45.50
C MET I 335 29.59 -6.63 45.73
N VAL I 336 28.73 -5.68 46.04
CA VAL I 336 29.17 -4.31 46.31
C VAL I 336 29.99 -4.26 47.59
N MET J 1 -0.30 3.20 42.32
CA MET J 1 -0.24 1.75 42.24
C MET J 1 -0.10 1.31 40.78
N TYR J 2 0.98 0.58 40.49
CA TYR J 2 1.32 0.19 39.13
C TYR J 2 0.85 -1.22 38.84
N VAL J 3 0.42 -1.45 37.60
CA VAL J 3 -0.12 -2.72 37.16
C VAL J 3 0.50 -3.07 35.81
N ARG J 4 0.90 -4.33 35.65
CA ARG J 4 1.41 -4.84 34.37
C ARG J 4 0.70 -6.15 34.06
N ILE J 5 -0.02 -6.19 32.94
CA ILE J 5 -0.80 -7.35 32.55
C ILE J 5 -0.30 -7.85 31.21
N SER J 6 -0.30 -9.17 31.03
CA SER J 6 0.05 -9.77 29.74
C SER J 6 -0.75 -11.05 29.59
N GLY J 7 -0.80 -11.56 28.37
CA GLY J 7 -1.47 -12.83 28.14
C GLY J 7 -1.76 -13.07 26.68
N ARG J 8 -2.55 -14.11 26.44
CA ARG J 8 -2.95 -14.53 25.10
C ARG J 8 -4.46 -14.51 24.98
N ILE J 9 -4.94 -13.99 23.85
CA ILE J 9 -6.36 -13.85 23.56
C ILE J 9 -6.61 -14.28 22.12
N ARG J 10 -7.71 -15.00 21.90
CA ARG J 10 -8.04 -15.53 20.57
C ARG J 10 -9.01 -14.60 19.86
N LEU J 11 -8.72 -14.31 18.59
CA LEU J 11 -9.57 -13.49 17.75
C LEU J 11 -10.06 -14.32 16.57
N ASN J 12 -11.35 -14.25 16.29
CA ASN J 12 -11.94 -14.99 15.17
C ASN J 12 -12.82 -14.04 14.37
N ALA J 13 -12.62 -14.03 13.05
CA ALA J 13 -13.40 -13.21 12.11
C ALA J 13 -13.38 -11.74 12.54
N HIS J 14 -12.18 -11.20 12.68
CA HIS J 14 -11.99 -9.83 13.13
C HIS J 14 -11.41 -8.97 12.00
N SER J 15 -11.88 -7.73 11.93
CA SER J 15 -11.40 -6.75 10.97
C SER J 15 -10.97 -5.48 11.70
N LEU J 16 -10.25 -5.64 12.80
CA LEU J 16 -9.90 -4.53 13.66
C LEU J 16 -8.68 -3.79 13.13
N ASN J 17 -8.74 -2.45 13.16
CA ASN J 17 -7.65 -1.57 12.73
C ASN J 17 -7.28 -1.86 11.27
N ALA J 18 -8.24 -1.57 10.39
CA ALA J 18 -8.04 -1.71 8.96
C ALA J 18 -7.62 -0.36 8.36
N GLN J 19 -7.20 -0.40 7.10
CA GLN J 19 -6.88 0.84 6.40
C GLN J 19 -8.13 1.60 5.95
N GLY J 20 -9.24 0.89 5.74
CA GLY J 20 -10.48 1.54 5.35
C GLY J 20 -10.60 1.86 3.87
N GLY J 21 -9.59 1.54 3.07
CA GLY J 21 -9.64 1.79 1.66
C GLY J 21 -9.43 3.26 1.30
N GLY J 22 -10.40 4.10 1.67
CA GLY J 22 -10.34 5.52 1.37
C GLY J 22 -10.62 5.83 -0.08
N GLY J 23 -9.83 5.25 -0.98
CA GLY J 23 -10.03 5.44 -2.40
C GLY J 23 -10.10 4.13 -3.16
N THR J 24 -10.40 3.04 -2.45
CA THR J 24 -10.54 1.73 -3.05
C THR J 24 -11.69 1.00 -2.38
N ASN J 25 -12.31 0.09 -3.14
CA ASN J 25 -13.37 -0.76 -2.59
C ASN J 25 -12.81 -1.89 -1.73
N TYR J 26 -11.53 -2.20 -1.85
CA TYR J 26 -10.90 -3.26 -1.06
C TYR J 26 -10.38 -2.65 0.23
N ILE J 27 -11.00 -3.01 1.35
CA ILE J 27 -10.62 -2.49 2.65
C ILE J 27 -9.50 -3.37 3.19
N GLU J 28 -8.27 -2.89 3.09
CA GLU J 28 -7.13 -3.66 3.56
C GLU J 28 -7.02 -3.60 5.08
N ILE J 29 -6.47 -4.67 5.66
CA ILE J 29 -6.18 -4.74 7.07
C ILE J 29 -4.71 -4.40 7.29
N THR J 30 -4.39 -3.87 8.47
CA THR J 30 -3.02 -3.49 8.76
C THR J 30 -2.13 -4.72 8.85
N LYS J 31 -0.95 -4.63 8.23
CA LYS J 31 0.02 -5.71 8.22
C LYS J 31 1.31 -5.23 8.87
N THR J 32 1.97 -6.13 9.61
CA THR J 32 3.25 -5.81 10.23
C THR J 32 4.19 -7.00 10.08
N LYS J 33 5.48 -6.70 10.06
CA LYS J 33 6.50 -7.73 9.92
C LYS J 33 7.01 -8.12 11.30
N VAL J 34 6.95 -9.41 11.61
CA VAL J 34 7.39 -9.92 12.90
C VAL J 34 8.44 -11.01 12.68
N THR J 35 9.29 -11.18 13.69
CA THR J 35 10.42 -12.09 13.64
C THR J 35 10.04 -13.42 14.27
N VAL J 36 10.31 -14.50 13.55
CA VAL J 36 10.06 -15.87 14.02
C VAL J 36 11.39 -16.58 14.12
N ARG J 37 11.63 -17.24 15.25
CA ARG J 37 12.91 -17.91 15.49
C ARG J 37 13.18 -18.99 14.44
N THR J 38 12.27 -19.98 14.34
CA THR J 38 12.29 -21.02 13.33
C THR J 38 13.48 -21.98 13.51
N GLU J 39 13.27 -23.26 13.18
CA GLU J 39 14.35 -24.23 13.27
C GLU J 39 15.41 -24.03 12.19
N ASN J 40 15.07 -23.34 11.10
CA ASN J 40 16.00 -23.09 10.01
C ASN J 40 16.71 -21.76 10.14
N GLY J 41 16.46 -21.00 11.20
CA GLY J 41 17.06 -19.69 11.35
C GLY J 41 16.02 -18.59 11.41
N TRP J 42 16.39 -17.44 11.98
CA TRP J 42 15.44 -16.34 12.16
C TRP J 42 14.90 -15.86 10.82
N THR J 43 13.58 -15.70 10.75
CA THR J 43 12.91 -15.24 9.55
C THR J 43 11.93 -14.14 9.91
N VAL J 44 11.40 -13.48 8.88
CA VAL J 44 10.44 -12.39 9.04
C VAL J 44 9.18 -12.75 8.25
N VAL J 45 8.03 -12.57 8.90
CA VAL J 45 6.74 -12.89 8.28
C VAL J 45 5.80 -11.70 8.45
N GLU J 46 5.01 -11.43 7.42
CA GLU J 46 4.03 -10.34 7.44
C GLU J 46 2.69 -10.90 7.90
N VAL J 47 2.18 -10.39 9.00
CA VAL J 47 0.92 -10.87 9.58
C VAL J 47 0.03 -9.68 9.93
N PRO J 48 -1.29 -9.84 9.91
CA PRO J 48 -2.17 -8.78 10.40
C PRO J 48 -2.03 -8.60 11.91
N ALA J 49 -2.21 -7.36 12.34
CA ALA J 49 -2.08 -7.02 13.76
C ALA J 49 -2.83 -5.73 14.03
N ILE J 50 -3.02 -5.44 15.32
CA ILE J 50 -3.67 -4.22 15.78
C ILE J 50 -2.64 -3.38 16.51
N THR J 51 -2.50 -2.12 16.09
CA THR J 51 -1.54 -1.22 16.70
C THR J 51 -1.98 -0.85 18.11
N GLY J 52 -1.01 -0.44 18.93
CA GLY J 52 -1.31 -0.01 20.28
C GLY J 52 -2.10 1.28 20.36
N ASN J 53 -2.14 2.05 19.28
CA ASN J 53 -2.91 3.28 19.27
C ASN J 53 -4.40 2.99 19.44
N MET J 54 -4.92 1.98 18.71
CA MET J 54 -6.32 1.62 18.84
C MET J 54 -6.64 1.10 20.23
N LEU J 55 -5.72 0.29 20.80
CA LEU J 55 -5.93 -0.20 22.16
C LEU J 55 -5.96 0.94 23.17
N LYS J 56 -5.07 1.93 23.00
CA LYS J 56 -5.08 3.09 23.88
C LYS J 56 -6.37 3.89 23.72
N HIS J 57 -6.85 4.05 22.48
CA HIS J 57 -8.09 4.77 22.26
C HIS J 57 -9.27 4.07 22.91
N TRP J 58 -9.32 2.74 22.80
CA TRP J 58 -10.43 2.01 23.41
C TRP J 58 -10.33 1.99 24.93
N HIS J 59 -9.11 1.95 25.47
CA HIS J 59 -8.95 2.12 26.91
C HIS J 59 -9.44 3.49 27.37
N PHE J 60 -9.13 4.53 26.58
CA PHE J 60 -9.63 5.87 26.89
C PHE J 60 -11.15 5.91 26.86
N VAL J 61 -11.76 5.25 25.86
CA VAL J 61 -13.22 5.22 25.76
C VAL J 61 -13.81 4.53 26.99
N GLY J 62 -13.23 3.40 27.38
CA GLY J 62 -13.71 2.71 28.56
C GLY J 62 -13.53 3.52 29.83
N PHE J 63 -12.40 4.22 29.95
CA PHE J 63 -12.15 5.04 31.12
C PHE J 63 -13.14 6.18 31.22
N VAL J 64 -13.41 6.87 30.11
CA VAL J 64 -14.37 7.97 30.17
C VAL J 64 -15.78 7.42 30.41
N ASP J 65 -16.10 6.25 29.87
CA ASP J 65 -17.42 5.65 30.13
C ASP J 65 -17.60 5.32 31.61
N TYR J 66 -16.57 4.77 32.24
CA TYR J 66 -16.67 4.44 33.66
C TYR J 66 -16.45 5.64 34.57
N PHE J 67 -15.93 6.74 34.04
CA PHE J 67 -15.72 7.96 34.83
C PHE J 67 -16.88 8.94 34.73
N LYS J 68 -17.71 8.84 33.68
CA LYS J 68 -18.90 9.66 33.60
C LYS J 68 -19.87 9.35 34.73
N THR J 69 -20.01 8.07 35.06
CA THR J 69 -20.90 7.68 36.16
C THR J 69 -20.40 8.21 37.49
N THR J 70 -19.09 8.37 37.64
CA THR J 70 -18.54 8.90 38.89
C THR J 70 -18.98 10.34 39.09
N PRO J 71 -19.19 10.75 40.35
CA PRO J 71 -19.60 12.14 40.60
C PRO J 71 -18.62 13.18 40.09
N TYR J 72 -17.33 12.87 40.09
CA TYR J 72 -16.29 13.78 39.62
C TYR J 72 -16.07 13.68 38.12
N GLY J 73 -17.04 13.13 37.37
CA GLY J 73 -16.91 13.03 35.93
C GLY J 73 -17.13 14.32 35.19
N VAL J 74 -17.56 15.38 35.89
CA VAL J 74 -17.74 16.68 35.24
C VAL J 74 -16.41 17.28 34.82
N ASN J 75 -15.31 16.90 35.47
CA ASN J 75 -13.99 17.44 35.17
C ASN J 75 -13.37 16.70 33.97
N LEU J 76 -14.09 16.74 32.85
CA LEU J 76 -13.62 16.11 31.62
C LEU J 76 -13.65 17.08 30.46
N THR J 77 -13.43 16.59 29.25
CA THR J 77 -13.38 17.40 28.05
C THR J 77 -14.59 17.10 27.17
N GLU J 78 -15.10 18.13 26.50
CA GLU J 78 -16.20 17.94 25.57
C GLU J 78 -15.80 16.98 24.45
N ARG J 79 -14.58 17.12 23.93
CA ARG J 79 -14.07 16.15 22.96
C ARG J 79 -13.96 14.77 23.57
N ALA J 80 -13.50 14.69 24.82
CA ALA J 80 -13.45 13.40 25.51
C ALA J 80 -14.85 12.82 25.68
N LEU J 81 -15.83 13.67 26.00
CA LEU J 81 -17.22 13.22 26.08
C LEU J 81 -17.73 12.74 24.73
N ARG J 82 -17.16 13.25 23.64
CA ARG J 82 -17.54 12.86 22.29
C ARG J 82 -16.64 11.77 21.72
N TYR J 83 -15.83 11.11 22.56
CA TYR J 83 -14.94 10.03 22.14
C TYR J 83 -13.96 10.51 21.06
N ASN J 84 -13.45 11.72 21.22
CA ASN J 84 -12.48 12.29 20.30
C ASN J 84 -11.08 12.12 20.90
N GLY J 85 -10.18 11.50 20.15
CA GLY J 85 -8.85 11.20 20.63
C GLY J 85 -7.85 12.33 20.59
N THR J 86 -8.15 13.42 19.90
CA THR J 86 -7.22 14.54 19.81
C THR J 86 -7.21 15.33 21.12
N ARG J 87 -6.02 15.76 21.53
CA ARG J 87 -5.84 16.53 22.76
C ARG J 87 -5.01 17.77 22.43
N PHE J 88 -5.67 18.94 22.48
CA PHE J 88 -5.00 20.23 22.34
C PHE J 88 -4.25 20.33 21.01
N GLY J 89 -5.03 20.31 19.94
CA GLY J 89 -4.47 20.43 18.61
C GLY J 89 -3.70 21.73 18.41
N GLN J 90 -3.04 21.81 17.26
CA GLN J 90 -2.21 22.97 16.96
C GLN J 90 -3.05 24.23 16.82
N GLY J 91 -2.57 25.33 17.40
CA GLY J 91 -3.22 26.61 17.29
C GLY J 91 -4.24 26.93 18.37
N GLU J 92 -4.50 26.01 19.29
CA GLU J 92 -5.47 26.23 20.36
C GLU J 92 -4.76 26.33 21.71
N THR J 93 -5.31 27.19 22.57
CA THR J 93 -4.77 27.39 23.91
C THR J 93 -5.79 27.18 25.01
N THR J 94 -7.02 26.80 24.67
CA THR J 94 -8.08 26.60 25.65
C THR J 94 -8.69 25.22 25.45
N ALA J 95 -9.28 24.70 26.53
CA ALA J 95 -9.94 23.41 26.51
C ALA J 95 -11.42 23.57 26.84
N THR J 96 -12.26 22.87 26.10
CA THR J 96 -13.70 22.90 26.31
C THR J 96 -14.07 21.82 27.33
N LYS J 97 -14.40 22.25 28.55
CA LYS J 97 -14.73 21.32 29.61
C LYS J 97 -16.06 20.62 29.32
N ALA J 98 -16.23 19.45 29.94
CA ALA J 98 -17.49 18.72 29.80
C ALA J 98 -18.66 19.51 30.37
N ASN J 99 -18.41 20.35 31.37
CA ASN J 99 -19.43 21.24 31.90
C ASN J 99 -19.73 22.42 30.97
N GLY J 100 -18.93 22.60 29.92
CA GLY J 100 -19.07 23.73 29.03
C GLY J 100 -18.18 24.90 29.35
N ALA J 101 -17.47 24.86 30.47
CA ALA J 101 -16.58 25.96 30.84
C ALA J 101 -15.28 25.88 30.04
N THR J 102 -14.48 26.93 30.15
CA THR J 102 -13.21 27.05 29.45
C THR J 102 -12.06 26.83 30.43
N VAL J 103 -11.12 25.98 30.05
CA VAL J 103 -9.97 25.65 30.89
C VAL J 103 -8.72 26.18 30.21
N GLN J 104 -7.92 26.96 30.95
CA GLN J 104 -6.68 27.49 30.41
C GLN J 104 -5.62 26.39 30.32
N LEU J 105 -4.70 26.56 29.38
CA LEU J 105 -3.64 25.58 29.13
C LEU J 105 -2.27 26.11 29.53
N ASN J 106 -2.22 27.17 30.34
CA ASN J 106 -0.95 27.76 30.75
C ASN J 106 -0.32 27.05 31.95
N ASP J 107 -1.01 26.09 32.55
CA ASP J 107 -0.49 25.37 33.71
C ASP J 107 -0.89 23.91 33.63
N GLU J 108 0.09 23.01 33.77
CA GLU J 108 -0.20 21.59 33.67
C GLU J 108 -0.97 21.09 34.89
N ALA J 109 -0.68 21.64 36.07
CA ALA J 109 -1.39 21.21 37.27
C ALA J 109 -2.87 21.51 37.19
N THR J 110 -3.22 22.71 36.70
CA THR J 110 -4.63 23.05 36.52
C THR J 110 -5.29 22.13 35.51
N ILE J 111 -4.58 21.79 34.43
CA ILE J 111 -5.12 20.91 33.41
C ILE J 111 -5.42 19.53 34.01
N ILE J 112 -4.45 18.95 34.71
CA ILE J 112 -4.66 17.62 35.28
C ILE J 112 -5.67 17.65 36.41
N LYS J 113 -5.87 18.80 37.07
CA LYS J 113 -6.88 18.90 38.11
C LYS J 113 -8.28 18.95 37.50
N GLU J 114 -8.47 19.74 36.44
CA GLU J 114 -9.78 19.94 35.85
C GLU J 114 -10.06 19.03 34.66
N LEU J 115 -9.06 18.31 34.15
CA LEU J 115 -9.23 17.41 33.01
C LEU J 115 -8.64 16.06 33.39
N ALA J 116 -9.52 15.12 33.79
CA ALA J 116 -9.05 13.79 34.16
C ALA J 116 -8.52 13.02 32.95
N ASP J 117 -9.10 13.23 31.78
CA ASP J 117 -8.63 12.55 30.57
C ASP J 117 -7.20 12.93 30.24
N ALA J 118 -6.89 14.23 30.32
CA ALA J 118 -5.52 14.67 30.08
C ALA J 118 -4.58 14.22 31.19
N ASP J 119 -5.10 14.10 32.42
CA ASP J 119 -4.29 13.60 33.52
C ASP J 119 -3.90 12.15 33.29
N VAL J 120 -4.82 11.33 32.80
CA VAL J 120 -4.59 9.90 32.68
C VAL J 120 -3.86 9.55 31.39
N HIS J 121 -4.37 9.98 30.24
CA HIS J 121 -3.82 9.60 28.95
C HIS J 121 -2.82 10.61 28.40
N GLY J 122 -2.47 11.63 29.17
CA GLY J 122 -1.51 12.62 28.74
C GLY J 122 -2.11 13.58 27.73
N PHE J 123 -1.31 14.58 27.36
CA PHE J 123 -1.76 15.59 26.42
C PHE J 123 -0.55 16.28 25.80
N LEU J 124 -0.79 16.96 24.68
CA LEU J 124 0.24 17.78 24.04
C LEU J 124 -0.41 19.02 23.48
N ALA J 125 0.06 20.19 23.94
CA ALA J 125 -0.39 21.50 23.47
C ALA J 125 0.82 22.21 22.89
N PRO J 126 1.05 22.09 21.58
CA PRO J 126 2.21 22.78 20.97
C PRO J 126 2.15 24.29 21.06
N LYS J 127 0.95 24.88 21.04
CA LYS J 127 0.85 26.34 21.07
C LYS J 127 1.45 26.90 22.35
N THR J 128 1.17 26.27 23.50
CA THR J 128 1.83 26.60 24.74
C THR J 128 2.91 25.58 25.13
N GLY J 129 3.03 24.49 24.38
CA GLY J 129 4.05 23.50 24.62
C GLY J 129 3.80 22.57 25.79
N ARG J 130 2.61 22.58 26.38
CA ARG J 130 2.36 21.78 27.57
C ARG J 130 2.25 20.31 27.20
N ARG J 131 3.19 19.51 27.69
CA ARG J 131 3.25 18.09 27.33
C ARG J 131 3.18 17.24 28.60
N ARG J 132 2.50 16.10 28.47
CA ARG J 132 2.39 15.15 29.57
C ARG J 132 2.23 13.76 28.96
N VAL J 133 3.19 12.87 29.23
CA VAL J 133 3.15 11.54 28.66
C VAL J 133 1.99 10.76 29.24
N SER J 134 1.49 9.79 28.47
CA SER J 134 0.37 8.97 28.90
C SER J 134 0.78 8.05 30.05
N LEU J 135 -0.16 7.83 30.96
CA LEU J 135 0.03 6.91 32.08
C LEU J 135 -0.40 5.49 31.73
N VAL J 136 -0.81 5.23 30.49
CA VAL J 136 -1.23 3.91 30.04
C VAL J 136 -0.38 3.53 28.84
N LYS J 137 0.25 2.36 28.91
CA LYS J 137 1.10 1.85 27.83
C LYS J 137 0.40 0.64 27.19
N ALA J 138 0.14 0.74 25.89
CA ALA J 138 -0.54 -0.30 25.14
C ALA J 138 0.41 -0.86 24.09
N SER J 139 0.51 -2.18 24.03
CA SER J 139 1.39 -2.86 23.09
C SER J 139 0.63 -3.30 21.85
N PHE J 140 1.38 -3.66 20.82
CA PHE J 140 0.79 -4.16 19.59
C PHE J 140 0.16 -5.53 19.82
N ILE J 141 -1.00 -5.76 19.20
CA ILE J 141 -1.71 -7.02 19.33
C ILE J 141 -1.16 -7.93 18.23
N LEU J 142 -0.11 -8.68 18.56
CA LEU J 142 0.59 -9.52 17.61
C LEU J 142 0.24 -10.98 17.80
N PRO J 143 0.04 -11.74 16.71
CA PRO J 143 -0.15 -13.18 16.83
C PRO J 143 1.09 -13.85 17.40
N THR J 144 0.87 -14.78 18.31
CA THR J 144 1.98 -15.45 18.98
C THR J 144 2.74 -16.36 18.01
N GLU J 145 4.04 -16.54 18.32
CA GLU J 145 4.93 -17.21 17.37
C GLU J 145 4.57 -18.68 17.19
N ASP J 146 4.25 -19.38 18.27
CA ASP J 146 3.92 -20.80 18.14
C ASP J 146 2.64 -21.01 17.34
N PHE J 147 1.73 -20.04 17.33
CA PHE J 147 0.58 -20.12 16.45
C PHE J 147 1.01 -20.15 14.99
N ILE J 148 1.94 -19.27 14.62
CA ILE J 148 2.47 -19.27 13.25
C ILE J 148 3.21 -20.55 12.97
N LYS J 149 3.91 -21.09 13.97
CA LYS J 149 4.58 -22.38 13.82
C LYS J 149 3.58 -23.49 13.51
N GLU J 150 2.46 -23.49 14.20
CA GLU J 150 1.46 -24.55 14.03
C GLU J 150 0.69 -24.42 12.72
N VAL J 151 0.32 -23.20 12.35
CA VAL J 151 -0.52 -23.01 11.17
C VAL J 151 0.28 -22.85 9.88
N GLU J 152 1.59 -22.58 9.97
CA GLU J 152 2.44 -22.33 8.81
C GLU J 152 1.86 -21.20 7.94
N GLY J 153 1.36 -20.16 8.60
CA GLY J 153 0.82 -19.00 7.93
C GLY J 153 -0.64 -19.14 7.52
N GLU J 154 -0.89 -19.89 6.44
CA GLU J 154 -2.21 -20.06 5.83
C GLU J 154 -2.81 -18.73 5.36
N ARG J 155 -2.01 -17.66 5.37
CA ARG J 155 -2.34 -16.33 4.89
C ARG J 155 -3.32 -15.60 5.79
N LEU J 156 -3.92 -16.31 6.75
CA LEU J 156 -4.72 -15.74 7.84
C LEU J 156 -5.68 -14.63 7.41
N ILE J 157 -6.16 -14.66 6.17
CA ILE J 157 -6.95 -13.55 5.63
C ILE J 157 -8.11 -14.11 4.81
N THR J 158 -9.28 -13.51 4.99
CA THR J 158 -10.45 -13.77 4.16
C THR J 158 -10.99 -12.44 3.64
N ALA J 159 -11.37 -12.41 2.37
CA ALA J 159 -11.97 -11.23 1.77
C ALA J 159 -13.45 -11.52 1.48
N ILE J 160 -14.32 -10.71 2.06
CA ILE J 160 -15.76 -10.86 1.91
C ILE J 160 -16.31 -9.62 1.21
N LYS J 161 -17.00 -9.83 0.09
CA LYS J 161 -17.50 -8.73 -0.70
C LYS J 161 -18.95 -8.43 -0.36
N HIS J 162 -19.23 -7.16 -0.07
CA HIS J 162 -20.58 -6.67 0.21
C HIS J 162 -20.91 -5.55 -0.75
N ASN J 163 -22.15 -5.53 -1.22
CA ASN J 163 -22.61 -4.46 -2.09
C ASN J 163 -23.33 -3.38 -1.29
N ARG J 164 -23.38 -2.19 -1.88
CA ARG J 164 -24.11 -1.06 -1.31
C ARG J 164 -25.27 -0.75 -2.25
N VAL J 165 -26.39 -1.44 -2.04
CA VAL J 165 -27.54 -1.29 -2.93
C VAL J 165 -28.24 0.02 -2.61
N ASP J 166 -28.31 0.90 -3.60
CA ASP J 166 -28.94 2.21 -3.46
C ASP J 166 -30.26 2.17 -4.24
N VAL J 167 -31.33 1.84 -3.54
CA VAL J 167 -32.67 1.77 -4.13
C VAL J 167 -33.31 3.14 -4.00
N ASP J 168 -33.71 3.71 -5.14
CA ASP J 168 -34.34 5.02 -5.15
C ASP J 168 -35.83 4.87 -4.82
N GLU J 169 -36.59 5.96 -4.99
CA GLU J 169 -38.02 5.90 -4.71
C GLU J 169 -38.76 5.01 -5.70
N LYS J 170 -38.25 4.88 -6.92
CA LYS J 170 -38.88 4.04 -7.93
C LYS J 170 -38.41 2.59 -7.87
N GLY J 171 -37.40 2.28 -7.06
CA GLY J 171 -36.90 0.93 -6.95
C GLY J 171 -36.03 0.53 -8.13
N ALA J 172 -34.95 1.27 -8.37
CA ALA J 172 -34.03 0.99 -9.46
C ALA J 172 -32.60 1.05 -8.94
N ILE J 173 -31.76 0.18 -9.50
CA ILE J 173 -30.35 0.15 -9.10
C ILE J 173 -29.54 1.26 -9.73
N GLY J 174 -30.02 1.83 -10.82
CA GLY J 174 -29.32 2.92 -11.48
C GLY J 174 -28.19 2.43 -12.38
N SER J 175 -27.58 3.38 -13.09
CA SER J 175 -26.46 3.08 -13.97
C SER J 175 -25.34 4.10 -13.81
N SER J 176 -25.12 4.58 -12.58
CA SER J 176 -24.09 5.58 -12.27
C SER J 176 -24.29 6.86 -13.08
N LYS J 177 -25.54 7.19 -13.40
CA LYS J 177 -25.87 8.39 -14.16
C LYS J 177 -27.05 9.16 -13.59
N GLU J 178 -27.84 8.57 -12.70
CA GLU J 178 -29.00 9.24 -12.12
C GLU J 178 -28.77 9.74 -10.71
N GLY J 179 -27.82 9.12 -9.98
CA GLY J 179 -27.55 9.51 -8.61
C GLY J 179 -27.44 8.32 -7.68
N THR J 180 -27.41 7.12 -8.25
CA THR J 180 -27.31 5.91 -7.46
C THR J 180 -25.88 5.73 -6.94
N ALA J 181 -25.74 4.86 -5.95
CA ALA J 181 -24.46 4.54 -5.32
C ALA J 181 -24.30 3.03 -5.18
N GLN J 182 -24.60 2.31 -6.26
CA GLN J 182 -24.56 0.85 -6.28
C GLN J 182 -23.13 0.41 -6.58
N MET J 183 -22.38 0.07 -5.55
CA MET J 183 -21.01 -0.41 -5.72
C MET J 183 -20.81 -1.72 -4.95
N LEU J 184 -19.63 -2.32 -5.09
CA LEU J 184 -19.34 -3.60 -4.46
C LEU J 184 -17.96 -3.50 -3.80
N PHE J 185 -17.94 -3.29 -2.48
CA PHE J 185 -16.70 -3.19 -1.74
C PHE J 185 -16.36 -4.54 -1.12
N SER J 186 -15.16 -4.64 -0.56
CA SER J 186 -14.71 -5.87 0.08
C SER J 186 -14.06 -5.55 1.42
N ARG J 187 -14.32 -6.40 2.41
CA ARG J 187 -13.77 -6.26 3.75
C ARG J 187 -12.84 -7.43 4.06
N GLU J 188 -11.75 -7.12 4.76
CA GLU J 188 -10.71 -8.09 5.08
C GLU J 188 -10.83 -8.51 6.53
N TYR J 189 -10.94 -9.82 6.77
CA TYR J 189 -11.05 -10.37 8.10
C TYR J 189 -9.89 -11.33 8.36
N ALA J 190 -9.48 -11.41 9.63
CA ALA J 190 -8.38 -12.25 10.06
C ALA J 190 -8.77 -13.02 11.31
N THR J 191 -7.86 -13.85 11.79
CA THR J 191 -8.07 -14.64 13.00
C THR J 191 -6.71 -15.10 13.51
N GLY J 192 -6.70 -15.63 14.72
CA GLY J 192 -5.49 -16.16 15.33
C GLY J 192 -5.46 -15.91 16.83
N LEU J 193 -4.53 -16.61 17.46
CA LEU J 193 -4.30 -16.47 18.90
C LEU J 193 -3.25 -15.38 19.10
N TYR J 194 -3.71 -14.15 19.30
CA TYR J 194 -2.82 -13.02 19.45
C TYR J 194 -2.34 -12.90 20.89
N GLY J 195 -1.29 -12.12 21.08
CA GLY J 195 -0.76 -11.81 22.39
C GLY J 195 -1.00 -10.35 22.72
N PHE J 196 -1.34 -10.08 23.99
CA PHE J 196 -1.64 -8.73 24.44
C PHE J 196 -0.90 -8.44 25.73
N SER J 197 -0.65 -7.16 25.97
CA SER J 197 0.00 -6.71 27.20
C SER J 197 -0.31 -5.24 27.40
N ILE J 198 -0.65 -4.87 28.64
CA ILE J 198 -0.99 -3.51 28.99
C ILE J 198 -0.21 -3.12 30.25
N VAL J 199 0.04 -1.81 30.39
CA VAL J 199 0.71 -1.27 31.57
C VAL J 199 -0.10 -0.09 32.08
N LEU J 200 -0.57 -0.18 33.31
CA LEU J 200 -1.32 0.90 33.97
C LEU J 200 -0.39 1.54 34.98
N ASP J 201 0.10 2.74 34.65
CA ASP J 201 1.00 3.48 35.52
C ASP J 201 0.20 4.41 36.43
N LEU J 202 -0.71 3.80 37.20
CA LEU J 202 -1.64 4.54 38.05
C LEU J 202 -0.94 4.95 39.35
N GLY J 203 0.01 5.87 39.20
CA GLY J 203 0.73 6.40 40.34
C GLY J 203 1.02 7.89 40.22
N LEU J 204 0.53 8.50 39.13
CA LEU J 204 0.77 9.91 38.87
C LEU J 204 -0.53 10.67 38.57
N VAL J 205 -1.68 10.09 38.90
CA VAL J 205 -2.94 10.78 38.69
C VAL J 205 -3.10 11.89 39.72
N GLY J 206 -3.36 13.10 39.23
CA GLY J 206 -3.39 14.26 40.11
C GLY J 206 -2.05 14.80 40.51
N ILE J 207 -0.97 14.21 40.00
CA ILE J 207 0.39 14.63 40.35
C ILE J 207 1.06 15.25 39.15
N PRO J 208 1.34 16.55 39.16
CA PRO J 208 2.04 17.17 38.03
C PRO J 208 3.45 16.61 37.89
N GLN J 209 3.90 16.49 36.64
CA GLN J 209 5.23 15.95 36.37
C GLN J 209 6.33 16.97 36.57
N GLY J 210 5.99 18.26 36.63
CA GLY J 210 6.98 19.29 36.90
C GLY J 210 7.36 19.45 38.35
N LEU J 211 6.56 18.89 39.27
CA LEU J 211 6.82 18.97 40.70
C LEU J 211 6.13 17.80 41.38
N PRO J 212 6.80 16.64 41.48
CA PRO J 212 6.14 15.47 42.08
C PRO J 212 6.18 15.49 43.60
N VAL J 213 7.19 16.14 44.19
CA VAL J 213 7.35 16.20 45.62
C VAL J 213 7.52 17.65 46.05
N LYS J 214 7.08 17.94 47.27
CA LYS J 214 7.13 19.29 47.82
C LYS J 214 8.37 19.55 48.65
N PHE J 215 8.84 18.55 49.39
CA PHE J 215 10.04 18.66 50.23
C PHE J 215 9.91 19.82 51.22
N GLU J 216 8.84 19.77 52.01
CA GLU J 216 8.61 20.82 53.01
C GLU J 216 9.71 20.80 54.08
N GLU J 217 10.08 19.61 54.54
CA GLU J 217 11.15 19.44 55.52
C GLU J 217 12.01 18.24 55.14
N ASN J 218 12.35 18.14 53.86
CA ASN J 218 13.17 17.06 53.30
C ASN J 218 12.53 15.69 53.43
N GLN J 219 11.21 15.63 53.63
CA GLN J 219 10.50 14.35 53.64
C GLN J 219 9.74 14.21 52.33
N PRO J 220 10.08 13.25 51.48
CA PRO J 220 9.37 13.10 50.21
C PRO J 220 7.90 12.77 50.43
N ARG J 221 7.05 13.32 49.56
CA ARG J 221 5.62 13.04 49.59
C ARG J 221 5.04 13.38 48.23
N PRO J 222 4.03 12.65 47.76
CA PRO J 222 3.42 12.99 46.48
C PRO J 222 2.73 14.34 46.52
N ASN J 223 2.79 15.06 45.39
CA ASN J 223 2.14 16.36 45.26
C ASN J 223 0.88 16.16 44.43
N ILE J 224 -0.27 16.11 45.10
CA ILE J 224 -1.55 15.86 44.46
C ILE J 224 -2.33 17.16 44.45
N VAL J 225 -2.75 17.59 43.25
CA VAL J 225 -3.50 18.84 43.10
C VAL J 225 -5.00 18.64 43.27
N ILE J 226 -5.45 17.42 43.58
CA ILE J 226 -6.87 17.13 43.74
C ILE J 226 -7.07 16.43 45.09
N ASP J 227 -8.31 16.44 45.55
CA ASP J 227 -8.66 15.75 46.77
C ASP J 227 -8.49 14.24 46.58
N PRO J 228 -8.17 13.50 47.65
CA PRO J 228 -7.95 12.05 47.50
C PRO J 228 -9.16 11.31 46.97
N ASN J 229 -10.37 11.82 47.18
CA ASN J 229 -11.56 11.17 46.63
C ASN J 229 -11.52 11.16 45.11
N GLU J 230 -11.13 12.29 44.50
CA GLU J 230 -11.03 12.34 43.04
C GLU J 230 -9.95 11.40 42.53
N ARG J 231 -8.82 11.32 43.24
CA ARG J 231 -7.76 10.40 42.86
C ARG J 231 -8.24 8.95 42.92
N LYS J 232 -8.96 8.59 43.99
CA LYS J 232 -9.50 7.24 44.10
C LYS J 232 -10.50 6.96 42.98
N ALA J 233 -11.37 7.93 42.68
CA ALA J 233 -12.34 7.74 41.60
C ALA J 233 -11.64 7.55 40.26
N ARG J 234 -10.62 8.36 39.99
CA ARG J 234 -9.86 8.22 38.74
C ARG J 234 -9.17 6.86 38.66
N ILE J 235 -8.57 6.41 39.77
CA ILE J 235 -7.90 5.12 39.77
C ILE J 235 -8.91 4.01 39.52
N GLU J 236 -10.07 4.07 40.18
CA GLU J 236 -11.09 3.04 40.00
C GLU J 236 -11.61 3.04 38.57
N SER J 237 -11.83 4.20 37.98
CA SER J 237 -12.30 4.27 36.60
C SER J 237 -11.26 3.71 35.64
N ALA J 238 -9.99 4.05 35.85
CA ALA J 238 -8.93 3.53 34.99
C ALA J 238 -8.83 2.02 35.09
N LEU J 239 -8.96 1.48 36.31
CA LEU J 239 -8.88 0.03 36.49
C LEU J 239 -10.10 -0.66 35.88
N LYS J 240 -11.29 -0.07 36.01
CA LYS J 240 -12.50 -0.65 35.43
C LYS J 240 -12.54 -0.48 33.92
N ALA J 241 -11.73 0.42 33.36
CA ALA J 241 -11.66 0.56 31.92
C ALA J 241 -11.19 -0.72 31.23
N LEU J 242 -10.56 -1.63 31.98
CA LEU J 242 -10.17 -2.92 31.42
C LEU J 242 -11.37 -3.81 31.16
N ILE J 243 -12.50 -3.58 31.84
CA ILE J 243 -13.68 -4.40 31.61
C ILE J 243 -14.19 -4.27 30.17
N PRO J 244 -14.39 -3.07 29.60
CA PRO J 244 -14.72 -3.01 28.17
C PRO J 244 -13.48 -3.03 27.30
N MET J 245 -12.53 -3.90 27.65
CA MET J 245 -11.35 -4.16 26.85
C MET J 245 -11.11 -5.63 26.62
N LEU J 246 -11.43 -6.48 27.59
CA LEU J 246 -11.27 -7.93 27.47
C LEU J 246 -12.61 -8.63 27.31
N SER J 247 -13.58 -7.94 26.70
CA SER J 247 -14.90 -8.49 26.47
C SER J 247 -15.37 -8.40 25.02
N GLY J 248 -14.67 -7.66 24.16
CA GLY J 248 -15.08 -7.56 22.78
C GLY J 248 -15.20 -6.14 22.26
N TYR J 249 -14.61 -5.19 22.99
CA TYR J 249 -14.71 -3.77 22.65
C TYR J 249 -13.36 -3.21 22.17
N ILE J 250 -12.64 -3.98 21.38
CA ILE J 250 -11.39 -3.54 20.78
C ILE J 250 -11.54 -3.56 19.27
N GLY J 251 -11.07 -2.50 18.61
CA GLY J 251 -11.07 -2.42 17.17
C GLY J 251 -12.32 -1.78 16.60
N ALA J 252 -12.27 -1.52 15.30
CA ALA J 252 -13.37 -0.88 14.59
C ALA J 252 -14.31 -1.96 14.05
N ASN J 253 -15.29 -1.54 13.23
CA ASN J 253 -16.24 -2.44 12.59
C ASN J 253 -17.04 -3.25 13.61
N LEU J 254 -17.24 -2.70 14.81
CA LEU J 254 -18.02 -3.41 15.81
C LEU J 254 -19.48 -3.56 15.39
N ALA J 255 -19.97 -2.63 14.57
CA ALA J 255 -21.34 -2.73 14.09
C ALA J 255 -21.52 -3.95 13.19
N ARG J 256 -20.54 -4.24 12.34
CA ARG J 256 -20.62 -5.36 11.41
C ARG J 256 -19.81 -6.56 11.85
N SER J 257 -18.53 -6.37 12.19
CA SER J 257 -17.68 -7.51 12.53
C SER J 257 -17.93 -7.98 13.96
N PHE J 258 -17.68 -7.11 14.95
CA PHE J 258 -17.80 -7.46 16.36
C PHE J 258 -17.05 -8.74 16.67
N PRO J 259 -15.72 -8.71 16.74
CA PRO J 259 -14.93 -9.95 16.84
C PRO J 259 -15.30 -10.76 18.06
N VAL J 260 -15.14 -12.08 17.93
CA VAL J 260 -15.49 -13.01 19.01
C VAL J 260 -14.72 -12.66 20.28
N PHE J 261 -13.39 -12.54 20.16
CA PHE J 261 -12.53 -11.95 21.18
C PHE J 261 -12.72 -12.62 22.55
N LYS J 262 -12.32 -13.89 22.60
CA LYS J 262 -12.31 -14.63 23.86
C LYS J 262 -10.91 -14.62 24.45
N VAL J 263 -10.83 -14.35 25.76
CA VAL J 263 -9.55 -14.38 26.46
C VAL J 263 -9.13 -15.83 26.66
N GLU J 264 -7.87 -16.13 26.36
CA GLU J 264 -7.34 -17.48 26.54
C GLU J 264 -6.63 -17.63 27.88
N GLU J 265 -5.63 -16.80 28.15
CA GLU J 265 -4.93 -16.84 29.42
C GLU J 265 -4.35 -15.47 29.71
N LEU J 266 -4.11 -15.20 31.00
CA LEU J 266 -3.57 -13.92 31.39
C LEU J 266 -2.82 -14.03 32.71
N VAL J 267 -1.77 -13.23 32.84
CA VAL J 267 -1.01 -13.08 34.08
C VAL J 267 -0.79 -11.60 34.32
N ALA J 268 -1.06 -11.14 35.54
CA ALA J 268 -0.97 -9.73 35.89
C ALA J 268 -0.25 -9.56 37.22
N ILE J 269 0.48 -8.46 37.34
CA ILE J 269 1.17 -8.09 38.57
C ILE J 269 0.73 -6.69 38.96
N ALA J 270 0.58 -6.47 40.26
CA ALA J 270 0.19 -5.17 40.79
C ALA J 270 1.03 -4.87 42.02
N SER J 271 1.60 -3.66 42.08
CA SER J 271 2.42 -3.29 43.21
C SER J 271 2.45 -1.77 43.33
N GLU J 272 2.49 -1.30 44.58
CA GLU J 272 2.51 0.14 44.83
C GLU J 272 3.79 0.79 44.31
N GLY J 273 4.93 0.13 44.48
CA GLY J 273 6.19 0.67 44.04
C GLY J 273 6.47 0.40 42.57
N PRO J 274 7.57 0.95 42.05
CA PRO J 274 7.91 0.71 40.64
C PRO J 274 8.17 -0.76 40.37
N ILE J 275 7.66 -1.23 39.23
CA ILE J 275 7.81 -2.64 38.84
C ILE J 275 8.07 -2.72 37.35
N PRO J 276 8.86 -3.71 36.94
CA PRO J 276 9.10 -3.90 35.51
C PRO J 276 7.89 -4.50 34.81
N ALA J 277 7.82 -4.27 33.51
CA ALA J 277 6.74 -4.81 32.69
C ALA J 277 7.01 -6.28 32.37
N LEU J 278 5.93 -7.00 32.07
CA LEU J 278 6.03 -8.41 31.75
C LEU J 278 6.41 -8.60 30.29
N VAL J 279 6.76 -9.85 29.95
CA VAL J 279 7.06 -10.22 28.58
C VAL J 279 5.76 -10.36 27.80
N HIS J 280 5.76 -9.87 26.57
CA HIS J 280 4.56 -9.93 25.73
C HIS J 280 4.20 -11.36 25.41
N GLY J 281 2.92 -11.60 25.18
CA GLY J 281 2.41 -12.94 24.88
C GLY J 281 2.77 -13.47 23.51
N PHE J 282 3.40 -12.66 22.66
CA PHE J 282 3.79 -13.14 21.33
C PHE J 282 4.79 -14.28 21.43
N TYR J 283 5.78 -14.16 22.32
CA TYR J 283 6.77 -15.21 22.48
C TYR J 283 6.18 -16.40 23.23
N GLU J 284 6.47 -17.60 22.72
CA GLU J 284 5.92 -18.81 23.33
C GLU J 284 6.46 -19.04 24.73
N ASP J 285 7.76 -18.80 24.93
CA ASP J 285 8.39 -19.02 26.23
C ASP J 285 8.43 -17.72 27.02
N TYR J 286 7.23 -17.24 27.36
CA TYR J 286 7.09 -16.03 28.17
C TYR J 286 6.49 -16.30 29.54
N ILE J 287 5.76 -17.41 29.72
CA ILE J 287 5.21 -17.74 31.02
C ILE J 287 6.33 -18.05 32.01
N GLU J 288 7.31 -18.85 31.57
CA GLU J 288 8.48 -19.10 32.41
C GLU J 288 9.28 -17.82 32.62
N ALA J 289 9.38 -16.99 31.58
CA ALA J 289 10.03 -15.69 31.74
C ALA J 289 9.27 -14.83 32.73
N ASN J 290 7.94 -14.86 32.68
CA ASN J 290 7.14 -14.12 33.65
C ASN J 290 7.39 -14.61 35.08
N ARG J 291 7.45 -15.93 35.25
CA ARG J 291 7.72 -16.49 36.57
C ARG J 291 9.08 -16.05 37.08
N SER J 292 10.10 -16.12 36.21
CA SER J 292 11.44 -15.69 36.60
C SER J 292 11.53 -14.20 36.86
N ILE J 293 10.72 -13.38 36.19
CA ILE J 293 10.75 -11.94 36.40
C ILE J 293 9.92 -11.49 37.60
N ILE J 294 8.96 -12.30 38.05
CA ILE J 294 8.17 -11.98 39.23
C ILE J 294 8.80 -12.55 40.50
N LYS J 295 9.37 -13.75 40.45
CA LYS J 295 10.05 -14.30 41.62
C LYS J 295 11.27 -13.47 41.98
N ASN J 296 12.06 -13.08 40.97
CA ASN J 296 13.22 -12.24 41.22
C ASN J 296 12.79 -10.87 41.75
N ALA J 297 11.72 -10.31 41.19
CA ALA J 297 11.22 -9.03 41.69
C ALA J 297 10.78 -9.15 43.15
N ARG J 298 10.13 -10.25 43.51
CA ARG J 298 9.80 -10.54 44.90
C ARG J 298 11.04 -10.76 45.76
N ALA J 299 12.17 -11.12 45.16
CA ALA J 299 13.40 -11.34 45.89
C ALA J 299 14.16 -10.05 46.22
N LEU J 300 13.78 -8.93 45.61
CA LEU J 300 14.38 -7.64 45.94
C LEU J 300 13.59 -6.86 46.98
N GLY J 301 12.31 -7.15 47.17
CA GLY J 301 11.53 -6.48 48.19
C GLY J 301 10.35 -5.70 47.66
N PHE J 302 9.82 -6.12 46.52
CA PHE J 302 8.66 -5.47 45.91
C PHE J 302 7.38 -6.07 46.48
N ASN J 303 6.52 -5.20 47.02
CA ASN J 303 5.23 -5.63 47.57
C ASN J 303 4.28 -5.86 46.40
N ILE J 304 4.45 -7.01 45.75
CA ILE J 304 3.75 -7.32 44.50
C ILE J 304 2.69 -8.38 44.76
N GLU J 305 1.66 -8.37 43.92
CA GLU J 305 0.61 -9.38 43.94
C GLU J 305 0.35 -9.85 42.52
N VAL J 306 0.19 -11.16 42.36
CA VAL J 306 0.08 -11.79 41.05
C VAL J 306 -1.30 -12.41 40.91
N PHE J 307 -2.00 -12.06 39.82
CA PHE J 307 -3.29 -12.63 39.48
C PHE J 307 -3.15 -13.42 38.19
N THR J 308 -3.54 -14.69 38.22
CA THR J 308 -3.36 -15.57 37.07
C THR J 308 -4.68 -16.20 36.67
N TYR J 309 -4.93 -16.27 35.38
CA TYR J 309 -6.09 -16.95 34.81
C TYR J 309 -5.61 -17.86 33.70
N ASN J 310 -5.94 -19.15 33.80
CA ASN J 310 -5.58 -20.20 32.87
C ASN J 310 -4.07 -20.47 32.85
N VAL J 311 -3.32 -19.92 33.80
CA VAL J 311 -1.89 -20.18 33.92
C VAL J 311 -1.61 -20.63 35.36
N ASP J 312 -0.85 -21.70 35.50
CA ASP J 312 -0.62 -22.30 36.82
C ASP J 312 0.36 -21.48 37.66
N LEU J 313 1.40 -20.94 37.04
CA LEU J 313 2.50 -20.26 37.73
C LEU J 313 3.23 -21.18 38.72
N GLY J 314 3.12 -22.49 38.52
CA GLY J 314 3.76 -23.42 39.43
C GLY J 314 3.18 -23.35 40.83
N GLU J 315 4.01 -23.65 41.82
CA GLU J 315 3.62 -23.60 43.22
C GLU J 315 4.45 -22.65 44.07
N ASP J 316 5.69 -22.34 43.67
CA ASP J 316 6.52 -21.43 44.45
C ASP J 316 5.96 -20.01 44.43
N ILE J 317 5.42 -19.58 43.29
CA ILE J 317 4.88 -18.23 43.16
C ILE J 317 3.54 -18.17 43.87
N GLU J 318 3.39 -17.20 44.77
CA GLU J 318 2.14 -16.98 45.50
C GLU J 318 1.25 -16.12 44.61
N ALA J 319 0.44 -16.76 43.79
CA ALA J 319 -0.45 -16.08 42.86
C ALA J 319 -1.88 -16.56 43.09
N THR J 320 -2.82 -15.65 42.86
CA THR J 320 -4.24 -15.94 43.04
C THR J 320 -4.87 -16.28 41.70
N LYS J 321 -5.58 -17.41 41.65
CA LYS J 321 -6.26 -17.83 40.43
C LYS J 321 -7.53 -17.00 40.25
N VAL J 322 -7.58 -16.20 39.19
CA VAL J 322 -8.70 -15.33 38.90
C VAL J 322 -9.54 -15.98 37.81
N SER J 323 -10.86 -16.07 38.05
CA SER J 323 -11.75 -16.74 37.12
C SER J 323 -11.98 -15.90 35.86
N SER J 324 -12.24 -14.60 36.04
CA SER J 324 -12.57 -13.74 34.91
C SER J 324 -12.06 -12.33 35.20
N VAL J 325 -12.14 -11.48 34.18
CA VAL J 325 -11.60 -10.12 34.28
C VAL J 325 -12.31 -9.30 35.35
N GLU J 326 -13.54 -9.65 35.69
CA GLU J 326 -14.27 -8.91 36.71
C GLU J 326 -13.64 -9.10 38.08
N GLU J 327 -13.31 -10.33 38.44
CA GLU J 327 -12.60 -10.56 39.69
C GLU J 327 -11.21 -9.95 39.65
N LEU J 328 -10.57 -9.93 38.47
CA LEU J 328 -9.27 -9.30 38.32
C LEU J 328 -9.34 -7.82 38.65
N VAL J 329 -10.29 -7.11 38.05
CA VAL J 329 -10.39 -5.67 38.30
C VAL J 329 -10.89 -5.41 39.73
N ALA J 330 -11.70 -6.30 40.29
CA ALA J 330 -12.11 -6.16 41.68
C ALA J 330 -10.91 -6.26 42.61
N ASN J 331 -10.02 -7.23 42.36
CA ASN J 331 -8.80 -7.33 43.15
C ASN J 331 -7.90 -6.12 42.94
N LEU J 332 -7.84 -5.62 41.70
CA LEU J 332 -6.99 -4.46 41.42
C LEU J 332 -7.48 -3.22 42.17
N VAL J 333 -8.79 -2.98 42.18
CA VAL J 333 -9.33 -1.83 42.90
C VAL J 333 -9.38 -2.08 44.39
N LYS J 334 -9.30 -3.34 44.84
CA LYS J 334 -9.25 -3.61 46.27
C LYS J 334 -7.99 -3.04 46.90
N MET J 335 -6.85 -3.19 46.22
CA MET J 335 -5.58 -2.66 46.71
C MET J 335 -5.41 -1.22 46.23
N VAL J 336 -6.30 -0.36 46.75
CA VAL J 336 -6.39 1.08 46.42
C VAL J 336 -6.03 1.39 44.97
N MET K 1 -31.41 0.71 28.36
CA MET K 1 -31.32 -0.63 28.94
C MET K 1 -30.35 -1.49 28.13
N TYR K 2 -29.18 -1.75 28.72
CA TYR K 2 -28.13 -2.53 28.08
C TYR K 2 -28.44 -4.01 28.25
N VAL K 3 -28.55 -4.74 27.13
CA VAL K 3 -28.86 -6.16 27.17
C VAL K 3 -27.99 -6.91 26.18
N ARG K 4 -27.40 -8.00 26.64
CA ARG K 4 -26.51 -8.85 25.85
C ARG K 4 -27.02 -10.27 25.91
N ILE K 5 -27.38 -10.84 24.76
CA ILE K 5 -27.90 -12.20 24.68
C ILE K 5 -26.98 -13.00 23.78
N SER K 6 -26.41 -14.08 24.33
CA SER K 6 -25.53 -14.95 23.57
C SER K 6 -26.05 -16.38 23.70
N GLY K 7 -25.45 -17.28 22.94
CA GLY K 7 -25.83 -18.68 23.01
C GLY K 7 -25.56 -19.38 21.71
N ARG K 8 -26.14 -20.57 21.58
CA ARG K 8 -25.94 -21.45 20.44
C ARG K 8 -27.28 -21.79 19.79
N ILE K 9 -27.28 -21.83 18.47
CA ILE K 9 -28.43 -22.23 17.65
C ILE K 9 -27.95 -23.29 16.68
N ARG K 10 -28.90 -23.98 16.06
CA ARG K 10 -28.59 -25.03 15.10
C ARG K 10 -29.31 -24.74 13.79
N LEU K 11 -28.55 -24.68 12.70
CA LEU K 11 -29.10 -24.45 11.37
C LEU K 11 -28.78 -25.63 10.47
N ASN K 12 -29.78 -26.05 9.70
CA ASN K 12 -29.64 -27.20 8.81
C ASN K 12 -30.11 -26.82 7.41
N ALA K 13 -29.27 -27.09 6.42
CA ALA K 13 -29.56 -26.80 5.01
C ALA K 13 -29.90 -25.32 4.81
N HIS K 14 -28.92 -24.47 5.10
CA HIS K 14 -29.10 -23.03 5.00
C HIS K 14 -28.09 -22.43 4.02
N SER K 15 -28.51 -21.40 3.31
CA SER K 15 -27.68 -20.66 2.37
C SER K 15 -27.72 -19.17 2.68
N LEU K 16 -27.69 -18.81 3.96
CA LEU K 16 -27.82 -17.43 4.37
C LEU K 16 -26.53 -16.65 4.11
N ASN K 17 -26.70 -15.40 3.68
CA ASN K 17 -25.60 -14.49 3.39
C ASN K 17 -24.60 -15.12 2.41
N ALA K 18 -25.12 -15.38 1.21
CA ALA K 18 -24.34 -16.01 0.16
C ALA K 18 -23.36 -15.03 -0.47
N GLN K 19 -22.34 -15.57 -1.12
CA GLN K 19 -21.38 -14.78 -1.86
C GLN K 19 -21.83 -14.47 -3.28
N GLY K 20 -22.96 -15.02 -3.71
CA GLY K 20 -23.52 -14.68 -5.00
C GLY K 20 -22.68 -15.19 -6.16
N GLY K 21 -23.12 -14.83 -7.36
CA GLY K 21 -22.41 -15.20 -8.58
C GLY K 21 -22.26 -14.03 -9.53
N GLY K 22 -22.91 -12.91 -9.23
CA GLY K 22 -22.83 -11.75 -10.09
C GLY K 22 -23.41 -11.99 -11.48
N GLY K 23 -24.55 -12.67 -11.55
CA GLY K 23 -25.17 -13.00 -12.81
C GLY K 23 -24.67 -14.27 -13.46
N THR K 24 -23.71 -14.96 -12.84
CA THR K 24 -23.18 -16.19 -13.40
C THR K 24 -23.98 -17.38 -12.86
N ASN K 25 -23.49 -18.60 -13.10
CA ASN K 25 -24.23 -19.82 -12.83
C ASN K 25 -23.65 -20.58 -11.63
N TYR K 26 -23.19 -19.86 -10.61
CA TYR K 26 -22.69 -20.48 -9.38
C TYR K 26 -22.74 -19.46 -8.27
N ILE K 27 -23.59 -19.70 -7.28
CA ILE K 27 -23.70 -18.85 -6.09
C ILE K 27 -23.27 -19.66 -4.88
N GLU K 28 -22.33 -19.11 -4.11
CA GLU K 28 -21.77 -19.79 -2.95
C GLU K 28 -22.01 -18.96 -1.69
N ILE K 29 -21.77 -19.58 -0.54
CA ILE K 29 -21.98 -18.93 0.74
C ILE K 29 -20.65 -18.38 1.26
N THR K 30 -20.76 -17.46 2.21
CA THR K 30 -19.57 -16.86 2.81
C THR K 30 -18.84 -17.85 3.70
N LYS K 31 -17.51 -17.80 3.67
CA LYS K 31 -16.67 -18.66 4.48
C LYS K 31 -15.56 -17.82 5.12
N THR K 32 -15.12 -18.25 6.30
CA THR K 32 -14.07 -17.54 7.01
C THR K 32 -13.27 -18.51 7.87
N LYS K 33 -12.08 -18.06 8.28
CA LYS K 33 -11.17 -18.89 9.04
C LYS K 33 -11.40 -18.73 10.54
N VAL K 34 -11.27 -19.85 11.27
CA VAL K 34 -11.32 -19.87 12.72
C VAL K 34 -10.18 -20.73 13.23
N THR K 35 -9.87 -20.55 14.51
CA THR K 35 -8.77 -21.27 15.16
C THR K 35 -9.34 -22.30 16.13
N VAL K 36 -8.86 -23.53 16.02
CA VAL K 36 -9.30 -24.62 16.88
C VAL K 36 -8.07 -25.35 17.42
N ARG K 37 -8.07 -25.59 18.73
CA ARG K 37 -6.94 -26.29 19.34
C ARG K 37 -6.90 -27.76 18.93
N THR K 38 -8.05 -28.44 18.98
CA THR K 38 -8.26 -29.81 18.52
C THR K 38 -7.16 -30.77 18.98
N GLU K 39 -6.46 -30.44 20.07
CA GLU K 39 -5.40 -31.22 20.70
C GLU K 39 -4.17 -31.35 19.80
N ASN K 40 -4.19 -30.78 18.59
CA ASN K 40 -3.05 -30.81 17.68
C ASN K 40 -2.51 -29.41 17.43
N GLY K 41 -2.64 -28.53 18.41
CA GLY K 41 -2.24 -27.15 18.25
C GLY K 41 -3.32 -26.29 17.64
N TRP K 42 -3.19 -24.99 17.86
CA TRP K 42 -4.20 -24.04 17.36
C TRP K 42 -4.10 -23.91 15.85
N THR K 43 -4.89 -24.70 15.14
CA THR K 43 -4.87 -24.74 13.68
C THR K 43 -6.02 -23.93 13.10
N VAL K 44 -5.82 -23.47 11.87
CA VAL K 44 -6.78 -22.61 11.18
C VAL K 44 -7.60 -23.47 10.22
N VAL K 45 -8.93 -23.37 10.34
CA VAL K 45 -9.85 -24.10 9.48
C VAL K 45 -10.88 -23.13 8.93
N GLU K 46 -11.22 -23.30 7.65
CA GLU K 46 -12.20 -22.44 6.99
C GLU K 46 -13.58 -23.08 7.08
N VAL K 47 -14.53 -22.34 7.64
CA VAL K 47 -15.89 -22.84 7.82
C VAL K 47 -16.87 -21.82 7.28
N PRO K 48 -18.06 -22.23 6.83
CA PRO K 48 -19.05 -21.26 6.38
C PRO K 48 -19.61 -20.46 7.55
N ALA K 49 -20.03 -19.23 7.24
CA ALA K 49 -20.61 -18.34 8.23
C ALA K 49 -21.38 -17.26 7.52
N ILE K 50 -22.18 -16.52 8.28
CA ILE K 50 -22.92 -15.37 7.78
C ILE K 50 -22.32 -14.11 8.42
N THR K 51 -22.15 -13.08 7.60
CA THR K 51 -21.57 -11.84 8.08
C THR K 51 -22.51 -11.13 9.04
N GLY K 52 -21.93 -10.44 10.02
CA GLY K 52 -22.72 -9.67 10.97
C GLY K 52 -23.43 -8.50 10.36
N ASN K 53 -23.00 -8.06 9.17
CA ASN K 53 -23.70 -6.98 8.48
C ASN K 53 -25.11 -7.40 8.10
N MET K 54 -25.27 -8.62 7.57
CA MET K 54 -26.60 -9.11 7.22
C MET K 54 -27.46 -9.31 8.47
N LEU K 55 -26.85 -9.78 9.56
CA LEU K 55 -27.59 -9.93 10.81
C LEU K 55 -28.08 -8.58 11.32
N LYS K 56 -27.23 -7.55 11.24
CA LYS K 56 -27.64 -6.21 11.64
C LYS K 56 -28.76 -5.70 10.73
N HIS K 57 -28.65 -5.96 9.42
CA HIS K 57 -29.70 -5.52 8.50
C HIS K 57 -31.03 -6.20 8.82
N TRP K 58 -31.00 -7.49 9.15
CA TRP K 58 -32.23 -8.19 9.47
C TRP K 58 -32.80 -7.74 10.81
N HIS K 59 -31.94 -7.42 11.78
CA HIS K 59 -32.42 -6.83 13.02
C HIS K 59 -33.09 -5.48 12.76
N PHE K 60 -32.50 -4.69 11.85
CA PHE K 60 -33.11 -3.43 11.44
C PHE K 60 -34.48 -3.66 10.80
N VAL K 61 -34.58 -4.68 9.93
CA VAL K 61 -35.84 -4.98 9.28
C VAL K 61 -36.89 -5.37 10.31
N GLY K 62 -36.52 -6.22 11.27
CA GLY K 62 -37.45 -6.59 12.32
C GLY K 62 -37.89 -5.41 13.17
N PHE K 63 -36.95 -4.52 13.50
CA PHE K 63 -37.27 -3.35 14.30
C PHE K 63 -38.24 -2.43 13.56
N VAL K 64 -37.98 -2.16 12.28
CA VAL K 64 -38.88 -1.29 11.52
C VAL K 64 -40.20 -1.97 11.23
N ASP K 65 -40.24 -3.31 11.22
CA ASP K 65 -41.51 -4.02 11.08
C ASP K 65 -42.34 -3.90 12.34
N TYR K 66 -41.72 -4.05 13.51
CA TYR K 66 -42.45 -4.00 14.77
C TYR K 66 -42.75 -2.58 15.22
N PHE K 67 -42.04 -1.57 14.72
CA PHE K 67 -42.31 -0.19 15.09
C PHE K 67 -43.46 0.43 14.30
N LYS K 68 -43.86 -0.19 13.19
CA LYS K 68 -44.97 0.34 12.41
C LYS K 68 -46.28 0.25 13.18
N THR K 69 -46.49 -0.85 13.90
CA THR K 69 -47.71 -1.02 14.68
C THR K 69 -47.79 -0.06 15.86
N THR K 70 -46.66 0.47 16.31
CA THR K 70 -46.67 1.41 17.41
C THR K 70 -47.32 2.72 17.00
N PRO K 71 -48.02 3.39 17.92
CA PRO K 71 -48.64 4.68 17.57
C PRO K 71 -47.64 5.73 17.11
N TYR K 72 -46.41 5.70 17.63
CA TYR K 72 -45.37 6.64 17.25
C TYR K 72 -44.50 6.13 16.11
N GLY K 73 -45.01 5.20 15.30
CA GLY K 73 -44.27 4.69 14.17
C GLY K 73 -44.18 5.62 12.98
N VAL K 74 -44.92 6.74 13.00
CA VAL K 74 -44.85 7.71 11.92
C VAL K 74 -43.47 8.34 11.86
N ASN K 75 -42.84 8.54 13.01
CA ASN K 75 -41.50 9.14 13.08
C ASN K 75 -40.48 8.11 12.61
N LEU K 76 -40.42 7.93 11.30
CA LEU K 76 -39.49 6.97 10.70
C LEU K 76 -39.24 7.40 9.26
N THR K 77 -38.03 7.07 8.78
CA THR K 77 -37.68 7.39 7.40
C THR K 77 -38.47 6.52 6.42
N GLU K 78 -38.92 7.13 5.33
CA GLU K 78 -39.64 6.38 4.31
C GLU K 78 -38.76 5.31 3.67
N ARG K 79 -37.45 5.53 3.64
CA ARG K 79 -36.53 4.53 3.10
C ARG K 79 -36.54 3.27 3.94
N ALA K 80 -36.73 3.40 5.25
CA ALA K 80 -36.77 2.22 6.12
C ALA K 80 -38.04 1.40 5.93
N LEU K 81 -39.07 1.98 5.30
CA LEU K 81 -40.32 1.24 5.10
C LEU K 81 -40.12 0.05 4.17
N ARG K 82 -39.34 0.24 3.10
CA ARG K 82 -39.09 -0.80 2.12
C ARG K 82 -37.91 -1.69 2.50
N TYR K 83 -37.53 -1.71 3.78
CA TYR K 83 -36.42 -2.53 4.26
C TYR K 83 -35.12 -2.20 3.53
N ASN K 84 -34.93 -0.92 3.23
CA ASN K 84 -33.72 -0.44 2.54
C ASN K 84 -32.76 0.09 3.60
N GLY K 85 -31.77 -0.75 3.95
CA GLY K 85 -30.80 -0.37 4.95
C GLY K 85 -29.68 0.48 4.40
N THR K 86 -29.97 1.75 4.17
CA THR K 86 -28.98 2.69 3.64
C THR K 86 -28.75 3.90 4.53
N ARG K 87 -29.66 4.19 5.47
CA ARG K 87 -29.58 5.34 6.35
C ARG K 87 -29.56 6.63 5.54
N PHE K 88 -28.38 7.27 5.46
CA PHE K 88 -28.23 8.50 4.70
C PHE K 88 -27.32 8.37 3.49
N GLY K 89 -26.64 7.24 3.34
CA GLY K 89 -25.74 7.06 2.22
C GLY K 89 -24.58 8.05 2.28
N GLN K 90 -24.10 8.44 1.10
CA GLN K 90 -23.02 9.42 1.00
C GLN K 90 -23.48 10.71 0.33
N GLY K 91 -24.06 10.63 -0.86
CA GLY K 91 -24.48 11.83 -1.56
C GLY K 91 -25.94 12.19 -1.37
N GLU K 92 -26.34 12.38 -0.11
CA GLU K 92 -27.72 12.75 0.22
C GLU K 92 -27.70 13.92 1.18
N THR K 93 -28.52 14.93 0.91
CA THR K 93 -28.64 16.11 1.75
C THR K 93 -29.94 16.14 2.55
N THR K 94 -31.07 15.88 1.90
CA THR K 94 -32.37 15.89 2.54
C THR K 94 -32.90 14.46 2.61
N ALA K 95 -33.24 14.02 3.82
CA ALA K 95 -33.74 12.66 4.03
C ALA K 95 -35.25 12.63 3.87
N THR K 96 -35.74 11.57 3.23
CA THR K 96 -37.17 11.39 3.03
C THR K 96 -37.85 11.03 4.35
N LYS K 97 -39.16 11.26 4.38
CA LYS K 97 -39.98 10.97 5.56
C LYS K 97 -41.13 10.08 5.17
N ALA K 98 -41.53 9.19 6.09
CA ALA K 98 -42.67 8.31 5.84
C ALA K 98 -43.94 9.11 5.65
N ASN K 99 -44.12 10.19 6.43
CA ASN K 99 -45.28 11.05 6.26
C ASN K 99 -45.24 11.73 4.90
N GLY K 100 -44.07 12.15 4.45
CA GLY K 100 -43.94 12.82 3.18
C GLY K 100 -43.12 14.09 3.25
N ALA K 101 -42.68 14.45 4.46
CA ALA K 101 -41.90 15.65 4.66
C ALA K 101 -40.43 15.39 4.36
N THR K 102 -39.56 16.34 4.72
CA THR K 102 -38.12 16.20 4.52
C THR K 102 -37.40 16.51 5.83
N VAL K 103 -36.24 15.87 5.99
CA VAL K 103 -35.43 16.02 7.20
C VAL K 103 -34.06 16.56 6.81
N GLN K 104 -33.63 17.61 7.49
CA GLN K 104 -32.29 18.16 7.27
C GLN K 104 -31.26 17.20 7.86
N LEU K 105 -30.17 16.98 7.12
CA LEU K 105 -29.17 16.00 7.52
C LEU K 105 -28.41 16.43 8.77
N ASN K 106 -28.36 17.74 9.07
CA ASN K 106 -27.69 18.22 10.26
C ASN K 106 -28.62 18.12 11.46
N ASP K 107 -28.19 18.66 12.60
CA ASP K 107 -28.97 18.68 13.84
C ASP K 107 -29.35 17.27 14.26
N GLU K 108 -28.32 16.53 14.68
CA GLU K 108 -28.48 15.12 15.04
C GLU K 108 -29.58 14.90 16.06
N ALA K 109 -29.81 15.87 16.95
CA ALA K 109 -30.93 15.77 17.88
C ALA K 109 -32.26 15.70 17.12
N THR K 110 -32.43 16.55 16.11
CA THR K 110 -33.62 16.46 15.27
C THR K 110 -33.64 15.16 14.46
N ILE K 111 -32.46 14.67 14.06
CA ILE K 111 -32.39 13.42 13.31
C ILE K 111 -32.94 12.27 14.16
N ILE K 112 -32.51 12.18 15.41
CA ILE K 112 -32.98 11.10 16.28
C ILE K 112 -34.39 11.35 16.80
N LYS K 113 -34.84 12.60 16.84
CA LYS K 113 -36.22 12.88 17.24
C LYS K 113 -37.21 12.52 16.13
N GLU K 114 -36.86 12.81 14.88
CA GLU K 114 -37.77 12.58 13.76
C GLU K 114 -37.61 11.19 13.16
N LEU K 115 -36.39 10.68 13.10
CA LEU K 115 -36.10 9.37 12.52
C LEU K 115 -35.64 8.43 13.62
N ALA K 116 -36.33 7.30 13.76
CA ALA K 116 -35.97 6.30 14.75
C ALA K 116 -34.91 5.33 14.23
N ASP K 117 -34.89 5.08 12.93
CA ASP K 117 -33.88 4.17 12.36
C ASP K 117 -32.48 4.72 12.58
N ALA K 118 -32.28 6.01 12.32
CA ALA K 118 -31.00 6.64 12.60
C ALA K 118 -30.74 6.76 14.09
N ASP K 119 -31.79 6.88 14.91
CA ASP K 119 -31.61 6.92 16.36
C ASP K 119 -31.07 5.60 16.88
N VAL K 120 -31.54 4.48 16.35
CA VAL K 120 -31.18 3.17 16.87
C VAL K 120 -29.90 2.64 16.22
N HIS K 121 -29.82 2.71 14.89
CA HIS K 121 -28.72 2.11 14.16
C HIS K 121 -27.66 3.14 13.74
N GLY K 122 -27.76 4.37 14.22
CA GLY K 122 -26.81 5.40 13.85
C GLY K 122 -27.03 5.87 12.43
N PHE K 123 -26.21 6.83 12.02
CA PHE K 123 -26.28 7.35 10.66
C PHE K 123 -24.96 8.01 10.30
N LEU K 124 -24.77 8.20 8.99
CA LEU K 124 -23.57 8.81 8.45
C LEU K 124 -23.96 9.79 7.36
N ALA K 125 -23.61 11.05 7.51
CA ALA K 125 -23.88 12.11 6.54
C ALA K 125 -22.55 12.79 6.22
N PRO K 126 -21.79 12.24 5.27
CA PRO K 126 -20.49 12.85 4.93
C PRO K 126 -20.61 14.17 4.21
N LYS K 127 -21.77 14.49 3.62
CA LYS K 127 -21.94 15.78 2.96
C LYS K 127 -21.78 16.92 3.96
N THR K 128 -22.38 16.78 5.14
CA THR K 128 -22.09 17.64 6.28
C THR K 128 -21.04 17.03 7.20
N GLY K 129 -21.04 15.72 7.36
CA GLY K 129 -20.07 15.03 8.20
C GLY K 129 -20.62 14.43 9.48
N ARG K 130 -21.94 14.46 9.67
CA ARG K 130 -22.51 13.98 10.92
C ARG K 130 -22.33 12.47 11.06
N ARG K 131 -22.00 12.03 12.26
CA ARG K 131 -21.78 10.61 12.53
C ARG K 131 -22.50 10.24 13.82
N ARG K 132 -23.16 9.09 13.81
CA ARG K 132 -23.79 8.55 15.01
C ARG K 132 -23.66 7.04 14.99
N VAL K 133 -22.95 6.49 15.97
CA VAL K 133 -22.71 5.05 16.02
C VAL K 133 -24.02 4.31 16.31
N SER K 134 -24.08 3.06 15.89
CA SER K 134 -25.28 2.25 16.11
C SER K 134 -25.38 1.84 17.57
N LEU K 135 -26.61 1.86 18.09
CA LEU K 135 -26.86 1.39 19.44
C LEU K 135 -26.98 -0.13 19.53
N VAL K 136 -27.06 -0.81 18.39
CA VAL K 136 -27.11 -2.27 18.33
C VAL K 136 -25.96 -2.75 17.47
N LYS K 137 -25.27 -3.79 17.93
CA LYS K 137 -24.15 -4.38 17.21
C LYS K 137 -24.42 -5.86 16.99
N ALA K 138 -24.24 -6.32 15.76
CA ALA K 138 -24.46 -7.71 15.39
C ALA K 138 -23.12 -8.40 15.21
N SER K 139 -22.96 -9.55 15.86
CA SER K 139 -21.73 -10.32 15.79
C SER K 139 -21.81 -11.37 14.69
N PHE K 140 -20.65 -11.83 14.25
CA PHE K 140 -20.58 -12.90 13.27
C PHE K 140 -21.12 -14.20 13.86
N ILE K 141 -21.75 -14.99 13.00
CA ILE K 141 -22.38 -16.25 13.40
C ILE K 141 -21.51 -17.38 12.87
N LEU K 142 -20.64 -17.92 13.73
CA LEU K 142 -19.71 -18.98 13.38
C LEU K 142 -20.12 -20.30 14.02
N PRO K 143 -19.86 -21.43 13.37
CA PRO K 143 -20.13 -22.72 14.02
C PRO K 143 -19.28 -22.89 15.28
N THR K 144 -19.87 -23.52 16.29
CA THR K 144 -19.19 -23.66 17.57
C THR K 144 -17.94 -24.52 17.42
N GLU K 145 -16.90 -24.17 18.19
CA GLU K 145 -15.61 -24.83 18.05
C GLU K 145 -15.69 -26.32 18.40
N ASP K 146 -16.61 -26.70 19.29
CA ASP K 146 -16.74 -28.11 19.64
C ASP K 146 -17.19 -28.94 18.43
N PHE K 147 -18.13 -28.40 17.65
CA PHE K 147 -18.60 -29.11 16.45
C PHE K 147 -17.47 -29.25 15.44
N ILE K 148 -16.66 -28.20 15.26
CA ILE K 148 -15.55 -28.27 14.33
C ILE K 148 -14.50 -29.27 14.81
N LYS K 149 -14.28 -29.31 16.12
CA LYS K 149 -13.34 -30.28 16.67
C LYS K 149 -13.82 -31.71 16.48
N GLU K 150 -15.12 -31.93 16.67
CA GLU K 150 -15.71 -33.27 16.58
C GLU K 150 -16.09 -33.68 15.16
N VAL K 151 -15.95 -32.78 14.19
CA VAL K 151 -16.25 -33.16 12.80
C VAL K 151 -14.99 -33.64 12.07
N GLU K 152 -13.81 -33.22 12.50
CA GLU K 152 -12.53 -33.66 11.93
C GLU K 152 -12.49 -33.42 10.42
N GLY K 153 -12.56 -32.14 10.07
CA GLY K 153 -12.63 -31.80 8.66
C GLY K 153 -14.00 -32.15 8.11
N GLU K 154 -14.02 -32.86 6.98
CA GLU K 154 -15.26 -33.36 6.38
C GLU K 154 -16.23 -32.21 6.09
N ARG K 155 -15.83 -31.40 5.11
CA ARG K 155 -16.56 -30.19 4.74
C ARG K 155 -18.06 -30.45 4.67
N LEU K 156 -18.84 -29.48 5.19
CA LEU K 156 -20.28 -29.64 5.34
C LEU K 156 -21.06 -28.69 4.43
N ILE K 157 -20.48 -28.29 3.31
CA ILE K 157 -21.14 -27.44 2.33
C ILE K 157 -21.44 -28.29 1.09
N THR K 158 -22.70 -28.31 0.69
CA THR K 158 -23.14 -29.07 -0.48
C THR K 158 -23.74 -28.14 -1.51
N ALA K 159 -23.38 -28.36 -2.78
CA ALA K 159 -23.83 -27.52 -3.89
C ALA K 159 -25.00 -28.20 -4.57
N ILE K 160 -26.21 -27.70 -4.32
CA ILE K 160 -27.42 -28.22 -4.96
C ILE K 160 -27.66 -27.43 -6.24
N LYS K 161 -27.81 -28.14 -7.35
CA LYS K 161 -27.97 -27.53 -8.67
C LYS K 161 -29.39 -27.81 -9.16
N HIS K 162 -30.20 -26.75 -9.24
CA HIS K 162 -31.51 -26.78 -9.87
C HIS K 162 -31.55 -25.69 -10.93
N ASN K 163 -31.84 -26.09 -12.17
CA ASN K 163 -31.69 -25.20 -13.32
C ASN K 163 -32.91 -24.31 -13.48
N ARG K 164 -32.94 -23.54 -14.57
CA ARG K 164 -34.02 -22.60 -14.87
C ARG K 164 -34.68 -23.06 -16.17
N VAL K 165 -35.89 -23.59 -16.05
CA VAL K 165 -36.63 -24.02 -17.23
C VAL K 165 -37.26 -22.79 -17.89
N ASP K 166 -36.89 -22.53 -19.14
CA ASP K 166 -37.37 -21.38 -19.89
C ASP K 166 -38.30 -21.88 -20.99
N VAL K 167 -39.60 -21.76 -20.77
CA VAL K 167 -40.61 -22.17 -21.73
C VAL K 167 -41.05 -20.93 -22.50
N ASP K 168 -40.77 -20.91 -23.80
CA ASP K 168 -41.16 -19.80 -24.64
C ASP K 168 -42.66 -19.87 -24.93
N GLU K 169 -43.19 -18.79 -25.51
CA GLU K 169 -44.59 -18.76 -25.89
C GLU K 169 -44.93 -19.85 -26.90
N LYS K 170 -43.94 -20.32 -27.66
CA LYS K 170 -44.11 -21.47 -28.54
C LYS K 170 -43.69 -22.79 -27.89
N GLY K 171 -43.32 -22.75 -26.61
CA GLY K 171 -42.92 -23.96 -25.90
C GLY K 171 -41.64 -24.57 -26.42
N ALA K 172 -40.61 -23.74 -26.61
CA ALA K 172 -39.34 -24.21 -27.15
C ALA K 172 -38.21 -23.77 -26.23
N ILE K 173 -37.22 -24.65 -26.06
CA ILE K 173 -36.04 -24.40 -25.23
C ILE K 173 -34.83 -24.42 -26.14
N GLY K 174 -34.05 -23.33 -26.12
CA GLY K 174 -32.89 -23.24 -26.99
C GLY K 174 -31.68 -22.61 -26.32
N SER K 175 -30.88 -21.89 -27.11
CA SER K 175 -29.66 -21.25 -26.64
C SER K 175 -29.78 -19.74 -26.81
N SER K 176 -28.67 -19.04 -26.57
CA SER K 176 -28.64 -17.59 -26.68
C SER K 176 -28.81 -17.10 -28.12
N LYS K 177 -28.66 -17.99 -29.10
CA LYS K 177 -28.83 -17.58 -30.50
C LYS K 177 -30.27 -17.23 -30.85
N GLU K 178 -31.23 -17.67 -30.03
CA GLU K 178 -32.64 -17.37 -30.27
C GLU K 178 -33.25 -16.40 -29.27
N GLY K 179 -32.62 -16.20 -28.12
CA GLY K 179 -33.14 -15.27 -27.12
C GLY K 179 -33.79 -15.94 -25.94
N THR K 180 -33.23 -17.06 -25.49
CA THR K 180 -33.73 -17.80 -24.35
C THR K 180 -32.82 -17.57 -23.15
N ALA K 181 -33.20 -18.15 -22.02
CA ALA K 181 -32.43 -18.03 -20.78
C ALA K 181 -32.45 -19.38 -20.07
N GLN K 182 -31.44 -20.21 -20.36
CA GLN K 182 -31.30 -21.54 -19.78
C GLN K 182 -29.92 -21.62 -19.14
N MET K 183 -29.85 -21.31 -17.84
CA MET K 183 -28.60 -21.32 -17.09
C MET K 183 -28.68 -22.31 -15.94
N LEU K 184 -27.61 -23.07 -15.74
CA LEU K 184 -27.56 -24.09 -14.70
C LEU K 184 -26.78 -23.56 -13.49
N PHE K 185 -27.47 -22.74 -12.71
CA PHE K 185 -26.87 -22.18 -11.50
C PHE K 185 -27.02 -23.13 -10.33
N SER K 186 -26.01 -23.15 -9.46
CA SER K 186 -25.97 -24.02 -8.29
C SER K 186 -25.80 -23.17 -7.04
N ARG K 187 -26.54 -23.52 -5.98
CA ARG K 187 -26.48 -22.81 -4.71
C ARG K 187 -25.89 -23.71 -3.64
N GLU K 188 -25.04 -23.13 -2.79
CA GLU K 188 -24.35 -23.87 -1.74
C GLU K 188 -25.13 -23.74 -0.44
N TYR K 189 -25.42 -24.88 0.19
CA TYR K 189 -26.12 -24.94 1.46
C TYR K 189 -25.24 -25.62 2.49
N ALA K 190 -25.28 -25.13 3.72
CA ALA K 190 -24.50 -25.67 4.83
C ALA K 190 -25.43 -25.98 6.01
N THR K 191 -24.83 -26.48 7.08
CA THR K 191 -25.56 -26.87 8.29
C THR K 191 -24.64 -26.62 9.48
N GLY K 192 -24.99 -27.22 10.61
CA GLY K 192 -24.15 -27.16 11.79
C GLY K 192 -24.76 -26.33 12.90
N LEU K 193 -24.09 -26.36 14.04
CA LEU K 193 -24.51 -25.65 15.23
C LEU K 193 -23.65 -24.40 15.37
N TYR K 194 -24.26 -23.24 15.14
CA TYR K 194 -23.58 -21.95 15.19
C TYR K 194 -23.86 -21.26 16.52
N GLY K 195 -23.30 -20.07 16.68
CA GLY K 195 -23.47 -19.31 17.90
C GLY K 195 -23.71 -17.84 17.60
N PHE K 196 -24.36 -17.17 18.55
CA PHE K 196 -24.66 -15.76 18.45
C PHE K 196 -24.27 -15.05 19.75
N SER K 197 -23.88 -13.79 19.62
CA SER K 197 -23.46 -12.96 20.75
C SER K 197 -24.06 -11.55 20.62
N ILE K 198 -25.37 -11.48 20.39
CA ILE K 198 -26.00 -10.22 20.03
C ILE K 198 -25.97 -9.27 21.24
N VAL K 199 -25.32 -8.13 21.06
CA VAL K 199 -25.25 -7.08 22.06
C VAL K 199 -26.09 -5.89 21.58
N LEU K 200 -26.86 -5.30 22.49
CA LEU K 200 -27.61 -4.09 22.12
C LEU K 200 -27.82 -3.21 23.33
N ASP K 201 -27.47 -1.93 23.17
CA ASP K 201 -27.52 -0.94 24.21
C ASP K 201 -28.65 0.04 23.91
N LEU K 202 -29.60 0.14 24.83
CA LEU K 202 -30.77 0.98 24.63
C LEU K 202 -30.85 2.14 25.62
N GLY K 203 -29.79 2.35 26.41
CA GLY K 203 -29.78 3.47 27.34
C GLY K 203 -29.56 4.81 26.67
N LEU K 204 -29.04 4.82 25.44
CA LEU K 204 -28.82 6.05 24.70
C LEU K 204 -29.87 6.28 23.63
N VAL K 205 -30.99 5.54 23.68
CA VAL K 205 -32.06 5.75 22.71
C VAL K 205 -32.65 7.14 22.92
N GLY K 206 -32.68 7.94 21.86
CA GLY K 206 -33.15 9.31 21.97
C GLY K 206 -32.17 10.26 22.62
N ILE K 207 -30.94 9.81 22.87
CA ILE K 207 -29.91 10.62 23.52
C ILE K 207 -28.91 11.05 22.45
N PRO K 208 -28.83 12.33 22.10
CA PRO K 208 -27.83 12.76 21.12
C PRO K 208 -26.42 12.57 21.66
N GLN K 209 -25.50 12.26 20.73
CA GLN K 209 -24.11 12.05 21.11
C GLN K 209 -23.35 13.34 21.35
N GLY K 210 -23.89 14.48 20.91
CA GLY K 210 -23.26 15.76 21.16
C GLY K 210 -23.50 16.34 22.54
N LEU K 211 -24.49 15.82 23.26
CA LEU K 211 -24.81 16.28 24.61
C LEU K 211 -25.60 15.21 25.35
N PRO K 212 -24.94 14.17 25.87
CA PRO K 212 -25.69 13.11 26.55
C PRO K 212 -26.33 13.56 27.84
N VAL K 213 -25.63 14.37 28.64
CA VAL K 213 -26.12 14.82 29.93
C VAL K 213 -26.26 16.33 29.90
N LYS K 214 -27.44 16.82 30.30
CA LYS K 214 -27.68 18.26 30.29
C LYS K 214 -26.86 18.99 31.35
N PHE K 215 -26.68 18.37 32.52
CA PHE K 215 -26.03 18.99 33.67
C PHE K 215 -26.71 20.31 34.02
N GLU K 216 -28.02 20.24 34.25
CA GLU K 216 -28.79 21.43 34.60
C GLU K 216 -28.31 22.04 35.91
N GLU K 217 -28.10 21.19 36.92
CA GLU K 217 -27.57 21.62 38.21
C GLU K 217 -26.51 20.62 38.66
N ASN K 218 -25.67 20.19 37.71
CA ASN K 218 -24.62 19.20 37.95
C ASN K 218 -25.19 17.89 38.49
N GLN K 219 -26.10 17.29 37.73
CA GLN K 219 -26.57 15.94 37.95
C GLN K 219 -26.44 15.16 36.65
N PRO K 220 -26.27 13.84 36.72
CA PRO K 220 -26.22 13.03 35.48
C PRO K 220 -27.61 12.79 34.89
N ARG K 221 -28.23 13.88 34.44
CA ARG K 221 -29.56 13.82 33.85
C ARG K 221 -29.45 13.60 32.35
N PRO K 222 -29.95 12.49 31.82
CA PRO K 222 -29.88 12.28 30.36
C PRO K 222 -30.67 13.33 29.60
N ASN K 223 -30.17 13.68 28.41
CA ASN K 223 -30.81 14.68 27.56
C ASN K 223 -31.69 13.93 26.56
N ILE K 224 -32.93 13.67 26.96
CA ILE K 224 -33.89 12.97 26.11
C ILE K 224 -34.59 14.02 25.25
N VAL K 225 -34.33 13.99 23.94
CA VAL K 225 -34.95 14.94 23.02
C VAL K 225 -36.31 14.49 22.53
N ILE K 226 -36.76 13.29 22.92
CA ILE K 226 -38.05 12.77 22.51
C ILE K 226 -38.94 12.60 23.75
N ASP K 227 -40.19 12.23 23.53
CA ASP K 227 -41.09 11.97 24.65
C ASP K 227 -40.68 10.68 25.36
N PRO K 228 -40.83 10.62 26.69
CA PRO K 228 -40.52 9.36 27.39
C PRO K 228 -41.36 8.19 26.90
N ASN K 229 -42.62 8.43 26.54
CA ASN K 229 -43.44 7.37 25.96
C ASN K 229 -42.88 6.92 24.62
N GLU K 230 -42.40 7.87 23.81
CA GLU K 230 -41.77 7.51 22.55
C GLU K 230 -40.52 6.67 22.77
N ARG K 231 -39.71 7.05 23.77
CA ARG K 231 -38.52 6.26 24.09
C ARG K 231 -38.90 4.85 24.53
N LYS K 232 -39.92 4.73 25.37
CA LYS K 232 -40.36 3.41 25.82
C LYS K 232 -40.87 2.57 24.66
N ALA K 233 -41.63 3.20 23.74
CA ALA K 233 -42.13 2.48 22.59
C ALA K 233 -41.00 2.02 21.68
N ARG K 234 -40.00 2.87 21.48
CA ARG K 234 -38.84 2.48 20.67
C ARG K 234 -38.08 1.34 21.32
N ILE K 235 -37.91 1.39 22.64
CA ILE K 235 -37.23 0.32 23.36
C ILE K 235 -38.01 -0.99 23.22
N GLU K 236 -39.33 -0.92 23.38
CA GLU K 236 -40.16 -2.11 23.25
C GLU K 236 -40.08 -2.70 21.84
N SER K 237 -40.10 -1.83 20.82
CA SER K 237 -39.98 -2.31 19.45
C SER K 237 -38.63 -2.96 19.19
N ALA K 238 -37.55 -2.35 19.71
CA ALA K 238 -36.22 -2.94 19.55
C ALA K 238 -36.15 -4.30 20.24
N LEU K 239 -36.72 -4.41 21.44
CA LEU K 239 -36.73 -5.69 22.14
C LEU K 239 -37.54 -6.73 21.39
N LYS K 240 -38.70 -6.34 20.87
CA LYS K 240 -39.56 -7.28 20.15
C LYS K 240 -39.01 -7.63 18.77
N ALA K 241 -38.04 -6.86 18.27
CA ALA K 241 -37.41 -7.19 16.99
C ALA K 241 -36.68 -8.52 17.06
N LEU K 242 -36.39 -9.02 18.27
CA LEU K 242 -35.76 -10.33 18.42
C LEU K 242 -36.69 -11.49 18.09
N ILE K 243 -38.01 -11.23 17.98
CA ILE K 243 -38.95 -12.32 17.72
C ILE K 243 -38.69 -13.01 16.39
N PRO K 244 -38.57 -12.29 15.25
CA PRO K 244 -38.19 -12.98 14.01
C PRO K 244 -36.70 -13.15 13.84
N MET K 245 -35.89 -12.39 14.58
CA MET K 245 -34.44 -12.49 14.45
C MET K 245 -33.94 -13.86 14.89
N LEU K 246 -34.50 -14.40 15.97
CA LEU K 246 -34.11 -15.69 16.50
C LEU K 246 -35.17 -16.76 16.26
N SER K 247 -35.87 -16.69 15.13
CA SER K 247 -36.87 -17.68 14.76
C SER K 247 -36.69 -18.25 13.37
N GLY K 248 -35.88 -17.61 12.51
CA GLY K 248 -35.66 -18.11 11.17
C GLY K 248 -35.91 -17.08 10.08
N TYR K 249 -36.01 -15.81 10.48
CA TYR K 249 -36.21 -14.71 9.54
C TYR K 249 -34.94 -13.89 9.37
N ILE K 250 -33.78 -14.56 9.33
CA ILE K 250 -32.50 -13.93 9.13
C ILE K 250 -31.79 -14.62 7.98
N GLY K 251 -30.85 -13.90 7.36
CA GLY K 251 -30.13 -14.41 6.22
C GLY K 251 -30.80 -14.12 4.90
N ALA K 252 -30.16 -14.56 3.83
CA ALA K 252 -30.61 -14.33 2.47
C ALA K 252 -31.37 -15.53 1.92
N ASN K 253 -32.22 -15.26 0.93
CA ASN K 253 -32.99 -16.29 0.23
C ASN K 253 -33.86 -17.10 1.19
N LEU K 254 -34.78 -16.41 1.85
CA LEU K 254 -35.76 -17.09 2.69
C LEU K 254 -36.95 -17.59 1.89
N ALA K 255 -37.11 -17.14 0.64
CA ALA K 255 -38.25 -17.55 -0.16
C ALA K 255 -38.11 -18.99 -0.64
N ARG K 256 -36.92 -19.35 -1.12
CA ARG K 256 -36.69 -20.68 -1.68
C ARG K 256 -36.05 -21.64 -0.68
N SER K 257 -35.49 -21.14 0.42
CA SER K 257 -34.79 -21.99 1.38
C SER K 257 -35.53 -22.06 2.72
N PHE K 258 -35.79 -20.92 3.36
CA PHE K 258 -36.41 -20.87 4.68
C PHE K 258 -35.66 -21.79 5.64
N PRO K 259 -34.47 -21.38 6.10
CA PRO K 259 -33.60 -22.30 6.82
C PRO K 259 -34.26 -22.86 8.08
N VAL K 260 -33.96 -24.12 8.37
CA VAL K 260 -34.48 -24.81 9.55
C VAL K 260 -33.85 -24.20 10.78
N PHE K 261 -34.63 -23.46 11.56
CA PHE K 261 -34.12 -22.68 12.68
C PHE K 261 -34.63 -23.24 14.01
N LYS K 262 -33.73 -23.29 14.98
CA LYS K 262 -34.08 -23.64 16.36
C LYS K 262 -32.94 -23.20 17.26
N VAL K 263 -33.29 -22.59 18.39
CA VAL K 263 -32.29 -22.14 19.36
C VAL K 263 -31.91 -23.32 20.25
N GLU K 264 -30.63 -23.71 20.19
CA GLU K 264 -30.16 -24.78 21.07
C GLU K 264 -30.19 -24.35 22.53
N GLU K 265 -29.60 -23.19 22.82
CA GLU K 265 -29.61 -22.64 24.17
C GLU K 265 -29.18 -21.18 24.08
N LEU K 266 -29.49 -20.42 25.14
CA LEU K 266 -29.09 -19.03 25.19
C LEU K 266 -29.08 -18.54 26.63
N VAL K 267 -28.24 -17.52 26.87
CA VAL K 267 -28.20 -16.80 28.13
C VAL K 267 -28.18 -15.30 27.81
N ALA K 268 -29.02 -14.54 28.51
CA ALA K 268 -29.12 -13.10 28.29
C ALA K 268 -29.01 -12.37 29.61
N ILE K 269 -28.28 -11.25 29.60
CA ILE K 269 -28.13 -10.40 30.77
C ILE K 269 -28.64 -9.01 30.42
N ALA K 270 -29.49 -8.45 31.28
CA ALA K 270 -30.06 -7.13 31.07
C ALA K 270 -29.82 -6.28 32.31
N SER K 271 -29.52 -5.00 32.09
CA SER K 271 -29.29 -4.07 33.18
C SER K 271 -29.54 -2.66 32.67
N GLU K 272 -29.52 -1.69 33.60
CA GLU K 272 -29.66 -0.28 33.25
C GLU K 272 -28.32 0.43 33.16
N GLY K 273 -27.33 -0.01 33.94
CA GLY K 273 -26.00 0.57 33.87
C GLY K 273 -25.09 -0.24 32.97
N PRO K 274 -23.88 0.26 32.72
CA PRO K 274 -22.94 -0.47 31.87
C PRO K 274 -22.59 -1.83 32.47
N ILE K 275 -22.51 -2.84 31.62
CA ILE K 275 -22.17 -4.20 32.04
C ILE K 275 -21.26 -4.84 31.01
N PRO K 276 -20.43 -5.78 31.43
CA PRO K 276 -19.61 -6.53 30.47
C PRO K 276 -20.47 -7.37 29.55
N ALA K 277 -19.99 -7.54 28.32
CA ALA K 277 -20.73 -8.33 27.33
C ALA K 277 -20.49 -9.82 27.54
N LEU K 278 -21.54 -10.60 27.35
CA LEU K 278 -21.43 -12.05 27.47
C LEU K 278 -20.54 -12.61 26.37
N VAL K 279 -19.81 -13.67 26.72
CA VAL K 279 -18.91 -14.29 25.76
C VAL K 279 -19.72 -15.00 24.68
N HIS K 280 -19.14 -15.09 23.49
CA HIS K 280 -19.78 -15.75 22.36
C HIS K 280 -19.87 -17.25 22.59
N GLY K 281 -20.87 -17.88 21.96
CA GLY K 281 -21.06 -19.31 22.00
C GLY K 281 -20.22 -20.10 21.03
N PHE K 282 -19.24 -19.45 20.40
CA PHE K 282 -18.39 -20.11 19.40
C PHE K 282 -17.51 -21.19 20.02
N TYR K 283 -17.25 -21.13 21.33
CA TYR K 283 -16.34 -22.06 21.99
C TYR K 283 -17.11 -23.12 22.76
N GLU K 284 -16.36 -24.14 23.20
CA GLU K 284 -16.98 -25.26 23.91
C GLU K 284 -17.37 -24.88 25.34
N ASP K 285 -16.41 -24.37 26.11
CA ASP K 285 -16.66 -23.97 27.50
C ASP K 285 -16.98 -22.48 27.60
N TYR K 286 -17.94 -22.03 26.81
CA TYR K 286 -18.32 -20.61 26.86
C TYR K 286 -19.34 -20.37 27.96
N ILE K 287 -20.16 -21.38 28.28
CA ILE K 287 -21.19 -21.19 29.30
C ILE K 287 -20.55 -21.04 30.68
N GLU K 288 -19.43 -21.72 30.92
CA GLU K 288 -18.68 -21.52 32.16
C GLU K 288 -18.16 -20.09 32.25
N ALA K 289 -17.68 -19.56 31.12
CA ALA K 289 -17.22 -18.18 31.10
C ALA K 289 -18.36 -17.21 31.38
N ASN K 290 -19.54 -17.48 30.81
CA ASN K 290 -20.70 -16.63 31.08
C ASN K 290 -21.11 -16.70 32.54
N ARG K 291 -21.07 -17.90 33.13
CA ARG K 291 -21.39 -18.04 34.54
C ARG K 291 -20.41 -17.25 35.41
N SER K 292 -19.12 -17.32 35.08
CA SER K 292 -18.13 -16.55 35.81
C SER K 292 -18.36 -15.05 35.66
N ILE K 293 -18.69 -14.61 34.44
CA ILE K 293 -18.97 -13.21 34.19
C ILE K 293 -20.14 -12.73 35.04
N ILE K 294 -21.22 -13.50 35.07
CA ILE K 294 -22.40 -13.11 35.86
C ILE K 294 -22.08 -13.11 37.34
N LYS K 295 -21.37 -14.14 37.82
CA LYS K 295 -21.09 -14.27 39.25
C LYS K 295 -20.18 -13.14 39.74
N ASN K 296 -19.16 -12.80 38.96
CA ASN K 296 -18.21 -11.77 39.36
C ASN K 296 -18.67 -10.36 39.03
N ALA K 297 -19.80 -10.21 38.32
CA ALA K 297 -20.36 -8.90 38.04
C ALA K 297 -21.55 -8.57 38.93
N ARG K 298 -22.32 -9.56 39.36
CA ARG K 298 -23.43 -9.29 40.27
C ARG K 298 -22.92 -8.80 41.62
N ALA K 299 -21.81 -9.35 42.11
CA ALA K 299 -21.21 -8.89 43.36
C ALA K 299 -20.49 -7.56 43.21
N LEU K 300 -20.26 -7.10 41.97
CA LEU K 300 -19.58 -5.83 41.75
C LEU K 300 -20.51 -4.63 41.90
N GLY K 301 -21.82 -4.85 41.98
CA GLY K 301 -22.76 -3.75 42.16
C GLY K 301 -23.60 -3.48 40.93
N PHE K 302 -23.83 -4.52 40.12
CA PHE K 302 -24.63 -4.41 38.91
C PHE K 302 -25.90 -5.23 39.08
N ASN K 303 -27.05 -4.60 38.82
CA ASN K 303 -28.35 -5.28 38.91
C ASN K 303 -28.63 -6.04 37.63
N ILE K 304 -27.85 -7.10 37.41
CA ILE K 304 -27.94 -7.89 36.19
C ILE K 304 -29.05 -8.91 36.34
N GLU K 305 -29.98 -8.92 35.39
CA GLU K 305 -31.04 -9.91 35.32
C GLU K 305 -30.71 -10.91 34.22
N VAL K 306 -30.71 -12.19 34.58
CA VAL K 306 -30.26 -13.26 33.69
C VAL K 306 -31.46 -14.12 33.30
N PHE K 307 -31.65 -14.30 32.00
CA PHE K 307 -32.68 -15.17 31.45
C PHE K 307 -31.98 -16.27 30.64
N THR K 308 -32.27 -17.52 30.98
CA THR K 308 -31.60 -18.67 30.38
C THR K 308 -32.63 -19.59 29.74
N TYR K 309 -32.30 -20.09 28.54
CA TYR K 309 -33.14 -21.04 27.83
C TYR K 309 -32.46 -22.41 27.92
N ASN K 310 -33.09 -23.32 28.68
CA ASN K 310 -32.57 -24.64 29.00
C ASN K 310 -31.08 -24.65 29.30
N VAL K 311 -30.62 -23.65 30.06
CA VAL K 311 -29.22 -23.54 30.49
C VAL K 311 -29.17 -23.69 32.00
N ASP K 312 -28.28 -24.55 32.49
CA ASP K 312 -28.18 -24.85 33.91
C ASP K 312 -27.51 -23.71 34.68
N LEU K 313 -26.26 -23.38 34.31
CA LEU K 313 -25.46 -22.37 35.01
C LEU K 313 -25.29 -22.71 36.49
N GLY K 314 -25.15 -23.99 36.81
CA GLY K 314 -24.97 -24.39 38.19
C GLY K 314 -26.17 -24.01 39.04
N GLU K 315 -25.90 -23.38 40.18
CA GLU K 315 -26.94 -22.97 41.12
C GLU K 315 -26.56 -21.62 41.69
N ASP K 316 -27.26 -21.23 42.77
CA ASP K 316 -27.02 -19.98 43.51
C ASP K 316 -26.90 -18.77 42.58
N ILE K 317 -27.60 -18.81 41.46
CA ILE K 317 -27.65 -17.70 40.50
C ILE K 317 -29.11 -17.39 40.21
N GLU K 318 -29.49 -16.12 40.38
CA GLU K 318 -30.87 -15.70 40.16
C GLU K 318 -31.12 -15.59 38.66
N ALA K 319 -31.34 -16.74 38.03
CA ALA K 319 -31.62 -16.82 36.62
C ALA K 319 -33.05 -17.31 36.39
N THR K 320 -33.71 -16.77 35.38
CA THR K 320 -35.08 -17.12 35.04
C THR K 320 -35.07 -18.06 33.84
N LYS K 321 -35.72 -19.22 34.01
CA LYS K 321 -35.76 -20.24 32.97
C LYS K 321 -36.88 -19.91 32.00
N VAL K 322 -36.51 -19.39 30.83
CA VAL K 322 -37.50 -19.08 29.79
C VAL K 322 -37.76 -20.33 28.97
N SER K 323 -39.02 -20.54 28.60
CA SER K 323 -39.40 -21.70 27.81
C SER K 323 -39.12 -21.51 26.33
N SER K 324 -38.88 -20.28 25.88
CA SER K 324 -38.60 -19.99 24.48
C SER K 324 -38.01 -18.60 24.39
N VAL K 325 -37.52 -18.25 23.19
CA VAL K 325 -36.99 -16.91 22.97
C VAL K 325 -38.08 -15.86 23.07
N GLU K 326 -39.33 -16.23 22.76
CA GLU K 326 -40.43 -15.28 22.81
C GLU K 326 -40.68 -14.80 24.23
N GLU K 327 -40.57 -15.70 25.22
CA GLU K 327 -40.75 -15.29 26.60
C GLU K 327 -39.65 -14.36 27.08
N LEU K 328 -38.46 -14.42 26.48
CA LEU K 328 -37.37 -13.56 26.90
C LEU K 328 -37.67 -12.09 26.63
N VAL K 329 -38.20 -11.77 25.44
CA VAL K 329 -38.53 -10.38 25.15
C VAL K 329 -39.71 -9.92 26.01
N ALA K 330 -40.64 -10.83 26.33
CA ALA K 330 -41.72 -10.48 27.23
C ALA K 330 -41.20 -10.13 28.62
N ASN K 331 -40.22 -10.90 29.11
CA ASN K 331 -39.58 -10.56 30.38
C ASN K 331 -38.83 -9.23 30.28
N LEU K 332 -38.16 -9.00 29.16
CA LEU K 332 -37.37 -7.77 29.00
C LEU K 332 -38.25 -6.53 29.01
N VAL K 333 -39.39 -6.58 28.30
CA VAL K 333 -40.23 -5.39 28.17
C VAL K 333 -40.95 -5.04 29.47
N LYS K 334 -40.89 -5.89 30.49
CA LYS K 334 -41.51 -5.59 31.77
C LYS K 334 -40.71 -4.59 32.59
N MET K 335 -39.44 -4.34 32.22
CA MET K 335 -38.56 -3.47 32.96
C MET K 335 -38.00 -2.36 32.06
N VAL K 336 -38.86 -1.77 31.23
CA VAL K 336 -38.44 -0.70 30.34
C VAL K 336 -39.04 0.62 30.77
N MET L 1 -53.53 -12.78 6.98
CA MET L 1 -53.45 -14.24 7.05
C MET L 1 -52.00 -14.71 7.17
N TYR L 2 -51.37 -14.32 8.28
CA TYR L 2 -49.98 -14.73 8.56
C TYR L 2 -50.00 -16.10 9.23
N VAL L 3 -50.25 -17.12 8.42
CA VAL L 3 -50.45 -18.47 8.92
C VAL L 3 -49.13 -19.23 8.90
N ARG L 4 -48.89 -20.00 9.96
CA ARG L 4 -47.68 -20.80 10.10
C ARG L 4 -48.09 -22.21 10.49
N ILE L 5 -47.74 -23.18 9.65
CA ILE L 5 -48.12 -24.57 9.86
C ILE L 5 -46.90 -25.46 9.69
N SER L 6 -46.74 -26.41 10.61
CA SER L 6 -45.65 -27.37 10.56
C SER L 6 -46.21 -28.74 10.96
N GLY L 7 -45.35 -29.75 10.97
CA GLY L 7 -45.75 -31.07 11.37
C GLY L 7 -44.95 -32.14 10.66
N ARG L 8 -45.38 -33.38 10.87
CA ARG L 8 -44.72 -34.57 10.34
C ARG L 8 -45.62 -35.26 9.33
N ILE L 9 -45.02 -35.69 8.22
CA ILE L 9 -45.69 -36.42 7.17
C ILE L 9 -44.87 -37.67 6.86
N ARG L 10 -45.49 -38.62 6.17
CA ARG L 10 -44.85 -39.89 5.83
C ARG L 10 -44.82 -40.04 4.32
N LEU L 11 -43.64 -39.91 3.71
CA LEU L 11 -43.48 -40.08 2.27
C LEU L 11 -42.86 -41.45 2.03
N ASN L 12 -43.64 -42.35 1.44
CA ASN L 12 -43.21 -43.71 1.16
C ASN L 12 -43.10 -43.92 -0.34
N ALA L 13 -41.98 -44.50 -0.78
CA ALA L 13 -41.70 -44.76 -2.19
C ALA L 13 -41.81 -43.47 -3.01
N HIS L 14 -40.96 -42.51 -2.67
CA HIS L 14 -40.95 -41.21 -3.30
C HIS L 14 -39.66 -40.99 -4.07
N SER L 15 -39.78 -40.27 -5.19
CA SER L 15 -38.65 -39.95 -6.05
C SER L 15 -38.66 -38.48 -6.45
N LEU L 16 -39.13 -37.62 -5.56
CA LEU L 16 -39.30 -36.21 -5.89
C LEU L 16 -37.95 -35.50 -5.97
N ASN L 17 -37.85 -34.54 -6.90
CA ASN L 17 -36.70 -33.66 -7.03
C ASN L 17 -35.41 -34.46 -7.27
N ALA L 18 -35.35 -35.12 -8.42
CA ALA L 18 -34.16 -35.84 -8.82
C ALA L 18 -33.08 -34.86 -9.26
N GLN L 19 -31.89 -35.40 -9.58
CA GLN L 19 -30.76 -34.58 -10.01
C GLN L 19 -30.56 -34.58 -11.52
N GLY L 20 -31.10 -35.56 -12.23
CA GLY L 20 -31.01 -35.59 -13.68
C GLY L 20 -29.71 -36.17 -14.21
N GLY L 21 -28.61 -35.98 -13.49
CA GLY L 21 -27.34 -36.51 -13.91
C GLY L 21 -26.83 -36.01 -15.25
N GLY L 22 -27.29 -34.84 -15.68
CA GLY L 22 -26.90 -34.33 -16.99
C GLY L 22 -27.57 -35.05 -18.14
N GLY L 23 -28.72 -35.66 -17.91
CA GLY L 23 -29.44 -36.37 -18.93
C GLY L 23 -29.03 -37.82 -19.13
N THR L 24 -28.13 -38.33 -18.31
CA THR L 24 -27.68 -39.71 -18.44
C THR L 24 -28.75 -40.66 -17.90
N ASN L 25 -28.51 -41.97 -18.07
CA ASN L 25 -29.49 -42.97 -17.66
C ASN L 25 -29.68 -42.98 -16.15
N TYR L 26 -28.59 -42.94 -15.39
CA TYR L 26 -28.66 -43.00 -13.93
C TYR L 26 -28.93 -41.61 -13.38
N ILE L 27 -30.11 -41.41 -12.80
CA ILE L 27 -30.48 -40.15 -12.18
C ILE L 27 -30.84 -40.43 -10.73
N GLU L 28 -30.46 -39.51 -9.84
CA GLU L 28 -30.59 -39.71 -8.41
C GLU L 28 -31.33 -38.53 -7.77
N ILE L 29 -31.90 -38.79 -6.59
CA ILE L 29 -32.58 -37.76 -5.82
C ILE L 29 -31.54 -36.88 -5.15
N THR L 30 -31.80 -35.58 -5.11
CA THR L 30 -30.90 -34.66 -4.42
C THR L 30 -30.83 -34.99 -2.94
N LYS L 31 -29.64 -34.84 -2.36
CA LYS L 31 -29.39 -35.19 -0.97
C LYS L 31 -28.78 -34.00 -0.24
N THR L 32 -29.15 -33.86 1.03
CA THR L 32 -28.65 -32.80 1.89
C THR L 32 -28.23 -33.40 3.22
N LYS L 33 -27.22 -32.79 3.84
CA LYS L 33 -26.70 -33.25 5.11
C LYS L 33 -27.30 -32.43 6.25
N VAL L 34 -27.71 -33.13 7.32
CA VAL L 34 -28.29 -32.50 8.49
C VAL L 34 -27.53 -32.99 9.72
N THR L 35 -27.59 -32.19 10.78
CA THR L 35 -26.88 -32.46 12.02
C THR L 35 -27.81 -33.12 13.03
N VAL L 36 -27.30 -34.15 13.71
CA VAL L 36 -28.04 -34.87 14.73
C VAL L 36 -27.14 -35.04 15.94
N ARG L 37 -27.72 -34.93 17.14
CA ARG L 37 -26.92 -35.00 18.37
C ARG L 37 -26.54 -36.44 18.70
N THR L 38 -27.53 -37.34 18.79
CA THR L 38 -27.36 -38.74 19.15
C THR L 38 -26.71 -38.92 20.53
N GLU L 39 -26.68 -37.88 21.35
CA GLU L 39 -26.18 -37.91 22.72
C GLU L 39 -24.71 -38.31 22.83
N ASN L 40 -23.97 -38.29 21.72
CA ASN L 40 -22.55 -38.61 21.76
C ASN L 40 -21.75 -37.69 20.84
N GLY L 41 -22.21 -36.45 20.68
CA GLY L 41 -21.55 -35.52 19.78
C GLY L 41 -22.31 -35.34 18.49
N TRP L 42 -22.53 -34.08 18.09
CA TRP L 42 -23.28 -33.80 16.87
C TRP L 42 -22.53 -34.32 15.64
N THR L 43 -23.23 -35.01 14.77
CA THR L 43 -22.66 -35.54 13.54
C THR L 43 -23.61 -35.25 12.38
N VAL L 44 -23.03 -35.15 11.18
CA VAL L 44 -23.79 -34.86 9.97
C VAL L 44 -24.09 -36.15 9.23
N VAL L 45 -25.31 -36.25 8.72
CA VAL L 45 -25.75 -37.39 7.92
C VAL L 45 -26.43 -36.87 6.67
N GLU L 46 -26.12 -37.48 5.53
CA GLU L 46 -26.64 -37.06 4.23
C GLU L 46 -27.84 -37.94 3.87
N VAL L 47 -29.00 -37.30 3.67
CA VAL L 47 -30.23 -38.01 3.33
C VAL L 47 -30.92 -37.29 2.19
N PRO L 48 -31.73 -38.02 1.42
CA PRO L 48 -32.52 -37.37 0.37
C PRO L 48 -33.52 -36.39 0.98
N ALA L 49 -33.78 -35.32 0.25
CA ALA L 49 -34.66 -34.26 0.72
C ALA L 49 -35.31 -33.58 -0.47
N ILE L 50 -36.36 -32.82 -0.17
CA ILE L 50 -37.11 -32.07 -1.18
C ILE L 50 -36.84 -30.59 -0.97
N THR L 51 -36.37 -29.91 -2.01
CA THR L 51 -36.05 -28.50 -1.91
C THR L 51 -37.32 -27.67 -1.80
N GLY L 52 -37.18 -26.49 -1.19
CA GLY L 52 -38.30 -25.58 -1.03
C GLY L 52 -38.77 -24.96 -2.32
N ASN L 53 -37.90 -24.90 -3.34
CA ASN L 53 -38.31 -24.37 -4.64
C ASN L 53 -39.40 -25.23 -5.26
N MET L 54 -39.24 -26.56 -5.20
CA MET L 54 -40.26 -27.45 -5.74
C MET L 54 -41.58 -27.32 -4.98
N LEU L 55 -41.48 -27.22 -3.64
CA LEU L 55 -42.69 -27.07 -2.83
C LEU L 55 -43.40 -25.75 -3.13
N LYS L 56 -42.64 -24.67 -3.30
CA LYS L 56 -43.24 -23.39 -3.66
C LYS L 56 -43.87 -23.45 -5.05
N HIS L 57 -43.22 -24.13 -5.99
CA HIS L 57 -43.79 -24.28 -7.32
C HIS L 57 -45.10 -25.06 -7.29
N TRP L 58 -45.17 -26.12 -6.49
CA TRP L 58 -46.40 -26.89 -6.40
C TRP L 58 -47.50 -26.12 -5.67
N HIS L 59 -47.13 -25.32 -4.66
CA HIS L 59 -48.11 -24.43 -4.04
C HIS L 59 -48.64 -23.42 -5.04
N PHE L 60 -47.75 -22.90 -5.90
CA PHE L 60 -48.17 -22.01 -6.98
C PHE L 60 -49.14 -22.71 -7.92
N VAL L 61 -48.85 -23.96 -8.29
CA VAL L 61 -49.71 -24.71 -9.19
C VAL L 61 -51.09 -24.91 -8.57
N GLY L 62 -51.12 -25.29 -7.29
CA GLY L 62 -52.40 -25.46 -6.61
C GLY L 62 -53.17 -24.15 -6.51
N PHE L 63 -52.47 -23.05 -6.22
CA PHE L 63 -53.13 -21.75 -6.10
C PHE L 63 -53.74 -21.33 -7.42
N VAL L 64 -53.00 -21.47 -8.52
CA VAL L 64 -53.56 -21.07 -9.82
C VAL L 64 -54.68 -22.02 -10.23
N ASP L 65 -54.57 -23.31 -9.89
CA ASP L 65 -55.63 -24.26 -10.22
C ASP L 65 -56.93 -23.90 -9.49
N TYR L 66 -56.84 -23.54 -8.22
CA TYR L 66 -58.03 -23.20 -7.45
C TYR L 66 -58.47 -21.75 -7.63
N PHE L 67 -57.66 -20.92 -8.27
CA PHE L 67 -58.06 -19.56 -8.61
C PHE L 67 -58.64 -19.46 -10.02
N LYS L 68 -58.35 -20.44 -10.88
CA LYS L 68 -58.96 -20.46 -12.21
C LYS L 68 -60.47 -20.67 -12.11
N THR L 69 -60.91 -21.53 -11.18
CA THR L 69 -62.35 -21.76 -11.01
C THR L 69 -63.05 -20.49 -10.54
N THR L 70 -62.40 -19.72 -9.67
CA THR L 70 -62.98 -18.47 -9.20
C THR L 70 -63.19 -17.51 -10.37
N PRO L 71 -64.36 -16.88 -10.48
CA PRO L 71 -64.57 -15.93 -11.58
C PRO L 71 -63.61 -14.75 -11.56
N TYR L 72 -63.03 -14.43 -10.41
CA TYR L 72 -62.02 -13.38 -10.31
C TYR L 72 -60.64 -13.84 -10.79
N GLY L 73 -60.56 -15.00 -11.45
CA GLY L 73 -59.32 -15.55 -11.93
C GLY L 73 -58.88 -15.06 -13.28
N VAL L 74 -59.58 -14.07 -13.85
CA VAL L 74 -59.18 -13.53 -15.15
C VAL L 74 -57.81 -12.86 -15.04
N ASN L 75 -57.57 -12.13 -13.95
CA ASN L 75 -56.30 -11.43 -13.75
C ASN L 75 -55.22 -12.43 -13.36
N LEU L 76 -54.79 -13.21 -14.34
CA LEU L 76 -53.72 -14.19 -14.18
C LEU L 76 -52.75 -14.08 -15.33
N THR L 77 -51.48 -14.34 -15.05
CA THR L 77 -50.45 -14.30 -16.08
C THR L 77 -50.64 -15.44 -17.07
N GLU L 78 -50.35 -15.19 -18.34
CA GLU L 78 -50.48 -16.21 -19.37
C GLU L 78 -49.54 -17.39 -19.10
N ARG L 79 -48.32 -17.11 -18.68
CA ARG L 79 -47.37 -18.18 -18.37
C ARG L 79 -47.78 -18.98 -17.14
N ALA L 80 -48.68 -18.44 -16.31
CA ALA L 80 -49.15 -19.16 -15.13
C ALA L 80 -50.24 -20.18 -15.45
N LEU L 81 -50.85 -20.10 -16.64
CA LEU L 81 -51.88 -21.05 -17.01
C LEU L 81 -51.30 -22.44 -17.27
N ARG L 82 -50.09 -22.49 -17.84
CA ARG L 82 -49.43 -23.76 -18.15
C ARG L 82 -48.68 -24.34 -16.96
N TYR L 83 -48.99 -23.88 -15.74
CA TYR L 83 -48.36 -24.39 -14.51
C TYR L 83 -46.84 -24.19 -14.54
N ASN L 84 -46.38 -23.14 -15.19
CA ASN L 84 -44.96 -22.83 -15.24
C ASN L 84 -44.57 -22.01 -14.01
N GLY L 85 -43.54 -22.46 -13.30
CA GLY L 85 -43.12 -21.80 -12.09
C GLY L 85 -42.37 -20.49 -12.29
N THR L 86 -41.98 -20.18 -13.51
CA THR L 86 -41.28 -18.93 -13.78
C THR L 86 -42.22 -17.74 -13.60
N ARG L 87 -41.63 -16.59 -13.29
CA ARG L 87 -42.39 -15.38 -13.04
C ARG L 87 -42.20 -14.33 -14.13
N PHE L 88 -40.96 -13.99 -14.44
CA PHE L 88 -40.67 -13.01 -15.49
C PHE L 88 -39.35 -13.36 -16.14
N GLY L 89 -39.20 -12.95 -17.40
CA GLY L 89 -37.97 -13.21 -18.14
C GLY L 89 -36.83 -12.31 -17.70
N GLN L 90 -35.64 -12.62 -18.23
CA GLN L 90 -34.46 -11.86 -17.87
C GLN L 90 -34.44 -10.48 -18.52
N GLY L 91 -35.04 -10.35 -19.71
CA GLY L 91 -35.01 -9.09 -20.42
C GLY L 91 -36.31 -8.69 -21.08
N GLU L 92 -37.39 -9.41 -20.77
CA GLU L 92 -38.69 -9.07 -21.33
C GLU L 92 -39.24 -7.81 -20.67
N THR L 93 -39.95 -7.01 -21.47
CA THR L 93 -40.45 -5.72 -20.99
C THR L 93 -41.88 -5.79 -20.48
N THR L 94 -42.76 -6.50 -21.19
CA THR L 94 -44.17 -6.60 -20.84
C THR L 94 -44.53 -8.03 -20.47
N ALA L 95 -45.77 -8.21 -20.03
CA ALA L 95 -46.29 -9.51 -19.65
C ALA L 95 -47.66 -9.72 -20.29
N THR L 96 -48.00 -10.98 -20.51
CA THR L 96 -49.28 -11.36 -21.12
C THR L 96 -50.21 -11.90 -20.05
N LYS L 97 -51.43 -11.38 -20.03
CA LYS L 97 -52.44 -11.84 -19.07
C LYS L 97 -53.12 -13.11 -19.60
N ALA L 98 -54.05 -13.63 -18.79
CA ALA L 98 -54.82 -14.79 -19.20
C ALA L 98 -55.68 -14.48 -20.42
N ASN L 99 -56.31 -13.31 -20.44
CA ASN L 99 -57.14 -12.91 -21.57
C ASN L 99 -56.29 -12.53 -22.79
N GLY L 100 -54.98 -12.40 -22.63
CA GLY L 100 -54.11 -12.02 -23.72
C GLY L 100 -53.75 -10.54 -23.79
N ALA L 101 -54.06 -9.76 -22.76
CA ALA L 101 -53.76 -8.35 -22.75
C ALA L 101 -52.29 -8.13 -22.44
N THR L 102 -51.85 -6.87 -22.39
CA THR L 102 -50.47 -6.52 -22.15
C THR L 102 -50.37 -5.72 -20.86
N VAL L 103 -49.48 -6.15 -19.97
CA VAL L 103 -49.27 -5.50 -18.67
C VAL L 103 -47.82 -5.02 -18.62
N GLN L 104 -47.64 -3.76 -18.28
CA GLN L 104 -46.31 -3.19 -18.17
C GLN L 104 -45.69 -3.56 -16.82
N LEU L 105 -44.36 -3.53 -16.77
CA LEU L 105 -43.60 -3.91 -15.59
C LEU L 105 -43.18 -2.71 -14.75
N ASN L 106 -44.02 -1.69 -14.67
CA ASN L 106 -43.79 -0.53 -13.82
C ASN L 106 -45.03 -0.29 -12.97
N ASP L 107 -44.84 0.43 -11.87
CA ASP L 107 -45.91 0.78 -10.93
C ASP L 107 -46.59 -0.48 -10.40
N GLU L 108 -45.82 -1.25 -9.61
CA GLU L 108 -46.24 -2.55 -9.13
C GLU L 108 -47.59 -2.52 -8.43
N ALA L 109 -48.08 -1.35 -8.03
CA ALA L 109 -49.40 -1.25 -7.41
C ALA L 109 -50.49 -1.78 -8.34
N THR L 110 -50.40 -1.46 -9.63
CA THR L 110 -51.34 -2.00 -10.61
C THR L 110 -50.89 -3.35 -11.16
N ILE L 111 -49.60 -3.68 -11.06
CA ILE L 111 -49.13 -4.99 -11.50
C ILE L 111 -49.71 -6.08 -10.61
N ILE L 112 -49.66 -5.88 -9.29
CA ILE L 112 -50.27 -6.83 -8.38
C ILE L 112 -51.78 -6.82 -8.50
N LYS L 113 -52.36 -5.72 -8.99
CA LYS L 113 -53.81 -5.68 -9.20
C LYS L 113 -54.22 -6.53 -10.40
N GLU L 114 -53.48 -6.41 -11.51
CA GLU L 114 -53.79 -7.16 -12.72
C GLU L 114 -53.16 -8.55 -12.75
N LEU L 115 -52.25 -8.85 -11.81
CA LEU L 115 -51.63 -10.16 -11.71
C LEU L 115 -51.82 -10.69 -10.30
N ALA L 116 -52.54 -11.80 -10.18
CA ALA L 116 -52.78 -12.41 -8.87
C ALA L 116 -51.65 -13.34 -8.46
N ASP L 117 -51.06 -14.06 -9.42
CA ASP L 117 -49.96 -14.97 -9.10
C ASP L 117 -48.73 -14.20 -8.62
N ALA L 118 -48.40 -13.08 -9.27
CA ALA L 118 -47.24 -12.30 -8.87
C ALA L 118 -47.47 -11.60 -7.55
N ASP L 119 -48.73 -11.26 -7.24
CA ASP L 119 -49.04 -10.63 -5.96
C ASP L 119 -48.75 -11.57 -4.79
N VAL L 120 -49.05 -12.86 -4.97
CA VAL L 120 -48.91 -13.82 -3.87
C VAL L 120 -47.56 -14.52 -3.86
N HIS L 121 -46.87 -14.61 -5.00
CA HIS L 121 -45.58 -15.28 -5.05
C HIS L 121 -44.43 -14.35 -5.44
N GLY L 122 -44.63 -13.04 -5.41
CA GLY L 122 -43.58 -12.11 -5.77
C GLY L 122 -43.27 -12.12 -7.25
N PHE L 123 -42.24 -11.37 -7.61
CA PHE L 123 -41.80 -11.27 -9.00
C PHE L 123 -40.42 -10.65 -9.04
N LEU L 124 -39.89 -10.49 -10.26
CA LEU L 124 -38.62 -9.81 -10.46
C LEU L 124 -38.66 -9.16 -11.84
N ALA L 125 -38.29 -7.88 -11.90
CA ALA L 125 -38.18 -7.17 -13.17
C ALA L 125 -36.73 -6.73 -13.35
N PRO L 126 -35.89 -7.51 -14.04
CA PRO L 126 -34.48 -7.13 -14.18
C PRO L 126 -34.27 -5.82 -14.90
N LYS L 127 -35.19 -5.43 -15.79
CA LYS L 127 -35.02 -4.19 -16.55
C LYS L 127 -35.47 -2.99 -15.74
N THR L 128 -36.75 -2.96 -15.34
CA THR L 128 -37.27 -1.79 -14.62
C THR L 128 -36.79 -1.76 -13.17
N GLY L 129 -36.53 -2.93 -12.58
CA GLY L 129 -36.09 -3.00 -11.20
C GLY L 129 -37.15 -3.37 -10.19
N ARG L 130 -38.36 -3.69 -10.63
CA ARG L 130 -39.43 -4.05 -9.70
C ARG L 130 -39.11 -5.36 -9.00
N ARG L 131 -39.41 -5.41 -7.71
CA ARG L 131 -39.20 -6.63 -6.92
C ARG L 131 -40.29 -6.72 -5.86
N ARG L 132 -40.50 -7.93 -5.36
CA ARG L 132 -41.49 -8.18 -4.32
C ARG L 132 -41.16 -9.49 -3.65
N VAL L 133 -40.98 -9.47 -2.32
CA VAL L 133 -40.73 -10.70 -1.59
C VAL L 133 -41.96 -11.58 -1.64
N SER L 134 -41.76 -12.86 -1.94
CA SER L 134 -42.87 -13.78 -2.10
C SER L 134 -43.62 -13.96 -0.78
N LEU L 135 -44.95 -13.85 -0.85
CA LEU L 135 -45.77 -14.10 0.33
C LEU L 135 -45.82 -15.57 0.72
N VAL L 136 -45.34 -16.46 -0.16
CA VAL L 136 -45.35 -17.89 0.09
C VAL L 136 -43.90 -18.33 0.31
N LYS L 137 -43.63 -18.86 1.51
CA LYS L 137 -42.31 -19.37 1.85
C LYS L 137 -42.45 -20.81 2.30
N ALA L 138 -41.69 -21.70 1.65
CA ALA L 138 -41.72 -23.12 1.95
C ALA L 138 -40.39 -23.55 2.55
N SER L 139 -40.45 -24.37 3.60
CA SER L 139 -39.27 -24.87 4.26
C SER L 139 -38.82 -26.17 3.62
N PHE L 140 -37.55 -26.50 3.83
CA PHE L 140 -36.99 -27.73 3.28
C PHE L 140 -37.62 -28.95 3.94
N ILE L 141 -37.81 -29.99 3.15
CA ILE L 141 -38.45 -31.23 3.59
C ILE L 141 -37.33 -32.18 4.03
N LEU L 142 -37.16 -32.33 5.34
CA LEU L 142 -36.12 -33.18 5.89
C LEU L 142 -36.72 -34.22 6.83
N PRO L 143 -36.12 -35.40 6.93
CA PRO L 143 -36.62 -36.40 7.87
C PRO L 143 -36.44 -35.97 9.31
N THR L 144 -37.35 -36.45 10.17
CA THR L 144 -37.33 -36.06 11.57
C THR L 144 -36.09 -36.60 12.27
N GLU L 145 -35.66 -35.89 13.31
CA GLU L 145 -34.41 -36.24 13.99
C GLU L 145 -34.49 -37.61 14.63
N ASP L 146 -35.60 -37.94 15.29
CA ASP L 146 -35.71 -39.23 15.95
C ASP L 146 -35.66 -40.37 14.94
N PHE L 147 -36.37 -40.23 13.82
CA PHE L 147 -36.36 -41.28 12.79
C PHE L 147 -34.99 -41.40 12.14
N ILE L 148 -34.36 -40.26 11.82
CA ILE L 148 -33.04 -40.28 11.20
C ILE L 148 -31.97 -40.76 12.18
N LYS L 149 -32.27 -40.76 13.47
CA LYS L 149 -31.31 -41.19 14.48
C LYS L 149 -31.46 -42.66 14.82
N GLU L 150 -32.69 -43.17 14.88
CA GLU L 150 -32.93 -44.54 15.28
C GLU L 150 -32.67 -45.56 14.17
N VAL L 151 -32.42 -45.11 12.94
CA VAL L 151 -32.18 -46.05 11.85
C VAL L 151 -30.82 -46.73 12.01
N GLU L 152 -29.80 -46.00 12.46
CA GLU L 152 -28.43 -46.49 12.56
C GLU L 152 -27.97 -47.05 11.22
N GLY L 153 -27.97 -46.17 10.22
CA GLY L 153 -27.71 -46.56 8.85
C GLY L 153 -28.95 -46.40 8.00
N GLU L 154 -29.34 -47.45 7.27
CA GLU L 154 -30.60 -47.48 6.53
C GLU L 154 -30.69 -46.31 5.53
N ARG L 155 -29.83 -46.40 4.51
CA ARG L 155 -29.71 -45.36 3.50
C ARG L 155 -31.05 -45.01 2.84
N LEU L 156 -32.08 -45.84 3.00
CA LEU L 156 -33.45 -45.54 2.58
C LEU L 156 -33.60 -45.44 1.07
N ILE L 157 -32.54 -45.72 0.32
CA ILE L 157 -32.58 -45.68 -1.14
C ILE L 157 -32.38 -47.09 -1.68
N THR L 158 -33.29 -47.51 -2.56
CA THR L 158 -33.27 -48.86 -3.11
C THR L 158 -32.75 -48.93 -4.53
N ALA L 159 -32.84 -47.84 -5.30
CA ALA L 159 -32.36 -47.77 -6.67
C ALA L 159 -33.02 -48.84 -7.54
N ILE L 160 -34.35 -48.74 -7.65
CA ILE L 160 -35.10 -49.67 -8.49
C ILE L 160 -34.80 -49.41 -9.95
N LYS L 161 -34.49 -50.46 -10.69
CA LYS L 161 -34.06 -50.37 -12.08
C LYS L 161 -35.22 -50.74 -13.00
N HIS L 162 -35.51 -49.85 -13.95
CA HIS L 162 -36.57 -50.08 -14.92
C HIS L 162 -36.18 -49.41 -16.23
N ASN L 163 -36.08 -50.21 -17.30
CA ASN L 163 -35.61 -49.74 -18.59
C ASN L 163 -36.77 -49.69 -19.59
N ARG L 164 -36.44 -49.35 -20.82
CA ARG L 164 -37.41 -49.26 -21.91
C ARG L 164 -37.03 -50.23 -23.02
N VAL L 165 -38.03 -50.92 -23.57
CA VAL L 165 -37.87 -51.76 -24.74
C VAL L 165 -38.58 -51.08 -25.91
N ASP L 166 -37.88 -50.98 -27.04
CA ASP L 166 -38.40 -50.31 -28.22
C ASP L 166 -38.34 -51.25 -29.41
N VAL L 167 -39.44 -51.32 -30.16
CA VAL L 167 -39.52 -52.16 -31.35
C VAL L 167 -39.92 -51.30 -32.53
N ASP L 168 -39.33 -51.58 -33.69
CA ASP L 168 -39.62 -50.82 -34.91
C ASP L 168 -40.90 -51.37 -35.54
N GLU L 169 -41.16 -50.96 -36.79
CA GLU L 169 -42.34 -51.46 -37.49
C GLU L 169 -42.27 -52.96 -37.71
N LYS L 170 -41.07 -53.52 -37.79
CA LYS L 170 -40.87 -54.96 -37.94
C LYS L 170 -40.70 -55.67 -36.61
N GLY L 171 -40.83 -54.96 -35.49
CA GLY L 171 -40.65 -55.58 -34.19
C GLY L 171 -39.24 -56.04 -33.89
N ALA L 172 -38.24 -55.24 -34.23
CA ALA L 172 -36.84 -55.56 -34.01
C ALA L 172 -36.26 -54.66 -32.93
N ILE L 173 -35.49 -55.25 -32.02
CA ILE L 173 -34.89 -54.50 -30.93
C ILE L 173 -33.90 -53.46 -31.47
N GLY L 174 -33.07 -53.86 -32.43
CA GLY L 174 -32.07 -52.98 -32.98
C GLY L 174 -30.81 -52.93 -32.14
N SER L 175 -29.88 -52.10 -32.56
CA SER L 175 -28.60 -51.94 -31.90
C SER L 175 -28.27 -50.46 -31.80
N SER L 176 -27.05 -50.15 -31.39
CA SER L 176 -26.64 -48.76 -31.22
C SER L 176 -26.52 -48.04 -32.57
N LYS L 177 -26.20 -48.77 -33.63
CA LYS L 177 -26.05 -48.14 -34.94
C LYS L 177 -27.38 -47.59 -35.47
N GLU L 178 -28.49 -48.23 -35.12
CA GLU L 178 -29.80 -47.76 -35.52
C GLU L 178 -30.44 -46.80 -34.52
N GLY L 179 -29.83 -46.62 -33.35
CA GLY L 179 -30.36 -45.73 -32.35
C GLY L 179 -31.48 -46.34 -31.54
N THR L 180 -32.66 -46.46 -32.16
CA THR L 180 -33.87 -47.07 -31.61
C THR L 180 -34.45 -46.31 -30.43
N ALA L 181 -33.83 -45.22 -29.99
CA ALA L 181 -34.31 -44.39 -28.88
C ALA L 181 -34.57 -45.24 -27.64
N GLN L 182 -33.49 -45.87 -27.16
CA GLN L 182 -33.55 -46.73 -25.98
C GLN L 182 -32.76 -46.09 -24.85
N MET L 183 -33.40 -45.94 -23.69
CA MET L 183 -32.78 -45.34 -22.53
C MET L 183 -33.00 -46.23 -21.32
N LEU L 184 -31.95 -46.41 -20.52
CA LEU L 184 -32.05 -47.24 -19.32
C LEU L 184 -32.91 -46.59 -18.25
N PHE L 185 -32.67 -45.30 -17.99
CA PHE L 185 -33.48 -44.50 -17.07
C PHE L 185 -33.52 -45.13 -15.67
N SER L 186 -32.34 -45.18 -15.04
CA SER L 186 -32.24 -45.65 -13.67
C SER L 186 -32.67 -44.55 -12.72
N ARG L 187 -33.68 -44.83 -11.89
CA ARG L 187 -34.26 -43.84 -11.00
C ARG L 187 -34.13 -44.28 -9.55
N GLU L 188 -33.72 -43.36 -8.69
CA GLU L 188 -33.60 -43.64 -7.27
C GLU L 188 -34.94 -43.43 -6.56
N TYR L 189 -35.27 -44.36 -5.67
CA TYR L 189 -36.50 -44.30 -4.89
C TYR L 189 -36.15 -44.24 -3.41
N ALA L 190 -36.77 -43.30 -2.69
CA ALA L 190 -36.52 -43.10 -1.27
C ALA L 190 -37.84 -43.17 -0.50
N THR L 191 -37.73 -43.13 0.82
CA THR L 191 -38.90 -43.21 1.70
C THR L 191 -38.51 -42.64 3.06
N GLY L 192 -39.47 -42.63 3.97
CA GLY L 192 -39.25 -42.18 5.33
C GLY L 192 -40.28 -41.17 5.77
N LEU L 193 -40.15 -40.77 7.04
CA LEU L 193 -41.03 -39.78 7.65
C LEU L 193 -40.30 -38.44 7.71
N TYR L 194 -40.86 -37.43 7.05
CA TYR L 194 -40.27 -36.12 6.92
C TYR L 194 -41.09 -35.09 7.69
N GLY L 195 -40.63 -33.85 7.68
CA GLY L 195 -41.32 -32.77 8.35
C GLY L 195 -41.44 -31.56 7.44
N PHE L 196 -42.51 -30.79 7.65
CA PHE L 196 -42.77 -29.59 6.87
C PHE L 196 -43.14 -28.44 7.78
N SER L 197 -42.63 -27.25 7.47
CA SER L 197 -42.87 -26.05 8.27
C SER L 197 -43.13 -24.85 7.37
N ILE L 198 -43.99 -25.04 6.37
CA ILE L 198 -44.30 -23.95 5.45
C ILE L 198 -45.01 -22.82 6.19
N VAL L 199 -44.79 -21.59 5.72
CA VAL L 199 -45.44 -20.41 6.25
C VAL L 199 -46.05 -19.63 5.09
N LEU L 200 -47.10 -18.87 5.37
CA LEU L 200 -47.79 -18.08 4.36
C LEU L 200 -48.09 -16.71 4.96
N ASP L 201 -47.38 -15.69 4.49
CA ASP L 201 -47.62 -14.30 4.91
C ASP L 201 -48.60 -13.66 3.94
N LEU L 202 -49.83 -14.13 3.99
CA LEU L 202 -50.87 -13.73 3.04
C LEU L 202 -51.59 -12.45 3.46
N GLY L 203 -51.24 -11.85 4.61
CA GLY L 203 -51.88 -10.64 5.05
C GLY L 203 -51.50 -9.40 4.27
N LEU L 204 -50.43 -9.47 3.48
CA LEU L 204 -49.97 -8.34 2.67
C LEU L 204 -50.44 -8.43 1.22
N VAL L 205 -51.31 -9.39 0.91
CA VAL L 205 -51.80 -9.53 -0.46
C VAL L 205 -52.65 -8.33 -0.83
N GLY L 206 -52.58 -7.93 -2.10
CA GLY L 206 -53.32 -6.77 -2.55
C GLY L 206 -52.75 -5.44 -2.09
N ILE L 207 -51.56 -5.44 -1.50
CA ILE L 207 -50.92 -4.23 -1.00
C ILE L 207 -49.55 -4.12 -1.69
N PRO L 208 -49.30 -3.06 -2.46
CA PRO L 208 -47.97 -2.91 -3.07
C PRO L 208 -46.89 -2.75 -2.03
N GLN L 209 -45.70 -3.28 -2.36
CA GLN L 209 -44.58 -3.19 -1.43
C GLN L 209 -44.01 -1.79 -1.35
N GLY L 210 -44.23 -0.96 -2.38
CA GLY L 210 -43.75 0.41 -2.33
C GLY L 210 -44.43 1.23 -1.24
N LEU L 211 -45.74 1.04 -1.08
CA LEU L 211 -46.53 1.75 -0.07
C LEU L 211 -47.29 0.72 0.75
N PRO L 212 -46.61 0.06 1.69
CA PRO L 212 -47.29 -0.95 2.52
C PRO L 212 -48.45 -0.39 3.33
N VAL L 213 -48.38 0.87 3.75
CA VAL L 213 -49.42 1.50 4.54
C VAL L 213 -49.60 2.94 4.07
N LYS L 214 -50.82 3.44 4.23
CA LYS L 214 -51.17 4.80 3.86
C LYS L 214 -51.62 5.56 5.11
N PHE L 215 -51.45 6.88 5.07
CA PHE L 215 -51.82 7.75 6.17
C PHE L 215 -52.83 8.77 5.67
N GLU L 216 -54.11 8.56 5.99
CA GLU L 216 -55.14 9.53 5.62
C GLU L 216 -55.01 10.80 6.46
N GLU L 217 -55.20 10.67 7.78
CA GLU L 217 -54.90 11.76 8.72
C GLU L 217 -54.30 11.10 9.96
N ASN L 218 -52.98 10.93 9.96
CA ASN L 218 -52.24 10.32 11.08
C ASN L 218 -52.84 8.98 11.48
N GLN L 219 -53.41 8.25 10.51
CA GLN L 219 -54.06 6.97 10.78
C GLN L 219 -53.58 5.96 9.74
N PRO L 220 -52.91 4.89 10.17
CA PRO L 220 -52.48 3.87 9.21
C PRO L 220 -53.67 3.13 8.61
N ARG L 221 -53.54 2.79 7.33
CA ARG L 221 -54.56 2.01 6.63
C ARG L 221 -53.89 1.14 5.58
N PRO L 222 -54.34 -0.10 5.42
CA PRO L 222 -53.76 -0.95 4.36
C PRO L 222 -54.02 -0.38 2.98
N ASN L 223 -53.04 -0.53 2.09
CA ASN L 223 -53.16 -0.02 0.73
C ASN L 223 -53.71 -1.13 -0.18
N ILE L 224 -55.01 -1.38 0.00
CA ILE L 224 -55.70 -2.40 -0.77
C ILE L 224 -56.08 -1.84 -2.13
N VAL L 225 -55.20 -2.01 -3.12
CA VAL L 225 -55.50 -1.52 -4.46
C VAL L 225 -56.61 -2.35 -5.10
N ILE L 226 -56.63 -3.66 -4.84
CA ILE L 226 -57.61 -4.55 -5.43
C ILE L 226 -58.92 -4.46 -4.66
N ASP L 227 -59.98 -5.00 -5.24
CA ASP L 227 -61.28 -4.99 -4.58
C ASP L 227 -61.24 -5.90 -3.35
N PRO L 228 -61.96 -5.54 -2.28
CA PRO L 228 -62.00 -6.43 -1.10
C PRO L 228 -62.53 -7.82 -1.42
N ASN L 229 -63.51 -7.92 -2.32
CA ASN L 229 -63.97 -9.25 -2.75
C ASN L 229 -62.87 -9.99 -3.48
N GLU L 230 -62.09 -9.29 -4.31
CA GLU L 230 -60.96 -9.91 -4.99
C GLU L 230 -59.93 -10.39 -3.98
N ARG L 231 -59.65 -9.60 -2.95
CA ARG L 231 -58.72 -10.02 -1.91
C ARG L 231 -59.23 -11.25 -1.17
N LYS L 232 -60.53 -11.28 -0.87
CA LYS L 232 -61.10 -12.44 -0.20
C LYS L 232 -61.00 -13.69 -1.08
N ALA L 233 -61.27 -13.54 -2.38
CA ALA L 233 -61.16 -14.68 -3.29
C ALA L 233 -59.71 -15.16 -3.39
N ARG L 234 -58.76 -14.23 -3.46
CA ARG L 234 -57.35 -14.62 -3.49
C ARG L 234 -56.93 -15.34 -2.22
N ILE L 235 -57.40 -14.85 -1.07
CA ILE L 235 -57.09 -15.50 0.20
C ILE L 235 -57.67 -16.90 0.24
N GLU L 236 -58.93 -17.05 -0.21
CA GLU L 236 -59.56 -18.36 -0.23
C GLU L 236 -58.80 -19.32 -1.14
N SER L 237 -58.39 -18.85 -2.32
CA SER L 237 -57.63 -19.70 -3.22
C SER L 237 -56.28 -20.10 -2.62
N ALA L 238 -55.59 -19.14 -1.98
CA ALA L 238 -54.30 -19.45 -1.37
C ALA L 238 -54.45 -20.47 -0.25
N LEU L 239 -55.49 -20.33 0.58
CA LEU L 239 -55.70 -21.29 1.66
C LEU L 239 -56.10 -22.66 1.10
N LYS L 240 -56.92 -22.69 0.07
CA LYS L 240 -57.32 -23.96 -0.54
C LYS L 240 -56.19 -24.62 -1.29
N ALA L 241 -55.15 -23.87 -1.66
CA ALA L 241 -54.01 -24.46 -2.34
C ALA L 241 -53.30 -25.50 -1.48
N LEU L 242 -53.53 -25.48 -0.17
CA LEU L 242 -52.98 -26.51 0.71
C LEU L 242 -53.64 -27.87 0.50
N ILE L 243 -54.86 -27.90 -0.05
CA ILE L 243 -55.55 -29.17 -0.26
C ILE L 243 -54.80 -30.07 -1.24
N PRO L 244 -54.40 -29.61 -2.45
CA PRO L 244 -53.55 -30.46 -3.28
C PRO L 244 -52.08 -30.30 -2.95
N MET L 245 -51.77 -30.28 -1.66
CA MET L 245 -50.39 -30.15 -1.21
C MET L 245 -50.09 -31.19 -0.14
N LEU L 246 -51.12 -31.57 0.63
CA LEU L 246 -51.02 -32.59 1.66
C LEU L 246 -51.73 -33.88 1.25
N SER L 247 -51.98 -34.07 -0.05
CA SER L 247 -52.64 -35.25 -0.55
C SER L 247 -51.76 -36.12 -1.43
N GLY L 248 -50.60 -35.64 -1.84
CA GLY L 248 -49.72 -36.40 -2.70
C GLY L 248 -49.50 -35.76 -4.05
N TYR L 249 -49.57 -34.43 -4.11
CA TYR L 249 -49.41 -33.67 -5.34
C TYR L 249 -48.19 -32.76 -5.28
N ILE L 250 -47.07 -33.28 -4.77
CA ILE L 250 -45.84 -32.51 -4.64
C ILE L 250 -44.70 -33.31 -5.27
N GLY L 251 -43.64 -32.60 -5.62
CA GLY L 251 -42.48 -33.23 -6.22
C GLY L 251 -42.67 -33.49 -7.71
N ALA L 252 -41.81 -34.38 -8.22
CA ALA L 252 -41.81 -34.76 -9.63
C ALA L 252 -42.15 -36.25 -9.75
N ASN L 253 -42.15 -36.73 -10.99
CA ASN L 253 -42.43 -38.13 -11.31
C ASN L 253 -43.81 -38.55 -10.79
N LEU L 254 -44.77 -37.62 -10.84
CA LEU L 254 -46.12 -37.92 -10.37
C LEU L 254 -46.79 -38.97 -11.26
N ALA L 255 -46.59 -38.88 -12.58
CA ALA L 255 -47.23 -39.80 -13.49
C ALA L 255 -46.64 -41.21 -13.42
N ARG L 256 -45.47 -41.37 -12.81
CA ARG L 256 -44.81 -42.67 -12.73
C ARG L 256 -44.66 -43.19 -11.31
N SER L 257 -44.32 -42.32 -10.35
CA SER L 257 -44.11 -42.77 -8.98
C SER L 257 -45.38 -42.63 -8.14
N PHE L 258 -45.90 -41.41 -8.01
CA PHE L 258 -47.06 -41.10 -7.19
C PHE L 258 -46.85 -41.65 -5.78
N PRO L 259 -45.99 -41.02 -4.98
CA PRO L 259 -45.66 -41.59 -3.66
C PRO L 259 -46.87 -41.71 -2.76
N VAL L 260 -46.88 -42.76 -1.95
CA VAL L 260 -47.92 -42.97 -0.96
C VAL L 260 -47.76 -41.93 0.13
N PHE L 261 -48.66 -40.95 0.17
CA PHE L 261 -48.55 -39.81 1.07
C PHE L 261 -49.65 -39.83 2.11
N LYS L 262 -49.30 -39.42 3.33
CA LYS L 262 -50.26 -39.28 4.42
C LYS L 262 -49.67 -38.36 5.46
N VAL L 263 -50.49 -37.44 5.98
CA VAL L 263 -50.04 -36.50 6.99
C VAL L 263 -50.11 -37.19 8.36
N GLU L 264 -48.95 -37.36 8.99
CA GLU L 264 -48.91 -38.02 10.30
C GLU L 264 -49.50 -37.11 11.38
N GLU L 265 -49.07 -35.84 11.39
CA GLU L 265 -49.53 -34.89 12.40
C GLU L 265 -49.18 -33.49 11.93
N LEU L 266 -49.91 -32.50 12.44
CA LEU L 266 -49.68 -31.13 12.04
C LEU L 266 -50.17 -30.16 13.11
N VAL L 267 -49.63 -28.94 13.06
CA VAL L 267 -50.02 -27.86 13.94
C VAL L 267 -49.95 -26.56 13.17
N ALA L 268 -50.99 -25.73 13.30
CA ALA L 268 -51.07 -24.47 12.55
C ALA L 268 -51.55 -23.36 13.47
N ILE L 269 -51.07 -22.15 13.21
CA ILE L 269 -51.52 -20.93 13.88
C ILE L 269 -51.78 -19.88 12.81
N ALA L 270 -52.97 -19.27 12.86
CA ALA L 270 -53.38 -18.31 11.83
C ALA L 270 -53.19 -16.87 12.29
N SER L 271 -53.85 -16.48 13.39
CA SER L 271 -53.79 -15.12 13.92
C SER L 271 -54.18 -14.08 12.88
N GLU L 272 -53.94 -12.81 13.19
CA GLU L 272 -54.17 -11.72 12.25
C GLU L 272 -52.96 -10.82 12.06
N GLY L 273 -52.20 -10.56 13.12
CA GLY L 273 -51.01 -9.75 13.02
C GLY L 273 -49.75 -10.59 12.95
N PRO L 274 -48.60 -9.93 12.97
CA PRO L 274 -47.33 -10.68 12.96
C PRO L 274 -47.21 -11.57 14.19
N ILE L 275 -46.73 -12.80 13.95
CA ILE L 275 -46.59 -13.79 15.02
C ILE L 275 -45.30 -14.56 14.79
N PRO L 276 -44.74 -15.13 15.86
CA PRO L 276 -43.58 -16.02 15.69
C PRO L 276 -43.95 -17.25 14.88
N ALA L 277 -42.99 -17.72 14.08
CA ALA L 277 -43.21 -18.87 13.22
C ALA L 277 -43.03 -20.17 14.00
N LEU L 278 -43.85 -21.16 13.67
CA LEU L 278 -43.75 -22.46 14.32
C LEU L 278 -42.45 -23.16 13.93
N VAL L 279 -41.92 -23.93 14.88
CA VAL L 279 -40.66 -24.63 14.63
C VAL L 279 -40.86 -25.75 13.60
N HIS L 280 -39.77 -26.11 12.95
CA HIS L 280 -39.81 -27.15 11.94
C HIS L 280 -40.07 -28.52 12.55
N GLY L 281 -40.68 -29.40 11.77
CA GLY L 281 -40.90 -30.77 12.19
C GLY L 281 -39.70 -31.67 12.10
N PHE L 282 -38.57 -31.16 11.60
CA PHE L 282 -37.35 -31.96 11.55
C PHE L 282 -36.87 -32.33 12.95
N TYR L 283 -36.95 -31.38 13.88
CA TYR L 283 -36.53 -31.66 15.25
C TYR L 283 -37.52 -32.62 15.91
N GLU L 284 -36.98 -33.61 16.62
CA GLU L 284 -37.84 -34.59 17.29
C GLU L 284 -38.68 -33.94 18.37
N ASP L 285 -38.09 -33.04 19.16
CA ASP L 285 -38.80 -32.34 20.22
C ASP L 285 -39.37 -31.01 19.72
N TYR L 286 -40.12 -31.04 18.62
CA TYR L 286 -40.72 -29.83 18.09
C TYR L 286 -42.10 -29.55 18.68
N ILE L 287 -42.77 -30.58 19.19
CA ILE L 287 -44.09 -30.38 19.79
C ILE L 287 -43.98 -29.50 21.03
N GLU L 288 -42.99 -29.78 21.88
CA GLU L 288 -42.78 -28.95 23.07
C GLU L 288 -42.40 -27.52 22.69
N ALA L 289 -41.57 -27.36 21.66
CA ALA L 289 -41.20 -26.02 21.21
C ALA L 289 -42.41 -25.25 20.70
N ASN L 290 -43.27 -25.91 19.93
CA ASN L 290 -44.48 -25.25 19.44
C ASN L 290 -45.41 -24.89 20.59
N ARG L 291 -45.56 -25.80 21.56
CA ARG L 291 -46.42 -25.50 22.71
C ARG L 291 -45.90 -24.30 23.49
N SER L 292 -44.58 -24.26 23.72
CA SER L 292 -43.98 -23.15 24.46
C SER L 292 -43.96 -21.86 23.67
N ILE L 293 -43.97 -21.91 22.33
CA ILE L 293 -43.98 -20.70 21.53
C ILE L 293 -45.40 -20.17 21.31
N ILE L 294 -46.43 -21.01 21.47
CA ILE L 294 -47.79 -20.54 21.32
C ILE L 294 -48.45 -20.19 22.66
N LYS L 295 -48.11 -20.89 23.75
CA LYS L 295 -48.76 -20.63 25.02
C LYS L 295 -48.48 -19.21 25.52
N ASN L 296 -47.22 -18.79 25.43
CA ASN L 296 -46.87 -17.43 25.84
C ASN L 296 -47.21 -16.40 24.76
N ALA L 297 -47.25 -16.80 23.50
CA ALA L 297 -47.68 -15.89 22.44
C ALA L 297 -49.14 -15.48 22.64
N ARG L 298 -50.01 -16.43 23.01
CA ARG L 298 -51.38 -16.08 23.34
C ARG L 298 -51.48 -15.21 24.58
N ALA L 299 -50.56 -15.39 25.54
CA ALA L 299 -50.56 -14.57 26.75
C ALA L 299 -50.02 -13.17 26.52
N LEU L 300 -49.22 -12.96 25.48
CA LEU L 300 -48.68 -11.64 25.17
C LEU L 300 -49.70 -10.73 24.50
N GLY L 301 -50.82 -11.27 24.04
CA GLY L 301 -51.83 -10.49 23.36
C GLY L 301 -52.06 -10.83 21.90
N PHE L 302 -51.67 -12.01 21.45
CA PHE L 302 -51.87 -12.43 20.07
C PHE L 302 -53.14 -13.26 19.97
N ASN L 303 -53.99 -12.91 18.99
CA ASN L 303 -55.25 -13.63 18.76
C ASN L 303 -54.96 -14.92 18.01
N ILE L 304 -54.29 -15.84 18.71
CA ILE L 304 -53.85 -17.10 18.12
C ILE L 304 -55.00 -18.10 18.20
N GLU L 305 -55.39 -18.63 17.04
CA GLU L 305 -56.37 -19.72 16.94
C GLU L 305 -55.60 -20.93 16.41
N VAL L 306 -55.14 -21.79 17.33
CA VAL L 306 -54.24 -22.88 17.01
C VAL L 306 -55.07 -24.12 16.66
N PHE L 307 -54.68 -24.78 15.57
CA PHE L 307 -55.29 -26.02 15.12
C PHE L 307 -54.28 -27.14 15.21
N THR L 308 -54.69 -28.26 15.80
CA THR L 308 -53.82 -29.41 16.02
C THR L 308 -54.44 -30.66 15.42
N TYR L 309 -53.59 -31.49 14.81
CA TYR L 309 -54.01 -32.77 14.26
C TYR L 309 -52.99 -33.81 14.67
N ASN L 310 -53.44 -34.79 15.45
CA ASN L 310 -52.59 -35.85 16.00
C ASN L 310 -51.50 -35.31 16.92
N VAL L 311 -51.68 -34.09 17.44
CA VAL L 311 -50.75 -33.49 18.39
C VAL L 311 -51.55 -33.05 19.61
N ASP L 312 -51.10 -33.48 20.79
CA ASP L 312 -51.84 -33.19 22.01
C ASP L 312 -51.80 -31.70 22.35
N LEU L 313 -50.60 -31.11 22.32
CA LEU L 313 -50.41 -29.69 22.66
C LEU L 313 -50.94 -29.36 24.06
N GLY L 314 -50.76 -30.30 24.99
CA GLY L 314 -51.25 -30.07 26.33
C GLY L 314 -52.77 -30.06 26.39
N GLU L 315 -53.28 -29.45 27.47
CA GLU L 315 -54.72 -29.35 27.68
C GLU L 315 -55.15 -27.90 27.93
N ASP L 316 -54.28 -27.13 28.57
CA ASP L 316 -54.62 -25.76 28.94
C ASP L 316 -54.76 -24.83 27.75
N ILE L 317 -54.26 -25.22 26.58
CA ILE L 317 -54.33 -24.38 25.39
C ILE L 317 -55.57 -24.74 24.59
N GLU L 318 -56.38 -23.72 24.28
CA GLU L 318 -57.60 -23.92 23.50
C GLU L 318 -57.21 -24.18 22.05
N ALA L 319 -57.12 -25.46 21.68
CA ALA L 319 -56.71 -25.87 20.34
C ALA L 319 -57.85 -26.59 19.66
N THR L 320 -58.07 -26.27 18.39
CA THR L 320 -59.08 -26.93 17.58
C THR L 320 -58.50 -28.22 17.01
N LYS L 321 -59.07 -29.36 17.40
CA LYS L 321 -58.55 -30.65 16.98
C LYS L 321 -59.02 -30.94 15.56
N VAL L 322 -58.29 -30.40 14.59
CA VAL L 322 -58.57 -30.62 13.18
C VAL L 322 -58.23 -32.07 12.82
N SER L 323 -58.96 -32.63 11.86
CA SER L 323 -58.81 -34.03 11.51
C SER L 323 -58.34 -34.27 10.07
N SER L 324 -58.48 -33.29 9.19
CA SER L 324 -58.10 -33.48 7.79
C SER L 324 -57.61 -32.14 7.24
N VAL L 325 -57.54 -32.04 5.91
CA VAL L 325 -57.04 -30.84 5.26
C VAL L 325 -58.16 -29.90 4.86
N GLU L 326 -59.26 -30.43 4.32
CA GLU L 326 -60.35 -29.57 3.86
C GLU L 326 -60.96 -28.80 5.03
N GLU L 327 -61.22 -29.48 6.15
CA GLU L 327 -61.76 -28.80 7.31
C GLU L 327 -60.75 -27.84 7.93
N LEU L 328 -59.46 -28.17 7.84
CA LEU L 328 -58.43 -27.24 8.31
C LEU L 328 -58.47 -25.95 7.50
N VAL L 329 -58.57 -26.07 6.17
CA VAL L 329 -58.65 -24.89 5.32
C VAL L 329 -59.94 -24.12 5.60
N ALA L 330 -61.04 -24.83 5.81
CA ALA L 330 -62.31 -24.17 6.11
C ALA L 330 -62.22 -23.38 7.41
N ASN L 331 -61.61 -23.97 8.44
CA ASN L 331 -61.42 -23.26 9.70
C ASN L 331 -60.50 -22.06 9.53
N LEU L 332 -59.47 -22.21 8.70
CA LEU L 332 -58.56 -21.09 8.44
C LEU L 332 -59.27 -19.95 7.72
N VAL L 333 -60.21 -20.25 6.82
CA VAL L 333 -60.91 -19.19 6.09
C VAL L 333 -62.16 -18.71 6.80
N LYS L 334 -62.49 -19.27 7.97
CA LYS L 334 -63.63 -18.76 8.72
C LYS L 334 -63.41 -17.33 9.19
N MET L 335 -62.16 -16.96 9.42
CA MET L 335 -61.80 -15.59 9.82
C MET L 335 -61.45 -14.70 8.64
N VAL L 336 -61.55 -15.23 7.41
CA VAL L 336 -61.22 -14.53 6.17
C VAL L 336 -60.03 -13.58 6.29
N MET M 1 -65.05 -34.10 -14.64
CA MET M 1 -65.49 -35.20 -13.80
C MET M 1 -64.29 -36.02 -13.31
N TYR M 2 -63.87 -35.76 -12.09
CA TYR M 2 -62.70 -36.40 -11.49
C TYR M 2 -63.15 -37.47 -10.51
N VAL M 3 -62.49 -38.64 -10.58
CA VAL M 3 -62.79 -39.75 -9.68
C VAL M 3 -61.49 -40.25 -9.06
N ARG M 4 -61.64 -40.88 -7.89
CA ARG M 4 -60.52 -41.50 -7.19
C ARG M 4 -60.98 -42.85 -6.66
N ILE M 5 -60.28 -43.91 -7.06
CA ILE M 5 -60.58 -45.27 -6.61
C ILE M 5 -59.42 -45.74 -5.75
N SER M 6 -59.73 -46.58 -4.76
CA SER M 6 -58.69 -47.14 -3.91
C SER M 6 -59.27 -48.31 -3.13
N GLY M 7 -58.39 -48.97 -2.39
CA GLY M 7 -58.84 -50.02 -1.49
C GLY M 7 -57.75 -51.07 -1.30
N ARG M 8 -58.20 -52.23 -0.83
CA ARG M 8 -57.33 -53.36 -0.52
C ARG M 8 -57.75 -54.56 -1.36
N ILE M 9 -56.77 -55.22 -1.96
CA ILE M 9 -56.99 -56.34 -2.86
C ILE M 9 -55.96 -57.43 -2.55
N ARG M 10 -56.39 -58.68 -2.62
CA ARG M 10 -55.51 -59.81 -2.35
C ARG M 10 -54.83 -60.26 -3.64
N LEU M 11 -53.49 -60.25 -3.63
CA LEU M 11 -52.67 -60.73 -4.75
C LEU M 11 -51.96 -61.99 -4.27
N ASN M 12 -52.57 -63.15 -4.52
CA ASN M 12 -52.04 -64.42 -4.09
C ASN M 12 -51.32 -65.11 -5.24
N ALA M 13 -50.08 -65.52 -4.99
CA ALA M 13 -49.25 -66.23 -5.98
C ALA M 13 -49.11 -65.41 -7.26
N HIS M 14 -48.48 -64.25 -7.11
CA HIS M 14 -48.27 -63.32 -8.22
C HIS M 14 -46.78 -63.15 -8.51
N SER M 15 -46.49 -62.87 -9.78
CA SER M 15 -45.13 -62.57 -10.23
C SER M 15 -45.11 -61.29 -11.06
N LEU M 16 -45.88 -60.30 -10.65
CA LEU M 16 -46.07 -59.09 -11.45
C LEU M 16 -44.91 -58.13 -11.26
N ASN M 17 -44.46 -57.55 -12.38
CA ASN M 17 -43.37 -56.57 -12.39
C ASN M 17 -42.11 -57.14 -11.74
N ALA M 18 -41.61 -58.20 -12.33
CA ALA M 18 -40.39 -58.84 -11.84
C ALA M 18 -39.17 -58.03 -12.28
N GLN M 19 -38.11 -58.10 -11.46
CA GLN M 19 -36.85 -57.44 -11.80
C GLN M 19 -36.21 -58.04 -13.04
N GLY M 20 -36.24 -59.36 -13.18
CA GLY M 20 -35.71 -60.03 -14.36
C GLY M 20 -34.21 -60.23 -14.29
N GLY M 21 -33.77 -61.45 -14.58
CA GLY M 21 -32.35 -61.76 -14.59
C GLY M 21 -31.69 -61.50 -15.93
N GLY M 22 -32.50 -61.44 -16.99
CA GLY M 22 -31.98 -61.22 -18.31
C GLY M 22 -31.23 -62.42 -18.87
N GLY M 23 -29.90 -62.29 -18.99
CA GLY M 23 -29.11 -63.39 -19.50
C GLY M 23 -29.14 -64.61 -18.61
N THR M 24 -29.11 -64.40 -17.30
CA THR M 24 -29.12 -65.51 -16.36
C THR M 24 -30.51 -66.13 -16.27
N ASN M 25 -30.64 -67.11 -15.37
CA ASN M 25 -31.88 -67.87 -15.22
C ASN M 25 -32.45 -67.72 -13.82
N TYR M 26 -32.45 -66.50 -13.29
CA TYR M 26 -33.02 -66.19 -11.98
C TYR M 26 -33.93 -64.99 -12.12
N ILE M 27 -35.21 -65.16 -11.82
CA ILE M 27 -36.21 -64.11 -11.92
C ILE M 27 -36.67 -63.73 -10.52
N GLU M 28 -36.64 -62.44 -10.22
CA GLU M 28 -37.04 -61.92 -8.91
C GLU M 28 -37.99 -60.75 -9.09
N ILE M 29 -38.90 -60.60 -8.13
CA ILE M 29 -39.87 -59.52 -8.14
C ILE M 29 -39.24 -58.25 -7.59
N THR M 30 -39.68 -57.09 -8.10
CA THR M 30 -39.17 -55.82 -7.63
C THR M 30 -39.44 -55.65 -6.14
N LYS M 31 -38.43 -55.18 -5.41
CA LYS M 31 -38.51 -54.99 -3.97
C LYS M 31 -38.66 -53.51 -3.64
N THR M 32 -39.48 -53.21 -2.64
CA THR M 32 -39.71 -51.85 -2.19
C THR M 32 -39.62 -51.81 -0.67
N LYS M 33 -38.99 -50.76 -0.14
CA LYS M 33 -38.88 -50.56 1.30
C LYS M 33 -40.04 -49.72 1.80
N VAL M 34 -40.75 -50.23 2.80
CA VAL M 34 -41.90 -49.55 3.38
C VAL M 34 -41.66 -49.36 4.87
N THR M 35 -42.23 -48.28 5.40
CA THR M 35 -42.06 -47.92 6.81
C THR M 35 -43.27 -48.40 7.61
N VAL M 36 -43.00 -49.07 8.73
CA VAL M 36 -44.05 -49.58 9.62
C VAL M 36 -43.73 -49.13 11.04
N ARG M 37 -44.78 -48.68 11.74
CA ARG M 37 -44.59 -48.12 13.07
C ARG M 37 -44.13 -49.18 14.07
N THR M 38 -44.69 -50.38 13.99
CA THR M 38 -44.41 -51.46 14.94
C THR M 38 -44.66 -51.00 16.37
N GLU M 39 -43.74 -51.34 17.28
CA GLU M 39 -43.86 -50.95 18.68
C GLU M 39 -42.58 -50.37 19.26
N ASN M 40 -41.46 -50.39 18.54
CA ASN M 40 -40.19 -49.87 19.02
C ASN M 40 -39.65 -48.80 18.09
N GLY M 41 -40.53 -48.12 17.37
CA GLY M 41 -40.13 -47.09 16.43
C GLY M 41 -40.33 -47.54 14.99
N TRP M 42 -40.32 -46.54 14.09
CA TRP M 42 -40.50 -46.82 12.67
C TRP M 42 -39.36 -47.68 12.14
N THR M 43 -39.72 -48.75 11.43
CA THR M 43 -38.74 -49.65 10.84
C THR M 43 -39.06 -49.86 9.36
N VAL M 44 -38.01 -50.06 8.57
CA VAL M 44 -38.14 -50.26 7.13
C VAL M 44 -38.08 -51.75 6.83
N VAL M 45 -39.03 -52.22 6.03
CA VAL M 45 -39.12 -53.61 5.63
C VAL M 45 -39.14 -53.68 4.11
N GLU M 46 -38.33 -54.57 3.54
CA GLU M 46 -38.26 -54.77 2.10
C GLU M 46 -39.25 -55.86 1.71
N VAL M 47 -40.26 -55.48 0.91
CA VAL M 47 -41.32 -56.40 0.52
C VAL M 47 -41.51 -56.33 -0.99
N PRO M 48 -42.02 -57.39 -1.62
CA PRO M 48 -42.36 -57.30 -3.05
C PRO M 48 -43.46 -56.28 -3.29
N ALA M 49 -43.36 -55.59 -4.43
CA ALA M 49 -44.32 -54.54 -4.76
C ALA M 49 -44.38 -54.38 -6.27
N ILE M 50 -45.43 -53.70 -6.73
CA ILE M 50 -45.64 -53.42 -8.14
C ILE M 50 -45.59 -51.92 -8.34
N THR M 51 -44.76 -51.46 -9.27
CA THR M 51 -44.64 -50.05 -9.55
C THR M 51 -45.90 -49.51 -10.23
N GLY M 52 -46.10 -48.20 -10.10
CA GLY M 52 -47.24 -47.56 -10.73
C GLY M 52 -47.18 -47.55 -12.24
N ASN M 53 -45.98 -47.74 -12.82
CA ASN M 53 -45.86 -47.78 -14.27
C ASN M 53 -46.62 -48.96 -14.86
N MET M 54 -46.53 -50.12 -14.22
CA MET M 54 -47.28 -51.29 -14.70
C MET M 54 -48.78 -51.06 -14.62
N LEU M 55 -49.25 -50.45 -13.53
CA LEU M 55 -50.67 -50.15 -13.39
C LEU M 55 -51.13 -49.17 -14.46
N LYS M 56 -50.32 -48.14 -14.74
CA LYS M 56 -50.65 -47.19 -15.79
C LYS M 56 -50.69 -47.86 -17.16
N HIS M 57 -49.72 -48.75 -17.43
CA HIS M 57 -49.71 -49.45 -18.71
C HIS M 57 -50.94 -50.35 -18.86
N TRP M 58 -51.33 -51.04 -17.79
CA TRP M 58 -52.52 -51.89 -17.86
C TRP M 58 -53.79 -51.06 -18.00
N HIS M 59 -53.86 -49.90 -17.34
CA HIS M 59 -55.00 -49.02 -17.54
C HIS M 59 -55.09 -48.54 -18.98
N PHE M 60 -53.95 -48.19 -19.58
CA PHE M 60 -53.92 -47.80 -20.98
C PHE M 60 -54.36 -48.94 -21.89
N VAL M 61 -53.90 -50.16 -21.59
CA VAL M 61 -54.27 -51.32 -22.39
C VAL M 61 -55.77 -51.55 -22.32
N GLY M 62 -56.33 -51.48 -21.11
CA GLY M 62 -57.76 -51.65 -20.95
C GLY M 62 -58.58 -50.58 -21.65
N PHE M 63 -58.11 -49.33 -21.56
CA PHE M 63 -58.80 -48.23 -22.24
C PHE M 63 -58.78 -48.43 -23.75
N VAL M 64 -57.63 -48.85 -24.29
CA VAL M 64 -57.53 -49.11 -25.73
C VAL M 64 -58.46 -50.25 -26.13
N ASP M 65 -58.48 -51.32 -25.33
CA ASP M 65 -59.33 -52.47 -25.64
C ASP M 65 -60.80 -52.09 -25.62
N TYR M 66 -61.23 -51.30 -24.63
CA TYR M 66 -62.63 -50.92 -24.53
C TYR M 66 -63.01 -49.78 -25.47
N PHE M 67 -62.04 -49.06 -26.02
CA PHE M 67 -62.34 -48.02 -27.01
C PHE M 67 -62.70 -48.60 -28.37
N LYS M 68 -62.33 -49.85 -28.64
CA LYS M 68 -62.68 -50.48 -29.90
C LYS M 68 -64.19 -50.66 -30.03
N THR M 69 -64.85 -51.03 -28.93
CA THR M 69 -66.30 -51.23 -28.98
C THR M 69 -67.04 -49.93 -29.26
N THR M 70 -66.45 -48.80 -28.90
CA THR M 70 -67.08 -47.51 -29.20
C THR M 70 -67.07 -47.26 -30.69
N PRO M 71 -68.12 -46.65 -31.25
CA PRO M 71 -68.13 -46.35 -32.68
C PRO M 71 -67.03 -45.38 -33.10
N TYR M 72 -66.53 -44.56 -32.18
CA TYR M 72 -65.46 -43.60 -32.46
C TYR M 72 -64.09 -44.14 -32.09
N GLY M 73 -63.90 -45.46 -32.17
CA GLY M 73 -62.67 -46.08 -31.75
C GLY M 73 -61.51 -46.00 -32.73
N VAL M 74 -61.73 -45.41 -33.91
CA VAL M 74 -60.66 -45.29 -34.89
C VAL M 74 -59.64 -44.25 -34.47
N ASN M 75 -60.00 -43.33 -33.57
CA ASN M 75 -59.11 -42.27 -33.13
C ASN M 75 -58.08 -42.83 -32.15
N LEU M 76 -57.21 -43.67 -32.68
CA LEU M 76 -56.15 -44.28 -31.90
C LEU M 76 -54.91 -44.44 -32.77
N THR M 77 -53.75 -44.56 -32.12
CA THR M 77 -52.50 -44.72 -32.84
C THR M 77 -52.27 -46.19 -33.19
N GLU M 78 -51.35 -46.41 -34.14
CA GLU M 78 -50.98 -47.77 -34.50
C GLU M 78 -50.31 -48.48 -33.33
N ARG M 79 -49.49 -47.76 -32.56
CA ARG M 79 -48.87 -48.34 -31.39
C ARG M 79 -49.91 -48.71 -30.32
N ALA M 80 -51.00 -47.96 -30.24
CA ALA M 80 -52.06 -48.29 -29.30
C ALA M 80 -52.72 -49.63 -29.65
N LEU M 81 -52.87 -49.91 -30.95
CA LEU M 81 -53.50 -51.17 -31.37
C LEU M 81 -52.66 -52.37 -30.93
N ARG M 82 -51.34 -52.27 -31.04
CA ARG M 82 -50.44 -53.32 -30.60
C ARG M 82 -50.10 -53.19 -29.11
N TYR M 83 -50.77 -52.30 -28.39
CA TYR M 83 -50.57 -52.11 -26.95
C TYR M 83 -49.11 -51.77 -26.63
N ASN M 84 -48.52 -50.91 -27.45
CA ASN M 84 -47.15 -50.46 -27.21
C ASN M 84 -47.16 -49.39 -26.12
N GLY M 85 -46.29 -49.57 -25.11
CA GLY M 85 -46.27 -48.66 -23.99
C GLY M 85 -45.80 -47.26 -24.32
N THR M 86 -44.84 -47.11 -25.22
CA THR M 86 -44.29 -45.80 -25.54
C THR M 86 -45.32 -44.94 -26.29
N ARG M 87 -45.28 -43.65 -26.02
CA ARG M 87 -46.17 -42.70 -26.70
C ARG M 87 -45.48 -42.06 -27.91
N PHE M 88 -44.36 -41.37 -27.66
CA PHE M 88 -43.60 -40.72 -28.74
C PHE M 88 -42.14 -40.75 -28.34
N GLY M 89 -41.34 -41.56 -29.04
CA GLY M 89 -39.93 -41.63 -28.77
C GLY M 89 -39.17 -40.43 -29.31
N GLN M 90 -37.89 -40.38 -28.94
CA GLN M 90 -37.02 -39.29 -29.39
C GLN M 90 -36.60 -39.52 -30.83
N GLY M 91 -36.93 -38.57 -31.71
CA GLY M 91 -36.54 -38.67 -33.09
C GLY M 91 -37.67 -38.47 -34.08
N GLU M 92 -38.87 -38.93 -33.73
CA GLU M 92 -40.01 -38.86 -34.62
C GLU M 92 -40.87 -37.63 -34.30
N THR M 93 -41.51 -37.10 -35.34
CA THR M 93 -42.39 -35.95 -35.19
C THR M 93 -43.78 -36.18 -35.75
N THR M 94 -44.09 -37.37 -36.26
CA THR M 94 -45.40 -37.70 -36.81
C THR M 94 -45.92 -38.96 -36.16
N ALA M 95 -47.24 -39.08 -36.11
CA ALA M 95 -47.90 -40.22 -35.49
C ALA M 95 -48.64 -41.04 -36.55
N THR M 96 -48.69 -42.36 -36.34
CA THR M 96 -49.38 -43.27 -37.23
C THR M 96 -50.73 -43.62 -36.60
N LYS M 97 -51.81 -43.21 -37.26
CA LYS M 97 -53.15 -43.46 -36.75
C LYS M 97 -53.57 -44.90 -37.02
N ALA M 98 -54.66 -45.32 -36.39
CA ALA M 98 -55.20 -46.65 -36.62
C ALA M 98 -55.64 -46.84 -38.07
N ASN M 99 -56.28 -45.81 -38.63
CA ASN M 99 -56.68 -45.88 -40.03
C ASN M 99 -55.46 -45.95 -40.95
N GLY M 100 -54.42 -45.18 -40.65
CA GLY M 100 -53.21 -45.19 -41.44
C GLY M 100 -52.72 -43.81 -41.81
N ALA M 101 -53.60 -42.83 -41.75
CA ALA M 101 -53.23 -41.47 -42.09
C ALA M 101 -52.27 -40.89 -41.06
N THR M 102 -51.25 -40.17 -41.53
CA THR M 102 -50.29 -39.55 -40.63
C THR M 102 -50.92 -38.38 -39.89
N VAL M 103 -50.47 -38.17 -38.65
CA VAL M 103 -50.94 -37.09 -37.80
C VAL M 103 -49.75 -36.22 -37.42
N GLN M 104 -49.87 -34.91 -37.67
CA GLN M 104 -48.83 -33.97 -37.31
C GLN M 104 -48.81 -33.72 -35.80
N LEU M 105 -47.63 -33.32 -35.31
CA LEU M 105 -47.43 -33.05 -33.89
C LEU M 105 -47.04 -31.60 -33.62
N ASN M 106 -47.41 -30.69 -34.53
CA ASN M 106 -47.05 -29.28 -34.38
C ASN M 106 -47.99 -28.53 -33.45
N ASP M 107 -49.10 -29.13 -33.04
CA ASP M 107 -50.05 -28.46 -32.16
C ASP M 107 -50.68 -29.49 -31.23
N GLU M 108 -51.10 -29.02 -30.05
CA GLU M 108 -51.74 -29.91 -29.09
C GLU M 108 -53.18 -30.22 -29.46
N ALA M 109 -53.89 -29.23 -30.01
CA ALA M 109 -55.29 -29.44 -30.35
C ALA M 109 -55.45 -30.51 -31.43
N THR M 110 -54.61 -30.47 -32.47
CA THR M 110 -54.73 -31.43 -33.55
C THR M 110 -54.39 -32.85 -33.09
N ILE M 111 -53.36 -33.00 -32.26
CA ILE M 111 -52.99 -34.33 -31.79
C ILE M 111 -54.03 -34.87 -30.81
N ILE M 112 -54.66 -33.98 -30.02
CA ILE M 112 -55.70 -34.42 -29.11
C ILE M 112 -56.94 -34.84 -29.89
N LYS M 113 -57.34 -34.07 -30.90
CA LYS M 113 -58.56 -34.36 -31.63
C LYS M 113 -58.40 -35.58 -32.53
N GLU M 114 -57.28 -35.68 -33.26
CA GLU M 114 -57.12 -36.76 -34.22
C GLU M 114 -57.02 -38.12 -33.54
N LEU M 115 -56.29 -38.21 -32.44
CA LEU M 115 -56.05 -39.48 -31.77
C LEU M 115 -56.36 -39.35 -30.28
N ALA M 116 -56.96 -40.40 -29.73
CA ALA M 116 -57.25 -40.47 -28.31
C ALA M 116 -56.17 -41.21 -27.52
N ASP M 117 -55.08 -41.62 -28.18
CA ASP M 117 -54.01 -42.34 -27.50
C ASP M 117 -53.37 -41.48 -26.41
N ALA M 118 -53.12 -40.21 -26.71
CA ALA M 118 -52.45 -39.31 -25.79
C ALA M 118 -53.42 -38.40 -25.03
N ASP M 119 -54.73 -38.51 -25.29
CA ASP M 119 -55.68 -37.64 -24.64
C ASP M 119 -55.80 -37.94 -23.15
N VAL M 120 -55.75 -39.22 -22.78
CA VAL M 120 -55.96 -39.62 -21.39
C VAL M 120 -54.64 -39.82 -20.66
N HIS M 121 -53.66 -40.44 -21.30
CA HIS M 121 -52.40 -40.79 -20.65
C HIS M 121 -51.27 -39.81 -20.94
N GLY M 122 -51.57 -38.70 -21.62
CA GLY M 122 -50.55 -37.71 -21.92
C GLY M 122 -49.54 -38.21 -22.93
N PHE M 123 -48.58 -37.34 -23.24
CA PHE M 123 -47.52 -37.70 -24.19
C PHE M 123 -46.40 -36.69 -24.08
N LEU M 124 -45.26 -37.05 -24.68
CA LEU M 124 -44.11 -36.15 -24.77
C LEU M 124 -43.44 -36.35 -26.12
N ALA M 125 -43.31 -35.28 -26.89
CA ALA M 125 -42.58 -35.27 -28.15
C ALA M 125 -41.46 -34.25 -28.05
N PRO M 126 -40.24 -34.68 -27.69
CA PRO M 126 -39.14 -33.71 -27.56
C PRO M 126 -38.68 -33.12 -28.87
N LYS M 127 -38.95 -33.77 -30.01
CA LYS M 127 -38.55 -33.21 -31.29
C LYS M 127 -39.26 -31.88 -31.55
N THR M 128 -40.56 -31.82 -31.26
CA THR M 128 -41.32 -30.59 -31.36
C THR M 128 -41.56 -29.94 -30.01
N GLY M 129 -41.10 -30.55 -28.93
CA GLY M 129 -41.27 -29.99 -27.60
C GLY M 129 -42.66 -30.10 -27.03
N ARG M 130 -43.54 -30.88 -27.65
CA ARG M 130 -44.92 -30.98 -27.15
C ARG M 130 -44.98 -31.82 -25.89
N ARG M 131 -45.86 -31.44 -24.98
CA ARG M 131 -46.02 -32.17 -23.72
C ARG M 131 -47.47 -32.10 -23.29
N ARG M 132 -47.95 -33.21 -22.72
CA ARG M 132 -49.31 -33.27 -22.18
C ARG M 132 -49.30 -34.19 -20.97
N VAL M 133 -49.61 -33.62 -19.81
CA VAL M 133 -49.58 -34.38 -18.56
C VAL M 133 -50.68 -35.43 -18.56
N SER M 134 -50.33 -36.63 -18.10
CA SER M 134 -51.29 -37.73 -18.04
C SER M 134 -52.46 -37.38 -17.12
N LEU M 135 -53.67 -37.71 -17.56
CA LEU M 135 -54.87 -37.51 -16.76
C LEU M 135 -55.12 -38.64 -15.78
N VAL M 136 -54.36 -39.73 -15.85
CA VAL M 136 -54.51 -40.88 -14.97
C VAL M 136 -53.22 -41.04 -14.18
N LYS M 137 -53.35 -41.11 -12.86
CA LYS M 137 -52.21 -41.29 -11.97
C LYS M 137 -52.39 -42.59 -11.20
N ALA M 138 -51.44 -43.51 -11.36
CA ALA M 138 -51.47 -44.80 -10.68
C ALA M 138 -50.38 -44.83 -9.62
N SER M 139 -50.74 -45.25 -8.41
CA SER M 139 -49.81 -45.30 -7.30
C SER M 139 -49.18 -46.69 -7.20
N PHE M 140 -48.27 -46.84 -6.25
CA PHE M 140 -47.60 -48.11 -6.04
C PHE M 140 -48.55 -49.12 -5.42
N ILE M 141 -48.30 -50.40 -5.71
CA ILE M 141 -49.06 -51.49 -5.10
C ILE M 141 -48.24 -52.07 -3.96
N LEU M 142 -48.46 -51.55 -2.75
CA LEU M 142 -47.69 -51.94 -1.59
C LEU M 142 -48.51 -52.83 -0.66
N PRO M 143 -47.87 -53.78 0.02
CA PRO M 143 -48.59 -54.53 1.06
C PRO M 143 -49.06 -53.60 2.17
N THR M 144 -50.27 -53.85 2.65
CA THR M 144 -50.85 -52.96 3.65
C THR M 144 -50.10 -53.09 4.98
N GLU M 145 -50.21 -52.04 5.80
CA GLU M 145 -49.54 -52.02 7.09
C GLU M 145 -50.07 -53.11 8.01
N ASP M 146 -51.38 -53.37 7.95
CA ASP M 146 -51.98 -54.39 8.81
C ASP M 146 -51.37 -55.76 8.55
N PHE M 147 -51.26 -56.14 7.28
CA PHE M 147 -50.68 -57.44 6.94
C PHE M 147 -49.21 -57.52 7.33
N ILE M 148 -48.45 -56.45 7.08
CA ILE M 148 -47.02 -56.48 7.37
C ILE M 148 -46.75 -56.44 8.87
N LYS M 149 -47.70 -55.98 9.68
CA LYS M 149 -47.49 -55.98 11.12
C LYS M 149 -47.41 -57.40 11.68
N GLU M 150 -48.26 -58.30 11.20
CA GLU M 150 -48.26 -59.68 11.67
C GLU M 150 -47.85 -60.67 10.57
N VAL M 151 -47.10 -60.24 9.56
CA VAL M 151 -46.51 -61.20 8.64
C VAL M 151 -45.19 -61.74 9.17
N GLU M 152 -44.56 -61.04 10.12
CA GLU M 152 -43.25 -61.35 10.71
C GLU M 152 -42.23 -61.82 9.68
N GLY M 153 -42.22 -61.19 8.51
CA GLY M 153 -41.13 -61.39 7.57
C GLY M 153 -41.29 -62.55 6.60
N GLU M 154 -40.41 -63.55 6.74
CA GLU M 154 -40.28 -64.71 5.85
C GLU M 154 -40.23 -64.32 4.38
N ARG M 155 -39.85 -63.06 4.10
CA ARG M 155 -39.49 -62.57 2.77
C ARG M 155 -40.69 -62.47 1.83
N LEU M 156 -41.84 -63.01 2.24
CA LEU M 156 -43.08 -62.96 1.46
C LEU M 156 -42.88 -63.43 0.01
N ILE M 157 -41.81 -64.16 -0.26
CA ILE M 157 -41.44 -64.55 -1.62
C ILE M 157 -40.93 -65.98 -1.61
N THR M 158 -41.35 -66.77 -2.59
CA THR M 158 -40.92 -68.15 -2.73
C THR M 158 -40.38 -68.39 -4.14
N ALA M 159 -39.28 -69.14 -4.21
CA ALA M 159 -38.62 -69.42 -5.49
C ALA M 159 -39.08 -70.79 -5.99
N ILE M 160 -39.61 -70.82 -7.21
CA ILE M 160 -40.07 -72.04 -7.85
C ILE M 160 -39.31 -72.21 -9.15
N LYS M 161 -38.73 -73.40 -9.35
CA LYS M 161 -37.87 -73.65 -10.49
C LYS M 161 -38.54 -74.58 -11.50
N HIS M 162 -38.20 -74.38 -12.76
CA HIS M 162 -38.65 -75.23 -13.85
C HIS M 162 -37.49 -75.48 -14.80
N ASN M 163 -37.57 -76.58 -15.54
CA ASN M 163 -36.53 -76.99 -16.47
C ASN M 163 -37.03 -76.85 -17.91
N ARG M 164 -36.19 -77.27 -18.85
CA ARG M 164 -36.55 -77.24 -20.26
C ARG M 164 -36.57 -78.65 -20.84
N THR M 180 -28.25 -77.86 -27.42
CA THR M 180 -28.97 -78.52 -26.35
C THR M 180 -30.29 -77.81 -26.05
N ALA M 181 -30.18 -76.53 -25.67
CA ALA M 181 -31.34 -75.70 -25.34
C ALA M 181 -32.21 -76.36 -24.25
N GLN M 182 -31.57 -76.83 -23.18
CA GLN M 182 -32.24 -77.44 -22.05
C GLN M 182 -31.63 -76.84 -20.77
N MET M 183 -32.21 -75.73 -20.32
CA MET M 183 -31.71 -75.01 -19.16
C MET M 183 -32.72 -75.09 -18.02
N LEU M 184 -32.26 -74.81 -16.81
CA LEU M 184 -33.10 -74.77 -15.62
C LEU M 184 -33.14 -73.35 -15.10
N PHE M 185 -34.34 -72.79 -14.97
CA PHE M 185 -34.53 -71.44 -14.48
C PHE M 185 -35.43 -71.46 -13.24
N SER M 186 -35.52 -70.32 -12.57
CA SER M 186 -36.33 -70.17 -11.38
C SER M 186 -36.99 -68.80 -11.39
N ARG M 187 -38.18 -68.72 -10.79
CA ARG M 187 -38.93 -67.48 -10.71
C ARG M 187 -39.45 -67.28 -9.29
N GLU M 188 -39.52 -66.02 -8.88
CA GLU M 188 -40.00 -65.67 -7.55
C GLU M 188 -41.48 -65.31 -7.60
N TYR M 189 -42.25 -65.91 -6.70
CA TYR M 189 -43.69 -65.67 -6.59
C TYR M 189 -43.99 -65.09 -5.21
N ALA M 190 -44.86 -64.09 -5.17
CA ALA M 190 -45.20 -63.40 -3.94
C ALA M 190 -46.70 -63.50 -3.67
N THR M 191 -47.07 -63.21 -2.44
CA THR M 191 -48.45 -63.24 -1.99
C THR M 191 -48.69 -62.10 -1.01
N GLY M 192 -49.93 -61.97 -0.55
CA GLY M 192 -50.26 -60.96 0.44
C GLY M 192 -51.42 -60.06 0.05
N LEU M 193 -51.99 -59.36 1.03
CA LEU M 193 -53.08 -58.42 0.80
C LEU M 193 -52.48 -57.04 0.60
N TYR M 194 -52.47 -56.57 -0.65
CA TYR M 194 -51.89 -55.28 -0.97
C TYR M 194 -52.96 -54.19 -0.99
N GLY M 195 -52.50 -52.94 -1.07
CA GLY M 195 -53.38 -51.81 -1.23
C GLY M 195 -53.09 -51.09 -2.52
N PHE M 196 -54.13 -50.46 -3.07
CA PHE M 196 -53.98 -49.76 -4.35
C PHE M 196 -54.82 -48.48 -4.31
N SER M 197 -54.43 -47.53 -5.17
CA SER M 197 -55.13 -46.26 -5.30
C SER M 197 -54.79 -45.65 -6.64
N ILE M 198 -55.83 -45.30 -7.41
CA ILE M 198 -55.70 -44.67 -8.72
C ILE M 198 -56.56 -43.42 -8.75
N VAL M 199 -56.09 -42.42 -9.50
CA VAL M 199 -56.81 -41.15 -9.65
C VAL M 199 -57.04 -40.91 -11.14
N LEU M 200 -58.30 -40.68 -11.51
CA LEU M 200 -58.66 -40.40 -12.90
C LEU M 200 -59.21 -38.98 -12.96
N ASP M 201 -58.39 -38.05 -13.44
CA ASP M 201 -58.82 -36.66 -13.63
C ASP M 201 -59.47 -36.50 -15.00
N LEU M 202 -60.62 -37.16 -15.14
CA LEU M 202 -61.33 -37.24 -16.42
C LEU M 202 -62.18 -35.99 -16.66
N GLY M 203 -61.50 -34.85 -16.70
CA GLY M 203 -62.16 -33.59 -16.98
C GLY M 203 -61.44 -32.79 -18.05
N LEU M 204 -60.22 -33.18 -18.39
CA LEU M 204 -59.42 -32.51 -19.41
C LEU M 204 -59.39 -33.28 -20.71
N VAL M 205 -60.23 -34.30 -20.87
CA VAL M 205 -60.27 -35.06 -22.11
C VAL M 205 -60.80 -34.19 -23.23
N GLY M 206 -60.05 -34.10 -24.33
CA GLY M 206 -60.46 -33.25 -25.43
C GLY M 206 -60.24 -31.78 -25.20
N ILE M 207 -59.52 -31.41 -24.14
CA ILE M 207 -59.25 -30.02 -23.81
C ILE M 207 -57.74 -29.82 -23.81
N PRO M 208 -57.19 -28.95 -24.66
CA PRO M 208 -55.74 -28.76 -24.69
C PRO M 208 -55.22 -28.16 -23.40
N GLN M 209 -54.01 -28.57 -23.04
CA GLN M 209 -53.37 -28.04 -21.83
C GLN M 209 -53.00 -26.58 -21.99
N GLY M 210 -52.57 -26.19 -23.19
CA GLY M 210 -52.18 -24.80 -23.42
C GLY M 210 -53.35 -23.83 -23.29
N LEU M 211 -54.53 -24.24 -23.76
CA LEU M 211 -55.73 -23.42 -23.70
C LEU M 211 -56.83 -24.22 -23.01
N PRO M 212 -56.78 -24.34 -21.68
CA PRO M 212 -57.83 -25.09 -20.98
C PRO M 212 -59.18 -24.38 -20.97
N VAL M 213 -59.20 -23.07 -21.18
CA VAL M 213 -60.43 -22.29 -21.18
C VAL M 213 -60.45 -21.37 -22.39
N LYS M 214 -61.64 -20.91 -22.74
CA LYS M 214 -61.85 -20.00 -23.86
C LYS M 214 -62.11 -18.58 -23.42
N PHE M 215 -63.01 -18.39 -22.45
CA PHE M 215 -63.36 -17.07 -21.91
C PHE M 215 -63.83 -16.13 -23.02
N GLU M 216 -64.96 -16.52 -23.64
CA GLU M 216 -65.52 -15.73 -24.72
C GLU M 216 -66.17 -14.47 -24.19
N GLU M 217 -67.22 -14.61 -23.40
CA GLU M 217 -67.88 -13.47 -22.75
C GLU M 217 -67.42 -13.31 -21.31
N ASN M 218 -66.10 -13.22 -21.11
CA ASN M 218 -65.51 -13.04 -19.77
C ASN M 218 -66.03 -14.07 -18.78
N GLN M 219 -66.25 -15.30 -19.24
CA GLN M 219 -66.80 -16.37 -18.42
C GLN M 219 -66.00 -17.64 -18.62
N PRO M 220 -65.89 -18.47 -17.58
CA PRO M 220 -65.09 -19.70 -17.68
C PRO M 220 -65.86 -20.81 -18.39
N ARG M 221 -65.39 -21.19 -19.58
CA ARG M 221 -65.99 -22.25 -20.36
C ARG M 221 -64.89 -23.24 -20.78
N PRO M 222 -65.11 -24.54 -20.61
CA PRO M 222 -64.09 -25.50 -21.05
C PRO M 222 -63.86 -25.42 -22.55
N ASN M 223 -62.60 -25.59 -22.95
CA ASN M 223 -62.21 -25.53 -24.36
C ASN M 223 -62.14 -26.95 -24.91
N ILE M 224 -63.31 -27.48 -25.24
CA ILE M 224 -63.41 -28.82 -25.81
C ILE M 224 -63.19 -28.72 -27.31
N VAL M 225 -62.16 -29.42 -27.80
CA VAL M 225 -61.82 -29.39 -29.22
C VAL M 225 -62.40 -30.58 -29.98
N ILE M 226 -62.94 -31.58 -29.28
CA ILE M 226 -63.46 -32.77 -29.93
C ILE M 226 -64.97 -32.82 -29.78
N ASP M 227 -65.60 -33.81 -30.42
CA ASP M 227 -67.04 -33.97 -30.33
C ASP M 227 -67.44 -34.26 -28.89
N PRO M 228 -68.41 -33.52 -28.32
CA PRO M 228 -68.88 -33.87 -26.97
C PRO M 228 -69.39 -35.29 -26.85
N ASN M 229 -70.02 -35.82 -27.90
CA ASN M 229 -70.38 -37.23 -27.90
C ASN M 229 -69.13 -38.11 -27.86
N GLU M 230 -68.11 -37.74 -28.64
CA GLU M 230 -66.85 -38.46 -28.58
C GLU M 230 -66.20 -38.32 -27.22
N ARG M 231 -66.32 -37.14 -26.59
CA ARG M 231 -65.80 -36.96 -25.24
C ARG M 231 -66.50 -37.89 -24.25
N LYS M 232 -67.82 -38.00 -24.34
CA LYS M 232 -68.56 -38.90 -23.46
C LYS M 232 -68.17 -40.35 -23.70
N ALA M 233 -67.99 -40.73 -24.97
CA ALA M 233 -67.55 -42.09 -25.28
C ALA M 233 -66.17 -42.38 -24.70
N ARG M 234 -65.25 -41.42 -24.82
CA ARG M 234 -63.93 -41.59 -24.22
C ARG M 234 -64.01 -41.69 -22.70
N ILE M 235 -64.86 -40.87 -22.08
CA ILE M 235 -64.99 -40.90 -20.63
C ILE M 235 -65.52 -42.25 -20.16
N GLU M 236 -66.57 -42.75 -20.83
CA GLU M 236 -67.12 -44.04 -20.42
C GLU M 236 -66.17 -45.19 -20.71
N SER M 237 -65.40 -45.10 -21.80
CA SER M 237 -64.39 -46.11 -22.07
C SER M 237 -63.31 -46.12 -20.99
N ALA M 238 -62.87 -44.93 -20.57
CA ALA M 238 -61.88 -44.85 -19.49
C ALA M 238 -62.45 -45.40 -18.18
N LEU M 239 -63.72 -45.10 -17.90
CA LEU M 239 -64.34 -45.62 -16.69
C LEU M 239 -64.44 -47.15 -16.73
N LYS M 240 -64.81 -47.71 -17.88
CA LYS M 240 -64.91 -49.15 -18.03
C LYS M 240 -63.55 -49.83 -18.15
N ALA M 241 -62.48 -49.07 -18.38
CA ALA M 241 -61.14 -49.63 -18.44
C ALA M 241 -60.69 -50.23 -17.10
N LEU M 242 -61.39 -49.92 -16.00
CA LEU M 242 -61.06 -50.52 -14.72
C LEU M 242 -61.44 -51.99 -14.66
N ILE M 243 -62.28 -52.47 -15.59
CA ILE M 243 -62.71 -53.87 -15.57
C ILE M 243 -61.55 -54.83 -15.74
N PRO M 244 -60.67 -54.69 -16.76
CA PRO M 244 -59.50 -55.58 -16.83
C PRO M 244 -58.34 -55.05 -15.99
N MET M 245 -58.65 -54.58 -14.79
CA MET M 245 -57.64 -54.16 -13.82
C MET M 245 -57.86 -54.78 -12.45
N LEU M 246 -59.12 -54.95 -12.04
CA LEU M 246 -59.46 -55.58 -10.76
C LEU M 246 -60.10 -56.94 -10.95
N SER M 247 -59.86 -57.58 -12.10
CA SER M 247 -60.37 -58.90 -12.38
C SER M 247 -59.30 -59.97 -12.55
N GLY M 248 -58.03 -59.59 -12.69
CA GLY M 248 -56.96 -60.54 -12.86
C GLY M 248 -55.95 -60.11 -13.90
N TYR M 249 -56.35 -59.18 -14.78
CA TYR M 249 -55.48 -58.67 -15.84
C TYR M 249 -54.63 -57.52 -15.28
N ILE M 250 -53.71 -57.89 -14.40
CA ILE M 250 -52.82 -56.94 -13.74
C ILE M 250 -51.41 -57.52 -13.74
N GLY M 251 -50.42 -56.67 -13.96
CA GLY M 251 -49.04 -57.09 -13.97
C GLY M 251 -48.66 -57.81 -15.26
N ALA M 252 -47.57 -58.56 -15.17
CA ALA M 252 -47.03 -59.31 -16.31
C ALA M 252 -47.12 -60.80 -16.04
N ASN M 253 -46.59 -61.59 -16.99
CA ASN M 253 -46.54 -63.04 -16.89
C ASN M 253 -47.94 -63.63 -16.70
N LEU M 254 -48.92 -63.09 -17.44
CA LEU M 254 -50.28 -63.61 -17.34
C LEU M 254 -50.39 -65.00 -17.95
N ALA M 255 -49.55 -65.32 -18.94
CA ALA M 255 -49.65 -66.60 -19.62
C ALA M 255 -49.23 -67.75 -18.72
N ARG M 256 -48.15 -67.59 -17.95
CA ARG M 256 -47.58 -68.68 -17.19
C ARG M 256 -47.87 -68.60 -15.69
N SER M 257 -48.25 -67.44 -15.17
CA SER M 257 -48.52 -67.29 -13.74
C SER M 257 -50.00 -67.11 -13.45
N PHE M 258 -50.64 -66.11 -14.05
CA PHE M 258 -52.06 -65.82 -13.86
C PHE M 258 -52.38 -65.72 -12.37
N PRO M 259 -51.98 -64.64 -11.71
CA PRO M 259 -52.21 -64.52 -10.26
C PRO M 259 -53.69 -64.57 -9.92
N VAL M 260 -54.00 -65.23 -8.80
CA VAL M 260 -55.38 -65.31 -8.32
C VAL M 260 -55.74 -63.98 -7.69
N PHE M 261 -56.76 -63.32 -8.22
CA PHE M 261 -57.14 -61.98 -7.79
C PHE M 261 -58.51 -62.01 -7.14
N LYS M 262 -58.70 -61.16 -6.12
CA LYS M 262 -59.99 -61.03 -5.46
C LYS M 262 -60.03 -59.68 -4.76
N VAL M 263 -61.02 -58.86 -5.08
CA VAL M 263 -61.15 -57.55 -4.46
C VAL M 263 -61.68 -57.73 -3.04
N GLU M 264 -60.98 -57.15 -2.07
CA GLU M 264 -61.38 -57.26 -0.66
C GLU M 264 -62.22 -56.06 -0.22
N GLU M 265 -61.64 -54.86 -0.31
CA GLU M 265 -62.35 -53.64 0.07
C GLU M 265 -62.13 -52.59 -1.01
N LEU M 266 -63.20 -51.89 -1.37
CA LEU M 266 -63.14 -50.89 -2.44
C LEU M 266 -63.84 -49.61 -2.01
N VAL M 267 -63.20 -48.47 -2.30
CA VAL M 267 -63.77 -47.15 -2.02
C VAL M 267 -63.53 -46.27 -3.24
N ALA M 268 -64.51 -45.42 -3.55
CA ALA M 268 -64.42 -44.55 -4.69
C ALA M 268 -65.16 -43.25 -4.43
N ILE M 269 -64.55 -42.14 -4.82
CA ILE M 269 -65.16 -40.82 -4.76
C ILE M 269 -65.26 -40.25 -6.17
N ALA M 270 -66.36 -39.58 -6.45
CA ALA M 270 -66.59 -38.98 -7.76
C ALA M 270 -67.03 -37.52 -7.59
N SER M 271 -66.68 -36.70 -8.57
CA SER M 271 -67.11 -35.30 -8.56
C SER M 271 -66.96 -34.74 -9.97
N GLU M 272 -67.39 -33.48 -10.14
CA GLU M 272 -67.22 -32.77 -11.40
C GLU M 272 -66.16 -31.68 -11.34
N GLY M 273 -65.79 -31.23 -10.14
CA GLY M 273 -64.75 -30.24 -9.98
C GLY M 273 -63.52 -30.84 -9.34
N PRO M 274 -62.51 -30.01 -9.08
CA PRO M 274 -61.27 -30.52 -8.47
C PRO M 274 -61.52 -31.02 -7.05
N ILE M 275 -61.06 -32.23 -6.78
CA ILE M 275 -61.20 -32.83 -5.45
C ILE M 275 -59.88 -33.47 -5.05
N PRO M 276 -59.55 -33.53 -3.76
CA PRO M 276 -58.30 -34.18 -3.35
C PRO M 276 -58.32 -35.67 -3.60
N ALA M 277 -57.14 -36.22 -3.82
CA ALA M 277 -57.01 -37.66 -4.08
C ALA M 277 -57.28 -38.45 -2.80
N LEU M 278 -57.99 -39.57 -2.94
CA LEU M 278 -58.31 -40.41 -1.80
C LEU M 278 -57.03 -41.10 -1.31
N VAL M 279 -56.94 -41.27 0.01
CA VAL M 279 -55.69 -41.74 0.61
C VAL M 279 -55.45 -43.21 0.26
N HIS M 280 -54.18 -43.58 0.13
CA HIS M 280 -53.83 -44.95 -0.21
C HIS M 280 -54.25 -45.92 0.88
N GLY M 281 -54.52 -47.16 0.48
CA GLY M 281 -54.91 -48.21 1.39
C GLY M 281 -53.78 -48.93 2.07
N PHE M 282 -52.54 -48.46 1.87
CA PHE M 282 -51.39 -49.09 2.51
C PHE M 282 -51.46 -49.00 4.03
N TYR M 283 -52.04 -47.93 4.56
CA TYR M 283 -52.12 -47.72 5.99
C TYR M 283 -53.26 -48.51 6.60
N GLU M 284 -53.07 -48.98 7.83
CA GLU M 284 -54.09 -49.78 8.50
C GLU M 284 -55.29 -48.93 8.90
N ASP M 285 -55.08 -47.66 9.23
CA ASP M 285 -56.14 -46.77 9.67
C ASP M 285 -56.56 -45.81 8.56
N TYR M 286 -56.49 -46.28 7.32
CA TYR M 286 -56.88 -45.44 6.19
C TYR M 286 -58.38 -45.27 6.08
N ILE M 287 -59.17 -46.17 6.66
CA ILE M 287 -60.62 -46.03 6.63
C ILE M 287 -61.07 -44.86 7.51
N GLU M 288 -60.50 -44.76 8.71
CA GLU M 288 -60.85 -43.66 9.61
C GLU M 288 -60.45 -42.32 9.01
N ALA M 289 -59.26 -42.27 8.40
CA ALA M 289 -58.83 -41.04 7.72
C ALA M 289 -59.72 -40.72 6.53
N ASN M 290 -60.13 -41.75 5.78
CA ASN M 290 -61.00 -41.54 4.63
C ASN M 290 -62.35 -40.99 5.05
N ARG M 291 -62.89 -41.46 6.17
CA ARG M 291 -64.17 -40.97 6.66
C ARG M 291 -64.13 -39.46 6.83
N SER M 292 -63.10 -38.95 7.51
CA SER M 292 -62.99 -37.50 7.69
C SER M 292 -62.69 -36.79 6.39
N ILE M 293 -61.77 -37.35 5.58
CA ILE M 293 -61.35 -36.66 4.36
C ILE M 293 -62.49 -36.56 3.36
N ILE M 294 -63.50 -37.41 3.48
CA ILE M 294 -64.67 -37.35 2.62
C ILE M 294 -65.80 -36.53 3.24
N LYS M 295 -65.98 -36.63 4.56
CA LYS M 295 -67.02 -35.85 5.21
C LYS M 295 -66.73 -34.36 5.11
N ASN M 296 -65.50 -33.96 5.42
CA ASN M 296 -65.13 -32.55 5.29
C ASN M 296 -65.17 -32.10 3.82
N ALA M 297 -64.75 -32.98 2.91
CA ALA M 297 -64.77 -32.63 1.49
C ALA M 297 -66.18 -32.33 1.01
N ARG M 298 -67.15 -33.15 1.43
CA ARG M 298 -68.53 -32.84 1.09
C ARG M 298 -69.06 -31.64 1.88
N ALA M 299 -68.53 -31.41 3.07
CA ALA M 299 -68.96 -30.26 3.86
C ALA M 299 -68.59 -28.94 3.19
N LEU M 300 -67.39 -28.85 2.63
CA LEU M 300 -66.99 -27.63 1.93
C LEU M 300 -67.83 -27.35 0.71
N GLY M 301 -68.50 -28.36 0.15
CA GLY M 301 -69.41 -28.12 -0.96
C GLY M 301 -69.04 -28.85 -2.24
N PHE M 302 -68.36 -29.99 -2.11
CA PHE M 302 -67.98 -30.79 -3.26
C PHE M 302 -69.03 -31.86 -3.51
N ASN M 303 -69.61 -31.85 -4.72
CA ASN M 303 -70.62 -32.83 -5.11
C ASN M 303 -69.91 -34.15 -5.41
N ILE M 304 -69.65 -34.90 -4.35
CA ILE M 304 -68.90 -36.15 -4.43
C ILE M 304 -69.86 -37.31 -4.20
N GLU M 305 -69.92 -38.21 -5.17
CA GLU M 305 -70.65 -39.47 -5.01
C GLU M 305 -69.70 -40.51 -4.41
N VAL M 306 -70.22 -41.27 -3.44
CA VAL M 306 -69.43 -42.21 -2.67
C VAL M 306 -69.85 -43.62 -3.03
N PHE M 307 -68.90 -44.45 -3.43
CA PHE M 307 -69.15 -45.85 -3.76
C PHE M 307 -68.30 -46.72 -2.86
N THR M 308 -68.92 -47.68 -2.18
CA THR M 308 -68.24 -48.54 -1.23
C THR M 308 -68.51 -50.00 -1.55
N TYR M 309 -67.53 -50.85 -1.24
CA TYR M 309 -67.63 -52.30 -1.43
C TYR M 309 -66.93 -52.98 -0.29
N ASN M 310 -67.69 -53.75 0.50
CA ASN M 310 -67.17 -54.50 1.64
C ASN M 310 -66.45 -53.60 2.64
N VAL M 311 -67.04 -52.43 2.89
CA VAL M 311 -66.50 -51.49 3.88
C VAL M 311 -67.66 -50.66 4.42
N ASP M 312 -67.63 -50.41 5.73
CA ASP M 312 -68.65 -49.61 6.41
C ASP M 312 -67.98 -48.33 6.91
N LEU M 313 -68.35 -47.21 6.28
CA LEU M 313 -67.78 -45.91 6.62
C LEU M 313 -68.67 -45.10 7.55
N GLY M 314 -69.58 -45.75 8.27
CA GLY M 314 -70.42 -45.07 9.24
C GLY M 314 -71.66 -44.46 8.61
N GLU M 315 -72.41 -43.75 9.46
CA GLU M 315 -73.66 -43.12 9.05
C GLU M 315 -73.39 -41.67 8.66
N ASP M 316 -74.46 -40.92 8.41
CA ASP M 316 -74.40 -39.50 8.03
C ASP M 316 -73.64 -39.28 6.73
N ILE M 317 -73.48 -40.32 5.92
CA ILE M 317 -72.77 -40.23 4.64
C ILE M 317 -73.65 -40.87 3.58
N GLU M 318 -73.88 -40.14 2.49
CA GLU M 318 -74.69 -40.64 1.37
C GLU M 318 -73.79 -41.47 0.45
N ALA M 319 -73.59 -42.72 0.84
CA ALA M 319 -72.74 -43.65 0.13
C ALA M 319 -73.57 -44.82 -0.39
N THR M 320 -73.25 -45.27 -1.60
CA THR M 320 -73.90 -46.42 -2.21
C THR M 320 -72.97 -47.62 -2.12
N LYS M 321 -73.48 -48.72 -1.57
CA LYS M 321 -72.69 -49.94 -1.38
C LYS M 321 -72.78 -50.80 -2.63
N VAL M 322 -71.66 -50.97 -3.32
CA VAL M 322 -71.58 -51.79 -4.51
C VAL M 322 -70.99 -53.14 -4.15
N SER M 323 -71.34 -54.17 -4.92
CA SER M 323 -70.88 -55.53 -4.65
C SER M 323 -69.63 -55.89 -5.44
N SER M 324 -69.18 -55.05 -6.37
CA SER M 324 -68.00 -55.32 -7.17
C SER M 324 -67.58 -54.03 -7.87
N VAL M 325 -66.54 -54.13 -8.70
CA VAL M 325 -66.03 -52.95 -9.38
C VAL M 325 -66.86 -52.62 -10.62
N GLU M 326 -67.46 -53.62 -11.27
CA GLU M 326 -68.23 -53.35 -12.47
C GLU M 326 -69.49 -52.54 -12.16
N GLU M 327 -70.13 -52.79 -11.02
CA GLU M 327 -71.25 -51.95 -10.61
C GLU M 327 -70.78 -50.52 -10.37
N LEU M 328 -69.60 -50.36 -9.78
CA LEU M 328 -69.05 -49.02 -9.53
C LEU M 328 -68.79 -48.28 -10.84
N VAL M 329 -68.20 -48.96 -11.83
CA VAL M 329 -67.92 -48.28 -13.11
C VAL M 329 -69.22 -48.02 -13.86
N ALA M 330 -70.23 -48.89 -13.71
CA ALA M 330 -71.53 -48.62 -14.30
C ALA M 330 -72.15 -47.36 -13.69
N ASN M 331 -72.05 -47.22 -12.37
CA ASN M 331 -72.55 -46.01 -11.72
C ASN M 331 -71.77 -44.78 -12.19
N LEU M 332 -70.46 -44.90 -12.34
CA LEU M 332 -69.66 -43.79 -12.84
C LEU M 332 -70.07 -43.39 -14.25
N VAL M 333 -70.35 -44.38 -15.10
CA VAL M 333 -70.76 -44.09 -16.47
C VAL M 333 -72.14 -43.43 -16.48
N LYS M 334 -73.08 -43.95 -15.69
CA LYS M 334 -74.44 -43.42 -15.71
C LYS M 334 -74.53 -42.05 -15.06
N MET M 335 -73.60 -41.72 -14.15
CA MET M 335 -73.61 -40.42 -13.51
C MET M 335 -72.96 -39.33 -14.36
N VAL M 336 -72.31 -39.70 -15.46
CA VAL M 336 -71.67 -38.72 -16.33
C VAL M 336 -72.33 -38.73 -17.71
N MET N 1 -63.79 -66.15 -29.11
CA MET N 1 -64.35 -67.01 -28.08
C MET N 1 -63.44 -67.10 -26.86
N TYR N 2 -63.91 -66.57 -25.73
CA TYR N 2 -63.19 -66.60 -24.47
C TYR N 2 -63.91 -67.55 -23.52
N VAL N 3 -63.21 -68.57 -23.05
CA VAL N 3 -63.76 -69.55 -22.13
C VAL N 3 -62.86 -69.65 -20.91
N ARG N 4 -63.46 -69.68 -19.73
CA ARG N 4 -62.73 -69.80 -18.47
C ARG N 4 -63.35 -70.92 -17.65
N ILE N 5 -62.54 -71.90 -17.26
CA ILE N 5 -63.01 -73.07 -16.53
C ILE N 5 -62.23 -73.18 -15.22
N SER N 6 -62.93 -73.46 -14.13
CA SER N 6 -62.30 -73.66 -12.83
C SER N 6 -62.99 -74.82 -12.12
N GLY N 7 -62.20 -75.74 -11.57
CA GLY N 7 -62.79 -76.89 -10.94
C GLY N 7 -61.82 -77.58 -10.00
N ARG N 8 -62.27 -78.72 -9.47
CA ARG N 8 -61.49 -79.52 -8.54
C ARG N 8 -61.51 -80.98 -8.97
N ILE N 9 -60.40 -81.67 -8.73
CA ILE N 9 -60.24 -83.07 -9.12
C ILE N 9 -59.55 -83.83 -8.01
N ARG N 10 -60.01 -85.05 -7.76
CA ARG N 10 -59.37 -85.94 -6.80
C ARG N 10 -58.21 -86.63 -7.51
N LEU N 11 -57.06 -85.96 -7.50
CA LEU N 11 -55.89 -86.41 -8.25
C LEU N 11 -55.04 -87.34 -7.39
N ASN N 12 -54.52 -88.39 -8.02
CA ASN N 12 -53.65 -89.35 -7.35
C ASN N 12 -52.48 -89.68 -8.27
N ALA N 13 -51.40 -90.16 -7.67
CA ALA N 13 -50.17 -90.55 -8.38
C ALA N 13 -49.62 -89.36 -9.18
N HIS N 14 -49.23 -88.32 -8.44
CA HIS N 14 -48.69 -87.12 -9.06
C HIS N 14 -47.37 -87.41 -9.76
N SER N 15 -47.17 -86.78 -10.91
CA SER N 15 -45.95 -86.91 -11.71
C SER N 15 -45.24 -85.56 -11.83
N LEU N 16 -45.17 -84.82 -10.73
CA LEU N 16 -44.59 -83.50 -10.74
C LEU N 16 -43.06 -83.58 -10.83
N ASN N 17 -42.45 -82.40 -10.95
CA ASN N 17 -40.99 -82.29 -11.03
C ASN N 17 -40.34 -82.74 -9.72
N THR N 30 -40.89 -80.58 -7.10
CA THR N 30 -40.72 -79.18 -6.79
C THR N 30 -41.97 -78.59 -6.15
N LYS N 31 -42.17 -78.88 -4.87
CA LYS N 31 -43.30 -78.35 -4.13
C LYS N 31 -43.13 -76.84 -3.93
N THR N 32 -44.25 -76.14 -3.88
CA THR N 32 -44.28 -74.70 -3.72
C THR N 32 -45.04 -74.32 -2.47
N LYS N 33 -44.57 -73.28 -1.80
CA LYS N 33 -45.27 -72.79 -0.62
C LYS N 33 -46.59 -72.14 -1.00
N VAL N 34 -47.64 -72.50 -0.28
CA VAL N 34 -48.99 -72.03 -0.57
C VAL N 34 -49.61 -71.50 0.72
N THR N 35 -50.42 -70.45 0.59
CA THR N 35 -51.03 -69.80 1.74
C THR N 35 -52.37 -70.46 2.04
N VAL N 36 -52.46 -71.11 3.20
CA VAL N 36 -53.72 -71.67 3.68
C VAL N 36 -54.55 -70.54 4.29
N ARG N 37 -55.81 -70.82 4.61
CA ARG N 37 -56.69 -69.80 5.17
C ARG N 37 -56.10 -69.20 6.43
N THR N 38 -55.90 -70.01 7.46
CA THR N 38 -55.24 -69.64 8.73
C THR N 38 -55.62 -68.23 9.18
N GLU N 39 -56.91 -68.05 9.44
CA GLU N 39 -57.42 -66.74 9.86
C GLU N 39 -56.75 -66.26 11.14
N ASN N 40 -56.26 -67.17 11.97
CA ASN N 40 -55.54 -66.82 13.19
C ASN N 40 -54.04 -66.67 12.92
N GLY N 41 -53.70 -65.80 11.97
CA GLY N 41 -52.31 -65.58 11.60
C GLY N 41 -51.95 -66.22 10.27
N TRP N 42 -51.62 -65.40 9.28
CA TRP N 42 -51.29 -65.91 7.95
C TRP N 42 -49.98 -66.68 7.99
N THR N 43 -49.96 -67.83 7.30
CA THR N 43 -48.78 -68.67 7.22
C THR N 43 -48.81 -69.45 5.91
N VAL N 44 -47.64 -69.97 5.53
CA VAL N 44 -47.48 -70.73 4.30
C VAL N 44 -47.11 -72.17 4.66
N VAL N 45 -47.49 -73.10 3.79
CA VAL N 45 -47.19 -74.51 3.98
C VAL N 45 -46.65 -75.08 2.68
N GLU N 46 -45.81 -76.11 2.80
CA GLU N 46 -45.21 -76.77 1.65
C GLU N 46 -45.99 -78.04 1.33
N VAL N 47 -46.55 -78.11 0.13
CA VAL N 47 -47.30 -79.27 -0.33
C VAL N 47 -46.92 -79.57 -1.77
N PRO N 48 -46.70 -80.83 -2.14
CA PRO N 48 -46.43 -81.16 -3.54
C PRO N 48 -47.62 -80.77 -4.43
N ALA N 49 -47.30 -80.29 -5.63
CA ALA N 49 -48.33 -79.82 -6.55
C ALA N 49 -47.82 -79.97 -7.98
N ILE N 50 -48.78 -80.04 -8.91
CA ILE N 50 -48.47 -80.15 -10.34
C ILE N 50 -48.43 -78.75 -10.93
N THR N 51 -47.33 -78.44 -11.61
CA THR N 51 -47.17 -77.13 -12.21
C THR N 51 -48.10 -76.94 -13.40
N GLY N 52 -48.40 -75.69 -13.72
CA GLY N 52 -49.25 -75.37 -14.85
C GLY N 52 -48.62 -75.69 -16.20
N ASN N 53 -47.30 -75.82 -16.24
CA ASN N 53 -46.64 -76.19 -17.49
C ASN N 53 -47.05 -77.60 -17.92
N MET N 54 -47.21 -78.51 -16.96
CA MET N 54 -47.67 -79.86 -17.29
C MET N 54 -49.07 -79.82 -17.89
N LEU N 55 -49.96 -79.00 -17.31
CA LEU N 55 -51.31 -78.87 -17.85
C LEU N 55 -51.29 -78.26 -19.24
N LYS N 56 -50.42 -77.27 -19.47
CA LYS N 56 -50.31 -76.68 -20.80
C LYS N 56 -49.82 -77.69 -21.81
N HIS N 57 -48.83 -78.52 -21.43
CA HIS N 57 -48.35 -79.56 -22.32
C HIS N 57 -49.43 -80.59 -22.62
N TRP N 58 -50.21 -80.96 -21.60
CA TRP N 58 -51.31 -81.90 -21.83
C TRP N 58 -52.35 -81.30 -22.77
N HIS N 59 -52.67 -80.01 -22.60
CA HIS N 59 -53.61 -79.36 -23.50
C HIS N 59 -53.05 -79.32 -24.93
N PHE N 60 -51.76 -79.06 -25.07
CA PHE N 60 -51.14 -79.02 -26.39
C PHE N 60 -51.21 -80.38 -27.08
N VAL N 61 -50.88 -81.45 -26.36
CA VAL N 61 -50.89 -82.77 -26.98
C VAL N 61 -52.33 -83.19 -27.28
N GLY N 62 -53.28 -82.83 -26.42
CA GLY N 62 -54.68 -83.12 -26.72
C GLY N 62 -55.18 -82.38 -27.93
N PHE N 63 -54.79 -81.11 -28.08
CA PHE N 63 -55.18 -80.35 -29.26
C PHE N 63 -54.57 -80.95 -30.52
N VAL N 64 -53.30 -81.37 -30.45
CA VAL N 64 -52.67 -82.01 -31.60
C VAL N 64 -53.39 -83.30 -31.97
N ASP N 65 -53.74 -84.11 -30.96
CA ASP N 65 -54.44 -85.36 -31.22
C ASP N 65 -55.81 -85.12 -31.84
N TYR N 66 -56.54 -84.13 -31.33
CA TYR N 66 -57.88 -83.85 -31.85
C TYR N 66 -57.85 -83.12 -33.19
N PHE N 67 -56.73 -82.48 -33.53
CA PHE N 67 -56.62 -81.78 -34.81
C PHE N 67 -56.07 -82.67 -35.91
N LYS N 68 -55.26 -83.67 -35.57
CA LYS N 68 -54.74 -84.58 -36.59
C LYS N 68 -55.86 -85.35 -37.28
N THR N 69 -56.92 -85.71 -36.54
CA THR N 69 -58.02 -86.45 -37.13
C THR N 69 -58.86 -85.55 -38.04
N THR N 70 -58.84 -84.24 -37.82
CA THR N 70 -59.60 -83.33 -38.65
C THR N 70 -59.05 -83.30 -40.07
N PRO N 71 -59.91 -83.13 -41.08
CA PRO N 71 -59.42 -83.04 -42.46
C PRO N 71 -58.46 -81.88 -42.67
N TYR N 72 -58.63 -80.78 -41.95
CA TYR N 72 -57.74 -79.63 -42.04
C TYR N 72 -56.46 -79.81 -41.23
N GLY N 73 -56.33 -80.92 -40.49
CA GLY N 73 -55.16 -81.15 -39.68
C GLY N 73 -53.94 -81.57 -40.47
N VAL N 74 -53.49 -80.70 -41.38
CA VAL N 74 -52.29 -80.95 -42.16
C VAL N 74 -51.25 -79.90 -41.79
N ASN N 75 -51.73 -78.74 -41.33
CA ASN N 75 -50.86 -77.63 -40.95
C ASN N 75 -50.36 -77.84 -39.51
N LEU N 76 -49.49 -78.83 -39.37
CA LEU N 76 -48.92 -79.18 -38.07
C LEU N 76 -47.43 -79.42 -38.25
N THR N 77 -46.72 -79.33 -37.12
CA THR N 77 -45.26 -79.53 -37.11
C THR N 77 -44.93 -80.98 -36.79
N GLU N 78 -43.76 -81.41 -37.26
CA GLU N 78 -43.29 -82.76 -36.92
C GLU N 78 -42.99 -82.89 -35.44
N ARG N 79 -42.67 -81.78 -34.77
CA ARG N 79 -42.46 -81.84 -33.33
C ARG N 79 -43.74 -82.18 -32.59
N ALA N 80 -44.88 -81.65 -33.07
CA ALA N 80 -46.17 -81.98 -32.47
C ALA N 80 -46.52 -83.44 -32.69
N LEU N 81 -46.12 -84.01 -33.82
CA LEU N 81 -46.41 -85.42 -34.10
C LEU N 81 -45.74 -86.33 -33.08
N ARG N 82 -44.49 -86.04 -32.73
CA ARG N 82 -43.76 -86.81 -31.73
C ARG N 82 -44.01 -86.34 -30.31
N TYR N 83 -45.06 -85.53 -30.10
CA TYR N 83 -45.44 -85.00 -28.79
C TYR N 83 -44.34 -84.17 -28.16
N ASN N 84 -43.51 -83.53 -28.96
CA ASN N 84 -42.44 -82.65 -28.48
C ASN N 84 -42.97 -81.22 -28.50
N GLY N 85 -43.35 -80.71 -27.34
CA GLY N 85 -43.90 -79.37 -27.25
C GLY N 85 -42.87 -78.30 -27.01
N THR N 86 -41.68 -78.46 -27.61
CA THR N 86 -40.63 -77.45 -27.47
C THR N 86 -40.87 -76.23 -28.35
N ARG N 87 -41.69 -76.34 -29.37
CA ARG N 87 -42.04 -75.23 -30.29
C ARG N 87 -40.73 -74.72 -30.91
N PHE N 88 -40.61 -73.43 -31.17
CA PHE N 88 -39.40 -72.88 -31.75
C PHE N 88 -38.30 -72.74 -30.69
N GLY N 89 -37.06 -72.73 -31.17
CA GLY N 89 -35.91 -72.60 -30.30
C GLY N 89 -34.91 -71.60 -30.87
N GLN N 90 -33.85 -71.39 -30.11
CA GLN N 90 -32.80 -70.47 -30.54
C GLN N 90 -32.00 -71.07 -31.68
N GLY N 91 -31.80 -70.30 -32.75
CA GLY N 91 -31.02 -70.73 -33.88
C GLY N 91 -31.78 -71.40 -35.00
N GLU N 92 -33.07 -71.70 -34.80
CA GLU N 92 -33.90 -72.32 -35.83
C GLU N 92 -34.58 -71.22 -36.63
N THR N 93 -34.08 -70.97 -37.84
CA THR N 93 -34.65 -69.96 -38.72
C THR N 93 -35.81 -70.47 -39.55
N THR N 94 -36.10 -71.77 -39.50
CA THR N 94 -37.19 -72.34 -40.27
C THR N 94 -37.74 -73.55 -39.53
N ALA N 95 -38.94 -73.97 -39.93
CA ALA N 95 -39.62 -75.12 -39.34
C ALA N 95 -40.15 -76.02 -40.43
N THR N 96 -40.33 -77.29 -40.08
CA THR N 96 -40.80 -78.31 -41.01
C THR N 96 -42.23 -78.71 -40.64
N LYS N 97 -43.10 -78.77 -41.64
CA LYS N 97 -44.50 -79.12 -41.43
C LYS N 97 -44.66 -80.63 -41.27
N ALA N 98 -45.90 -81.06 -41.03
CA ALA N 98 -46.16 -82.49 -40.87
C ALA N 98 -45.90 -83.25 -42.15
N ASN N 99 -46.27 -82.68 -43.30
CA ASN N 99 -46.07 -83.33 -44.59
C ASN N 99 -44.63 -83.25 -45.09
N GLY N 100 -43.75 -82.53 -44.38
CA GLY N 100 -42.37 -82.39 -44.77
C GLY N 100 -42.02 -81.06 -45.40
N ALA N 101 -43.02 -80.23 -45.73
CA ALA N 101 -42.74 -78.92 -46.29
C ALA N 101 -42.18 -77.98 -45.23
N THR N 102 -41.42 -76.99 -45.70
CA THR N 102 -40.80 -76.00 -44.82
C THR N 102 -41.64 -74.72 -44.80
N VAL N 103 -41.45 -73.95 -43.73
CA VAL N 103 -42.14 -72.69 -43.54
C VAL N 103 -41.13 -71.61 -43.23
N GLN N 104 -41.47 -70.37 -43.59
CA GLN N 104 -40.61 -69.22 -43.38
C GLN N 104 -40.93 -68.58 -42.04
N LEU N 105 -39.91 -68.41 -41.20
CA LEU N 105 -40.07 -67.81 -39.88
C LEU N 105 -39.72 -66.33 -39.95
N ASN N 106 -40.55 -65.58 -40.68
CA ASN N 106 -40.36 -64.15 -40.82
C ASN N 106 -41.64 -63.34 -40.70
N ASP N 107 -42.79 -63.98 -40.54
CA ASP N 107 -44.05 -63.26 -40.40
C ASP N 107 -45.07 -64.17 -39.73
N GLU N 108 -45.91 -63.59 -38.88
CA GLU N 108 -46.97 -64.38 -38.24
C GLU N 108 -48.02 -64.84 -39.25
N ALA N 109 -48.28 -64.04 -40.27
CA ALA N 109 -49.30 -64.41 -41.26
C ALA N 109 -48.90 -65.67 -42.02
N THR N 110 -47.63 -65.78 -42.40
CA THR N 110 -47.15 -66.94 -43.14
C THR N 110 -46.85 -68.13 -42.25
N ILE N 111 -46.90 -67.96 -40.93
CA ILE N 111 -46.66 -69.05 -39.99
C ILE N 111 -47.97 -69.66 -39.50
N ILE N 112 -48.92 -68.81 -39.13
CA ILE N 112 -50.20 -69.31 -38.60
C ILE N 112 -50.96 -70.07 -39.67
N LYS N 113 -50.87 -69.61 -40.93
CA LYS N 113 -51.57 -70.28 -42.02
C LYS N 113 -51.04 -71.68 -42.28
N GLU N 114 -49.84 -72.00 -41.78
CA GLU N 114 -49.25 -73.32 -41.97
C GLU N 114 -48.90 -74.03 -40.67
N LEU N 115 -49.01 -73.36 -39.53
CA LEU N 115 -48.68 -73.94 -38.23
C LEU N 115 -49.86 -73.72 -37.29
N ALA N 116 -50.69 -74.74 -37.11
CA ALA N 116 -51.81 -74.64 -36.18
C ALA N 116 -51.34 -74.70 -34.74
N ASP N 117 -50.32 -75.52 -34.46
CA ASP N 117 -49.81 -75.65 -33.10
C ASP N 117 -49.14 -74.37 -32.60
N ALA N 118 -48.67 -73.52 -33.51
CA ALA N 118 -48.03 -72.27 -33.13
C ALA N 118 -49.01 -71.14 -32.91
N ASP N 119 -50.32 -71.38 -33.12
CA ASP N 119 -51.34 -70.35 -32.96
C ASP N 119 -52.04 -70.46 -31.60
N VAL N 120 -52.60 -71.62 -31.29
CA VAL N 120 -53.36 -71.79 -30.05
C VAL N 120 -52.46 -71.74 -28.82
N HIS N 121 -51.16 -71.99 -28.99
CA HIS N 121 -50.22 -71.98 -27.87
C HIS N 121 -49.06 -71.01 -28.06
N GLY N 122 -49.10 -70.19 -29.11
CA GLY N 122 -48.06 -69.20 -29.34
C GLY N 122 -46.74 -69.83 -29.74
N PHE N 123 -45.75 -68.96 -29.95
CA PHE N 123 -44.41 -69.41 -30.31
C PHE N 123 -43.43 -68.29 -30.02
N LEU N 124 -42.15 -68.64 -30.03
CA LEU N 124 -41.09 -67.66 -29.81
C LEU N 124 -39.83 -68.14 -30.51
N ALA N 125 -39.46 -67.47 -31.60
CA ALA N 125 -38.22 -67.73 -32.30
C ALA N 125 -37.27 -66.57 -32.07
N PRO N 126 -36.23 -66.73 -31.23
CA PRO N 126 -35.34 -65.60 -30.94
C PRO N 126 -34.41 -65.25 -32.09
N LYS N 127 -34.12 -66.18 -33.00
CA LYS N 127 -33.24 -65.87 -34.12
C LYS N 127 -33.83 -64.79 -35.01
N THR N 128 -35.12 -64.89 -35.31
CA THR N 128 -35.82 -63.86 -36.07
C THR N 128 -36.57 -62.88 -35.17
N GLY N 129 -36.55 -63.10 -33.86
CA GLY N 129 -37.25 -62.21 -32.94
C GLY N 129 -38.76 -62.19 -33.13
N ARG N 130 -39.36 -63.35 -33.35
CA ARG N 130 -40.80 -63.45 -33.57
C ARG N 130 -41.45 -64.03 -32.32
N ARG N 131 -42.49 -63.35 -31.83
CA ARG N 131 -43.16 -63.72 -30.60
C ARG N 131 -44.68 -63.73 -30.80
N ARG N 132 -45.33 -64.73 -30.21
CA ARG N 132 -46.79 -64.84 -30.23
C ARG N 132 -47.22 -65.46 -28.91
N VAL N 133 -47.95 -64.67 -28.10
CA VAL N 133 -48.36 -65.12 -26.78
C VAL N 133 -49.32 -66.30 -26.91
N SER N 134 -49.24 -67.22 -25.96
CA SER N 134 -50.09 -68.40 -25.99
C SER N 134 -51.55 -68.02 -25.78
N LEU N 135 -52.43 -68.66 -26.53
CA LEU N 135 -53.87 -68.45 -26.41
C LEU N 135 -54.49 -69.34 -25.35
N VAL N 136 -53.71 -70.21 -24.72
CA VAL N 136 -54.18 -71.09 -23.65
C VAL N 136 -53.39 -70.78 -22.39
N LYS N 137 -54.08 -70.48 -21.31
CA LYS N 137 -53.47 -70.15 -20.03
C LYS N 137 -53.79 -71.23 -19.03
N ALA N 138 -52.75 -71.82 -18.43
CA ALA N 138 -52.88 -72.90 -17.46
C ALA N 138 -52.39 -72.42 -16.10
N SER N 139 -53.16 -72.75 -15.06
CA SER N 139 -52.82 -72.38 -13.70
C SER N 139 -52.23 -73.58 -12.96
N PHE N 140 -51.74 -73.34 -11.75
CA PHE N 140 -51.13 -74.39 -10.96
C PHE N 140 -52.19 -75.35 -10.43
N ILE N 141 -51.81 -76.62 -10.29
CA ILE N 141 -52.69 -77.65 -9.76
C ILE N 141 -52.39 -77.72 -8.27
N LEU N 142 -53.08 -76.89 -7.49
CA LEU N 142 -52.82 -76.79 -6.07
C LEU N 142 -53.93 -77.47 -5.26
N PRO N 143 -53.61 -78.08 -4.13
CA PRO N 143 -54.65 -78.65 -3.27
C PRO N 143 -55.58 -77.56 -2.75
N THR N 144 -56.87 -77.89 -2.68
CA THR N 144 -57.86 -76.92 -2.27
C THR N 144 -57.73 -76.59 -0.79
N GLU N 145 -58.29 -75.45 -0.41
CA GLU N 145 -58.25 -75.01 0.99
C GLU N 145 -59.00 -75.99 1.89
N ASP N 146 -60.14 -76.51 1.41
CA ASP N 146 -60.89 -77.48 2.19
C ASP N 146 -60.08 -78.76 2.42
N PHE N 147 -59.37 -79.22 1.39
CA PHE N 147 -58.56 -80.42 1.53
C PHE N 147 -57.35 -80.18 2.43
N ILE N 148 -56.77 -78.98 2.38
CA ILE N 148 -55.56 -78.72 3.15
C ILE N 148 -55.87 -78.36 4.60
N LYS N 149 -57.09 -77.90 4.90
CA LYS N 149 -57.42 -77.56 6.28
C LYS N 149 -57.69 -78.80 7.14
N GLU N 150 -58.14 -79.90 6.51
CA GLU N 150 -58.43 -81.13 7.25
C GLU N 150 -57.22 -82.03 7.40
N VAL N 151 -56.11 -81.73 6.73
CA VAL N 151 -54.90 -82.54 6.84
C VAL N 151 -53.92 -81.85 7.78
N GLU N 152 -54.07 -80.53 7.93
CA GLU N 152 -53.24 -79.69 8.81
C GLU N 152 -51.77 -80.10 8.82
N GLY N 192 -56.68 -87.09 -2.39
CA GLY N 192 -55.83 -86.09 -3.03
C GLY N 192 -56.60 -85.09 -3.86
N LEU N 193 -57.23 -84.13 -3.19
CA LEU N 193 -58.02 -83.10 -3.86
C LEU N 193 -57.12 -81.96 -4.32
N TYR N 194 -57.35 -81.50 -5.55
CA TYR N 194 -56.57 -80.43 -6.14
C TYR N 194 -57.51 -79.49 -6.88
N GLY N 195 -57.09 -78.23 -7.00
CA GLY N 195 -57.86 -77.21 -7.71
C GLY N 195 -57.12 -76.79 -8.97
N PHE N 196 -57.86 -76.57 -10.05
CA PHE N 196 -57.27 -76.21 -11.33
C PHE N 196 -58.16 -75.20 -12.04
N SER N 197 -57.55 -74.46 -12.96
CA SER N 197 -58.25 -73.49 -13.77
C SER N 197 -57.54 -73.36 -15.12
N ILE N 198 -58.32 -73.26 -16.18
CA ILE N 198 -57.81 -73.14 -17.54
C ILE N 198 -58.54 -72.00 -18.24
N VAL N 199 -57.83 -71.33 -19.15
CA VAL N 199 -58.37 -70.21 -19.91
C VAL N 199 -58.10 -70.47 -21.38
N LEU N 200 -59.18 -70.58 -22.16
CA LEU N 200 -59.09 -70.74 -23.61
C LEU N 200 -59.40 -69.39 -24.24
N ASP N 201 -58.36 -68.73 -24.75
CA ASP N 201 -58.51 -67.45 -25.46
C ASP N 201 -58.51 -67.71 -26.95
N LEU N 202 -59.65 -68.19 -27.43
CA LEU N 202 -59.81 -68.57 -28.83
C LEU N 202 -60.27 -67.41 -29.71
N GLY N 203 -60.38 -66.21 -29.15
CA GLY N 203 -60.79 -65.06 -29.93
C GLY N 203 -59.73 -64.47 -30.83
N LEU N 204 -58.50 -64.97 -30.75
CA LEU N 204 -57.40 -64.50 -31.57
C LEU N 204 -56.77 -65.66 -32.33
N VAL N 205 -57.59 -66.64 -32.71
CA VAL N 205 -57.11 -67.78 -33.49
C VAL N 205 -57.03 -67.38 -34.95
N GLY N 206 -55.84 -67.46 -35.52
CA GLY N 206 -55.63 -67.07 -36.90
C GLY N 206 -55.47 -65.59 -37.13
N ILE N 207 -55.51 -64.78 -36.07
CA ILE N 207 -55.39 -63.33 -36.16
C ILE N 207 -54.04 -62.94 -35.56
N PRO N 208 -53.07 -62.51 -36.37
CA PRO N 208 -51.79 -62.09 -35.82
C PRO N 208 -51.93 -60.85 -34.95
N GLN N 209 -51.08 -60.78 -33.92
CA GLN N 209 -51.09 -59.63 -33.02
C GLN N 209 -50.57 -58.36 -33.68
N GLY N 210 -49.75 -58.49 -34.72
CA GLY N 210 -49.26 -57.31 -35.42
C GLY N 210 -50.37 -56.53 -36.11
N LEU N 211 -51.30 -57.24 -36.74
CA LEU N 211 -52.43 -56.62 -37.43
C LEU N 211 -53.71 -57.30 -36.94
N PRO N 212 -54.19 -56.93 -35.75
CA PRO N 212 -55.41 -57.58 -35.23
C PRO N 212 -56.66 -57.18 -35.99
N VAL N 213 -56.80 -55.90 -36.34
CA VAL N 213 -57.97 -55.41 -37.07
C VAL N 213 -57.47 -54.69 -38.33
N LYS N 214 -58.03 -55.07 -39.48
CA LYS N 214 -57.61 -54.45 -40.73
C LYS N 214 -58.12 -53.02 -40.86
N PHE N 215 -59.30 -52.74 -40.30
CA PHE N 215 -59.94 -51.42 -40.42
C PHE N 215 -60.13 -51.03 -41.88
N GLU N 216 -60.97 -51.82 -42.57
CA GLU N 216 -61.24 -51.57 -43.99
C GLU N 216 -61.86 -50.19 -44.19
N GLU N 217 -63.06 -49.98 -43.64
CA GLU N 217 -63.73 -48.68 -43.68
C GLU N 217 -64.13 -48.25 -42.27
N ASN N 218 -63.17 -48.34 -41.34
CA ASN N 218 -63.30 -47.81 -39.98
C ASN N 218 -64.34 -48.56 -39.15
N GLN N 219 -64.20 -49.88 -39.11
CA GLN N 219 -64.95 -50.72 -38.17
C GLN N 219 -64.04 -51.78 -37.61
N PRO N 220 -64.29 -52.24 -36.38
CA PRO N 220 -63.49 -53.33 -35.81
C PRO N 220 -63.89 -54.66 -36.43
N ARG N 221 -62.94 -55.28 -37.14
CA ARG N 221 -63.16 -56.57 -37.79
C ARG N 221 -62.00 -57.50 -37.48
N PRO N 222 -62.25 -58.81 -37.42
CA PRO N 222 -61.16 -59.77 -37.20
C PRO N 222 -60.34 -59.97 -38.46
N ASN N 223 -59.05 -59.68 -38.38
CA ASN N 223 -58.14 -59.84 -39.51
C ASN N 223 -57.81 -61.33 -39.64
N ILE N 224 -58.50 -61.99 -40.57
CA ILE N 224 -58.32 -63.42 -40.80
C ILE N 224 -57.42 -63.59 -42.02
N VAL N 225 -56.26 -64.20 -41.82
CA VAL N 225 -55.36 -64.54 -42.92
C VAL N 225 -55.50 -66.00 -43.34
N ILE N 226 -56.44 -66.73 -42.74
CA ILE N 226 -56.68 -68.13 -43.03
C ILE N 226 -58.12 -68.30 -43.47
N ASP N 227 -58.49 -69.55 -43.74
CA ASP N 227 -59.86 -69.88 -44.09
C ASP N 227 -60.74 -69.78 -42.86
N PRO N 228 -61.85 -69.02 -42.90
CA PRO N 228 -62.74 -68.97 -41.73
C PRO N 228 -63.26 -70.34 -41.32
N ASN N 229 -63.54 -71.22 -42.26
CA ASN N 229 -63.93 -72.58 -41.91
C ASN N 229 -62.81 -73.32 -41.22
N GLU N 230 -61.57 -73.14 -41.70
CA GLU N 230 -60.42 -73.77 -41.04
C GLU N 230 -60.20 -73.17 -39.66
N ARG N 231 -60.42 -71.86 -39.50
CA ARG N 231 -60.33 -71.24 -38.18
C ARG N 231 -61.37 -71.83 -37.23
N LYS N 232 -62.60 -72.02 -37.72
CA LYS N 232 -63.64 -72.62 -36.89
C LYS N 232 -63.27 -74.05 -36.52
N ALA N 233 -62.70 -74.80 -37.45
CA ALA N 233 -62.26 -76.17 -37.16
C ALA N 233 -61.17 -76.18 -36.10
N ARG N 234 -60.21 -75.25 -36.20
CA ARG N 234 -59.15 -75.17 -35.21
C ARG N 234 -59.70 -74.82 -33.83
N ILE N 235 -60.64 -73.88 -33.78
CA ILE N 235 -61.27 -73.51 -32.51
C ILE N 235 -62.02 -74.70 -31.92
N GLU N 236 -62.74 -75.43 -32.77
CA GLU N 236 -63.47 -76.61 -32.31
C GLU N 236 -62.52 -77.67 -31.76
N SER N 237 -61.40 -77.91 -32.45
CA SER N 237 -60.43 -78.88 -31.97
C SER N 237 -59.81 -78.45 -30.65
N ALA N 238 -59.47 -77.17 -30.53
CA ALA N 238 -58.90 -76.67 -29.28
C ALA N 238 -59.89 -76.81 -28.13
N LEU N 239 -61.16 -76.52 -28.39
CA LEU N 239 -62.18 -76.64 -27.34
C LEU N 239 -62.40 -78.10 -26.96
N LYS N 240 -62.41 -79.00 -27.96
CA LYS N 240 -62.62 -80.41 -27.71
C LYS N 240 -61.40 -81.10 -27.09
N ALA N 241 -60.23 -80.45 -27.14
CA ALA N 241 -59.04 -81.00 -26.50
C ALA N 241 -59.18 -81.12 -24.99
N LEU N 242 -60.27 -80.61 -24.40
CA LEU N 242 -60.49 -80.71 -22.97
C LEU N 242 -61.01 -82.07 -22.52
N ILE N 243 -61.32 -82.96 -23.47
CA ILE N 243 -61.82 -84.29 -23.10
C ILE N 243 -60.81 -85.06 -22.25
N PRO N 244 -59.53 -85.19 -22.64
CA PRO N 244 -58.57 -85.86 -21.76
C PRO N 244 -58.09 -85.00 -20.61
N MET N 245 -58.36 -83.69 -20.63
CA MET N 245 -57.90 -82.82 -19.55
C MET N 245 -58.72 -83.00 -18.28
N LEU N 246 -59.99 -83.38 -18.40
CA LEU N 246 -60.87 -83.58 -17.26
C LEU N 246 -61.16 -85.07 -17.02
N SER N 247 -60.32 -85.94 -17.56
CA SER N 247 -60.50 -87.38 -17.39
C SER N 247 -59.15 -88.09 -17.26
N PRO N 259 -53.55 -88.77 -13.26
CA PRO N 259 -53.90 -89.77 -14.27
C PRO N 259 -55.30 -90.34 -14.06
N VAL N 260 -55.62 -90.68 -12.82
CA VAL N 260 -56.93 -91.23 -12.49
C VAL N 260 -57.81 -90.21 -11.78
N PHE N 261 -57.53 -88.91 -11.97
CA PHE N 261 -58.31 -87.87 -11.32
C PHE N 261 -59.72 -87.82 -11.87
N LYS N 262 -60.68 -87.52 -11.00
CA LYS N 262 -62.07 -87.38 -11.35
C LYS N 262 -62.58 -86.01 -10.94
N VAL N 263 -63.34 -85.37 -11.82
CA VAL N 263 -63.84 -84.02 -11.57
C VAL N 263 -64.97 -84.09 -10.56
N GLU N 264 -64.81 -83.38 -9.44
CA GLU N 264 -65.84 -83.32 -8.41
C GLU N 264 -66.77 -82.13 -8.59
N GLU N 265 -66.21 -80.94 -8.72
CA GLU N 265 -66.97 -79.72 -8.96
C GLU N 265 -66.32 -78.96 -10.11
N LEU N 266 -67.14 -78.34 -10.96
CA LEU N 266 -66.59 -77.59 -12.08
C LEU N 266 -67.54 -76.47 -12.50
N VAL N 267 -66.97 -75.33 -12.87
CA VAL N 267 -67.71 -74.19 -13.38
C VAL N 267 -67.01 -73.69 -14.63
N ALA N 268 -67.77 -73.49 -15.70
CA ALA N 268 -67.24 -72.97 -16.96
C ALA N 268 -68.07 -71.77 -17.39
N ILE N 269 -67.39 -70.78 -17.98
CA ILE N 269 -68.04 -69.59 -18.52
C ILE N 269 -67.51 -69.34 -19.91
N ALA N 270 -68.42 -69.02 -20.83
CA ALA N 270 -68.07 -68.77 -22.23
C ALA N 270 -68.69 -67.46 -22.69
N SER N 271 -67.94 -66.72 -23.50
CA SER N 271 -68.45 -65.46 -24.04
C SER N 271 -67.75 -65.14 -25.36
N GLU N 272 -68.45 -64.40 -26.22
CA GLU N 272 -67.84 -63.96 -27.47
C GLU N 272 -66.86 -62.82 -27.23
N GLY N 273 -67.22 -61.87 -26.37
CA GLY N 273 -66.36 -60.75 -26.05
C GLY N 273 -65.55 -60.99 -24.79
N PRO N 274 -64.62 -60.08 -24.51
CA PRO N 274 -63.80 -60.23 -23.30
C PRO N 274 -64.65 -60.19 -22.04
N ILE N 275 -64.29 -61.03 -21.07
CA ILE N 275 -64.99 -61.11 -19.79
C ILE N 275 -63.98 -61.30 -18.68
N PRO N 276 -64.36 -60.90 -17.45
CA PRO N 276 -63.48 -61.18 -16.30
C PRO N 276 -63.28 -62.67 -16.11
N ALA N 277 -62.06 -63.04 -15.73
CA ALA N 277 -61.71 -64.44 -15.59
C ALA N 277 -62.40 -65.06 -14.39
N LEU N 278 -62.75 -66.34 -14.52
CA LEU N 278 -63.39 -67.06 -13.42
C LEU N 278 -62.40 -67.25 -12.28
N VAL N 279 -62.90 -67.14 -11.05
CA VAL N 279 -62.06 -67.28 -9.87
C VAL N 279 -61.58 -68.73 -9.78
N HIS N 280 -60.31 -68.90 -9.37
CA HIS N 280 -59.72 -70.22 -9.26
C HIS N 280 -60.45 -71.04 -8.20
N GLY N 281 -60.50 -72.35 -8.42
CA GLY N 281 -61.11 -73.28 -7.48
C GLY N 281 -60.28 -73.61 -6.27
N PHE N 282 -59.13 -72.96 -6.11
CA PHE N 282 -58.29 -73.19 -4.94
C PHE N 282 -59.01 -72.84 -3.65
N TYR N 283 -59.70 -71.70 -3.61
CA TYR N 283 -60.33 -71.25 -2.39
C TYR N 283 -61.49 -72.15 -2.01
N GLU N 284 -61.71 -72.30 -0.70
CA GLU N 284 -62.82 -73.10 -0.21
C GLU N 284 -64.16 -72.47 -0.60
N ASP N 285 -64.24 -71.14 -0.58
CA ASP N 285 -65.46 -70.42 -0.91
C ASP N 285 -65.42 -69.83 -2.31
N TYR N 286 -64.82 -70.55 -3.26
CA TYR N 286 -64.75 -70.04 -4.63
C TYR N 286 -66.10 -70.04 -5.32
N ILE N 287 -67.07 -70.82 -4.83
CA ILE N 287 -68.41 -70.84 -5.43
C ILE N 287 -69.06 -69.48 -5.30
N GLU N 288 -68.95 -68.88 -4.10
CA GLU N 288 -69.52 -67.55 -3.89
C GLU N 288 -68.84 -66.50 -4.76
N ALA N 289 -67.51 -66.58 -4.88
CA ALA N 289 -66.79 -65.63 -5.72
C ALA N 289 -67.22 -65.75 -7.18
N ASN N 290 -67.34 -66.98 -7.68
CA ASN N 290 -67.76 -67.17 -9.07
C ASN N 290 -69.18 -66.68 -9.29
N ARG N 291 -70.10 -67.03 -8.37
CA ARG N 291 -71.49 -66.62 -8.56
C ARG N 291 -71.63 -65.11 -8.50
N SER N 292 -70.88 -64.45 -7.62
CA SER N 292 -70.92 -62.99 -7.55
C SER N 292 -70.33 -62.36 -8.80
N ILE N 293 -69.16 -62.83 -9.24
CA ILE N 293 -68.51 -62.25 -10.39
C ILE N 293 -69.27 -62.53 -11.69
N ILE N 294 -70.15 -63.51 -11.69
CA ILE N 294 -71.01 -63.74 -12.85
C ILE N 294 -72.29 -62.90 -12.76
N LYS N 295 -72.96 -62.91 -11.61
CA LYS N 295 -74.21 -62.18 -11.47
C LYS N 295 -74.01 -60.69 -11.64
N ASN N 296 -72.98 -60.12 -11.02
CA ASN N 296 -72.76 -58.69 -11.10
C ASN N 296 -72.18 -58.24 -12.43
N ALA N 297 -71.53 -59.13 -13.19
CA ALA N 297 -70.95 -58.77 -14.47
C ALA N 297 -71.87 -59.08 -15.65
N ARG N 298 -72.92 -59.90 -15.45
CA ARG N 298 -73.88 -60.13 -16.53
C ARG N 298 -74.60 -58.83 -16.90
N ALA N 299 -74.91 -58.00 -15.92
CA ALA N 299 -75.56 -56.73 -16.16
C ALA N 299 -74.64 -55.69 -16.78
N LEU N 300 -73.33 -55.95 -16.84
CA LEU N 300 -72.40 -55.00 -17.43
C LEU N 300 -72.59 -54.84 -18.93
N GLY N 301 -73.12 -55.86 -19.60
CA GLY N 301 -73.35 -55.77 -21.04
C GLY N 301 -72.67 -56.85 -21.85
N PHE N 302 -72.40 -57.99 -21.21
CA PHE N 302 -71.80 -59.13 -21.89
C PHE N 302 -72.71 -60.35 -21.77
N ASN N 303 -72.77 -61.13 -22.85
CA ASN N 303 -73.56 -62.36 -22.89
C ASN N 303 -72.65 -63.50 -22.48
N ILE N 304 -72.80 -63.96 -21.24
CA ILE N 304 -71.97 -65.00 -20.65
C ILE N 304 -72.83 -66.24 -20.44
N GLU N 305 -72.36 -67.37 -20.96
CA GLU N 305 -73.03 -68.66 -20.77
C GLU N 305 -72.28 -69.45 -19.72
N VAL N 306 -73.01 -69.89 -18.69
CA VAL N 306 -72.44 -70.56 -17.53
C VAL N 306 -72.86 -72.03 -17.55
N PHE N 307 -71.89 -72.92 -17.46
CA PHE N 307 -72.12 -74.35 -17.39
C PHE N 307 -71.61 -74.87 -16.06
N THR N 308 -72.44 -75.62 -15.35
CA THR N 308 -72.09 -76.16 -14.04
C THR N 308 -72.00 -77.68 -14.11
N TYR N 309 -70.96 -78.21 -13.49
CA TYR N 309 -70.71 -79.66 -13.44
C TYR N 309 -70.68 -80.06 -11.96
N ASN N 310 -71.76 -80.71 -11.53
CA ASN N 310 -71.94 -81.20 -10.16
C ASN N 310 -71.93 -80.08 -9.12
N VAL N 311 -72.17 -78.85 -9.55
CA VAL N 311 -72.19 -77.70 -8.66
C VAL N 311 -73.43 -76.87 -8.96
N ASP N 312 -73.87 -76.11 -7.96
CA ASP N 312 -75.01 -75.21 -8.10
C ASP N 312 -74.61 -73.83 -7.61
N LEU N 313 -74.95 -72.81 -8.40
CA LEU N 313 -74.62 -71.43 -8.08
C LEU N 313 -75.73 -70.70 -7.33
N GLY N 314 -76.83 -71.39 -7.03
CA GLY N 314 -77.94 -70.77 -6.32
C GLY N 314 -79.18 -70.63 -7.18
N GLU N 315 -79.85 -69.48 -7.09
CA GLU N 315 -81.06 -69.25 -7.87
C GLU N 315 -80.95 -67.96 -8.67
N ASP N 316 -82.05 -67.55 -9.30
CA ASP N 316 -82.16 -66.35 -10.13
C ASP N 316 -80.96 -66.15 -11.04
N ILE N 317 -80.42 -67.24 -11.58
CA ILE N 317 -79.27 -67.19 -12.47
C ILE N 317 -79.47 -68.25 -13.56
N GLU N 318 -79.08 -67.90 -14.79
CA GLU N 318 -79.19 -68.80 -15.92
C GLU N 318 -77.90 -69.61 -16.05
N ALA N 319 -78.02 -70.93 -15.91
CA ALA N 319 -76.87 -71.82 -16.02
C ALA N 319 -77.34 -73.20 -16.44
N THR N 320 -76.46 -73.91 -17.14
CA THR N 320 -76.74 -75.26 -17.62
C THR N 320 -75.98 -76.27 -16.76
N LYS N 321 -76.71 -77.23 -16.20
CA LYS N 321 -76.11 -78.25 -15.34
C LYS N 321 -75.77 -79.47 -16.21
N VAL N 322 -74.50 -79.58 -16.59
CA VAL N 322 -74.04 -80.70 -17.40
C VAL N 322 -73.73 -81.88 -16.49
N SER N 323 -73.95 -83.10 -17.01
CA SER N 323 -73.69 -84.31 -16.25
C SER N 323 -72.45 -85.06 -16.72
N SER N 324 -71.93 -84.75 -17.90
CA SER N 324 -70.74 -85.41 -18.42
C SER N 324 -69.84 -84.39 -19.08
N VAL N 325 -68.55 -84.73 -19.15
CA VAL N 325 -67.58 -83.84 -19.79
C VAL N 325 -67.82 -83.77 -21.30
N GLU N 326 -68.26 -84.87 -21.91
CA GLU N 326 -68.49 -84.89 -23.36
C GLU N 326 -69.61 -83.94 -23.75
N GLU N 327 -70.74 -84.01 -23.05
CA GLU N 327 -71.84 -83.10 -23.34
C GLU N 327 -71.49 -81.66 -22.97
N LEU N 328 -70.65 -81.48 -21.94
CA LEU N 328 -70.17 -80.14 -21.60
C LEU N 328 -69.37 -79.55 -22.75
N VAL N 329 -68.46 -80.34 -23.32
CA VAL N 329 -67.66 -79.86 -24.45
C VAL N 329 -68.55 -79.62 -25.67
N ALA N 330 -69.53 -80.49 -25.89
CA ALA N 330 -70.44 -80.30 -27.02
C ALA N 330 -71.23 -79.00 -26.89
N ASN N 331 -71.73 -78.71 -25.69
CA ASN N 331 -72.46 -77.47 -25.46
C ASN N 331 -71.53 -76.26 -25.58
N LEU N 332 -70.28 -76.40 -25.12
CA LEU N 332 -69.33 -75.31 -25.20
C LEU N 332 -68.93 -75.00 -26.64
N VAL N 333 -68.91 -76.02 -27.50
CA VAL N 333 -68.49 -75.82 -28.89
C VAL N 333 -69.66 -75.50 -29.82
N LYS N 334 -70.88 -75.89 -29.46
CA LYS N 334 -72.02 -75.66 -30.34
C LYS N 334 -72.34 -74.19 -30.52
N MET N 335 -71.89 -73.33 -29.61
CA MET N 335 -72.13 -71.90 -29.72
C MET N 335 -71.20 -71.21 -30.70
N VAL N 336 -70.14 -71.88 -31.15
CA VAL N 336 -69.20 -71.29 -32.10
C VAL N 336 -68.79 -72.32 -33.14
N MET O 1 79.85 4.65 -7.11
CA MET O 1 78.67 5.14 -6.43
C MET O 1 77.71 4.00 -6.11
N ASP O 2 77.60 3.65 -4.83
CA ASP O 2 76.66 2.64 -4.38
C ASP O 2 75.37 3.31 -3.97
N ILE O 3 74.33 3.19 -4.80
CA ILE O 3 73.05 3.84 -4.56
C ILE O 3 72.14 2.88 -3.81
N LEU O 4 71.60 3.35 -2.69
CA LEU O 4 70.72 2.55 -1.85
C LEU O 4 69.28 2.75 -2.30
N LEU O 5 68.63 1.67 -2.72
CA LEU O 5 67.26 1.67 -3.19
C LEU O 5 66.36 1.02 -2.14
N VAL O 6 65.30 1.74 -1.75
CA VAL O 6 64.29 1.19 -0.84
C VAL O 6 62.92 1.59 -1.34
N CYS O 7 61.91 0.84 -0.92
CA CYS O 7 60.53 1.08 -1.29
C CYS O 7 59.71 1.35 -0.03
N LEU O 8 59.07 2.51 0.04
CA LEU O 8 58.23 2.90 1.16
C LEU O 8 56.77 2.80 0.73
N ARG O 9 56.07 1.81 1.28
CA ARG O 9 54.63 1.66 1.08
C ARG O 9 53.91 2.14 2.34
N PHE O 10 53.76 3.45 2.46
CA PHE O 10 53.02 4.00 3.59
C PHE O 10 52.05 5.07 3.09
N PRO O 11 50.83 5.09 3.63
CA PRO O 11 49.77 5.93 3.04
C PRO O 11 50.03 7.43 3.07
N PHE O 12 50.28 7.99 4.26
CA PHE O 12 50.24 9.44 4.45
C PHE O 12 51.63 9.99 4.76
N PHE O 13 51.94 11.14 4.15
CA PHE O 13 53.11 11.91 4.54
C PHE O 13 52.80 12.70 5.80
N SER O 14 53.85 13.22 6.43
CA SER O 14 53.68 13.98 7.66
C SER O 14 54.58 15.20 7.78
N VAL O 15 55.36 15.54 6.76
CA VAL O 15 56.29 16.67 6.87
C VAL O 15 55.59 17.94 6.43
N ALA O 16 55.60 18.95 7.29
CA ALA O 16 55.00 20.24 7.01
C ALA O 16 56.08 21.27 6.72
N LYS O 17 55.72 22.26 5.91
CA LYS O 17 56.65 23.31 5.52
C LYS O 17 56.68 24.38 6.61
N ARG O 18 57.35 25.50 6.34
CA ARG O 18 57.36 26.61 7.27
C ARG O 18 55.98 27.27 7.26
N SER O 19 55.13 26.86 8.19
CA SER O 19 53.71 27.21 8.12
C SER O 19 53.14 27.35 9.52
N TYR O 20 51.98 28.00 9.59
CA TYR O 20 51.25 28.17 10.84
C TYR O 20 49.76 28.15 10.53
N GLN O 21 48.96 28.05 11.60
CA GLN O 21 47.52 27.86 11.48
C GLN O 21 47.24 26.59 10.70
N VAL O 22 47.03 26.71 9.40
CA VAL O 22 46.97 25.54 8.53
C VAL O 22 48.40 25.12 8.19
N ARG O 23 48.72 23.86 8.47
CA ARG O 23 50.09 23.36 8.31
C ARG O 23 50.21 22.74 6.92
N THR O 24 50.77 23.49 5.99
CA THR O 24 50.98 23.00 4.64
C THR O 24 52.04 21.91 4.64
N SER O 25 51.72 20.77 4.03
CA SER O 25 52.61 19.62 4.02
C SER O 25 53.31 19.51 2.66
N PHE O 26 54.52 18.96 2.68
CA PHE O 26 55.28 18.77 1.46
C PHE O 26 54.60 17.73 0.56
N LEU O 27 54.62 18.00 -0.75
CA LEU O 27 54.09 17.04 -1.70
C LEU O 27 54.91 15.75 -1.69
N LEU O 28 56.24 15.88 -1.55
CA LEU O 28 57.15 14.77 -1.40
C LEU O 28 58.02 15.02 -0.18
N PRO O 29 58.44 13.96 0.53
CA PRO O 29 59.24 14.16 1.74
C PRO O 29 60.56 14.85 1.41
N PRO O 30 60.94 15.86 2.17
CA PRO O 30 62.19 16.57 1.90
C PRO O 30 63.39 15.72 2.28
N PRO O 31 64.57 16.03 1.73
CA PRO O 31 65.77 15.27 2.14
C PRO O 31 66.06 15.37 3.62
N SER O 32 65.68 16.48 4.27
CA SER O 32 65.91 16.61 5.70
C SER O 32 65.16 15.54 6.48
N ALA O 33 63.91 15.28 6.12
CA ALA O 33 63.11 14.29 6.85
C ALA O 33 63.69 12.90 6.69
N LEU O 34 64.04 12.52 5.45
CA LEU O 34 64.61 11.20 5.23
C LEU O 34 65.97 11.06 5.91
N LYS O 35 66.77 12.12 5.88
CA LYS O 35 68.06 12.11 6.58
C LYS O 35 67.86 11.91 8.07
N GLY O 36 66.89 12.61 8.66
CA GLY O 36 66.61 12.43 10.08
C GLY O 36 66.14 11.03 10.40
N ALA O 37 65.29 10.46 9.54
CA ALA O 37 64.82 9.10 9.77
C ALA O 37 65.97 8.11 9.70
N LEU O 38 66.86 8.27 8.72
CA LEU O 38 68.00 7.36 8.63
C LEU O 38 68.94 7.55 9.81
N ALA O 39 69.09 8.79 10.28
CA ALA O 39 69.90 9.03 11.47
C ALA O 39 69.30 8.34 12.68
N LYS O 40 67.97 8.38 12.81
CA LYS O 40 67.31 7.62 13.87
C LYS O 40 67.58 6.14 13.73
N GLY O 41 67.56 5.63 12.50
CA GLY O 41 67.88 4.23 12.27
C GLY O 41 69.28 3.87 12.76
N LEU O 42 70.26 4.73 12.42
CA LEU O 42 71.60 4.55 12.95
C LEU O 42 71.61 4.61 14.47
N ILE O 43 70.77 5.47 15.05
CA ILE O 43 70.75 5.64 16.49
C ILE O 43 70.30 4.35 17.18
N LEU O 44 69.19 3.77 16.74
CA LEU O 44 68.70 2.59 17.46
C LEU O 44 69.30 1.30 16.95
N LEU O 45 70.06 1.33 15.84
CA LEU O 45 70.69 0.12 15.35
C LEU O 45 72.07 -0.10 15.97
N LYS O 46 72.90 0.95 16.01
CA LYS O 46 74.24 0.89 16.60
C LYS O 46 74.37 2.05 17.57
N PRO O 47 73.85 1.91 18.79
CA PRO O 47 73.91 3.02 19.76
C PRO O 47 75.28 3.23 20.38
N GLU O 48 76.20 2.28 20.23
CA GLU O 48 77.53 2.46 20.81
C GLU O 48 78.33 3.54 20.08
N LYS O 49 78.16 3.63 18.75
CA LYS O 49 78.93 4.62 18.00
C LYS O 49 78.46 6.04 18.28
N TYR O 50 77.15 6.27 18.27
CA TYR O 50 76.57 7.58 18.52
C TYR O 50 76.05 7.62 19.95
N ALA O 51 76.72 8.37 20.81
CA ALA O 51 76.32 8.52 22.21
C ALA O 51 76.50 9.99 22.58
N SER O 52 75.43 10.63 23.04
CA SER O 52 75.44 12.04 23.39
C SER O 52 74.74 12.27 24.71
N SER O 53 75.02 13.43 25.31
CA SER O 53 74.33 13.82 26.53
C SER O 53 72.85 14.05 26.27
N SER O 54 72.50 14.64 25.13
CA SER O 54 71.12 14.89 24.77
C SER O 54 70.88 14.38 23.36
N LEU O 55 69.60 14.13 23.06
CA LEU O 55 69.24 13.57 21.77
C LEU O 55 69.60 14.49 20.60
N ASP O 56 69.63 15.81 20.83
CA ASP O 56 69.98 16.73 19.74
C ASP O 56 71.38 16.48 19.21
N GLU O 57 72.35 16.32 20.10
CA GLU O 57 73.73 16.10 19.65
C GLU O 57 73.90 14.72 19.01
N ALA O 58 73.21 13.71 19.53
CA ALA O 58 73.26 12.39 18.88
C ALA O 58 72.71 12.45 17.47
N ALA O 59 71.57 13.12 17.30
CA ALA O 59 71.01 13.29 15.97
C ALA O 59 71.95 14.07 15.06
N LEU O 60 72.56 15.13 15.60
CA LEU O 60 73.49 15.93 14.80
C LEU O 60 74.69 15.12 14.36
N LYS O 61 75.25 14.31 15.26
CA LYS O 61 76.42 13.53 14.90
C LYS O 61 76.08 12.39 13.94
N ALA O 62 74.90 11.78 14.09
CA ALA O 62 74.47 10.80 13.11
C ALA O 62 74.27 11.43 11.73
N ILE O 63 73.68 12.63 11.69
CA ILE O 63 73.50 13.33 10.42
C ILE O 63 74.85 13.67 9.82
N LYS O 64 75.79 14.12 10.65
CA LYS O 64 77.12 14.46 10.15
C LYS O 64 77.83 13.26 9.57
N GLU O 65 77.74 12.10 10.24
CA GLU O 65 78.35 10.90 9.71
C GLU O 65 77.69 10.47 8.41
N ILE O 66 76.36 10.56 8.34
CA ILE O 66 75.67 10.21 7.10
C ILE O 66 76.12 11.11 5.96
N GLU O 67 76.20 12.42 6.21
CA GLU O 67 76.64 13.35 5.18
C GLU O 67 78.11 13.14 4.83
N SER O 68 78.90 12.61 5.76
CA SER O 68 80.30 12.30 5.47
C SER O 68 80.41 11.24 4.39
N LYS O 69 79.55 10.23 4.44
CA LYS O 69 79.50 9.19 3.43
C LYS O 69 78.58 9.55 2.26
N LEU O 70 77.95 10.72 2.31
CA LEU O 70 77.10 11.19 1.22
C LEU O 70 77.97 11.80 0.12
N VAL O 71 77.40 11.86 -1.09
CA VAL O 71 78.15 12.36 -2.23
C VAL O 71 78.45 13.85 -2.08
N ASP O 72 77.47 14.63 -1.66
CA ASP O 72 77.63 16.06 -1.46
C ASP O 72 76.42 16.56 -0.66
N ILE O 73 76.27 17.88 -0.57
CA ILE O 73 75.12 18.45 0.10
C ILE O 73 73.83 18.03 -0.56
N LYS O 74 73.87 17.74 -1.87
CA LYS O 74 72.70 17.24 -2.58
C LYS O 74 72.37 15.84 -2.07
N ALA O 75 71.29 15.75 -1.29
CA ALA O 75 71.01 14.58 -0.48
C ALA O 75 70.12 13.59 -1.23
N VAL O 76 69.56 12.64 -0.48
CA VAL O 76 68.71 11.56 -0.96
C VAL O 76 67.62 12.08 -1.88
N SER O 77 67.27 11.29 -2.90
CA SER O 77 66.19 11.63 -3.82
C SER O 77 65.07 10.60 -3.69
N VAL O 78 63.91 10.94 -4.27
CA VAL O 78 62.73 10.09 -4.20
C VAL O 78 62.07 10.03 -5.57
N ALA O 79 61.28 8.97 -5.75
CA ALA O 79 60.50 8.73 -6.96
C ALA O 79 59.08 8.36 -6.56
N PRO O 80 58.08 9.17 -6.94
CA PRO O 80 56.69 8.85 -6.60
C PRO O 80 56.13 7.81 -7.57
N LEU O 81 55.92 6.60 -7.07
CA LEU O 81 55.37 5.52 -7.89
C LEU O 81 53.85 5.53 -7.93
N SER O 82 53.21 6.45 -7.21
CA SER O 82 51.77 6.55 -7.13
C SER O 82 51.36 8.00 -7.30
N PRO O 83 50.15 8.25 -7.80
CA PRO O 83 49.67 9.63 -7.85
C PRO O 83 49.57 10.26 -6.47
N LEU O 84 49.82 11.56 -6.42
CA LEU O 84 49.85 12.31 -5.17
C LEU O 84 48.58 13.15 -5.03
N ILE O 85 48.19 13.39 -3.77
CA ILE O 85 47.05 14.24 -3.45
C ILE O 85 47.35 14.97 -2.15
N ARG O 86 46.57 16.03 -1.90
CA ARG O 86 46.64 16.78 -0.65
C ARG O 86 45.41 16.43 0.17
N ASN O 87 45.61 15.66 1.24
CA ASN O 87 44.51 15.16 2.07
C ASN O 87 44.43 16.03 3.33
N ALA O 88 43.40 16.86 3.39
CA ALA O 88 43.24 17.75 4.53
C ALA O 88 42.88 16.99 5.80
N PHE O 89 43.33 17.51 6.94
CA PHE O 89 43.05 16.91 8.23
C PHE O 89 42.92 18.01 9.28
N LEU O 90 42.13 17.72 10.30
CA LEU O 90 41.91 18.65 11.41
C LEU O 90 42.49 18.06 12.69
N LEU O 91 43.32 18.83 13.39
CA LEU O 91 43.99 18.36 14.58
C LEU O 91 43.79 19.37 15.72
N LYS O 92 43.84 18.86 16.95
CA LYS O 92 43.78 19.71 18.14
C LYS O 92 45.19 20.05 18.59
N ARG O 93 45.79 21.01 17.87
CA ARG O 93 47.15 21.44 18.12
C ARG O 93 47.15 22.44 19.28
N LEU O 94 47.76 22.05 20.40
CA LEU O 94 47.83 22.97 21.51
C LEU O 94 48.89 24.04 21.25
N ARG O 95 48.71 25.20 21.87
CA ARG O 95 49.61 26.34 21.71
C ARG O 95 50.09 26.76 23.09
N ASN O 96 51.32 26.36 23.45
CA ASN O 96 51.87 26.71 24.74
C ASN O 96 53.35 27.09 24.68
N LEU O 97 53.95 27.17 23.50
CA LEU O 97 55.35 27.54 23.37
C LEU O 97 55.55 29.04 23.23
N GLU O 98 54.48 29.82 23.25
CA GLU O 98 54.55 31.26 23.10
C GLU O 98 54.53 31.94 24.46
N SER O 99 54.72 33.26 24.44
CA SER O 99 54.71 34.05 25.67
C SER O 99 53.32 34.01 26.30
N GLY O 100 53.28 33.79 27.61
CA GLY O 100 52.01 33.74 28.32
C GLY O 100 51.16 32.59 27.84
N SER O 101 49.83 32.80 27.87
CA SER O 101 48.86 31.80 27.44
C SER O 101 49.05 30.48 28.19
N ASN O 102 49.43 30.58 29.46
CA ASN O 102 49.74 29.46 30.35
C ASN O 102 50.40 28.30 29.62
N ALA O 103 49.92 27.09 29.85
CA ALA O 103 50.46 25.91 29.19
C ALA O 103 49.40 25.02 28.53
N GLU O 104 48.11 25.23 28.84
CA GLU O 104 47.03 24.44 28.25
C GLU O 104 46.18 25.40 27.40
N LYS O 105 46.57 25.59 26.16
CA LYS O 105 45.82 26.40 25.20
C LYS O 105 45.74 25.59 23.90
N SER O 106 44.70 24.78 23.77
CA SER O 106 44.52 23.89 22.64
C SER O 106 43.37 24.39 21.78
N ASP O 107 43.63 24.55 20.48
CA ASP O 107 42.61 24.95 19.53
C ASP O 107 42.76 24.11 18.27
N ALA O 108 41.64 23.88 17.59
CA ALA O 108 41.65 23.04 16.40
C ALA O 108 42.43 23.72 15.29
N MET O 109 43.35 22.98 14.67
CA MET O 109 44.15 23.49 13.58
C MET O 109 44.21 22.44 12.47
N ARG O 110 44.31 22.91 11.24
CA ARG O 110 44.35 22.04 10.08
C ARG O 110 45.79 21.71 9.71
N ARG O 111 46.05 20.43 9.43
CA ARG O 111 47.38 19.97 9.04
C ARG O 111 47.18 18.80 8.07
N GLU O 112 47.21 19.12 6.78
CA GLU O 112 46.96 18.09 5.77
C GLU O 112 48.11 17.10 5.70
N TYR O 113 47.79 15.84 5.44
CA TYR O 113 48.78 14.77 5.31
C TYR O 113 48.72 14.27 3.87
N THR O 114 49.82 14.46 3.14
CA THR O 114 49.86 14.05 1.74
C THR O 114 49.79 12.54 1.63
N PHE O 115 48.81 12.05 0.85
CA PHE O 115 48.57 10.62 0.72
C PHE O 115 49.36 10.04 -0.43
N THR O 116 49.90 8.83 -0.22
CA THR O 116 50.71 8.17 -1.24
C THR O 116 50.56 6.67 -1.10
N ARG O 117 50.21 6.01 -2.20
CA ARG O 117 50.10 4.54 -2.17
C ARG O 117 51.47 3.87 -2.16
N GLU O 118 52.42 4.38 -2.96
CA GLU O 118 53.73 3.79 -3.07
C GLU O 118 54.76 4.87 -3.38
N LEU O 119 55.96 4.72 -2.83
CA LEU O 119 57.04 5.65 -3.16
C LEU O 119 58.36 4.89 -3.06
N LEU O 120 59.37 5.43 -3.75
CA LEU O 120 60.70 4.82 -3.78
C LEU O 120 61.73 5.85 -3.33
N VAL O 121 62.71 5.41 -2.55
CA VAL O 121 63.72 6.29 -1.98
C VAL O 121 65.10 5.80 -2.42
N ALA O 122 65.92 6.74 -2.91
CA ALA O 122 67.26 6.43 -3.40
C ALA O 122 68.27 7.33 -2.69
N TYR O 123 69.10 6.72 -1.85
CA TYR O 123 70.23 7.41 -1.24
C TYR O 123 71.45 7.29 -2.15
N ILE O 124 72.18 8.40 -2.31
CA ILE O 124 73.32 8.46 -3.20
C ILE O 124 74.59 8.49 -2.36
N PHE O 125 75.40 7.44 -2.45
CA PHE O 125 76.63 7.29 -1.68
C PHE O 125 77.83 7.29 -2.62
N LYS O 126 79.01 7.16 -2.03
CA LYS O 126 80.28 7.21 -2.77
C LYS O 126 81.12 5.96 -2.48
N ASN O 127 80.49 4.80 -2.64
CA ASN O 127 81.16 3.50 -2.49
C ASN O 127 81.66 3.28 -1.06
N LEU O 128 80.72 3.24 -0.13
CA LEU O 128 81.04 2.90 1.24
C LEU O 128 81.52 1.45 1.32
N THR O 129 82.39 1.19 2.29
CA THR O 129 83.05 -0.11 2.36
C THR O 129 82.08 -1.21 2.77
N GLN O 130 82.48 -2.45 2.49
CA GLN O 130 81.58 -3.59 2.67
C GLN O 130 81.22 -3.79 4.14
N GLU O 131 82.18 -3.62 5.05
CA GLU O 131 81.90 -3.85 6.47
C GLU O 131 80.85 -2.90 7.00
N GLU O 132 80.63 -1.76 6.35
CA GLU O 132 79.54 -0.86 6.70
C GLU O 132 78.41 -0.86 5.68
N LYS O 133 78.59 -1.54 4.55
CA LYS O 133 77.50 -1.67 3.57
C LYS O 133 76.30 -2.36 4.21
N ASN O 134 76.56 -3.46 4.91
CA ASN O 134 75.48 -4.14 5.62
C ASN O 134 74.90 -3.25 6.71
N LEU O 135 75.76 -2.50 7.41
CA LEU O 135 75.29 -1.59 8.44
C LEU O 135 74.27 -0.62 7.89
N TYR O 136 74.61 0.08 6.80
CA TYR O 136 73.70 1.07 6.27
C TYR O 136 72.52 0.45 5.55
N LEU O 137 72.69 -0.76 4.99
CA LEU O 137 71.57 -1.44 4.36
C LEU O 137 70.52 -1.83 5.39
N LYS O 138 70.96 -2.33 6.55
CA LYS O 138 70.03 -2.59 7.64
C LYS O 138 69.44 -1.29 8.17
N ALA O 139 70.25 -0.23 8.24
CA ALA O 139 69.74 1.07 8.65
C ALA O 139 68.69 1.61 7.68
N ALA O 140 68.73 1.18 6.43
CA ALA O 140 67.71 1.60 5.46
C ALA O 140 66.33 1.11 5.87
N MET O 141 66.24 -0.12 6.38
CA MET O 141 64.98 -0.66 6.84
C MET O 141 64.67 -0.12 8.22
N LEU O 142 63.68 -0.73 8.89
CA LEU O 142 63.19 -0.30 10.22
C LEU O 142 62.95 1.20 10.29
N ILE O 143 62.58 1.80 9.15
CA ILE O 143 62.18 3.21 9.11
C ILE O 143 60.69 3.24 9.44
N ASP O 144 60.39 3.29 10.74
CA ASP O 144 59.02 3.12 11.20
C ASP O 144 58.15 4.35 10.98
N VAL O 145 58.72 5.54 11.13
CA VAL O 145 57.91 6.76 11.15
C VAL O 145 58.58 7.82 10.27
N ILE O 146 57.75 8.69 9.69
CA ILE O 146 58.20 9.84 8.92
C ILE O 146 57.41 11.06 9.38
N GLY O 147 57.99 12.23 9.17
CA GLY O 147 57.35 13.45 9.66
C GLY O 147 57.28 13.44 11.18
N ASP O 148 56.09 13.68 11.72
CA ASP O 148 55.88 13.54 13.15
C ASP O 148 55.49 12.11 13.48
N THR O 149 55.22 11.85 14.76
CA THR O 149 54.87 10.50 15.21
C THR O 149 53.48 10.06 14.75
N GLU O 150 52.80 10.81 13.89
CA GLU O 150 51.45 10.47 13.46
C GLU O 150 51.43 9.46 12.32
N SER O 151 52.23 9.66 11.29
CA SER O 151 52.19 8.84 10.09
C SER O 151 53.28 7.77 10.17
N LEU O 152 52.86 6.51 10.19
CA LEU O 152 53.79 5.39 10.21
C LEU O 152 54.34 5.12 8.81
N ALA O 153 55.49 4.45 8.76
CA ALA O 153 56.11 4.11 7.50
C ALA O 153 56.70 2.70 7.61
N THR O 154 56.77 2.02 6.46
CA THR O 154 57.33 0.68 6.43
C THR O 154 58.14 0.47 5.15
N PRO O 155 59.20 -0.31 5.21
CA PRO O 155 59.95 -0.64 4.01
C PRO O 155 59.38 -1.88 3.32
N VAL O 156 59.82 -2.10 2.09
CA VAL O 156 59.49 -3.29 1.32
C VAL O 156 60.73 -4.10 0.97
N TRP O 157 61.74 -3.44 0.41
CA TRP O 157 63.01 -4.08 0.11
C TRP O 157 64.12 -3.03 0.18
N ALA O 158 65.36 -3.52 0.35
CA ALA O 158 66.54 -2.66 0.39
C ALA O 158 67.63 -3.27 -0.46
N SER O 159 68.32 -2.43 -1.23
CA SER O 159 69.34 -2.93 -2.15
C SER O 159 70.38 -1.84 -2.42
N PHE O 160 71.52 -2.27 -2.96
CA PHE O 160 72.55 -1.38 -3.47
C PHE O 160 72.72 -1.64 -4.96
N VAL O 161 72.84 -0.56 -5.73
CA VAL O 161 72.93 -0.68 -7.19
C VAL O 161 73.72 0.50 -7.75
N LYS O 162 74.39 0.24 -8.86
CA LYS O 162 75.07 1.26 -9.65
C LYS O 162 74.08 1.92 -10.61
N PRO O 163 74.44 3.05 -11.21
CA PRO O 163 73.54 3.67 -12.21
C PRO O 163 73.62 3.05 -13.59
N GLU O 164 74.58 2.16 -13.85
CA GLU O 164 74.77 1.44 -15.11
C GLU O 164 74.74 2.37 -16.34
N ASP O 165 74.83 3.68 -16.13
CA ASP O 165 74.91 4.67 -17.20
C ASP O 165 73.87 4.41 -18.29
N LYS O 166 72.60 4.50 -17.88
CA LYS O 166 71.48 4.23 -18.76
C LYS O 166 70.67 5.49 -18.99
N LYS O 167 70.27 5.70 -20.24
CA LYS O 167 69.43 6.84 -20.59
C LYS O 167 67.97 6.55 -20.23
N ALA O 168 67.35 7.45 -19.49
CA ALA O 168 65.97 7.29 -19.06
C ALA O 168 65.46 8.65 -18.55
N PRO O 169 64.15 8.89 -18.63
CA PRO O 169 63.60 10.13 -18.06
C PRO O 169 63.83 10.19 -16.55
N LEU O 170 64.15 11.40 -16.07
CA LEU O 170 64.50 11.58 -14.67
C LEU O 170 63.26 11.57 -13.79
N ALA O 171 62.93 10.40 -13.24
CA ALA O 171 61.76 10.26 -12.38
C ALA O 171 62.08 10.48 -10.90
N PHE O 172 63.11 11.26 -10.61
CA PHE O 172 63.54 11.52 -9.24
C PHE O 172 63.42 13.01 -8.94
N SER O 173 63.92 13.40 -7.77
CA SER O 173 63.91 14.78 -7.31
C SER O 173 65.34 15.31 -7.31
N ALA O 174 65.55 16.46 -7.96
CA ALA O 174 66.86 17.05 -8.11
C ALA O 174 66.77 18.54 -7.87
N PRO O 175 67.85 19.17 -7.41
CA PRO O 175 67.83 20.63 -7.24
C PRO O 175 67.71 21.34 -8.59
N TYR O 176 67.03 22.49 -8.58
CA TYR O 176 66.85 23.29 -9.79
C TYR O 176 68.05 24.23 -9.98
N THR O 177 69.24 23.64 -9.92
CA THR O 177 70.47 24.40 -10.10
C THR O 177 71.23 23.89 -11.33
N GLU O 178 71.44 22.58 -11.40
CA GLU O 178 72.22 22.00 -12.49
C GLU O 178 71.31 21.46 -13.59
N ILE O 179 70.11 21.01 -13.24
CA ILE O 179 69.18 20.43 -14.20
C ILE O 179 68.42 21.54 -14.92
N TYR O 180 68.80 22.79 -14.67
CA TYR O 180 68.21 23.90 -15.40
C TYR O 180 68.32 23.71 -16.90
N SER O 181 69.43 23.15 -17.36
CA SER O 181 69.59 22.87 -18.79
C SER O 181 68.61 21.79 -19.25
N LEU O 182 68.12 20.98 -18.31
CA LEU O 182 67.16 19.91 -18.60
C LEU O 182 67.69 18.93 -19.64
N ARG O 194 54.74 22.52 -16.91
CA ARG O 194 55.17 21.13 -16.80
C ARG O 194 56.39 21.01 -15.89
N MET O 195 56.53 21.95 -14.96
CA MET O 195 57.64 21.99 -14.03
C MET O 195 57.13 22.20 -12.62
N TYR O 196 57.81 21.60 -11.66
CA TYR O 196 57.47 21.71 -10.24
C TYR O 196 58.75 21.91 -9.45
N ILE O 197 59.02 23.14 -9.03
CA ILE O 197 60.21 23.48 -8.27
C ILE O 197 59.79 24.29 -7.06
N GLU O 198 60.34 23.95 -5.90
CA GLU O 198 59.94 24.64 -4.67
C GLU O 198 60.98 24.42 -3.59
N LYS O 199 60.87 25.22 -2.52
CA LYS O 199 61.83 25.18 -1.42
C LYS O 199 61.65 23.92 -0.59
N MET O 200 62.75 23.21 -0.33
CA MET O 200 62.65 21.89 0.30
C MET O 200 63.44 21.75 1.60
N ARG O 201 64.39 22.66 1.89
CA ARG O 201 65.17 22.61 3.12
C ARG O 201 65.94 21.29 3.24
N VAL O 202 66.92 21.14 2.34
CA VAL O 202 67.68 19.90 2.25
C VAL O 202 68.38 19.59 3.56
N SER O 203 68.91 20.61 4.24
CA SER O 203 69.69 20.39 5.45
C SER O 203 68.83 20.66 6.68
N PRO O 204 68.63 19.67 7.55
CA PRO O 204 67.89 19.93 8.80
C PRO O 204 68.69 20.86 9.71
N GLU O 205 67.95 21.61 10.52
CA GLU O 205 68.54 22.61 11.41
C GLU O 205 68.61 22.07 12.84
N TYR O 206 69.70 22.39 13.53
CA TYR O 206 69.92 21.97 14.91
C TYR O 206 70.77 23.03 15.61
N SER O 207 70.12 23.87 16.41
CA SER O 207 70.82 24.92 17.12
C SER O 207 71.09 24.51 18.57
N GLN O 213 71.29 24.32 3.23
CA GLN O 213 70.25 24.68 4.20
C GLN O 213 68.89 24.75 3.53
N GLU O 214 68.77 25.65 2.55
CA GLU O 214 67.52 25.83 1.79
C GLU O 214 67.87 25.87 0.30
N GLU O 215 67.55 24.81 -0.42
CA GLU O 215 67.78 24.72 -1.85
C GLU O 215 66.48 24.43 -2.57
N ILE O 216 66.30 25.07 -3.73
CA ILE O 216 65.12 24.82 -4.54
C ILE O 216 65.26 23.48 -5.23
N PHE O 217 64.28 22.60 -5.02
CA PHE O 217 64.30 21.27 -5.60
C PHE O 217 63.19 21.10 -6.62
N TYR O 218 63.48 20.35 -7.67
CA TYR O 218 62.53 20.01 -8.72
C TYR O 218 61.81 18.72 -8.35
N LEU O 219 60.58 18.59 -8.83
CA LEU O 219 59.77 17.42 -8.54
C LEU O 219 59.16 16.85 -9.81
N PRO O 220 59.09 15.53 -9.93
CA PRO O 220 58.45 14.90 -11.11
C PRO O 220 56.95 14.72 -10.93
N ILE O 221 56.25 15.84 -10.70
CA ILE O 221 54.83 15.84 -10.40
C ILE O 221 54.13 16.90 -11.24
N GLU O 222 52.97 16.54 -11.80
CA GLU O 222 52.14 17.45 -12.58
C GLU O 222 50.70 17.33 -12.11
N GLU O 223 49.92 18.39 -12.31
CA GLU O 223 48.53 18.48 -11.88
C GLU O 223 47.56 18.17 -13.02
N ARG O 224 47.90 17.26 -13.91
CA ARG O 224 47.01 16.94 -15.02
C ARG O 224 45.77 16.22 -14.52
N ARG O 225 44.66 16.44 -15.23
CA ARG O 225 43.39 15.78 -14.93
C ARG O 225 42.98 14.97 -16.15
N TYR O 226 42.62 13.71 -15.93
CA TYR O 226 42.28 12.84 -17.05
C TYR O 226 40.79 12.98 -17.44
N LYS O 227 39.88 12.73 -16.49
CA LYS O 227 38.46 12.93 -16.76
C LYS O 227 37.86 13.99 -15.86
N ARG O 228 37.90 13.82 -14.54
CA ARG O 228 37.33 14.80 -13.62
C ARG O 228 38.29 15.19 -12.51
N ILE O 229 39.05 14.24 -11.98
CA ILE O 229 39.92 14.47 -10.83
C ILE O 229 41.34 14.71 -11.33
N VAL O 230 42.12 15.40 -10.51
CA VAL O 230 43.45 15.86 -10.91
C VAL O 230 44.57 14.98 -10.34
N TYR O 231 44.51 14.70 -9.03
CA TYR O 231 45.60 14.08 -8.29
C TYR O 231 46.95 14.65 -8.71
N TYR O 232 47.98 13.82 -8.79
CA TYR O 232 49.31 14.27 -9.20
C TYR O 232 50.05 13.09 -9.81
N ALA O 233 50.09 13.04 -11.13
CA ALA O 233 50.71 11.93 -11.86
C ALA O 233 52.18 12.25 -12.14
N ARG O 234 52.79 11.45 -13.00
CA ARG O 234 54.19 11.63 -13.36
C ARG O 234 54.37 12.86 -14.26
N ILE O 235 55.62 13.29 -14.41
CA ILE O 235 55.93 14.47 -15.19
C ILE O 235 56.42 14.16 -16.60
N TYR O 236 56.84 12.92 -16.87
CA TYR O 236 57.48 12.50 -18.12
C TYR O 236 58.50 13.55 -18.57
N PRO O 237 59.64 13.64 -17.88
CA PRO O 237 60.59 14.72 -18.14
C PRO O 237 61.56 14.33 -19.24
N PRO O 238 62.46 15.23 -19.63
CA PRO O 238 63.52 14.85 -20.57
C PRO O 238 64.41 13.75 -19.99
N GLU O 239 64.91 12.90 -20.88
CA GLU O 239 65.71 11.76 -20.47
C GLU O 239 67.08 12.21 -19.96
N VAL O 240 67.68 11.38 -19.11
CA VAL O 240 68.98 11.64 -18.52
C VAL O 240 69.84 10.40 -18.68
N GLU O 241 71.10 10.61 -19.07
CA GLU O 241 72.01 9.49 -19.33
C GLU O 241 72.33 8.69 -18.07
N LYS O 242 72.01 9.22 -16.89
CA LYS O 242 72.20 8.50 -15.63
C LYS O 242 70.85 8.09 -15.09
N ALA O 243 70.70 6.81 -14.78
CA ALA O 243 69.41 6.27 -14.37
C ALA O 243 69.64 5.07 -13.46
N LEU O 244 68.57 4.34 -13.18
CA LEU O 244 68.63 3.09 -12.43
C LEU O 244 67.35 2.32 -12.69
N THR O 245 67.47 1.00 -12.70
CA THR O 245 66.35 0.11 -13.02
C THR O 245 65.84 -0.57 -11.75
N VAL O 246 64.52 -0.58 -11.58
CA VAL O 246 63.86 -1.27 -10.48
C VAL O 246 62.64 -1.99 -11.04
N ASP O 247 62.40 -3.21 -10.56
CA ASP O 247 61.25 -4.04 -10.96
C ASP O 247 61.01 -3.99 -12.46
N GLY O 248 62.09 -3.95 -13.23
CA GLY O 248 62.02 -3.84 -14.68
C GLY O 248 62.09 -2.44 -15.26
N GLU O 249 61.28 -1.51 -14.77
CA GLU O 249 61.26 -0.18 -15.33
C GLU O 249 62.49 0.62 -14.90
N VAL O 250 62.98 1.46 -15.80
CA VAL O 250 64.18 2.26 -15.56
C VAL O 250 63.76 3.72 -15.39
N LEU O 251 64.26 4.35 -14.34
CA LEU O 251 63.97 5.74 -14.02
C LEU O 251 65.28 6.52 -13.96
N GLY O 252 65.32 7.69 -14.60
CA GLY O 252 66.49 8.52 -14.59
C GLY O 252 66.69 9.25 -13.27
N ILE O 253 67.95 9.61 -13.00
CA ILE O 253 68.32 10.28 -11.76
C ILE O 253 69.51 11.16 -12.03
N TRP O 254 69.64 12.22 -11.23
CA TRP O 254 70.74 13.17 -11.33
C TRP O 254 71.72 12.94 -10.20
N ILE O 255 73.01 12.84 -10.55
CA ILE O 255 74.07 12.73 -9.55
C ILE O 255 75.16 13.73 -9.90
N PRO O 256 75.88 14.30 -8.91
CA PRO O 256 76.95 15.25 -9.19
C PRO O 256 78.22 14.56 -9.69
N SER P 1 19.13 33.77 -52.69
CA SER P 1 17.78 34.29 -52.48
C SER P 1 17.28 33.96 -51.08
N CYS P 2 18.21 33.75 -50.15
CA CYS P 2 17.85 33.44 -48.78
C CYS P 2 17.16 34.65 -48.14
N LYS P 3 16.11 34.39 -47.36
CA LYS P 3 15.29 35.43 -46.77
C LYS P 3 15.56 35.50 -45.27
N ALA P 4 15.86 36.71 -44.78
CA ALA P 4 16.11 36.89 -43.36
C ALA P 4 14.81 36.86 -42.56
N PHE P 5 13.76 37.49 -43.09
CA PHE P 5 12.49 37.57 -42.38
C PHE P 5 11.51 36.52 -42.89
N GLN P 6 10.31 36.53 -42.31
CA GLN P 6 9.28 35.58 -42.72
C GLN P 6 8.90 35.75 -44.18
N GLY P 7 8.74 36.99 -44.63
CA GLY P 7 8.35 37.23 -46.01
C GLY P 7 9.23 38.25 -46.71
N GLN P 8 10.32 38.67 -46.07
CA GLN P 8 11.22 39.66 -46.62
C GLN P 8 12.61 39.07 -46.79
N THR P 9 13.19 39.26 -47.97
CA THR P 9 14.53 38.74 -48.24
C THR P 9 15.59 39.63 -47.58
N LEU P 10 16.79 39.07 -47.45
CA LEU P 10 17.87 39.79 -46.80
C LEU P 10 18.28 41.03 -47.61
N ARG P 11 18.33 40.91 -48.93
CA ARG P 11 18.78 41.99 -49.78
C ARG P 11 17.89 43.22 -49.64
N GLU P 12 16.58 43.03 -49.76
CA GLU P 12 15.62 44.12 -49.65
C GLU P 12 15.63 44.70 -48.23
N HIS P 13 15.78 43.83 -47.23
CA HIS P 13 15.81 44.31 -45.85
C HIS P 13 17.02 45.22 -45.63
N ILE P 14 18.19 44.83 -46.15
CA ILE P 14 19.39 45.64 -45.98
C ILE P 14 19.26 46.93 -46.78
N GLU P 15 18.65 46.87 -47.97
CA GLU P 15 18.45 48.08 -48.75
C GLU P 15 17.55 49.06 -48.02
N ALA P 16 16.46 48.55 -47.41
CA ALA P 16 15.58 49.41 -46.63
C ALA P 16 16.31 49.98 -45.42
N MET P 17 17.15 49.16 -44.77
CA MET P 17 17.91 49.63 -43.61
C MET P 17 18.82 50.79 -43.99
N LEU P 18 19.59 50.63 -45.06
CA LEU P 18 20.51 51.69 -45.47
C LEU P 18 19.75 52.91 -45.97
N ALA P 19 18.63 52.73 -46.65
CA ALA P 19 17.82 53.87 -47.06
C ALA P 19 17.29 54.62 -45.86
N ALA P 20 16.87 53.90 -44.81
CA ALA P 20 16.42 54.56 -43.59
C ALA P 20 17.55 55.34 -42.95
N TRP P 21 18.74 54.76 -42.89
CA TRP P 21 19.87 55.47 -42.31
C TRP P 21 20.36 56.63 -43.17
N GLU P 22 20.01 56.66 -44.44
CA GLU P 22 20.44 57.75 -45.32
C GLU P 22 19.97 59.10 -44.80
N ILE P 23 18.72 59.18 -44.35
CA ILE P 23 18.16 60.45 -43.87
C ILE P 23 18.49 60.72 -42.41
N VAL P 24 19.32 59.88 -41.79
CA VAL P 24 19.64 60.04 -40.37
C VAL P 24 21.10 60.42 -40.15
N LYS P 25 21.99 60.16 -41.11
CA LYS P 25 23.42 60.37 -40.89
C LYS P 25 23.74 61.81 -40.54
N ASN P 26 23.08 62.78 -41.17
CA ASN P 26 23.36 64.18 -40.89
C ASN P 26 23.01 64.56 -39.45
N LYS P 27 22.20 63.75 -38.78
CA LYS P 27 21.80 64.01 -37.40
C LYS P 27 22.68 63.30 -36.39
N TYR P 28 23.32 62.19 -36.76
CA TYR P 28 24.03 61.35 -35.79
C TYR P 28 25.53 61.27 -36.01
N ILE P 29 26.03 61.61 -37.20
CA ILE P 29 27.48 61.52 -37.44
C ILE P 29 28.27 62.44 -36.50
N PRO P 30 27.92 63.72 -36.32
CA PRO P 30 28.65 64.52 -35.33
C PRO P 30 28.54 63.97 -33.93
N SER P 31 27.41 63.37 -33.58
CA SER P 31 27.23 62.77 -32.25
C SER P 31 27.96 61.45 -32.11
N ILE P 32 28.37 60.81 -33.20
CA ILE P 32 29.04 59.53 -33.14
C ILE P 32 30.54 59.64 -33.33
N ILE P 33 31.04 60.68 -34.02
CA ILE P 33 32.47 60.89 -34.09
C ILE P 33 33.03 61.43 -32.79
N ARG P 34 32.21 62.12 -32.00
CA ARG P 34 32.67 62.64 -30.72
C ARG P 34 32.94 61.52 -29.72
N VAL P 35 32.02 60.55 -29.64
CA VAL P 35 32.18 59.47 -28.67
C VAL P 35 33.33 58.54 -29.04
N MET P 36 33.76 58.54 -30.31
CA MET P 36 34.87 57.70 -30.71
C MET P 36 36.20 58.20 -30.16
N LYS P 37 36.29 59.50 -29.87
CA LYS P 37 37.54 60.08 -29.39
C LYS P 37 37.94 59.55 -28.02
N THR P 38 36.99 59.12 -27.20
CA THR P 38 37.28 58.69 -25.84
C THR P 38 37.85 57.28 -25.77
N VAL P 39 37.77 56.50 -26.85
CA VAL P 39 38.31 55.15 -26.83
C VAL P 39 39.70 55.08 -27.48
N GLY P 40 40.09 56.10 -28.23
CA GLY P 40 41.42 56.17 -28.82
C GLY P 40 41.47 56.16 -30.34
N VAL P 41 40.34 56.17 -31.03
CA VAL P 41 40.32 56.18 -32.49
C VAL P 41 39.54 57.41 -32.95
N LYS P 42 40.11 58.15 -33.89
CA LYS P 42 39.48 59.34 -34.45
C LYS P 42 39.47 59.23 -35.96
N PHE P 43 38.36 59.61 -36.58
CA PHE P 43 38.24 59.56 -38.02
C PHE P 43 37.20 60.57 -38.49
N THR P 44 37.24 60.87 -39.78
CA THR P 44 36.41 61.91 -40.36
C THR P 44 34.96 61.44 -40.48
N GLU P 45 34.10 62.35 -40.93
CA GLU P 45 32.69 62.02 -41.11
C GLU P 45 32.49 60.96 -42.18
N GLU P 46 33.30 61.01 -43.25
CA GLU P 46 33.20 59.99 -44.28
C GLU P 46 33.56 58.63 -43.74
N ASP P 47 34.60 58.55 -42.89
CA ASP P 47 34.96 57.28 -42.28
C ASP P 47 33.86 56.77 -41.36
N ALA P 48 33.22 57.68 -40.61
CA ALA P 48 32.09 57.28 -39.78
C ALA P 48 30.95 56.74 -40.61
N ASP P 49 30.67 57.39 -41.76
CA ASP P 49 29.65 56.90 -42.67
C ASP P 49 30.01 55.50 -43.18
N LYS P 50 31.28 55.30 -43.53
CA LYS P 50 31.70 53.98 -44.00
C LYS P 50 31.54 52.92 -42.92
N PHE P 51 31.91 53.26 -41.68
CA PHE P 51 31.79 52.31 -40.58
C PHE P 51 30.33 51.96 -40.32
N MET P 52 29.46 52.96 -40.28
CA MET P 52 28.05 52.69 -40.02
C MET P 52 27.43 51.91 -41.17
N LYS P 53 27.83 52.21 -42.41
CA LYS P 53 27.32 51.43 -43.53
C LYS P 53 27.82 50.00 -43.49
N THR P 54 29.05 49.78 -43.00
CA THR P 54 29.54 48.43 -42.82
C THR P 54 28.72 47.68 -41.77
N LEU P 55 28.36 48.36 -40.69
CA LEU P 55 27.47 47.74 -39.70
C LEU P 55 26.09 47.46 -40.29
N ILE P 56 25.60 48.36 -41.13
CA ILE P 56 24.27 48.17 -41.73
C ILE P 56 24.28 46.98 -42.68
N ILE P 57 25.31 46.89 -43.54
CA ILE P 57 25.38 45.83 -44.54
C ILE P 57 25.57 44.47 -43.88
N LEU P 58 26.12 44.43 -42.67
CA LEU P 58 26.32 43.19 -41.92
C LEU P 58 25.88 43.42 -40.47
N HIS P 59 24.62 43.16 -40.20
CA HIS P 59 24.12 43.23 -38.83
C HIS P 59 23.48 41.92 -38.37
N ASP P 60 22.78 41.23 -39.26
CA ASP P 60 22.16 39.94 -38.95
C ASP P 60 22.46 39.01 -40.13
N VAL P 61 23.61 38.34 -40.08
CA VAL P 61 23.99 37.37 -41.09
C VAL P 61 23.86 35.94 -40.61
N GLY P 62 23.74 35.72 -39.30
CA GLY P 62 23.47 34.39 -38.80
C GLY P 62 22.06 33.91 -39.10
N LYS P 63 21.19 34.81 -39.57
CA LYS P 63 19.83 34.43 -39.94
C LYS P 63 19.78 33.44 -41.09
N CYS P 64 20.87 33.28 -41.84
CA CYS P 64 20.94 32.27 -42.88
C CYS P 64 22.23 31.47 -42.71
N SER P 65 22.23 30.51 -41.78
CA SER P 65 23.25 29.45 -41.72
C SER P 65 22.56 28.16 -41.26
N GLU P 66 21.91 27.47 -42.20
CA GLU P 66 21.40 26.10 -42.07
C GLU P 66 20.54 25.90 -40.82
N VAL P 67 20.28 26.97 -40.07
CA VAL P 67 19.57 26.84 -38.80
C VAL P 67 18.39 27.79 -38.73
N TYR P 68 18.65 29.10 -38.88
CA TYR P 68 17.57 30.08 -38.79
C TYR P 68 16.64 29.97 -39.99
N GLN P 69 17.20 29.74 -41.18
CA GLN P 69 16.36 29.54 -42.36
C GLN P 69 15.53 28.27 -42.23
N LYS P 70 16.12 27.20 -41.69
CA LYS P 70 15.35 25.97 -41.50
C LYS P 70 14.26 26.16 -40.47
N HIS P 71 14.55 26.88 -39.38
CA HIS P 71 13.51 27.21 -38.42
C HIS P 71 12.46 28.13 -39.03
N LEU P 72 12.89 29.13 -39.80
CA LEU P 72 11.99 30.04 -40.48
C LEU P 72 11.56 29.51 -41.84
N SER P 73 11.65 28.20 -42.05
CA SER P 73 11.24 27.61 -43.32
C SER P 73 9.72 27.62 -43.43
N ASN P 74 9.03 26.88 -42.55
CA ASN P 74 7.58 26.96 -42.48
C ASN P 74 7.10 27.43 -41.11
N ASN P 75 7.40 26.69 -40.03
CA ASN P 75 6.93 27.10 -38.72
C ASN P 75 7.88 26.76 -37.59
N GLU P 76 9.09 26.26 -37.86
CA GLU P 76 9.89 25.66 -36.82
C GLU P 76 10.31 26.70 -35.78
N PRO P 77 10.22 26.39 -34.50
CA PRO P 77 10.60 27.36 -33.47
C PRO P 77 12.09 27.61 -33.46
N LEU P 78 12.46 28.82 -33.01
CA LEU P 78 13.87 29.19 -32.93
C LEU P 78 14.60 28.41 -31.84
N ARG P 79 13.87 28.00 -30.79
CA ARG P 79 14.45 27.29 -29.66
C ARG P 79 15.57 28.11 -29.00
N GLY P 80 15.40 29.42 -28.98
CA GLY P 80 16.34 30.30 -28.30
C GLY P 80 17.74 30.29 -28.87
N PHE P 81 17.87 30.32 -30.20
CA PHE P 81 19.16 30.40 -30.86
C PHE P 81 19.45 31.84 -31.24
N ARG P 82 20.64 32.32 -30.87
CA ARG P 82 21.04 33.70 -31.13
C ARG P 82 21.91 33.71 -32.38
N HIS P 83 21.29 33.96 -33.53
CA HIS P 83 22.02 34.00 -34.79
C HIS P 83 23.06 35.12 -34.78
N GLU P 84 22.67 36.30 -34.28
CA GLU P 84 23.53 37.47 -34.34
C GLU P 84 24.85 37.24 -33.63
N LEU P 85 24.90 36.29 -32.70
CA LEU P 85 26.15 35.99 -32.00
C LEU P 85 27.27 35.62 -32.97
N VAL P 86 26.94 34.93 -34.07
CA VAL P 86 27.99 34.60 -35.03
C VAL P 86 28.31 35.77 -35.94
N SER P 87 27.38 36.72 -36.09
CA SER P 87 27.60 37.85 -37.01
C SER P 87 28.82 38.65 -36.59
N ALA P 88 28.99 38.87 -35.29
CA ALA P 88 30.17 39.59 -34.80
C ALA P 88 31.45 38.91 -35.27
N TYR P 89 31.45 37.57 -35.30
CA TYR P 89 32.63 36.84 -35.76
C TYR P 89 33.05 37.29 -37.16
N TYR P 90 32.07 37.54 -38.03
CA TYR P 90 32.38 38.11 -39.33
C TYR P 90 32.90 39.53 -39.18
N ALA P 91 32.21 40.36 -38.41
CA ALA P 91 32.56 41.77 -38.31
C ALA P 91 33.98 41.96 -37.81
N TYR P 92 34.33 41.27 -36.71
CA TYR P 92 35.69 41.36 -36.19
C TYR P 92 36.70 40.94 -37.24
N ASN P 93 36.36 39.94 -38.05
CA ASN P 93 37.25 39.55 -39.14
C ASN P 93 37.17 40.51 -40.31
N ILE P 94 35.99 41.10 -40.56
CA ILE P 94 35.83 41.96 -41.73
C ILE P 94 36.33 43.38 -41.42
N LEU P 95 35.84 43.97 -40.32
CA LEU P 95 36.21 45.33 -40.00
C LEU P 95 37.71 45.48 -39.83
N LYS P 96 38.39 44.44 -39.34
CA LYS P 96 39.84 44.48 -39.20
C LYS P 96 40.51 44.79 -40.54
N ASP P 97 39.99 44.21 -41.63
CA ASP P 97 40.52 44.53 -42.94
C ASP P 97 40.06 45.88 -43.45
N MET P 98 38.88 46.34 -43.01
CA MET P 98 38.33 47.59 -43.56
C MET P 98 39.09 48.80 -43.06
N PHE P 99 39.52 48.80 -41.80
CA PHE P 99 40.13 49.97 -41.21
C PHE P 99 41.58 49.77 -40.79
N LYS P 100 42.11 48.56 -40.91
CA LYS P 100 43.51 48.26 -40.54
C LYS P 100 43.79 48.63 -39.10
N ASP P 101 42.81 48.43 -38.23
CA ASP P 101 42.94 48.74 -36.81
C ASP P 101 42.21 47.69 -35.99
N GLU P 102 42.68 47.49 -34.76
CA GLU P 102 42.16 46.43 -33.90
C GLU P 102 40.96 46.87 -33.07
N THR P 103 41.09 48.01 -32.36
CA THR P 103 40.04 48.39 -31.43
C THR P 103 38.75 48.79 -32.14
N ILE P 104 38.86 49.39 -33.33
CA ILE P 104 37.64 49.77 -34.05
C ILE P 104 36.90 48.52 -34.52
N ALA P 105 37.62 47.51 -34.99
CA ALA P 105 36.99 46.26 -35.37
C ALA P 105 36.37 45.57 -34.16
N PHE P 106 37.08 45.60 -33.03
CA PHE P 106 36.56 45.00 -31.81
C PHE P 106 35.26 45.67 -31.38
N ILE P 107 35.22 46.99 -31.39
CA ILE P 107 34.02 47.69 -30.95
C ILE P 107 32.89 47.52 -31.95
N GLY P 108 33.21 47.45 -33.25
CA GLY P 108 32.16 47.18 -34.22
C GLY P 108 31.55 45.80 -34.05
N ALA P 109 32.39 44.78 -33.84
CA ALA P 109 31.87 43.46 -33.58
C ALA P 109 31.06 43.43 -32.29
N LEU P 110 31.53 44.15 -31.27
CA LEU P 110 30.79 44.19 -30.01
C LEU P 110 29.42 44.82 -30.19
N VAL P 111 29.35 45.93 -30.93
CA VAL P 111 28.07 46.61 -31.09
C VAL P 111 27.12 45.80 -31.97
N VAL P 112 27.64 45.15 -33.01
CA VAL P 112 26.76 44.31 -33.81
C VAL P 112 26.31 43.08 -33.03
N MET P 113 27.10 42.64 -32.05
CA MET P 113 26.64 41.61 -31.13
C MET P 113 25.69 42.16 -30.09
N MET P 114 25.67 43.48 -29.88
CA MET P 114 24.92 44.06 -28.78
C MET P 114 23.42 44.12 -29.02
N HIS P 115 23.00 44.21 -30.28
CA HIS P 115 21.58 44.42 -30.57
C HIS P 115 20.82 43.10 -30.41
N HIS P 116 19.57 43.08 -30.90
CA HIS P 116 18.65 41.96 -30.69
C HIS P 116 18.39 41.77 -29.21
N GLU P 117 18.99 40.75 -28.61
CA GLU P 117 18.82 40.49 -27.18
C GLU P 117 20.19 40.32 -26.53
N PRO P 118 20.50 41.10 -25.50
CA PRO P 118 21.80 40.96 -24.83
C PRO P 118 21.88 39.66 -24.04
N ILE P 119 23.11 39.20 -23.84
CA ILE P 119 23.37 38.02 -23.03
C ILE P 119 23.65 38.48 -21.61
N LEU P 120 22.80 38.07 -20.67
CA LEU P 120 22.94 38.48 -19.27
C LEU P 120 23.90 37.52 -18.59
N MET P 121 25.13 37.99 -18.35
CA MET P 121 26.16 37.18 -17.72
C MET P 121 26.74 37.92 -16.53
N GLY P 122 26.82 37.22 -15.40
CA GLY P 122 27.42 37.77 -14.19
C GLY P 122 26.39 38.30 -13.21
N GLN P 123 26.06 37.49 -12.20
CA GLN P 123 25.07 37.81 -11.17
C GLN P 123 23.67 37.96 -11.75
N ILE P 124 22.66 37.49 -11.02
CA ILE P 124 21.29 37.52 -11.51
C ILE P 124 20.35 37.32 -10.32
N ARG P 125 19.14 37.85 -10.45
CA ARG P 125 18.10 37.56 -9.48
C ARG P 125 17.58 36.14 -9.70
N SER P 126 16.94 35.58 -8.67
CA SER P 126 16.52 34.19 -8.70
C SER P 126 15.24 34.04 -9.51
N LEU P 127 15.25 34.55 -10.75
CA LEU P 127 14.16 34.32 -11.71
C LEU P 127 14.59 34.79 -13.10
N ASP P 128 14.26 33.99 -14.11
CA ASP P 128 14.51 34.39 -15.50
C ASP P 128 13.59 33.63 -16.44
N LYS P 129 12.53 34.27 -16.90
CA LYS P 129 11.63 33.64 -17.86
C LYS P 129 12.04 33.97 -19.29
N GLU P 130 13.32 33.79 -19.61
CA GLU P 130 13.86 34.13 -20.92
C GLU P 130 15.00 33.17 -21.24
N GLU P 131 15.58 33.35 -22.43
CA GLU P 131 16.75 32.60 -22.86
C GLU P 131 17.99 33.49 -22.95
N LEU P 132 17.99 34.62 -22.25
CA LEU P 132 19.09 35.58 -22.30
C LEU P 132 20.38 35.02 -21.71
N THR P 133 20.31 33.94 -20.95
CA THR P 133 21.46 33.43 -20.24
C THR P 133 22.48 32.81 -21.21
N PRO P 134 23.77 32.88 -20.86
CA PRO P 134 24.78 32.28 -21.76
C PRO P 134 24.80 30.76 -21.73
N GLU P 135 24.35 30.15 -20.64
CA GLU P 135 24.45 28.70 -20.51
C GLU P 135 23.62 27.95 -21.54
N VAL P 136 22.57 28.58 -22.07
CA VAL P 136 21.75 27.97 -23.11
C VAL P 136 22.19 28.41 -24.50
N VAL P 137 22.64 29.65 -24.65
CA VAL P 137 23.09 30.10 -25.96
C VAL P 137 24.37 29.38 -26.37
N LEU P 138 25.24 29.06 -25.41
CA LEU P 138 26.43 28.29 -25.76
C LEU P 138 26.06 26.90 -26.26
N ASP P 139 25.10 26.25 -25.59
CA ASP P 139 24.65 24.94 -26.04
C ASP P 139 24.02 25.01 -27.41
N LYS P 140 23.22 26.06 -27.66
CA LYS P 140 22.62 26.22 -28.99
C LYS P 140 23.68 26.44 -30.05
N LEU P 141 24.70 27.24 -29.75
CA LEU P 141 25.76 27.50 -30.70
C LEU P 141 26.65 26.28 -30.91
N ARG P 142 26.63 25.33 -29.97
CA ARG P 142 27.37 24.09 -30.17
C ARG P 142 26.91 23.34 -31.42
N THR P 143 25.70 23.62 -31.92
CA THR P 143 25.17 23.00 -33.11
C THR P 143 25.51 23.77 -34.38
N PHE P 144 26.39 24.77 -34.30
CA PHE P 144 26.73 25.58 -35.46
C PHE P 144 27.59 24.81 -36.45
N ASN P 145 26.95 24.20 -37.44
CA ASN P 145 27.67 23.39 -38.44
C ASN P 145 28.12 24.27 -39.60
N GLY P 146 28.94 25.27 -39.27
CA GLY P 146 29.42 26.20 -40.28
C GLY P 146 28.31 27.11 -40.78
N VAL P 147 28.49 27.58 -42.03
CA VAL P 147 27.55 28.47 -42.67
C VAL P 147 27.26 27.94 -44.07
N MET P 148 26.09 28.29 -44.60
CA MET P 148 25.74 27.88 -45.94
C MET P 148 26.64 28.57 -46.96
N GLU P 149 26.82 27.92 -48.11
CA GLU P 149 27.81 28.36 -49.08
C GLU P 149 27.49 29.76 -49.61
N GLY P 150 26.22 30.03 -49.89
CA GLY P 150 25.84 31.28 -50.53
C GLY P 150 26.27 32.53 -49.78
N THR P 151 26.43 32.43 -48.47
CA THR P 151 26.86 33.60 -47.69
C THR P 151 28.27 34.03 -48.05
N GLU P 152 29.15 33.08 -48.39
CA GLU P 152 30.56 33.42 -48.60
C GLU P 152 30.72 34.48 -49.68
N SER P 153 30.08 34.29 -50.83
CA SER P 153 30.07 35.29 -51.87
C SER P 153 29.05 36.39 -51.61
N PHE P 154 28.07 36.14 -50.72
CA PHE P 154 27.02 37.13 -50.47
C PHE P 154 27.62 38.44 -49.98
N ILE P 155 28.49 38.36 -48.97
CA ILE P 155 29.20 39.55 -48.50
C ILE P 155 30.05 40.12 -49.63
N LYS P 156 30.63 39.24 -50.45
CA LYS P 156 31.40 39.71 -51.61
C LYS P 156 30.52 40.52 -52.55
N SER P 157 29.23 40.22 -52.61
CA SER P 157 28.30 41.00 -53.41
C SER P 157 27.61 42.10 -52.63
N MET P 158 27.93 42.26 -51.34
CA MET P 158 27.29 43.26 -50.50
C MET P 158 28.12 44.52 -50.32
N ILE P 159 29.35 44.38 -49.80
CA ILE P 159 30.18 45.56 -49.58
C ILE P 159 30.64 46.16 -50.90
N LYS P 160 30.90 45.32 -51.90
CA LYS P 160 31.36 45.82 -53.19
C LYS P 160 30.27 46.60 -53.92
N GLU P 161 29.01 46.19 -53.79
CA GLU P 161 27.94 46.81 -54.55
C GLU P 161 27.56 48.18 -54.01
N LYS P 162 27.89 48.47 -52.75
CA LYS P 162 27.48 49.74 -52.17
C LYS P 162 28.58 50.81 -52.28
N LEU P 163 29.74 50.57 -51.68
CA LEU P 163 30.88 51.46 -51.82
C LEU P 163 32.07 50.79 -52.48
N GLY P 164 32.59 49.72 -51.90
CA GLY P 164 33.74 49.03 -52.45
C GLY P 164 35.03 49.51 -51.82
N VAL P 165 35.60 48.74 -50.91
CA VAL P 165 36.87 49.08 -50.29
C VAL P 165 37.84 47.92 -50.46
N ILE P 166 37.49 46.78 -49.87
CA ILE P 166 38.28 45.55 -50.01
C ILE P 166 37.41 44.35 -49.66
N PRO P 167 37.31 43.35 -50.52
CA PRO P 167 36.54 42.14 -50.18
C PRO P 167 37.38 41.19 -49.34
N LYS P 168 36.80 40.70 -48.24
CA LYS P 168 37.47 39.73 -47.40
C LYS P 168 36.44 39.05 -46.52
N VAL P 169 36.44 37.71 -46.53
CA VAL P 169 35.53 36.93 -45.71
C VAL P 169 36.31 35.82 -45.03
N PRO P 170 36.07 35.55 -43.75
CA PRO P 170 36.73 34.44 -43.08
C PRO P 170 36.02 33.11 -43.39
N SER P 171 36.48 32.06 -42.74
CA SER P 171 35.90 30.73 -42.87
C SER P 171 35.44 30.24 -41.50
N PRO P 172 34.21 30.51 -41.11
CA PRO P 172 33.77 30.12 -39.76
C PRO P 172 33.77 28.62 -39.56
N THR P 173 34.14 28.20 -38.35
CA THR P 173 34.06 26.80 -37.94
C THR P 173 33.28 26.72 -36.64
N GLN P 174 33.31 25.54 -36.00
CA GLN P 174 32.61 25.40 -34.72
C GLN P 174 33.35 26.08 -33.60
N GLU P 175 34.68 26.00 -33.60
CA GLU P 175 35.47 26.46 -32.45
C GLU P 175 35.96 27.89 -32.59
N ASP P 176 36.22 28.36 -33.81
CA ASP P 176 36.73 29.72 -33.98
C ASP P 176 35.70 30.75 -33.55
N VAL P 177 34.42 30.51 -33.86
CA VAL P 177 33.38 31.44 -33.45
C VAL P 177 33.27 31.49 -31.94
N LEU P 178 33.35 30.33 -31.28
CA LEU P 178 33.33 30.31 -29.82
C LEU P 178 34.50 31.09 -29.25
N ARG P 179 35.70 30.86 -29.78
CA ARG P 179 36.87 31.55 -29.27
C ARG P 179 36.74 33.06 -29.45
N GLU P 180 36.28 33.48 -30.63
CA GLU P 180 36.15 34.91 -30.90
C GLU P 180 35.10 35.56 -30.02
N VAL P 181 33.94 34.90 -29.84
CA VAL P 181 32.90 35.52 -29.04
C VAL P 181 33.31 35.59 -27.57
N ILE P 182 34.00 34.56 -27.07
CA ILE P 182 34.45 34.61 -25.68
C ILE P 182 35.52 35.68 -25.51
N ARG P 183 36.44 35.80 -26.48
CA ARG P 183 37.44 36.86 -26.39
C ARG P 183 36.79 38.24 -26.40
N LEU P 184 35.80 38.43 -27.27
CA LEU P 184 35.09 39.70 -27.31
C LEU P 184 34.41 40.01 -25.99
N SER P 185 33.70 39.02 -25.43
CA SER P 185 33.00 39.23 -24.16
C SER P 185 33.98 39.54 -23.04
N VAL P 186 35.12 38.83 -23.01
CA VAL P 186 36.10 39.05 -21.96
C VAL P 186 36.71 40.44 -22.08
N LEU P 187 37.15 40.81 -23.28
CA LEU P 187 37.76 42.11 -23.49
C LEU P 187 36.77 43.26 -23.28
N ALA P 188 35.48 43.02 -23.47
CA ALA P 188 34.48 44.04 -23.17
C ALA P 188 34.22 44.15 -21.68
N ARG P 189 34.16 43.01 -20.98
CA ARG P 189 33.74 43.01 -19.59
C ARG P 189 34.84 43.48 -18.66
N HIS P 190 36.11 43.25 -19.00
CA HIS P 190 37.20 43.42 -18.03
C HIS P 190 38.31 44.33 -18.51
N ARG P 191 38.13 45.01 -19.63
CA ARG P 191 39.13 46.03 -19.90
C ARG P 191 38.93 47.19 -18.93
N PRO P 192 40.02 47.81 -18.47
CA PRO P 192 39.89 48.83 -17.42
C PRO P 192 38.92 49.94 -17.75
N ASP P 193 38.64 50.17 -19.03
CA ASP P 193 37.56 51.08 -19.43
C ASP P 193 36.24 50.37 -19.18
N SER P 194 35.76 50.47 -17.94
CA SER P 194 34.61 49.69 -17.50
C SER P 194 33.29 50.25 -17.99
N GLY P 195 32.93 51.47 -17.56
CA GLY P 195 31.69 52.07 -18.02
C GLY P 195 31.81 52.74 -19.36
N LYS P 196 33.02 53.16 -19.74
CA LYS P 196 33.21 53.84 -21.02
C LYS P 196 32.86 52.91 -22.17
N LEU P 197 33.24 51.64 -22.07
CA LEU P 197 32.90 50.68 -23.11
C LEU P 197 31.39 50.56 -23.25
N ARG P 198 30.66 50.47 -22.14
CA ARG P 198 29.21 50.38 -22.20
C ARG P 198 28.61 51.61 -22.86
N MET P 199 29.09 52.80 -22.45
CA MET P 199 28.53 54.03 -22.99
C MET P 199 28.77 54.14 -24.50
N VAL P 200 29.99 53.85 -24.94
CA VAL P 200 30.29 54.00 -26.36
C VAL P 200 29.57 52.92 -27.17
N VAL P 201 29.46 51.72 -26.64
CA VAL P 201 28.75 50.65 -27.35
C VAL P 201 27.28 51.01 -27.51
N GLY P 202 26.66 51.55 -26.45
CA GLY P 202 25.29 51.99 -26.58
C GLY P 202 25.13 53.14 -27.55
N ALA P 203 26.10 54.07 -27.54
CA ALA P 203 26.03 55.19 -28.46
C ALA P 203 26.10 54.73 -29.91
N LEU P 204 26.94 53.72 -30.19
CA LEU P 204 26.98 53.16 -31.54
C LEU P 204 25.75 52.32 -31.84
N LEU P 205 25.13 51.72 -30.82
CA LEU P 205 23.97 50.87 -31.02
C LEU P 205 22.71 51.68 -31.31
N ILE P 206 22.62 52.90 -30.78
CA ILE P 206 21.42 53.70 -30.99
C ILE P 206 21.08 53.91 -32.46
N PRO P 207 22.03 54.29 -33.33
CA PRO P 207 21.68 54.37 -34.76
C PRO P 207 21.27 53.03 -35.36
N LEU P 208 21.86 51.94 -34.86
CA LEU P 208 21.66 50.64 -35.51
C LEU P 208 20.29 50.07 -35.24
N VAL P 209 19.66 50.47 -34.14
CA VAL P 209 18.39 49.85 -33.73
C VAL P 209 17.22 50.55 -34.41
N CYS P 210 17.51 51.39 -35.40
CA CYS P 210 16.48 52.03 -36.21
C CYS P 210 15.91 51.08 -37.27
N ASP P 211 16.10 49.77 -37.08
CA ASP P 211 15.67 48.79 -38.09
C ASP P 211 14.15 48.68 -38.18
N TYR P 212 13.43 49.31 -37.25
CA TYR P 212 11.97 49.28 -37.33
C TYR P 212 11.47 49.90 -38.62
N LYS P 213 12.07 51.03 -39.02
CA LYS P 213 11.70 51.62 -40.30
C LYS P 213 12.09 50.71 -41.46
N GLY P 214 13.27 50.09 -41.38
CA GLY P 214 13.70 49.18 -42.43
C GLY P 214 12.87 47.92 -42.52
N ALA P 215 12.54 47.32 -41.37
CA ALA P 215 11.76 46.09 -41.36
C ALA P 215 10.27 46.40 -41.33
N ALA P 216 9.43 45.39 -41.13
CA ALA P 216 8.00 45.55 -41.05
C ALA P 216 7.60 45.97 -39.64
N ALA P 217 6.84 47.05 -39.55
CA ALA P 217 6.45 47.57 -38.25
C ALA P 217 5.53 46.60 -37.52
N ALA P 218 5.79 46.41 -36.23
CA ALA P 218 4.99 45.51 -35.39
C ALA P 218 4.74 46.08 -34.00
N ALA P 219 4.90 47.39 -33.81
CA ALA P 219 4.74 47.99 -32.49
C ALA P 219 3.68 49.08 -32.56
N ALA P 220 2.82 49.12 -31.54
CA ALA P 220 1.75 50.11 -31.50
C ALA P 220 2.29 51.51 -31.25
N ALA P 221 3.18 51.66 -30.27
CA ALA P 221 3.72 52.96 -29.89
C ALA P 221 4.94 53.30 -30.75
N ALA P 222 4.74 53.24 -32.07
CA ALA P 222 5.78 53.56 -33.03
C ALA P 222 5.95 55.05 -33.25
N ALA P 223 4.98 55.87 -32.82
CA ALA P 223 5.11 57.31 -32.99
C ALA P 223 6.30 57.85 -32.20
N ALA P 224 6.48 57.39 -30.97
CA ALA P 224 7.66 57.79 -30.20
C ALA P 224 8.94 57.27 -30.85
N ALA P 225 8.90 56.03 -31.36
CA ALA P 225 10.05 55.46 -32.04
C ALA P 225 10.36 56.13 -33.36
N ALA P 226 9.43 56.93 -33.90
CA ALA P 226 9.67 57.66 -35.13
C ALA P 226 9.92 59.14 -34.90
N ALA P 227 9.88 59.61 -33.65
CA ALA P 227 10.14 61.01 -33.36
C ALA P 227 11.58 61.38 -33.69
N ALA P 228 12.53 60.50 -33.37
CA ALA P 228 13.93 60.78 -33.63
C ALA P 228 14.23 60.86 -35.12
N ALA P 229 13.51 60.09 -35.95
CA ALA P 229 13.73 60.17 -37.39
C ALA P 229 13.37 61.54 -37.93
N ALA P 230 12.41 62.21 -37.30
CA ALA P 230 12.04 63.56 -37.71
C ALA P 230 13.20 64.52 -37.47
N ALA P 231 13.31 65.53 -38.35
CA ALA P 231 14.36 66.52 -38.26
C ALA P 231 13.74 67.92 -38.29
N ALA P 232 14.58 68.92 -38.06
CA ALA P 232 14.12 70.30 -38.09
C ALA P 232 13.68 70.68 -39.50
N ALA P 233 12.68 71.55 -39.58
CA ALA P 233 12.19 72.01 -40.87
C ALA P 233 13.28 72.74 -41.64
N ALA P 234 13.43 72.40 -42.91
CA ALA P 234 14.48 73.00 -43.73
C ALA P 234 14.27 74.50 -43.89
N ALA P 235 13.05 74.92 -44.18
CA ALA P 235 12.73 76.33 -44.39
C ALA P 235 11.24 76.53 -44.25
N ALA P 236 10.83 77.79 -44.11
CA ALA P 236 9.41 78.11 -44.04
C ALA P 236 8.70 77.76 -45.35
N ALA P 237 9.33 78.04 -46.48
CA ALA P 237 8.75 77.73 -47.78
C ALA P 237 9.18 76.34 -48.25
#